data_8IO2
#
_entry.id   8IO2
#
loop_
_entity.id
_entity.type
_entity.pdbx_description
1 polymer 'Ribulose bisphosphate carboxylase large chain'
2 polymer 'Rubisco accumulation factor 1.2, chloroplastic'
#
loop_
_entity_poly.entity_id
_entity_poly.type
_entity_poly.pdbx_seq_one_letter_code
_entity_poly.pdbx_strand_id
1 'polypeptide(L)'
;PKTQSAAGYKAGVKDYKLTYYTPDYTPKDTDLLAAFRFSPQPGVPADEAGAAIAAESSTGTWTTVWTDLLTDMDRYKGKC
YHIEPVQGEENSYFAFIAYPLDLFEEGSVTNILTSIVGNVFGFKAIRSLRLEDIRFPVALVKTFQGPPHGIQVERDLLNK
YGRPMLGCTIKPKLGLSAKNYGRAVYECLRGGLDFTKDDENINSQPFQRWRDRFLFVADAIHKSQAETGEIKGHYLNVTA
PTCEEMMKRAEFAKELGMPIIMHDFLTAGFTANTTLAKWCRDNGVLLHIHRAMHAVIDRQRNHGIHFRVLAKCLRLSGGD
HLHSGTVVGKLEGDKASTLGFVDLMREDHIEADRSRGVFFTQDWASMPGVLPVASGGIHVWHMPALVEIFGDDSVLQFGG
GTLGHPWGNAPGATANRVALEACVQARNEGRDLYREGGDILREAGKWSPELAAALDLWKEIKFEFETMDKL
;
A,B,C,D,E,F,G,H
2 'polypeptide(L)'
;SPIPTQFRSLDSAGKIEILAGRMALWFEYAPLISSLYTDGFTPPTIEELTGISSIEQNRLIVGAQVRDSILQSIHEPELI
SAFDTGGAELLYEIRLLSTTQRVAAATFIIDRNIDSKGAQDLARAIKDYPNRRGDVGWLDFDYNLPGDCLSFLYYRQSRE
NKNPSDQRTSMLLQALGVAESEKAKNRLNTELYGDRIPVVRLKFGEVAEATSVVVLPVCKAEEGEKKILEAPMEIIAGGD
FKVVEAEKGWKRWVVLPSWNPVAAIGKGGVAVSFRDDRKVLPWDGKEEPLLVVADRVRNVVEADDGYYLVVAENGLKLEK
GSDLKAREVKESLGMVVLVVRPPRED
;
I,J,K,L,M,N,O,P,Q
#
# COMPACT_ATOMS: atom_id res chain seq x y z
N TYR A 16 31.26 -44.91 12.87
CA TYR A 16 30.71 -43.89 11.99
C TYR A 16 30.06 -44.52 10.77
N LYS A 17 30.72 -45.54 10.23
CA LYS A 17 30.18 -46.25 9.06
C LYS A 17 28.86 -46.91 9.42
N LEU A 18 28.78 -47.42 10.64
CA LEU A 18 27.59 -48.06 11.18
C LEU A 18 27.04 -47.15 12.26
N THR A 19 26.05 -47.63 13.04
CA THR A 19 25.29 -46.89 14.08
C THR A 19 24.20 -46.00 13.46
N TYR A 20 24.24 -45.90 12.13
CA TYR A 20 23.23 -45.27 11.31
C TYR A 20 22.34 -46.37 10.77
N TYR A 21 22.62 -47.59 11.25
CA TYR A 21 21.88 -48.80 10.97
C TYR A 21 21.70 -49.50 12.29
N THR A 22 20.45 -49.55 12.72
CA THR A 22 20.06 -50.10 13.98
C THR A 22 18.89 -51.04 13.76
N PRO A 23 19.11 -52.34 13.53
CA PRO A 23 18.11 -53.35 13.19
C PRO A 23 16.98 -53.53 14.21
N ASP A 24 17.21 -53.15 15.47
CA ASP A 24 16.19 -53.29 16.49
C ASP A 24 15.25 -52.10 16.62
N TYR A 25 15.58 -51.00 15.96
CA TYR A 25 14.80 -49.78 16.10
C TYR A 25 13.39 -49.93 15.61
N THR A 26 12.44 -49.46 16.40
CA THR A 26 11.07 -49.46 15.99
C THR A 26 10.67 -48.01 15.78
N PRO A 27 10.15 -47.64 14.61
CA PRO A 27 9.72 -46.30 14.25
C PRO A 27 8.66 -45.74 15.16
N LYS A 28 8.72 -44.44 15.36
CA LYS A 28 7.75 -43.72 16.16
C LYS A 28 6.64 -43.20 15.29
N ASP A 29 5.49 -42.91 15.89
CA ASP A 29 4.36 -42.37 15.15
C ASP A 29 4.65 -41.04 14.45
N THR A 30 5.64 -40.33 14.94
CA THR A 30 6.02 -39.04 14.41
C THR A 30 7.19 -39.10 13.46
N ASP A 31 7.72 -40.28 13.17
CA ASP A 31 8.87 -40.36 12.28
C ASP A 31 8.45 -40.31 10.83
N LEU A 32 9.30 -39.75 9.99
CA LEU A 32 9.09 -39.81 8.56
C LEU A 32 9.85 -40.99 8.08
N LEU A 33 9.22 -41.84 7.29
CA LEU A 33 9.95 -43.01 6.85
C LEU A 33 10.16 -43.03 5.38
N ALA A 34 11.29 -43.51 4.91
CA ALA A 34 11.46 -43.62 3.49
C ALA A 34 12.01 -44.96 3.08
N ALA A 35 11.54 -45.43 1.95
CA ALA A 35 11.95 -46.70 1.38
C ALA A 35 12.73 -46.49 0.10
N PHE A 36 13.95 -46.99 0.09
CA PHE A 36 14.82 -46.88 -1.07
C PHE A 36 15.21 -48.23 -1.63
N ARG A 37 15.44 -48.29 -2.92
CA ARG A 37 16.02 -49.44 -3.59
C ARG A 37 17.37 -49.07 -4.10
N PHE A 38 18.31 -49.98 -3.96
CA PHE A 38 19.63 -49.64 -4.42
C PHE A 38 20.44 -50.84 -4.84
N SER A 39 21.50 -50.55 -5.57
CA SER A 39 22.44 -51.57 -5.95
C SER A 39 23.81 -51.05 -5.59
N PRO A 40 24.49 -51.64 -4.59
CA PRO A 40 25.78 -51.24 -4.07
C PRO A 40 26.91 -51.55 -5.04
N GLN A 41 27.98 -50.78 -4.95
CA GLN A 41 29.14 -51.08 -5.77
C GLN A 41 29.72 -52.40 -5.30
N PRO A 42 30.28 -53.23 -6.18
CA PRO A 42 30.89 -54.48 -5.80
C PRO A 42 31.89 -54.21 -4.72
N GLY A 43 31.89 -55.06 -3.70
CA GLY A 43 32.79 -54.89 -2.58
C GLY A 43 32.12 -54.19 -1.40
N VAL A 44 30.99 -53.53 -1.63
CA VAL A 44 30.30 -52.83 -0.57
C VAL A 44 29.13 -53.69 -0.07
N PRO A 45 29.07 -54.02 1.22
CA PRO A 45 28.00 -54.75 1.88
C PRO A 45 26.68 -53.99 1.83
N ALA A 46 25.56 -54.71 1.77
CA ALA A 46 24.24 -54.11 1.80
C ALA A 46 23.99 -53.26 3.04
N ASP A 47 24.48 -53.70 4.21
CA ASP A 47 24.22 -52.98 5.43
C ASP A 47 25.00 -51.70 5.46
N GLU A 48 26.23 -51.78 5.04
CA GLU A 48 27.09 -50.63 4.97
C GLU A 48 26.44 -49.59 4.06
N ALA A 49 25.95 -50.03 2.90
CA ALA A 49 25.31 -49.11 1.99
C ALA A 49 24.08 -48.48 2.62
N GLY A 50 23.28 -49.28 3.33
CA GLY A 50 22.08 -48.77 3.98
C GLY A 50 22.42 -47.69 4.99
N ALA A 51 23.42 -47.96 5.83
CA ALA A 51 23.83 -47.00 6.84
C ALA A 51 24.28 -45.73 6.17
N ALA A 52 25.02 -45.87 5.06
CA ALA A 52 25.50 -44.71 4.34
C ALA A 52 24.37 -43.86 3.82
N ILE A 53 23.30 -44.48 3.32
CA ILE A 53 22.19 -43.71 2.81
C ILE A 53 21.61 -42.89 3.95
N ALA A 54 21.40 -43.52 5.10
CA ALA A 54 20.84 -42.80 6.23
C ALA A 54 21.75 -41.67 6.66
N ALA A 55 23.05 -41.89 6.68
CA ALA A 55 23.94 -40.83 7.09
C ALA A 55 23.96 -39.67 6.10
N GLU A 56 24.09 -39.97 4.82
CA GLU A 56 24.21 -38.91 3.83
C GLU A 56 22.96 -38.09 3.74
N SER A 57 21.82 -38.72 3.91
CA SER A 57 20.55 -38.03 3.84
C SER A 57 20.17 -37.31 5.15
N SER A 58 20.96 -37.43 6.23
CA SER A 58 20.56 -36.74 7.45
C SER A 58 21.66 -35.98 8.21
N THR A 59 22.91 -36.46 8.24
CA THR A 59 23.93 -35.76 9.02
C THR A 59 25.21 -35.47 8.25
N GLY A 60 25.39 -36.14 7.10
CA GLY A 60 26.60 -36.01 6.30
C GLY A 60 26.47 -34.84 5.34
N ASP A 72 23.26 -32.32 20.33
CA ASP A 72 22.60 -33.61 20.47
C ASP A 72 22.30 -34.21 19.12
N MET A 73 23.33 -34.62 18.39
CA MET A 73 23.11 -35.17 17.05
C MET A 73 22.26 -36.40 16.99
N ASP A 74 22.16 -37.19 18.06
CA ASP A 74 21.31 -38.37 18.01
C ASP A 74 19.84 -38.02 17.75
N ARG A 75 19.45 -36.77 18.01
CA ARG A 75 18.10 -36.32 17.80
C ARG A 75 17.91 -35.78 16.38
N TYR A 76 18.99 -35.70 15.63
CA TYR A 76 18.95 -35.13 14.31
C TYR A 76 19.51 -36.05 13.26
N LYS A 77 19.50 -37.35 13.51
CA LYS A 77 20.07 -38.26 12.52
C LYS A 77 19.05 -39.27 12.09
N GLY A 78 19.15 -39.71 10.85
CA GLY A 78 18.27 -40.74 10.36
C GLY A 78 18.80 -42.08 10.81
N LYS A 79 17.94 -43.08 10.77
CA LYS A 79 18.36 -44.42 11.14
C LYS A 79 17.82 -45.46 10.22
N CYS A 80 18.69 -46.26 9.65
CA CYS A 80 18.23 -47.34 8.84
C CYS A 80 17.77 -48.41 9.81
N TYR A 81 16.55 -48.86 9.67
CA TYR A 81 16.05 -49.83 10.62
C TYR A 81 15.82 -51.17 10.00
N HIS A 82 15.77 -51.22 8.68
CA HIS A 82 15.54 -52.50 8.05
C HIS A 82 16.09 -52.59 6.65
N ILE A 83 16.79 -53.69 6.38
CA ILE A 83 17.35 -53.96 5.06
C ILE A 83 16.98 -55.34 4.61
N GLU A 84 16.52 -55.46 3.39
CA GLU A 84 16.17 -56.76 2.84
C GLU A 84 16.46 -56.78 1.36
N PRO A 85 16.75 -57.92 0.76
CA PRO A 85 17.00 -58.08 -0.66
C PRO A 85 15.73 -57.91 -1.46
N VAL A 86 15.90 -57.51 -2.69
CA VAL A 86 14.78 -57.42 -3.61
C VAL A 86 14.60 -58.80 -4.20
N GLN A 87 13.45 -59.40 -3.99
CA GLN A 87 13.28 -60.75 -4.48
C GLN A 87 13.45 -60.79 -5.98
N GLY A 88 14.20 -61.77 -6.45
CA GLY A 88 14.39 -61.97 -7.88
C GLY A 88 15.48 -61.11 -8.52
N GLU A 89 16.14 -60.25 -7.75
CA GLU A 89 17.15 -59.40 -8.37
C GLU A 89 18.52 -59.53 -7.71
N GLU A 90 19.53 -59.69 -8.54
CA GLU A 90 20.88 -59.81 -8.05
C GLU A 90 21.44 -58.46 -7.66
N ASN A 91 22.12 -58.39 -6.52
CA ASN A 91 22.75 -57.15 -6.06
C ASN A 91 21.76 -56.01 -6.02
N SER A 92 20.60 -56.27 -5.45
CA SER A 92 19.54 -55.29 -5.37
C SER A 92 18.86 -55.43 -4.04
N TYR A 93 18.83 -54.34 -3.29
CA TYR A 93 18.32 -54.28 -1.93
C TYR A 93 17.40 -53.14 -1.63
N PHE A 94 16.58 -53.32 -0.61
CA PHE A 94 15.76 -52.26 -0.05
C PHE A 94 16.33 -51.80 1.26
N ALA A 95 16.13 -50.53 1.56
CA ALA A 95 16.50 -50.01 2.87
C ALA A 95 15.43 -49.07 3.35
N PHE A 96 15.08 -49.25 4.61
CA PHE A 96 14.06 -48.46 5.26
C PHE A 96 14.67 -47.59 6.32
N ILE A 97 14.52 -46.28 6.12
CA ILE A 97 15.12 -45.27 6.96
C ILE A 97 14.17 -44.32 7.62
N ALA A 98 14.32 -44.17 8.93
CA ALA A 98 13.49 -43.24 9.68
C ALA A 98 14.17 -41.89 9.83
N TYR A 99 13.40 -40.81 9.80
CA TYR A 99 13.92 -39.47 10.04
C TYR A 99 13.05 -38.75 11.08
N PRO A 100 13.60 -38.16 12.14
CA PRO A 100 12.89 -37.42 13.15
C PRO A 100 12.07 -36.27 12.61
N LEU A 101 10.88 -36.06 13.16
CA LEU A 101 9.98 -34.98 12.74
C LEU A 101 10.63 -33.60 12.71
N ASP A 102 11.50 -33.35 13.68
CA ASP A 102 12.18 -32.07 13.87
C ASP A 102 13.03 -31.63 12.69
N LEU A 103 13.34 -32.53 11.79
CA LEU A 103 14.17 -32.19 10.65
C LEU A 103 13.39 -31.60 9.50
N PHE A 104 12.09 -31.45 9.61
CA PHE A 104 11.37 -30.96 8.46
C PHE A 104 10.61 -29.65 8.71
N GLU A 105 10.85 -28.66 7.85
CA GLU A 105 10.17 -27.37 7.93
C GLU A 105 8.67 -27.56 7.80
N GLU A 106 7.89 -26.98 8.71
CA GLU A 106 6.46 -27.16 8.63
C GLU A 106 5.92 -26.63 7.32
N GLY A 107 5.05 -27.39 6.70
CA GLY A 107 4.38 -26.96 5.49
C GLY A 107 5.23 -26.90 4.24
N SER A 108 6.45 -27.44 4.24
CA SER A 108 7.28 -27.26 3.05
C SER A 108 7.77 -28.50 2.32
N VAL A 109 7.20 -28.72 1.13
CA VAL A 109 7.59 -29.85 0.31
C VAL A 109 9.02 -29.70 -0.11
N THR A 110 9.38 -28.48 -0.45
CA THR A 110 10.70 -28.16 -0.90
C THR A 110 11.70 -28.59 0.16
N ASN A 111 11.48 -28.24 1.42
CA ASN A 111 12.45 -28.66 2.43
C ASN A 111 12.52 -30.15 2.60
N ILE A 112 11.38 -30.84 2.52
CA ILE A 112 11.41 -32.27 2.71
C ILE A 112 12.25 -32.92 1.65
N LEU A 113 12.02 -32.57 0.39
CA LEU A 113 12.80 -33.12 -0.69
C LEU A 113 14.24 -32.67 -0.64
N THR A 114 14.50 -31.42 -0.30
CA THR A 114 15.87 -30.94 -0.32
C THR A 114 16.68 -31.83 0.59
N SER A 115 16.15 -32.15 1.76
CA SER A 115 16.83 -33.02 2.69
C SER A 115 16.94 -34.46 2.21
N ILE A 116 15.82 -35.08 1.86
CA ILE A 116 15.83 -36.49 1.52
C ILE A 116 16.54 -36.85 0.21
N VAL A 117 16.31 -36.11 -0.87
CA VAL A 117 16.89 -36.49 -2.15
C VAL A 117 17.97 -35.52 -2.61
N GLY A 118 18.43 -34.69 -1.69
CA GLY A 118 19.40 -33.64 -1.99
C GLY A 118 20.70 -34.13 -2.61
N ASN A 119 21.43 -34.98 -1.92
CA ASN A 119 22.68 -35.45 -2.49
C ASN A 119 22.96 -36.92 -2.32
N VAL A 120 22.04 -37.65 -1.74
CA VAL A 120 22.27 -39.04 -1.51
C VAL A 120 22.41 -39.84 -2.81
N PHE A 121 21.75 -39.37 -3.87
CA PHE A 121 21.79 -40.01 -5.17
C PHE A 121 23.12 -39.90 -5.86
N GLY A 122 23.98 -39.01 -5.39
CA GLY A 122 25.29 -38.85 -5.97
C GLY A 122 26.34 -39.64 -5.20
N PHE A 123 25.92 -40.40 -4.20
CA PHE A 123 26.85 -41.13 -3.35
C PHE A 123 27.61 -42.26 -4.02
N LYS A 124 28.93 -42.20 -3.89
CA LYS A 124 29.89 -43.10 -4.51
C LYS A 124 29.84 -44.59 -4.23
N ALA A 125 29.32 -45.04 -3.10
CA ALA A 125 29.35 -46.48 -2.85
C ALA A 125 28.18 -47.21 -3.45
N ILE A 126 27.28 -46.48 -4.11
CA ILE A 126 26.10 -47.07 -4.69
C ILE A 126 26.08 -46.85 -6.20
N ARG A 127 25.80 -47.91 -6.96
CA ARG A 127 25.75 -47.82 -8.43
C ARG A 127 24.52 -47.07 -8.86
N SER A 128 23.43 -47.34 -8.19
CA SER A 128 22.17 -46.69 -8.47
C SER A 128 21.29 -46.67 -7.24
N LEU A 129 20.44 -45.65 -7.18
CA LEU A 129 19.52 -45.46 -6.08
C LEU A 129 18.19 -44.92 -6.56
N ARG A 130 17.11 -45.51 -6.07
CA ARG A 130 15.77 -45.06 -6.39
C ARG A 130 14.92 -44.96 -5.14
N LEU A 131 14.17 -43.89 -5.03
CA LEU A 131 13.26 -43.70 -3.90
C LEU A 131 11.89 -44.23 -4.24
N GLU A 132 11.43 -45.20 -3.47
CA GLU A 132 10.17 -45.84 -3.76
C GLU A 132 9.01 -45.27 -2.99
N ASP A 133 9.23 -44.91 -1.72
CA ASP A 133 8.09 -44.44 -0.94
C ASP A 133 8.46 -43.61 0.27
N ILE A 134 7.52 -42.76 0.68
CA ILE A 134 7.61 -41.95 1.88
C ILE A 134 6.36 -42.00 2.74
N ARG A 135 6.55 -42.24 4.03
CA ARG A 135 5.46 -42.20 4.98
C ARG A 135 5.47 -40.87 5.68
N PHE A 136 4.44 -40.08 5.50
CA PHE A 136 4.42 -38.78 6.14
C PHE A 136 3.63 -38.94 7.41
N PRO A 137 4.19 -38.66 8.58
CA PRO A 137 3.53 -38.85 9.83
C PRO A 137 2.41 -37.86 9.89
N VAL A 138 1.34 -38.17 10.58
CA VAL A 138 0.22 -37.24 10.69
C VAL A 138 0.65 -35.88 11.16
N ALA A 139 1.54 -35.85 12.13
CA ALA A 139 2.01 -34.61 12.70
C ALA A 139 2.55 -33.65 11.64
N LEU A 140 3.06 -34.17 10.54
CA LEU A 140 3.64 -33.35 9.49
C LEU A 140 2.57 -33.07 8.45
N VAL A 141 1.71 -34.04 8.20
CA VAL A 141 0.65 -33.90 7.21
C VAL A 141 -0.22 -32.71 7.57
N LYS A 142 -0.50 -32.54 8.84
CA LYS A 142 -1.36 -31.46 9.30
C LYS A 142 -0.74 -30.07 9.19
N THR A 143 0.51 -29.96 8.77
CA THR A 143 1.10 -28.63 8.63
C THR A 143 0.93 -28.15 7.20
N PHE A 144 0.37 -28.98 6.33
CA PHE A 144 0.22 -28.64 4.94
C PHE A 144 -1.18 -28.28 4.59
N GLN A 145 -1.32 -27.40 3.61
CA GLN A 145 -2.63 -27.02 3.13
C GLN A 145 -3.41 -28.15 2.51
N GLY A 146 -2.77 -28.94 1.66
CA GLY A 146 -3.51 -29.95 0.96
C GLY A 146 -4.20 -29.31 -0.23
N PRO A 147 -4.97 -30.05 -0.99
CA PRO A 147 -5.67 -29.59 -2.14
C PRO A 147 -6.54 -28.42 -1.77
N PRO A 148 -6.59 -27.34 -2.56
CA PRO A 148 -7.42 -26.18 -2.42
C PRO A 148 -8.87 -26.54 -2.16
N HIS A 149 -9.38 -27.57 -2.84
CA HIS A 149 -10.75 -27.95 -2.66
C HIS A 149 -10.90 -29.42 -2.40
N GLY A 150 -10.30 -30.25 -3.22
CA GLY A 150 -10.42 -31.68 -3.06
C GLY A 150 -11.62 -32.26 -3.79
N ILE A 151 -11.77 -33.57 -3.71
CA ILE A 151 -12.78 -34.29 -4.46
C ILE A 151 -14.22 -33.95 -4.13
N GLN A 152 -14.59 -33.90 -2.87
CA GLN A 152 -15.99 -33.66 -2.56
C GLN A 152 -16.37 -32.24 -2.80
N VAL A 153 -15.48 -31.33 -2.49
CA VAL A 153 -15.79 -29.95 -2.71
C VAL A 153 -15.94 -29.71 -4.18
N GLU A 154 -15.04 -30.25 -4.98
CA GLU A 154 -15.13 -30.07 -6.39
C GLU A 154 -16.42 -30.60 -6.97
N ARG A 155 -16.88 -31.77 -6.51
CA ARG A 155 -18.14 -32.25 -7.05
C ARG A 155 -19.23 -31.23 -6.81
N ASP A 156 -19.25 -30.65 -5.61
CA ASP A 156 -20.27 -29.67 -5.30
C ASP A 156 -20.09 -28.38 -6.07
N LEU A 157 -18.85 -27.91 -6.25
CA LEU A 157 -18.65 -26.68 -7.01
C LEU A 157 -19.09 -26.81 -8.43
N LEU A 158 -18.83 -27.97 -9.00
CA LEU A 158 -19.20 -28.20 -10.37
C LEU A 158 -20.59 -28.76 -10.53
N ASN A 159 -21.19 -29.27 -9.47
CA ASN A 159 -22.52 -29.88 -9.53
C ASN A 159 -22.53 -31.04 -10.50
N LYS A 160 -21.50 -31.86 -10.42
CA LYS A 160 -21.39 -33.03 -11.29
C LYS A 160 -21.20 -34.27 -10.46
N TYR A 161 -22.20 -35.14 -10.47
CA TYR A 161 -22.18 -36.33 -9.62
C TYR A 161 -22.50 -37.61 -10.37
N GLY A 162 -22.05 -38.72 -9.82
CA GLY A 162 -22.42 -40.04 -10.33
C GLY A 162 -21.61 -40.54 -11.51
N ARG A 163 -20.59 -39.80 -11.90
CA ARG A 163 -19.80 -40.20 -13.03
C ARG A 163 -18.43 -39.55 -13.07
N PRO A 164 -17.49 -40.12 -13.82
CA PRO A 164 -16.23 -39.52 -14.19
C PRO A 164 -16.50 -38.28 -15.01
N MET A 165 -15.58 -37.35 -14.99
CA MET A 165 -15.69 -36.16 -15.83
C MET A 165 -14.92 -36.35 -17.13
N LEU A 166 -15.34 -35.68 -18.19
CA LEU A 166 -14.65 -35.80 -19.48
C LEU A 166 -14.03 -34.57 -20.02
N GLY A 167 -12.97 -34.76 -20.77
CA GLY A 167 -12.43 -33.63 -21.50
C GLY A 167 -11.53 -34.01 -22.64
N CYS A 168 -10.94 -33.00 -23.23
CA CYS A 168 -10.06 -33.24 -24.36
C CYS A 168 -9.08 -32.13 -24.56
N THR A 169 -8.13 -32.39 -25.42
CA THR A 169 -7.21 -31.35 -25.82
C THR A 169 -7.65 -30.79 -27.16
N ILE A 170 -7.11 -29.65 -27.53
CA ILE A 170 -7.42 -29.08 -28.83
C ILE A 170 -6.31 -29.23 -29.83
N LYS A 171 -6.70 -29.72 -30.99
CA LYS A 171 -5.80 -29.89 -32.11
C LYS A 171 -6.48 -29.12 -33.24
N PRO A 172 -5.76 -28.33 -34.07
CA PRO A 172 -4.34 -28.02 -34.15
C PRO A 172 -3.87 -27.39 -32.86
N LYS A 173 -2.60 -27.58 -32.57
CA LYS A 173 -2.02 -27.08 -31.35
C LYS A 173 -1.51 -25.66 -31.53
N LEU A 174 -0.50 -25.51 -32.37
CA LEU A 174 0.15 -24.23 -32.59
C LEU A 174 -0.25 -23.61 -33.91
N GLY A 175 -0.19 -22.29 -33.98
CA GLY A 175 -0.46 -21.54 -35.21
C GLY A 175 -1.88 -21.04 -35.37
N LEU A 176 -2.69 -21.17 -34.32
CA LEU A 176 -4.06 -20.72 -34.39
C LEU A 176 -4.23 -19.35 -33.78
N SER A 177 -5.09 -18.55 -34.37
CA SER A 177 -5.41 -17.27 -33.79
C SER A 177 -6.24 -17.51 -32.56
N ALA A 178 -6.28 -16.52 -31.66
CA ALA A 178 -7.10 -16.67 -30.47
C ALA A 178 -8.56 -16.86 -30.83
N LYS A 179 -9.02 -16.23 -31.91
CA LYS A 179 -10.41 -16.38 -32.28
C LYS A 179 -10.68 -17.80 -32.73
N ASN A 180 -9.82 -18.36 -33.57
CA ASN A 180 -10.06 -19.71 -34.05
C ASN A 180 -9.92 -20.72 -32.95
N TYR A 181 -9.01 -20.46 -32.03
CA TYR A 181 -8.80 -21.34 -30.92
C TYR A 181 -10.07 -21.34 -30.10
N GLY A 182 -10.59 -20.16 -29.80
CA GLY A 182 -11.81 -20.04 -29.04
C GLY A 182 -12.94 -20.79 -29.71
N ARG A 183 -13.05 -20.72 -31.04
CA ARG A 183 -14.10 -21.47 -31.71
C ARG A 183 -13.96 -22.97 -31.47
N ALA A 184 -12.74 -23.50 -31.56
CA ALA A 184 -12.56 -24.93 -31.32
C ALA A 184 -12.96 -25.30 -29.91
N VAL A 185 -12.61 -24.46 -28.96
CA VAL A 185 -12.96 -24.74 -27.59
C VAL A 185 -14.46 -24.75 -27.46
N TYR A 186 -15.11 -23.78 -28.06
CA TYR A 186 -16.54 -23.68 -28.00
C TYR A 186 -17.19 -24.93 -28.49
N GLU A 187 -16.82 -25.38 -29.68
CA GLU A 187 -17.45 -26.53 -30.26
C GLU A 187 -17.34 -27.76 -29.35
N CYS A 188 -16.14 -28.01 -28.83
CA CYS A 188 -15.96 -29.18 -27.98
C CYS A 188 -16.75 -29.12 -26.68
N LEU A 189 -16.78 -27.96 -26.05
CA LEU A 189 -17.51 -27.88 -24.81
C LEU A 189 -18.99 -27.97 -25.04
N ARG A 190 -19.50 -27.25 -26.04
CA ARG A 190 -20.93 -27.27 -26.29
C ARG A 190 -21.38 -28.68 -26.61
N GLY A 191 -20.55 -29.40 -27.36
CA GLY A 191 -20.79 -30.75 -27.79
C GLY A 191 -20.96 -31.78 -26.67
N GLY A 192 -20.58 -31.46 -25.42
CA GLY A 192 -20.76 -32.43 -24.35
C GLY A 192 -19.59 -32.68 -23.39
N LEU A 193 -18.42 -32.10 -23.60
CA LEU A 193 -17.33 -32.33 -22.66
C LEU A 193 -17.43 -31.39 -21.49
N ASP A 194 -16.80 -31.74 -20.37
CA ASP A 194 -16.81 -30.89 -19.21
C ASP A 194 -15.61 -29.95 -19.25
N PHE A 195 -14.48 -30.46 -19.73
CA PHE A 195 -13.30 -29.64 -19.76
C PHE A 195 -12.52 -29.70 -21.06
N THR A 196 -11.95 -28.57 -21.41
CA THR A 196 -11.04 -28.50 -22.54
C THR A 196 -9.67 -28.02 -22.06
N LYS A 197 -8.60 -28.65 -22.53
CA LYS A 197 -7.28 -28.30 -22.04
C LYS A 197 -6.33 -27.60 -22.99
N ASP A 198 -5.62 -26.56 -22.49
CA ASP A 198 -4.56 -25.90 -23.26
C ASP A 198 -3.41 -26.83 -23.49
N ASP A 199 -2.80 -26.77 -24.65
CA ASP A 199 -1.61 -27.59 -24.85
C ASP A 199 -0.54 -27.14 -23.86
N GLU A 200 0.19 -28.08 -23.28
CA GLU A 200 1.23 -27.75 -22.32
C GLU A 200 2.38 -26.93 -22.87
N ASN A 201 2.54 -26.90 -24.19
CA ASN A 201 3.64 -26.16 -24.76
C ASN A 201 3.27 -24.75 -25.15
N ILE A 202 2.06 -24.31 -24.84
CA ILE A 202 1.71 -22.96 -25.21
C ILE A 202 1.39 -22.14 -23.99
N ASN A 203 2.35 -21.34 -23.54
CA ASN A 203 2.09 -20.50 -22.39
C ASN A 203 1.75 -19.14 -22.91
N SER A 204 2.67 -18.62 -23.70
CA SER A 204 2.61 -17.36 -24.38
C SER A 204 3.62 -17.51 -25.48
N GLN A 205 3.22 -17.23 -26.69
CA GLN A 205 4.09 -17.42 -27.81
C GLN A 205 3.97 -16.24 -28.78
N PRO A 206 4.97 -15.93 -29.59
CA PRO A 206 4.90 -14.91 -30.61
C PRO A 206 3.67 -14.98 -31.49
N PHE A 207 3.15 -16.18 -31.75
CA PHE A 207 1.97 -16.30 -32.61
C PHE A 207 0.65 -16.23 -31.85
N GLN A 208 0.72 -16.24 -30.52
CA GLN A 208 -0.47 -16.21 -29.69
C GLN A 208 -0.11 -15.72 -28.30
N ARG A 209 -0.71 -14.65 -27.84
CA ARG A 209 -0.37 -14.17 -26.52
C ARG A 209 -1.47 -14.55 -25.58
N TRP A 210 -1.08 -14.96 -24.40
CA TRP A 210 -2.01 -15.43 -23.40
C TRP A 210 -3.16 -14.52 -23.13
N ARG A 211 -2.96 -13.21 -23.14
CA ARG A 211 -4.09 -12.40 -22.78
C ARG A 211 -5.24 -12.62 -23.75
N ASP A 212 -4.95 -12.87 -25.03
CA ASP A 212 -6.03 -13.01 -25.98
C ASP A 212 -6.56 -14.40 -25.92
N ARG A 213 -5.71 -15.38 -25.66
CA ARG A 213 -6.24 -16.72 -25.54
C ARG A 213 -7.24 -16.71 -24.41
N PHE A 214 -6.89 -16.09 -23.29
CA PHE A 214 -7.77 -16.09 -22.16
C PHE A 214 -9.10 -15.43 -22.49
N LEU A 215 -9.09 -14.30 -23.20
CA LEU A 215 -10.36 -13.67 -23.54
C LEU A 215 -11.24 -14.51 -24.44
N PHE A 216 -10.66 -15.11 -25.46
CA PHE A 216 -11.46 -15.83 -26.40
C PHE A 216 -11.95 -17.15 -25.84
N VAL A 217 -11.15 -17.79 -25.00
CA VAL A 217 -11.58 -19.00 -24.35
C VAL A 217 -12.70 -18.71 -23.41
N ALA A 218 -12.56 -17.65 -22.62
CA ALA A 218 -13.60 -17.31 -21.70
C ALA A 218 -14.90 -17.03 -22.42
N ASP A 219 -14.84 -16.42 -23.60
CA ASP A 219 -16.04 -16.19 -24.36
C ASP A 219 -16.65 -17.53 -24.77
N ALA A 220 -15.81 -18.47 -25.23
CA ALA A 220 -16.32 -19.78 -25.61
C ALA A 220 -17.03 -20.44 -24.46
N ILE A 221 -16.50 -20.30 -23.26
CA ILE A 221 -17.17 -20.89 -22.12
C ILE A 221 -18.49 -20.19 -21.89
N HIS A 222 -18.49 -18.87 -21.90
CA HIS A 222 -19.70 -18.09 -21.65
C HIS A 222 -20.84 -18.47 -22.59
N LYS A 223 -20.54 -18.60 -23.87
CA LYS A 223 -21.56 -18.88 -24.86
C LYS A 223 -21.98 -20.35 -24.91
N SER A 224 -21.37 -21.19 -24.10
CA SER A 224 -21.69 -22.60 -24.08
C SER A 224 -22.37 -22.93 -22.78
N GLN A 225 -21.71 -22.58 -21.69
CA GLN A 225 -22.22 -22.79 -20.35
C GLN A 225 -23.62 -22.21 -20.24
N THR A 228 -26.96 -27.35 -22.98
CA THR A 228 -26.01 -27.28 -21.88
C THR A 228 -26.71 -26.87 -20.61
N GLY A 229 -26.49 -25.61 -20.19
CA GLY A 229 -27.08 -25.13 -18.95
C GLY A 229 -26.34 -25.71 -17.75
N GLU A 230 -25.08 -26.03 -17.93
CA GLU A 230 -24.27 -26.64 -16.89
C GLU A 230 -22.88 -26.05 -16.92
N ILE A 231 -22.21 -26.13 -15.80
CA ILE A 231 -20.87 -25.60 -15.63
C ILE A 231 -19.85 -26.30 -16.48
N LYS A 232 -19.05 -25.51 -17.18
CA LYS A 232 -18.00 -26.01 -18.04
C LYS A 232 -16.73 -25.21 -17.86
N GLY A 233 -15.59 -25.77 -18.22
CA GLY A 233 -14.43 -24.93 -18.11
C GLY A 233 -13.28 -25.29 -19.02
N HIS A 234 -12.18 -24.63 -18.79
CA HIS A 234 -11.03 -24.81 -19.63
C HIS A 234 -9.83 -24.65 -18.78
N TYR A 235 -8.90 -25.54 -18.95
CA TYR A 235 -7.71 -25.52 -18.15
C TYR A 235 -6.72 -24.53 -18.67
N LEU A 236 -6.95 -23.26 -18.39
CA LEU A 236 -6.03 -22.24 -18.87
C LEU A 236 -4.68 -22.44 -18.24
N ASN A 237 -3.65 -22.41 -19.05
CA ASN A 237 -2.31 -22.63 -18.53
C ASN A 237 -1.70 -21.37 -17.96
N VAL A 238 -1.44 -21.33 -16.65
CA VAL A 238 -0.89 -20.11 -16.08
C VAL A 238 0.54 -20.31 -15.70
N THR A 239 1.16 -21.35 -16.22
CA THR A 239 2.56 -21.58 -15.97
C THR A 239 3.23 -20.35 -16.52
N ALA A 240 4.18 -19.79 -15.79
CA ALA A 240 4.80 -18.57 -16.23
C ALA A 240 6.23 -18.51 -15.74
N PRO A 241 7.12 -17.72 -16.37
CA PRO A 241 8.49 -17.53 -15.95
C PRO A 241 8.76 -16.92 -14.58
N THR A 242 7.85 -16.16 -14.01
CA THR A 242 8.11 -15.60 -12.69
C THR A 242 6.90 -15.76 -11.81
N CYS A 243 7.09 -15.58 -10.51
CA CYS A 243 5.96 -15.69 -9.59
C CYS A 243 4.94 -14.60 -9.85
N GLU A 244 5.41 -13.41 -10.24
CA GLU A 244 4.51 -12.30 -10.50
C GLU A 244 3.70 -12.52 -11.74
N GLU A 245 4.34 -13.01 -12.79
CA GLU A 245 3.64 -13.25 -14.04
C GLU A 245 2.60 -14.33 -13.82
N MET A 246 2.94 -15.33 -13.02
CA MET A 246 2.01 -16.40 -12.76
C MET A 246 0.78 -15.85 -12.08
N MET A 247 0.95 -15.02 -11.06
CA MET A 247 -0.20 -14.43 -10.43
C MET A 247 -0.95 -13.57 -11.40
N LYS A 248 -0.27 -12.77 -12.19
CA LYS A 248 -0.96 -11.89 -13.11
C LYS A 248 -1.91 -12.68 -14.01
N ARG A 249 -1.43 -13.81 -14.54
CA ARG A 249 -2.27 -14.62 -15.39
C ARG A 249 -3.42 -15.23 -14.61
N ALA A 250 -3.14 -15.73 -13.41
CA ALA A 250 -4.17 -16.32 -12.60
C ALA A 250 -5.25 -15.32 -12.24
N GLU A 251 -4.85 -14.07 -11.96
CA GLU A 251 -5.80 -13.05 -11.60
C GLU A 251 -6.70 -12.72 -12.76
N PHE A 252 -6.15 -12.71 -13.96
CA PHE A 252 -6.99 -12.43 -15.11
C PHE A 252 -8.01 -13.54 -15.27
N ALA A 253 -7.56 -14.80 -15.13
CA ALA A 253 -8.49 -15.90 -15.25
C ALA A 253 -9.61 -15.76 -14.21
N LYS A 254 -9.28 -15.30 -13.00
CA LYS A 254 -10.29 -15.07 -12.00
C LYS A 254 -11.27 -13.99 -12.41
N GLU A 255 -10.77 -12.89 -12.97
CA GLU A 255 -11.65 -11.80 -13.39
C GLU A 255 -12.64 -12.25 -14.43
N LEU A 256 -12.22 -13.16 -15.29
CA LEU A 256 -13.07 -13.66 -16.35
C LEU A 256 -14.04 -14.76 -15.88
N GLY A 257 -13.98 -15.14 -14.60
CA GLY A 257 -14.85 -16.16 -14.06
C GLY A 257 -14.46 -17.59 -14.39
N MET A 258 -13.18 -17.86 -14.59
CA MET A 258 -12.77 -19.20 -14.94
C MET A 258 -12.71 -20.09 -13.72
N PRO A 259 -13.43 -21.21 -13.68
CA PRO A 259 -13.49 -22.10 -12.55
C PRO A 259 -12.24 -22.91 -12.31
N ILE A 260 -11.38 -23.04 -13.31
CA ILE A 260 -10.21 -23.88 -13.15
C ILE A 260 -9.02 -23.36 -13.93
N ILE A 261 -7.82 -23.55 -13.39
CA ILE A 261 -6.57 -23.22 -14.08
C ILE A 261 -5.59 -24.37 -13.99
N MET A 262 -4.54 -24.39 -14.83
CA MET A 262 -3.53 -25.43 -14.71
C MET A 262 -2.11 -24.94 -14.57
N HIS A 263 -1.25 -25.84 -14.10
CA HIS A 263 0.16 -25.56 -13.89
C HIS A 263 1.04 -26.80 -14.04
N ASP A 264 2.20 -26.63 -14.69
CA ASP A 264 3.20 -27.71 -14.88
C ASP A 264 4.20 -27.82 -13.72
N PHE A 265 3.79 -28.43 -12.62
CA PHE A 265 4.60 -28.35 -11.40
C PHE A 265 6.01 -28.92 -11.46
N LEU A 266 6.31 -29.88 -12.33
CA LEU A 266 7.67 -30.36 -12.30
C LEU A 266 8.60 -29.53 -13.16
N THR A 267 8.08 -28.56 -13.89
CA THR A 267 8.99 -27.76 -14.69
C THR A 267 9.04 -26.39 -14.07
N ALA A 268 7.97 -26.03 -13.38
CA ALA A 268 7.86 -24.73 -12.75
C ALA A 268 8.46 -24.71 -11.34
N GLY A 269 8.28 -25.79 -10.58
CA GLY A 269 8.79 -25.87 -9.22
C GLY A 269 7.74 -25.94 -8.15
N PHE A 270 8.10 -26.57 -7.04
CA PHE A 270 7.19 -26.69 -5.92
C PHE A 270 6.96 -25.37 -5.23
N THR A 271 7.93 -24.46 -5.27
CA THR A 271 7.69 -23.21 -4.59
C THR A 271 6.57 -22.49 -5.31
N ALA A 272 6.66 -22.44 -6.62
CA ALA A 272 5.63 -21.77 -7.38
C ALA A 272 4.31 -22.50 -7.24
N ASN A 273 4.33 -23.82 -7.24
CA ASN A 273 3.09 -24.57 -7.14
C ASN A 273 2.39 -24.29 -5.85
N THR A 274 3.12 -24.27 -4.75
CA THR A 274 2.53 -24.05 -3.45
C THR A 274 1.90 -22.68 -3.39
N THR A 275 2.59 -21.67 -3.93
CA THR A 275 2.07 -20.32 -3.96
C THR A 275 0.76 -20.28 -4.71
N LEU A 276 0.72 -20.92 -5.87
CA LEU A 276 -0.49 -20.91 -6.65
C LEU A 276 -1.60 -21.62 -5.91
N ALA A 277 -1.31 -22.73 -5.25
CA ALA A 277 -2.33 -23.44 -4.51
C ALA A 277 -2.95 -22.58 -3.42
N LYS A 278 -2.14 -21.80 -2.71
CA LYS A 278 -2.73 -20.92 -1.70
C LYS A 278 -3.61 -19.89 -2.33
N TRP A 279 -3.17 -19.35 -3.45
CA TRP A 279 -3.96 -18.37 -4.15
C TRP A 279 -5.29 -18.98 -4.52
N CYS A 280 -5.26 -20.19 -5.04
CA CYS A 280 -6.47 -20.85 -5.46
C CYS A 280 -7.44 -21.06 -4.34
N ARG A 281 -6.96 -21.45 -3.17
CA ARG A 281 -7.90 -21.62 -2.07
C ARG A 281 -8.57 -20.32 -1.76
N ASP A 282 -7.81 -19.24 -1.68
CA ASP A 282 -8.40 -17.94 -1.36
C ASP A 282 -9.39 -17.47 -2.40
N ASN A 283 -9.10 -17.75 -3.67
CA ASN A 283 -9.98 -17.28 -4.72
C ASN A 283 -10.99 -18.28 -5.29
N GLY A 284 -11.02 -19.52 -4.81
CA GLY A 284 -12.03 -20.46 -5.27
C GLY A 284 -11.83 -21.00 -6.67
N VAL A 285 -10.58 -21.09 -7.08
CA VAL A 285 -10.30 -21.57 -8.43
C VAL A 285 -9.70 -22.96 -8.38
N LEU A 286 -10.29 -23.92 -9.06
CA LEU A 286 -9.76 -25.28 -9.01
C LEU A 286 -8.40 -25.34 -9.66
N LEU A 287 -7.51 -26.17 -9.14
CA LEU A 287 -6.17 -26.27 -9.73
C LEU A 287 -5.82 -27.63 -10.34
N HIS A 288 -5.44 -27.59 -11.61
CA HIS A 288 -5.07 -28.78 -12.36
C HIS A 288 -3.59 -28.94 -12.51
N ILE A 289 -3.08 -30.08 -12.09
CA ILE A 289 -1.68 -30.30 -12.19
C ILE A 289 -1.28 -31.31 -13.24
N HIS A 290 -0.37 -30.86 -14.07
CA HIS A 290 0.16 -31.62 -15.16
C HIS A 290 1.57 -32.08 -14.86
N ARG A 291 1.78 -33.39 -14.88
CA ARG A 291 3.08 -33.95 -14.53
C ARG A 291 4.18 -33.26 -15.32
N ALA A 292 3.98 -33.17 -16.61
CA ALA A 292 4.77 -32.46 -17.60
C ALA A 292 6.27 -32.72 -17.74
N MET A 293 6.94 -33.35 -16.79
CA MET A 293 8.36 -33.71 -16.90
C MET A 293 8.76 -35.03 -16.24
N HIS A 294 7.81 -35.77 -15.69
CA HIS A 294 8.13 -36.91 -14.87
C HIS A 294 8.97 -37.99 -15.50
N ALA A 295 8.89 -38.18 -16.81
CA ALA A 295 9.67 -39.23 -17.45
C ALA A 295 11.18 -39.05 -17.26
N VAL A 296 11.60 -37.81 -17.00
CA VAL A 296 12.98 -37.46 -16.77
C VAL A 296 13.47 -38.04 -15.46
N ILE A 297 12.60 -38.01 -14.46
CA ILE A 297 12.85 -38.39 -13.09
C ILE A 297 12.47 -39.84 -12.74
N ASP A 298 11.29 -40.31 -13.16
CA ASP A 298 10.85 -41.63 -12.70
C ASP A 298 10.76 -42.76 -13.72
N ARG A 299 11.13 -42.56 -14.98
CA ARG A 299 10.96 -43.64 -15.95
C ARG A 299 11.80 -44.87 -15.77
N GLN A 300 13.07 -44.72 -15.44
CA GLN A 300 13.90 -45.90 -15.36
C GLN A 300 13.66 -46.53 -14.02
N ARG A 301 13.58 -47.84 -14.00
CA ARG A 301 13.26 -48.56 -12.78
C ARG A 301 14.38 -48.69 -11.75
N ASN A 302 15.60 -48.33 -12.09
CA ASN A 302 16.67 -48.50 -11.14
C ASN A 302 17.34 -47.21 -10.70
N HIS A 303 16.72 -46.08 -10.94
CA HIS A 303 17.30 -44.82 -10.53
C HIS A 303 16.27 -43.71 -10.45
N GLY A 304 16.39 -42.82 -9.48
CA GLY A 304 15.51 -41.64 -9.42
C GLY A 304 14.37 -41.75 -8.44
N ILE A 305 13.26 -41.08 -8.72
CA ILE A 305 12.18 -41.00 -7.75
C ILE A 305 10.88 -41.54 -8.32
N HIS A 306 10.30 -42.54 -7.67
CA HIS A 306 9.06 -43.12 -8.17
C HIS A 306 7.94 -42.10 -8.16
N PHE A 307 7.11 -42.12 -9.17
CA PHE A 307 6.01 -41.18 -9.27
C PHE A 307 5.15 -41.14 -8.02
N ARG A 308 4.92 -42.27 -7.37
CA ARG A 308 4.03 -42.25 -6.21
C ARG A 308 4.52 -41.32 -5.11
N VAL A 309 5.82 -41.05 -5.08
CA VAL A 309 6.39 -40.17 -4.09
C VAL A 309 6.03 -38.78 -4.47
N LEU A 310 6.22 -38.49 -5.74
CA LEU A 310 5.89 -37.16 -6.22
C LEU A 310 4.40 -36.92 -6.04
N ALA A 311 3.58 -37.94 -6.25
CA ALA A 311 2.14 -37.80 -6.09
C ALA A 311 1.78 -37.43 -4.66
N LYS A 312 2.41 -38.07 -3.67
CA LYS A 312 2.14 -37.70 -2.29
C LYS A 312 2.60 -36.28 -2.02
N CYS A 313 3.76 -35.92 -2.54
CA CYS A 313 4.29 -34.61 -2.30
C CYS A 313 3.36 -33.57 -2.86
N LEU A 314 2.80 -33.85 -4.02
CA LEU A 314 1.90 -32.91 -4.60
C LEU A 314 0.63 -32.81 -3.76
N ARG A 315 0.07 -33.93 -3.31
CA ARG A 315 -1.16 -33.83 -2.53
C ARG A 315 -0.94 -32.89 -1.37
N LEU A 316 0.21 -32.95 -0.71
CA LEU A 316 0.48 -32.04 0.38
C LEU A 316 0.62 -30.57 -0.08
N SER A 317 1.32 -30.32 -1.19
CA SER A 317 1.49 -28.95 -1.71
C SER A 317 0.20 -28.30 -2.18
N GLY A 318 -0.53 -29.00 -3.04
CA GLY A 318 -1.77 -28.48 -3.58
C GLY A 318 -2.15 -29.15 -4.90
N GLY A 319 -3.26 -28.72 -5.47
CA GLY A 319 -3.77 -29.29 -6.71
C GLY A 319 -4.99 -30.13 -6.43
N ASP A 320 -6.02 -29.95 -7.23
CA ASP A 320 -7.26 -30.67 -7.12
C ASP A 320 -7.31 -31.86 -8.07
N HIS A 321 -6.67 -31.70 -9.24
CA HIS A 321 -6.60 -32.76 -10.25
C HIS A 321 -5.15 -33.10 -10.51
N LEU A 322 -4.84 -34.36 -10.76
CA LEU A 322 -3.48 -34.73 -11.15
C LEU A 322 -3.41 -35.79 -12.21
N HIS A 323 -2.68 -35.51 -13.27
CA HIS A 323 -2.47 -36.52 -14.27
C HIS A 323 -1.78 -37.72 -13.69
N SER A 324 -2.34 -38.88 -13.97
CA SER A 324 -1.80 -40.14 -13.49
C SER A 324 -1.39 -40.91 -14.68
N GLY A 325 -2.04 -40.60 -15.77
CA GLY A 325 -1.85 -41.32 -17.00
C GLY A 325 -2.76 -42.51 -16.96
N THR A 326 -2.75 -43.30 -18.03
CA THR A 326 -3.64 -44.43 -18.14
C THR A 326 -3.06 -45.75 -17.70
N VAL A 327 -3.88 -46.77 -17.84
CA VAL A 327 -3.58 -48.13 -17.46
C VAL A 327 -3.86 -48.97 -18.68
N VAL A 328 -4.61 -48.36 -19.55
CA VAL A 328 -5.13 -49.03 -20.73
C VAL A 328 -4.42 -48.57 -21.98
N ASP A 334 3.53 -50.63 -14.15
CA ASP A 334 2.64 -51.77 -14.02
C ASP A 334 1.26 -51.35 -13.56
N LYS A 335 0.27 -52.15 -13.91
CA LYS A 335 -1.08 -51.90 -13.48
C LYS A 335 -1.18 -51.80 -11.98
N ALA A 336 -0.52 -52.71 -11.26
CA ALA A 336 -0.65 -52.72 -9.83
C ALA A 336 -0.11 -51.45 -9.23
N SER A 337 1.04 -51.00 -9.73
CA SER A 337 1.67 -49.81 -9.22
C SER A 337 0.82 -48.58 -9.44
N THR A 338 0.19 -48.50 -10.61
CA THR A 338 -0.66 -47.36 -10.91
C THR A 338 -1.84 -47.36 -9.98
N LEU A 339 -2.47 -48.51 -9.78
CA LEU A 339 -3.63 -48.54 -8.92
C LEU A 339 -3.23 -48.12 -7.53
N GLY A 340 -2.04 -48.54 -7.12
CA GLY A 340 -1.52 -48.22 -5.82
C GLY A 340 -1.49 -46.72 -5.59
N PHE A 341 -0.81 -45.97 -6.45
CA PHE A 341 -0.78 -44.54 -6.15
C PHE A 341 -2.11 -43.86 -6.35
N VAL A 342 -2.98 -44.39 -7.19
CA VAL A 342 -4.25 -43.75 -7.30
C VAL A 342 -4.95 -43.81 -5.96
N ASP A 343 -4.92 -44.95 -5.27
CA ASP A 343 -5.52 -44.95 -3.93
C ASP A 343 -4.78 -44.02 -2.99
N LEU A 344 -3.46 -43.98 -3.07
CA LEU A 344 -2.71 -43.14 -2.13
C LEU A 344 -3.12 -41.69 -2.22
N MET A 345 -3.41 -41.21 -3.41
CA MET A 345 -3.81 -39.83 -3.52
C MET A 345 -5.31 -39.57 -3.41
N ARG A 346 -6.13 -40.59 -3.15
CA ARG A 346 -7.57 -40.35 -3.03
C ARG A 346 -8.15 -40.72 -1.67
N GLU A 347 -7.63 -41.79 -1.09
CA GLU A 347 -8.15 -42.37 0.13
C GLU A 347 -7.66 -41.69 1.39
N ASP A 348 -8.38 -41.89 2.49
CA ASP A 348 -7.96 -41.36 3.77
C ASP A 348 -6.99 -42.26 4.50
N HIS A 349 -7.07 -43.55 4.26
CA HIS A 349 -6.18 -44.46 4.95
C HIS A 349 -5.85 -45.65 4.10
N ILE A 350 -4.57 -45.83 3.84
CA ILE A 350 -4.11 -46.90 2.98
C ILE A 350 -3.20 -47.87 3.69
N GLU A 351 -3.61 -49.11 3.77
CA GLU A 351 -2.82 -50.14 4.41
C GLU A 351 -1.64 -50.50 3.56
N ALA A 352 -0.49 -50.75 4.18
CA ALA A 352 0.66 -51.15 3.39
C ALA A 352 0.36 -52.43 2.64
N ASP A 353 0.85 -52.50 1.41
CA ASP A 353 0.68 -53.65 0.54
C ASP A 353 1.73 -53.63 -0.54
N ARG A 354 2.76 -54.42 -0.33
CA ARG A 354 3.91 -54.40 -1.21
C ARG A 354 3.58 -54.80 -2.63
N SER A 355 2.49 -55.54 -2.84
CA SER A 355 2.16 -56.00 -4.18
C SER A 355 1.62 -54.90 -5.04
N ARG A 356 1.30 -53.76 -4.43
CA ARG A 356 0.73 -52.63 -5.12
C ARG A 356 1.69 -51.47 -5.04
N GLY A 357 2.90 -51.75 -4.54
CA GLY A 357 3.89 -50.71 -4.39
C GLY A 357 3.70 -49.79 -3.18
N VAL A 358 2.92 -50.19 -2.19
CA VAL A 358 2.74 -49.32 -1.05
C VAL A 358 3.56 -49.89 0.07
N PHE A 359 4.57 -49.16 0.51
CA PHE A 359 5.47 -49.71 1.50
C PHE A 359 5.06 -49.41 2.91
N PHE A 360 4.39 -48.30 3.10
CA PHE A 360 4.05 -47.93 4.44
C PHE A 360 2.60 -47.61 4.56
N THR A 361 2.00 -47.95 5.69
CA THR A 361 0.64 -47.53 5.91
C THR A 361 0.62 -46.02 6.03
N GLN A 362 -0.27 -45.39 5.26
CA GLN A 362 -0.35 -43.93 5.26
C GLN A 362 -1.72 -43.42 5.66
N ASP A 363 -1.72 -42.68 6.76
CA ASP A 363 -2.91 -42.05 7.30
C ASP A 363 -2.92 -40.60 6.87
N TRP A 364 -3.90 -40.18 6.08
CA TRP A 364 -3.93 -38.82 5.58
C TRP A 364 -4.61 -37.80 6.49
N ALA A 365 -5.08 -38.24 7.65
CA ALA A 365 -5.67 -37.35 8.65
C ALA A 365 -6.72 -36.41 8.12
N SER A 366 -7.63 -36.93 7.34
CA SER A 366 -8.75 -36.23 6.72
C SER A 366 -8.38 -35.11 5.75
N MET A 367 -7.18 -35.14 5.21
CA MET A 367 -6.84 -34.19 4.17
C MET A 367 -7.58 -34.66 2.92
N PRO A 368 -8.22 -33.80 2.13
CA PRO A 368 -8.92 -34.16 0.92
C PRO A 368 -8.01 -34.79 -0.11
N GLY A 369 -8.58 -35.65 -0.94
CA GLY A 369 -7.86 -36.31 -2.02
C GLY A 369 -7.84 -35.50 -3.29
N VAL A 370 -7.19 -36.07 -4.31
CA VAL A 370 -6.95 -35.50 -5.65
C VAL A 370 -7.53 -36.36 -6.77
N LEU A 371 -8.26 -35.77 -7.70
CA LEU A 371 -8.80 -36.60 -8.76
C LEU A 371 -7.72 -36.98 -9.76
N PRO A 372 -7.53 -38.25 -10.10
CA PRO A 372 -6.58 -38.69 -11.08
C PRO A 372 -7.09 -38.32 -12.42
N VAL A 373 -6.19 -37.99 -13.32
CA VAL A 373 -6.61 -37.75 -14.67
C VAL A 373 -5.93 -38.73 -15.60
N ALA A 374 -6.75 -39.54 -16.27
CA ALA A 374 -6.24 -40.53 -17.18
C ALA A 374 -6.07 -39.91 -18.53
N SER A 375 -5.02 -40.25 -19.24
CA SER A 375 -4.82 -39.70 -20.55
C SER A 375 -3.79 -40.47 -21.32
N GLY A 376 -3.85 -40.34 -22.64
CA GLY A 376 -2.85 -40.85 -23.56
C GLY A 376 -3.20 -42.21 -24.08
N GLY A 377 -3.37 -42.34 -25.39
CA GLY A 377 -3.68 -43.65 -25.94
C GLY A 377 -5.09 -44.13 -25.63
N ILE A 378 -6.03 -43.21 -25.41
CA ILE A 378 -7.37 -43.65 -25.09
C ILE A 378 -8.40 -43.08 -26.05
N HIS A 379 -9.51 -43.80 -26.17
CA HIS A 379 -10.62 -43.52 -27.07
C HIS A 379 -11.91 -44.02 -26.44
N VAL A 380 -13.05 -43.82 -27.11
CA VAL A 380 -14.32 -44.32 -26.56
C VAL A 380 -14.27 -45.83 -26.43
N TRP A 381 -13.51 -46.44 -27.31
CA TRP A 381 -13.27 -47.85 -27.38
C TRP A 381 -12.85 -48.43 -26.03
N HIS A 382 -12.09 -47.65 -25.26
CA HIS A 382 -11.51 -48.06 -24.01
C HIS A 382 -12.25 -47.53 -22.82
N MET A 383 -13.41 -46.91 -23.06
CA MET A 383 -14.14 -46.30 -22.00
C MET A 383 -14.54 -47.30 -20.93
N PRO A 384 -15.07 -48.51 -21.24
CA PRO A 384 -15.48 -49.49 -20.26
C PRO A 384 -14.38 -49.73 -19.24
N ALA A 385 -13.19 -50.06 -19.73
CA ALA A 385 -12.07 -50.32 -18.85
C ALA A 385 -11.78 -49.12 -17.99
N LEU A 386 -11.73 -47.94 -18.58
CA LEU A 386 -11.37 -46.80 -17.77
C LEU A 386 -12.38 -46.55 -16.66
N VAL A 387 -13.66 -46.73 -16.94
CA VAL A 387 -14.66 -46.51 -15.90
C VAL A 387 -14.50 -47.53 -14.79
N GLU A 388 -14.32 -48.80 -15.13
CA GLU A 388 -14.18 -49.82 -14.11
C GLU A 388 -12.88 -49.67 -13.29
N ILE A 389 -11.79 -49.31 -13.94
CA ILE A 389 -10.51 -49.14 -13.28
C ILE A 389 -10.46 -47.98 -12.33
N PHE A 390 -10.93 -46.82 -12.76
CA PHE A 390 -10.84 -45.64 -11.93
C PHE A 390 -12.07 -45.33 -11.07
N GLY A 391 -13.23 -45.90 -11.38
CA GLY A 391 -14.41 -45.57 -10.58
C GLY A 391 -14.92 -44.20 -10.96
N ASP A 392 -15.65 -43.56 -10.06
CA ASP A 392 -16.29 -42.30 -10.41
C ASP A 392 -15.39 -41.11 -10.16
N ASP A 393 -14.51 -41.22 -9.19
CA ASP A 393 -13.69 -40.08 -8.81
C ASP A 393 -12.48 -39.93 -9.69
N SER A 394 -12.72 -39.53 -10.94
CA SER A 394 -11.67 -39.36 -11.94
C SER A 394 -12.07 -38.47 -13.09
N VAL A 395 -11.07 -38.09 -13.88
CA VAL A 395 -11.30 -37.33 -15.11
C VAL A 395 -10.63 -38.07 -16.28
N LEU A 396 -11.34 -38.22 -17.38
CA LEU A 396 -10.75 -38.89 -18.53
C LEU A 396 -10.52 -37.90 -19.68
N GLN A 397 -9.25 -37.66 -20.05
CA GLN A 397 -8.89 -36.71 -21.11
C GLN A 397 -8.55 -37.40 -22.40
N PHE A 398 -9.18 -37.00 -23.48
CA PHE A 398 -8.96 -37.61 -24.77
C PHE A 398 -8.23 -36.68 -25.74
N GLY A 399 -7.45 -37.24 -26.63
CA GLY A 399 -6.78 -36.41 -27.62
C GLY A 399 -7.81 -35.71 -28.49
N GLY A 404 -8.70 -37.92 -34.55
CA GLY A 404 -9.84 -37.04 -34.40
C GLY A 404 -11.11 -37.70 -34.91
N HIS A 405 -12.25 -37.19 -34.47
CA HIS A 405 -13.54 -37.72 -34.90
C HIS A 405 -13.73 -37.37 -36.38
N PRO A 406 -14.31 -38.24 -37.22
CA PRO A 406 -14.63 -38.00 -38.61
C PRO A 406 -15.55 -36.82 -38.92
N TRP A 407 -16.33 -36.32 -37.96
CA TRP A 407 -17.24 -35.22 -38.28
C TRP A 407 -17.02 -33.96 -37.46
N GLY A 408 -15.89 -33.26 -37.61
CA GLY A 408 -15.71 -32.07 -36.78
C GLY A 408 -15.45 -32.43 -35.34
N ASN A 409 -15.80 -31.55 -34.40
CA ASN A 409 -15.48 -31.84 -33.01
C ASN A 409 -16.69 -32.08 -32.13
N ALA A 410 -17.82 -31.41 -32.37
CA ALA A 410 -18.92 -31.61 -31.45
C ALA A 410 -19.35 -33.08 -31.40
N PRO A 411 -19.41 -33.84 -32.53
CA PRO A 411 -19.69 -35.25 -32.54
C PRO A 411 -18.66 -36.06 -31.77
N GLY A 412 -17.47 -35.52 -31.60
CA GLY A 412 -16.40 -36.15 -30.87
C GLY A 412 -16.84 -36.13 -29.44
N ALA A 413 -17.15 -34.91 -28.99
CA ALA A 413 -17.59 -34.70 -27.63
C ALA A 413 -18.81 -35.54 -27.35
N THR A 414 -19.72 -35.61 -28.32
CA THR A 414 -20.90 -36.40 -28.14
C THR A 414 -20.53 -37.85 -27.98
N ALA A 415 -19.68 -38.38 -28.86
CA ALA A 415 -19.33 -39.79 -28.77
C ALA A 415 -18.75 -40.11 -27.41
N ASN A 416 -17.92 -39.22 -26.86
CA ASN A 416 -17.33 -39.54 -25.57
C ASN A 416 -18.36 -39.43 -24.47
N ARG A 417 -19.25 -38.45 -24.55
CA ARG A 417 -20.24 -38.28 -23.53
C ARG A 417 -21.16 -39.48 -23.49
N VAL A 418 -21.54 -39.98 -24.67
CA VAL A 418 -22.41 -41.13 -24.73
C VAL A 418 -21.71 -42.36 -24.22
N ALA A 419 -20.49 -42.59 -24.68
CA ALA A 419 -19.78 -43.77 -24.25
C ALA A 419 -19.62 -43.81 -22.76
N LEU A 420 -19.34 -42.66 -22.14
CA LEU A 420 -19.16 -42.67 -20.71
C LEU A 420 -20.46 -42.97 -20.00
N GLU A 421 -21.55 -42.33 -20.40
CA GLU A 421 -22.79 -42.57 -19.70
C GLU A 421 -23.19 -44.02 -19.85
N ALA A 422 -22.97 -44.61 -21.03
CA ALA A 422 -23.31 -46.00 -21.23
C ALA A 422 -22.55 -46.88 -20.27
N CYS A 423 -21.28 -46.57 -20.09
CA CYS A 423 -20.44 -47.36 -19.21
C CYS A 423 -20.85 -47.23 -17.76
N VAL A 424 -21.14 -46.02 -17.32
CA VAL A 424 -21.54 -45.78 -15.93
C VAL A 424 -22.84 -46.50 -15.61
N GLN A 425 -23.84 -46.36 -16.48
CA GLN A 425 -25.13 -46.98 -16.24
C GLN A 425 -24.98 -48.49 -16.20
N ALA A 426 -24.17 -49.03 -17.11
CA ALA A 426 -23.95 -50.46 -17.14
C ALA A 426 -23.29 -50.95 -15.85
N ARG A 427 -22.29 -50.20 -15.37
CA ARG A 427 -21.60 -50.57 -14.13
C ARG A 427 -22.59 -50.51 -12.99
N ASN A 428 -23.48 -49.54 -13.03
CA ASN A 428 -24.52 -49.44 -12.01
C ASN A 428 -25.44 -50.64 -12.08
N GLU A 429 -25.72 -51.14 -13.28
CA GLU A 429 -26.53 -52.34 -13.46
C GLU A 429 -25.81 -53.60 -12.99
N GLY A 430 -24.51 -53.51 -12.77
CA GLY A 430 -23.74 -54.68 -12.35
C GLY A 430 -23.10 -55.44 -13.48
N ARG A 431 -23.15 -54.89 -14.69
CA ARG A 431 -22.56 -55.54 -15.84
C ARG A 431 -21.03 -55.64 -15.78
N ASP A 432 -20.46 -56.61 -16.48
CA ASP A 432 -19.02 -56.77 -16.51
C ASP A 432 -18.43 -55.88 -17.57
N LEU A 433 -17.80 -54.79 -17.18
CA LEU A 433 -17.33 -53.83 -18.17
C LEU A 433 -16.12 -54.28 -18.96
N TYR A 434 -15.54 -55.42 -18.62
CA TYR A 434 -14.42 -55.90 -19.41
C TYR A 434 -14.94 -56.90 -20.41
N ARG A 435 -15.85 -57.76 -19.97
CA ARG A 435 -16.40 -58.77 -20.87
C ARG A 435 -17.52 -58.26 -21.77
N GLU A 436 -18.40 -57.41 -21.23
CA GLU A 436 -19.54 -56.86 -21.95
C GLU A 436 -19.19 -55.50 -22.54
N GLY A 437 -17.94 -55.09 -22.42
CA GLY A 437 -17.55 -53.78 -22.88
C GLY A 437 -17.91 -53.52 -24.35
N GLY A 438 -17.84 -54.55 -25.18
CA GLY A 438 -18.16 -54.42 -26.60
C GLY A 438 -19.66 -54.27 -26.88
N ASP A 439 -20.50 -54.60 -25.90
CA ASP A 439 -21.94 -54.50 -26.07
C ASP A 439 -22.41 -53.20 -25.44
N ILE A 440 -21.75 -52.80 -24.36
CA ILE A 440 -22.10 -51.59 -23.64
C ILE A 440 -21.88 -50.40 -24.56
N LEU A 441 -20.74 -50.35 -25.24
CA LEU A 441 -20.52 -49.29 -26.20
C LEU A 441 -21.47 -49.44 -27.37
N SER A 448 -28.76 -40.90 -33.11
CA SER A 448 -27.49 -40.48 -32.50
C SER A 448 -26.33 -41.34 -32.99
N PRO A 449 -25.87 -41.16 -34.24
CA PRO A 449 -24.81 -41.90 -34.88
C PRO A 449 -23.40 -41.40 -34.58
N GLU A 450 -23.25 -40.49 -33.62
CA GLU A 450 -21.93 -39.92 -33.36
C GLU A 450 -21.02 -40.98 -32.76
N LEU A 451 -21.53 -41.70 -31.77
CA LEU A 451 -20.73 -42.75 -31.17
C LEU A 451 -20.51 -43.83 -32.20
N ALA A 452 -21.54 -44.14 -32.98
CA ALA A 452 -21.37 -45.17 -33.96
C ALA A 452 -20.26 -44.78 -34.91
N ALA A 453 -20.21 -43.53 -35.36
CA ALA A 453 -19.15 -43.17 -36.28
C ALA A 453 -17.78 -43.44 -35.67
N ALA A 454 -17.62 -43.13 -34.38
CA ALA A 454 -16.35 -43.38 -33.73
C ALA A 454 -16.04 -44.89 -33.64
N LEU A 455 -17.05 -45.68 -33.28
CA LEU A 455 -16.85 -47.11 -33.14
C LEU A 455 -16.62 -47.79 -34.47
N ASP A 456 -17.25 -47.27 -35.51
CA ASP A 456 -17.14 -47.80 -36.85
C ASP A 456 -15.75 -47.53 -37.39
N LEU A 457 -15.20 -46.34 -37.08
CA LEU A 457 -13.86 -46.02 -37.52
C LEU A 457 -12.88 -47.04 -36.95
N TRP A 458 -13.07 -47.38 -35.69
CA TRP A 458 -12.24 -48.38 -35.05
C TRP A 458 -13.07 -49.41 -34.31
N LEU B 18 9.02 -40.87 -41.60
CA LEU B 18 10.20 -40.05 -41.37
C LEU B 18 10.00 -38.64 -41.89
N THR B 19 8.81 -38.09 -41.71
CA THR B 19 8.51 -36.75 -42.22
C THR B 19 9.17 -35.65 -41.40
N TYR B 20 9.69 -36.06 -40.25
CA TYR B 20 10.39 -35.21 -39.30
C TYR B 20 11.91 -35.41 -39.37
N TYR B 21 12.40 -36.15 -40.36
CA TYR B 21 13.84 -36.34 -40.49
C TYR B 21 14.32 -35.99 -41.87
N THR B 22 15.20 -35.00 -41.90
CA THR B 22 15.76 -34.49 -43.13
C THR B 22 17.27 -34.60 -43.09
N PRO B 23 17.87 -35.59 -43.75
CA PRO B 23 19.29 -35.87 -43.77
C PRO B 23 20.12 -34.69 -44.29
N ASP B 24 19.50 -33.79 -45.04
CA ASP B 24 20.20 -32.65 -45.58
C ASP B 24 19.45 -31.37 -45.26
N TYR B 25 19.89 -30.71 -44.21
CA TYR B 25 19.29 -29.49 -43.69
C TYR B 25 20.33 -28.66 -42.99
N THR B 26 20.32 -27.37 -43.24
CA THR B 26 21.23 -26.50 -42.53
C THR B 26 20.41 -25.62 -41.63
N PRO B 27 20.66 -25.61 -40.32
CA PRO B 27 19.99 -24.80 -39.34
C PRO B 27 20.13 -23.33 -39.59
N LYS B 28 19.12 -22.59 -39.19
CA LYS B 28 19.14 -21.16 -39.30
C LYS B 28 19.81 -20.58 -38.07
N ASP B 29 20.30 -19.37 -38.18
CA ASP B 29 20.93 -18.70 -37.05
C ASP B 29 19.99 -18.44 -35.89
N THR B 30 18.70 -18.50 -36.15
CA THR B 30 17.68 -18.30 -35.15
C THR B 30 17.11 -19.60 -34.62
N ASP B 31 17.60 -20.74 -35.09
CA ASP B 31 17.07 -22.01 -34.61
C ASP B 31 17.68 -22.40 -33.29
N LEU B 32 16.92 -23.10 -32.47
CA LEU B 32 17.44 -23.66 -31.25
C LEU B 32 17.82 -25.07 -31.57
N LEU B 33 18.98 -25.48 -31.14
CA LEU B 33 19.36 -26.85 -31.46
C LEU B 33 19.49 -27.70 -30.24
N ALA B 34 19.14 -28.96 -30.36
CA ALA B 34 19.39 -29.83 -29.23
C ALA B 34 19.99 -31.14 -29.67
N ALA B 35 20.88 -31.65 -28.84
CA ALA B 35 21.55 -32.91 -29.07
C ALA B 35 21.12 -33.93 -28.04
N PHE B 36 20.55 -35.00 -28.54
CA PHE B 36 20.08 -36.10 -27.71
C PHE B 36 20.89 -37.33 -27.95
N ARG B 37 20.96 -38.19 -26.95
CA ARG B 37 21.58 -39.49 -27.08
C ARG B 37 20.52 -40.51 -26.73
N PHE B 38 20.43 -41.57 -27.51
CA PHE B 38 19.39 -42.54 -27.23
C PHE B 38 19.72 -43.95 -27.63
N SER B 39 18.94 -44.88 -27.09
CA SER B 39 19.06 -46.27 -27.44
C SER B 39 17.68 -46.80 -27.81
N PRO B 40 17.43 -47.11 -29.11
CA PRO B 40 16.21 -47.63 -29.69
C PRO B 40 15.79 -48.99 -29.19
N GLN B 41 14.50 -49.26 -29.18
CA GLN B 41 14.07 -50.61 -28.84
C GLN B 41 14.51 -51.48 -29.99
N PRO B 42 14.88 -52.73 -29.78
CA PRO B 42 15.22 -53.62 -30.85
C PRO B 42 14.10 -53.60 -31.84
N GLY B 43 14.42 -53.51 -33.11
CA GLY B 43 13.41 -53.46 -34.14
C GLY B 43 13.18 -52.04 -34.68
N VAL B 44 13.60 -51.03 -33.93
CA VAL B 44 13.42 -49.65 -34.35
C VAL B 44 14.71 -49.06 -34.92
N PRO B 45 14.75 -48.65 -36.20
CA PRO B 45 15.89 -48.02 -36.85
C PRO B 45 16.21 -46.71 -36.19
N ALA B 46 17.49 -46.33 -36.18
CA ALA B 46 17.88 -45.03 -35.63
C ALA B 46 17.10 -43.92 -36.30
N ASP B 47 16.85 -44.06 -37.60
CA ASP B 47 16.15 -43.04 -38.37
C ASP B 47 14.78 -42.74 -37.78
N GLU B 48 14.09 -43.77 -37.33
CA GLU B 48 12.75 -43.60 -36.85
C GLU B 48 12.80 -43.01 -35.49
N ALA B 49 13.74 -43.47 -34.68
CA ALA B 49 13.84 -42.94 -33.35
C ALA B 49 14.15 -41.45 -33.42
N GLY B 50 15.03 -41.07 -34.35
CA GLY B 50 15.41 -39.68 -34.54
C GLY B 50 14.19 -38.84 -34.87
N ALA B 51 13.46 -39.27 -35.89
CA ALA B 51 12.28 -38.54 -36.30
C ALA B 51 11.27 -38.46 -35.17
N ALA B 52 11.12 -39.56 -34.42
CA ALA B 52 10.18 -39.61 -33.32
C ALA B 52 10.51 -38.62 -32.24
N ILE B 53 11.79 -38.44 -31.92
CA ILE B 53 12.16 -37.51 -30.88
C ILE B 53 11.71 -36.13 -31.33
N ALA B 54 12.01 -35.78 -32.58
CA ALA B 54 11.61 -34.47 -33.07
C ALA B 54 10.11 -34.30 -33.07
N ALA B 55 9.37 -35.31 -33.48
CA ALA B 55 7.94 -35.19 -33.51
C ALA B 55 7.34 -35.05 -32.15
N GLU B 56 7.77 -35.88 -31.22
CA GLU B 56 7.18 -35.85 -29.90
C GLU B 56 7.50 -34.56 -29.20
N SER B 57 8.71 -34.04 -29.38
CA SER B 57 9.06 -32.79 -28.74
C SER B 57 8.50 -31.53 -29.42
N SER B 58 8.08 -31.59 -30.70
CA SER B 58 7.57 -30.34 -31.29
C SER B 58 6.12 -30.34 -31.73
N THR B 59 5.51 -31.48 -32.03
CA THR B 59 4.14 -31.48 -32.49
C THR B 59 3.37 -32.61 -31.82
N ASP B 74 3.99 -26.59 -40.69
CA ASP B 74 5.38 -27.02 -40.79
C ASP B 74 6.29 -26.02 -40.13
N ARG B 75 5.85 -24.78 -40.11
CA ARG B 75 6.64 -23.69 -39.52
C ARG B 75 6.87 -23.88 -38.02
N TYR B 76 6.07 -24.73 -37.40
CA TYR B 76 6.21 -25.01 -35.99
C TYR B 76 6.74 -26.39 -35.66
N LYS B 77 7.26 -27.14 -36.64
CA LYS B 77 7.71 -28.47 -36.25
C LYS B 77 9.21 -28.48 -36.15
N GLY B 78 9.73 -29.36 -35.30
CA GLY B 78 11.14 -29.52 -35.17
C GLY B 78 11.62 -30.44 -36.27
N LYS B 79 12.91 -30.41 -36.55
CA LYS B 79 13.43 -31.29 -37.57
C LYS B 79 14.69 -31.96 -37.15
N CYS B 80 14.73 -33.27 -37.29
CA CYS B 80 15.93 -34.00 -37.01
C CYS B 80 16.79 -33.88 -38.25
N TYR B 81 18.06 -33.54 -38.10
CA TYR B 81 18.90 -33.37 -39.27
C TYR B 81 20.20 -34.16 -39.27
N HIS B 82 20.44 -34.95 -38.25
CA HIS B 82 21.67 -35.71 -38.18
C HIS B 82 21.45 -36.78 -37.13
N ILE B 83 21.81 -38.03 -37.42
CA ILE B 83 21.61 -39.16 -36.50
C ILE B 83 22.86 -40.00 -36.25
N GLU B 84 23.98 -39.35 -36.18
CA GLU B 84 25.29 -39.97 -36.01
C GLU B 84 25.34 -40.97 -34.85
N PRO B 85 25.88 -42.19 -35.04
CA PRO B 85 26.03 -43.22 -34.03
C PRO B 85 27.11 -42.80 -33.07
N VAL B 86 27.09 -43.31 -31.86
CA VAL B 86 28.19 -42.99 -30.98
C VAL B 86 29.19 -44.11 -31.10
N GLN B 87 30.44 -43.76 -31.17
CA GLN B 87 31.48 -44.76 -31.30
C GLN B 87 31.51 -45.69 -30.11
N GLY B 88 31.87 -46.94 -30.36
CA GLY B 88 32.05 -47.92 -29.29
C GLY B 88 30.78 -48.61 -28.83
N GLU B 89 29.86 -47.83 -28.30
CA GLU B 89 28.61 -48.38 -27.79
C GLU B 89 27.71 -48.93 -28.88
N GLU B 90 27.06 -50.04 -28.58
CA GLU B 90 26.12 -50.65 -29.51
C GLU B 90 24.74 -50.10 -29.25
N ASN B 91 23.94 -49.99 -30.30
CA ASN B 91 22.57 -49.53 -30.17
C ASN B 91 22.53 -48.22 -29.41
N SER B 92 23.41 -47.31 -29.77
CA SER B 92 23.48 -46.02 -29.12
C SER B 92 23.80 -44.98 -30.18
N TYR B 93 22.92 -44.00 -30.28
CA TYR B 93 22.96 -42.98 -31.31
C TYR B 93 22.72 -41.58 -30.81
N PHE B 94 23.14 -40.61 -31.60
CA PHE B 94 22.81 -39.23 -31.33
C PHE B 94 21.74 -38.75 -32.27
N ALA B 95 21.06 -37.69 -31.90
CA ALA B 95 20.12 -37.04 -32.78
C ALA B 95 20.20 -35.57 -32.58
N PHE B 96 20.28 -34.86 -33.68
CA PHE B 96 20.37 -33.43 -33.67
C PHE B 96 19.10 -32.85 -34.22
N ILE B 97 18.42 -32.10 -33.37
CA ILE B 97 17.13 -31.56 -33.72
C ILE B 97 17.03 -30.05 -33.65
N ALA B 98 16.57 -29.46 -34.73
CA ALA B 98 16.38 -28.03 -34.77
C ALA B 98 14.96 -27.68 -34.36
N TYR B 99 14.81 -26.58 -33.64
CA TYR B 99 13.50 -26.07 -33.27
C TYR B 99 13.39 -24.59 -33.62
N PRO B 100 12.36 -24.13 -34.34
CA PRO B 100 12.15 -22.75 -34.67
C PRO B 100 12.07 -21.84 -33.47
N LEU B 101 12.59 -20.63 -33.62
CA LEU B 101 12.59 -19.61 -32.58
C LEU B 101 11.20 -19.39 -31.98
N ASP B 102 10.17 -19.47 -32.81
CA ASP B 102 8.81 -19.17 -32.40
C ASP B 102 8.14 -20.21 -31.56
N LEU B 103 8.85 -21.26 -31.20
CA LEU B 103 8.25 -22.21 -30.29
C LEU B 103 8.56 -21.84 -28.86
N PHE B 104 9.33 -20.78 -28.64
CA PHE B 104 9.69 -20.50 -27.27
C PHE B 104 9.22 -19.15 -26.78
N GLU B 105 8.78 -19.12 -25.52
CA GLU B 105 8.37 -17.90 -24.87
C GLU B 105 9.56 -17.05 -24.52
N GLU B 106 9.53 -15.78 -24.88
CA GLU B 106 10.65 -14.93 -24.58
C GLU B 106 10.94 -14.89 -23.10
N GLY B 107 12.19 -15.03 -22.73
CA GLY B 107 12.59 -14.90 -21.35
C GLY B 107 12.23 -16.07 -20.44
N SER B 108 11.75 -17.20 -20.95
CA SER B 108 11.34 -18.25 -20.02
C SER B 108 11.98 -19.61 -20.10
N VAL B 109 12.79 -19.92 -19.10
CA VAL B 109 13.47 -21.21 -19.03
C VAL B 109 12.45 -22.30 -18.86
N THR B 110 11.46 -22.04 -18.03
CA THR B 110 10.41 -22.99 -17.73
C THR B 110 9.79 -23.43 -19.04
N ASN B 111 9.50 -22.47 -19.92
CA ASN B 111 8.91 -22.84 -21.18
C ASN B 111 9.83 -23.61 -22.08
N ILE B 112 11.09 -23.24 -22.14
CA ILE B 112 11.99 -23.94 -23.03
C ILE B 112 12.09 -25.39 -22.61
N LEU B 113 12.30 -25.63 -21.32
CA LEU B 113 12.38 -27.00 -20.87
C LEU B 113 11.08 -27.73 -21.06
N THR B 114 9.95 -27.10 -20.81
CA THR B 114 8.72 -27.84 -20.97
C THR B 114 8.62 -28.32 -22.41
N SER B 115 8.88 -27.43 -23.37
CA SER B 115 8.81 -27.77 -24.78
C SER B 115 9.81 -28.83 -25.22
N ILE B 116 11.02 -28.80 -24.72
CA ILE B 116 12.01 -29.76 -25.18
C ILE B 116 12.05 -31.07 -24.42
N VAL B 117 11.97 -31.04 -23.08
CA VAL B 117 12.11 -32.27 -22.34
C VAL B 117 10.88 -32.76 -21.61
N GLY B 118 9.73 -32.13 -21.76
CA GLY B 118 8.59 -32.58 -21.01
C GLY B 118 8.15 -34.03 -21.20
N ASN B 119 7.84 -34.45 -22.41
CA ASN B 119 7.37 -35.82 -22.58
C ASN B 119 8.12 -36.67 -23.57
N VAL B 120 9.18 -36.13 -24.12
CA VAL B 120 9.96 -36.84 -25.11
C VAL B 120 10.69 -38.04 -24.52
N PHE B 121 10.82 -38.06 -23.22
CA PHE B 121 11.50 -39.12 -22.48
C PHE B 121 10.58 -40.26 -22.13
N GLY B 122 9.32 -40.15 -22.48
CA GLY B 122 8.36 -41.16 -22.11
C GLY B 122 7.80 -42.10 -23.18
N PHE B 123 8.37 -42.21 -24.39
CA PHE B 123 7.68 -43.09 -25.33
C PHE B 123 8.43 -44.36 -25.65
N LYS B 124 7.63 -45.37 -25.98
CA LYS B 124 8.06 -46.74 -26.21
C LYS B 124 9.11 -47.03 -27.27
N ALA B 125 9.23 -46.21 -28.30
CA ALA B 125 10.21 -46.51 -29.34
C ALA B 125 11.66 -46.53 -28.85
N ILE B 126 11.92 -45.85 -27.75
CA ILE B 126 13.25 -45.69 -27.20
C ILE B 126 13.37 -46.30 -25.81
N ARG B 127 14.44 -47.07 -25.57
CA ARG B 127 14.69 -47.69 -24.27
C ARG B 127 15.12 -46.67 -23.24
N SER B 128 15.97 -45.77 -23.70
CA SER B 128 16.48 -44.71 -22.84
C SER B 128 16.82 -43.47 -23.65
N LEU B 129 16.72 -42.31 -23.00
CA LEU B 129 17.01 -41.04 -23.66
C LEU B 129 17.68 -40.07 -22.75
N ARG B 130 18.73 -39.41 -23.25
CA ARG B 130 19.39 -38.39 -22.46
C ARG B 130 19.60 -37.15 -23.30
N LEU B 131 19.42 -35.99 -22.70
CA LEU B 131 19.70 -34.74 -23.38
C LEU B 131 21.11 -34.30 -23.07
N GLU B 132 21.90 -34.12 -24.11
CA GLU B 132 23.30 -33.78 -23.92
C GLU B 132 23.57 -32.30 -24.06
N ASP B 133 22.91 -31.64 -24.99
CA ASP B 133 23.24 -30.22 -25.18
C ASP B 133 22.17 -29.40 -25.87
N ILE B 134 22.18 -28.11 -25.60
CA ILE B 134 21.32 -27.12 -26.24
C ILE B 134 22.05 -25.87 -26.72
N ARG B 135 21.81 -25.50 -27.96
CA ARG B 135 22.34 -24.28 -28.51
C ARG B 135 21.29 -23.20 -28.46
N PHE B 136 21.52 -22.15 -27.72
CA PHE B 136 20.53 -21.11 -27.62
C PHE B 136 20.91 -20.03 -28.62
N PRO B 137 20.08 -19.69 -29.59
CA PRO B 137 20.39 -18.73 -30.61
C PRO B 137 20.47 -17.38 -29.97
N VAL B 138 21.26 -16.48 -30.52
CA VAL B 138 21.37 -15.14 -29.97
C VAL B 138 20.04 -14.46 -29.79
N ALA B 139 19.18 -14.63 -30.77
CA ALA B 139 17.87 -14.04 -30.77
C ALA B 139 17.03 -14.42 -29.54
N LEU B 140 17.35 -15.53 -28.89
CA LEU B 140 16.63 -15.97 -27.72
C LEU B 140 17.40 -15.58 -26.48
N VAL B 141 18.73 -15.65 -26.54
CA VAL B 141 19.58 -15.31 -25.41
C VAL B 141 19.31 -13.90 -24.94
N LYS B 142 19.11 -13.00 -25.89
CA LYS B 142 18.87 -11.60 -25.57
C LYS B 142 17.52 -11.31 -24.92
N THR B 143 16.65 -12.30 -24.77
CA THR B 143 15.39 -12.04 -24.13
C THR B 143 15.45 -12.39 -22.65
N PHE B 144 16.59 -12.88 -22.19
CA PHE B 144 16.75 -13.28 -20.81
C PHE B 144 17.55 -12.31 -20.01
N GLN B 145 17.24 -12.20 -18.73
CA GLN B 145 18.01 -11.34 -17.86
C GLN B 145 19.46 -11.75 -17.72
N GLY B 146 19.72 -13.03 -17.52
CA GLY B 146 21.07 -13.44 -17.26
C GLY B 146 21.40 -13.20 -15.79
N PRO B 147 22.63 -13.42 -15.38
CA PRO B 147 23.08 -13.25 -14.04
C PRO B 147 22.81 -11.83 -13.59
N PRO B 148 22.29 -11.60 -12.38
CA PRO B 148 22.08 -10.31 -11.76
C PRO B 148 23.28 -9.39 -11.87
N HIS B 149 24.48 -9.93 -11.69
CA HIS B 149 25.66 -9.10 -11.75
C HIS B 149 26.72 -9.65 -12.67
N GLY B 150 27.01 -10.93 -12.56
CA GLY B 150 28.02 -11.53 -13.41
C GLY B 150 29.40 -11.47 -12.79
N ILE B 151 30.36 -12.11 -13.42
CA ILE B 151 31.68 -12.22 -12.83
C ILE B 151 32.43 -10.92 -12.61
N GLN B 152 32.45 -10.02 -13.57
CA GLN B 152 33.24 -8.82 -13.37
C GLN B 152 32.60 -7.87 -12.39
N VAL B 153 31.29 -7.74 -12.47
CA VAL B 153 30.62 -6.85 -11.56
C VAL B 153 30.76 -7.38 -10.16
N GLU B 154 30.58 -8.68 -10.00
CA GLU B 154 30.67 -9.28 -8.70
C GLU B 154 32.04 -9.04 -8.09
N ARG B 155 33.13 -9.15 -8.86
CA ARG B 155 34.42 -8.83 -8.26
C ARG B 155 34.46 -7.38 -7.83
N ASP B 156 33.95 -6.46 -8.67
CA ASP B 156 34.00 -5.06 -8.31
C ASP B 156 33.20 -4.75 -7.06
N LEU B 157 32.04 -5.38 -6.91
CA LEU B 157 31.23 -5.14 -5.74
C LEU B 157 31.92 -5.61 -4.49
N LEU B 158 32.59 -6.76 -4.59
CA LEU B 158 33.30 -7.30 -3.46
C LEU B 158 34.69 -6.73 -3.29
N ASN B 159 35.22 -6.08 -4.32
CA ASN B 159 36.56 -5.54 -4.34
C ASN B 159 37.58 -6.64 -4.12
N LYS B 160 37.37 -7.77 -4.76
CA LYS B 160 38.29 -8.90 -4.63
C LYS B 160 38.85 -9.29 -5.99
N TYR B 161 40.15 -9.12 -6.14
CA TYR B 161 40.79 -9.36 -7.43
C TYR B 161 42.01 -10.24 -7.36
N GLY B 162 42.39 -10.81 -8.49
CA GLY B 162 43.62 -11.58 -8.62
C GLY B 162 43.50 -13.05 -8.27
N ARG B 163 42.83 -13.33 -7.17
CA ARG B 163 42.68 -14.68 -6.67
C ARG B 163 41.25 -15.23 -6.68
N PRO B 164 41.09 -16.57 -6.63
CA PRO B 164 39.87 -17.28 -6.36
C PRO B 164 39.41 -16.89 -4.98
N MET B 165 38.11 -17.01 -4.73
CA MET B 165 37.59 -16.71 -3.41
C MET B 165 37.47 -17.97 -2.56
N LEU B 166 37.54 -17.82 -1.25
CA LEU B 166 37.39 -18.98 -0.38
C LEU B 166 36.20 -18.99 0.51
N GLY B 167 35.73 -20.18 0.76
CA GLY B 167 34.72 -20.31 1.78
C GLY B 167 34.70 -21.69 2.39
N CYS B 168 33.77 -21.86 3.30
CA CYS B 168 33.60 -23.10 4.02
C CYS B 168 32.19 -23.18 4.55
N THR B 169 31.90 -24.24 5.27
CA THR B 169 30.61 -24.35 5.89
C THR B 169 30.77 -24.64 7.35
N ILE B 170 29.68 -24.83 8.05
CA ILE B 170 29.72 -25.05 9.48
C ILE B 170 29.24 -26.38 9.97
N LYS B 171 30.08 -27.00 10.76
CA LYS B 171 29.78 -28.24 11.42
C LYS B 171 29.85 -27.93 12.92
N PRO B 172 28.92 -28.41 13.75
CA PRO B 172 27.70 -29.17 13.52
C PRO B 172 26.76 -28.39 12.65
N LYS B 173 25.96 -29.09 11.88
CA LYS B 173 25.01 -28.45 11.01
C LYS B 173 23.67 -28.28 11.73
N LEU B 174 23.07 -29.41 12.07
CA LEU B 174 21.78 -29.49 12.74
C LEU B 174 21.90 -29.37 14.25
N GLY B 175 20.86 -28.81 14.88
CA GLY B 175 20.77 -28.73 16.33
C GLY B 175 21.45 -27.56 17.05
N LEU B 176 22.01 -26.59 16.32
CA LEU B 176 22.67 -25.47 16.97
C LEU B 176 21.75 -24.28 17.17
N SER B 177 21.98 -23.54 18.24
CA SER B 177 21.25 -22.32 18.49
C SER B 177 21.74 -21.24 17.55
N ALA B 178 20.91 -20.25 17.28
CA ALA B 178 21.29 -19.17 16.37
C ALA B 178 22.53 -18.42 16.86
N LYS B 179 22.62 -18.17 18.16
CA LYS B 179 23.77 -17.47 18.71
C LYS B 179 25.10 -18.21 18.56
N ASN B 180 25.10 -19.51 18.82
CA ASN B 180 26.33 -20.28 18.74
C ASN B 180 26.67 -20.42 17.28
N TYR B 181 25.65 -20.47 16.43
CA TYR B 181 25.88 -20.54 15.02
C TYR B 181 26.55 -19.25 14.61
N GLY B 182 26.01 -18.12 15.07
CA GLY B 182 26.60 -16.84 14.76
C GLY B 182 28.05 -16.78 15.20
N ARG B 183 28.37 -17.32 16.39
CA ARG B 183 29.76 -17.31 16.81
C ARG B 183 30.65 -18.07 15.84
N ALA B 184 30.19 -19.24 15.38
CA ALA B 184 30.97 -20.02 14.43
C ALA B 184 31.21 -19.25 13.14
N VAL B 185 30.19 -18.52 12.69
CA VAL B 185 30.32 -17.73 11.49
C VAL B 185 31.36 -16.67 11.72
N TYR B 186 31.26 -15.97 12.84
CA TYR B 186 32.20 -14.92 13.15
C TYR B 186 33.61 -15.40 13.13
N GLU B 187 33.88 -16.49 13.84
CA GLU B 187 35.24 -16.98 13.91
C GLU B 187 35.79 -17.37 12.54
N CYS B 188 35.00 -18.06 11.74
CA CYS B 188 35.47 -18.50 10.43
C CYS B 188 35.78 -17.34 9.50
N LEU B 189 34.92 -16.34 9.51
CA LEU B 189 35.14 -15.21 8.64
C LEU B 189 36.26 -14.35 9.17
N ARG B 190 36.30 -14.12 10.47
CA ARG B 190 37.33 -13.32 11.09
C ARG B 190 38.70 -13.92 10.78
N GLY B 191 38.75 -15.24 10.76
CA GLY B 191 39.93 -16.03 10.49
C GLY B 191 40.49 -15.95 9.06
N GLY B 192 39.74 -15.39 8.10
CA GLY B 192 40.28 -15.28 6.75
C GLY B 192 39.44 -15.79 5.57
N LEU B 193 38.26 -16.38 5.78
CA LEU B 193 37.47 -16.81 4.62
C LEU B 193 36.73 -15.64 4.06
N ASP B 194 36.30 -15.74 2.81
CA ASP B 194 35.48 -14.69 2.21
C ASP B 194 34.02 -15.00 2.47
N PHE B 195 33.67 -16.28 2.42
CA PHE B 195 32.28 -16.65 2.62
C PHE B 195 32.06 -17.85 3.52
N THR B 196 30.95 -17.83 4.24
CA THR B 196 30.51 -18.98 5.00
C THR B 196 29.13 -19.41 4.50
N LYS B 197 28.92 -20.71 4.28
CA LYS B 197 27.66 -21.18 3.73
C LYS B 197 26.71 -21.92 4.68
N ASP B 198 25.40 -21.55 4.66
CA ASP B 198 24.38 -22.27 5.42
C ASP B 198 24.20 -23.68 4.91
N ASP B 199 23.88 -24.61 5.79
CA ASP B 199 23.52 -25.96 5.38
C ASP B 199 22.33 -25.87 4.43
N GLU B 200 22.42 -26.45 3.23
CA GLU B 200 21.33 -26.35 2.26
C GLU B 200 20.04 -26.97 2.77
N ASN B 201 20.14 -27.83 3.78
CA ASN B 201 19.00 -28.50 4.33
C ASN B 201 18.31 -27.76 5.46
N ILE B 202 18.81 -26.59 5.85
CA ILE B 202 18.16 -25.90 6.95
C ILE B 202 17.56 -24.60 6.51
N ASN B 203 16.26 -24.57 6.30
CA ASN B 203 15.67 -23.31 5.88
C ASN B 203 15.19 -22.60 7.12
N SER B 204 14.31 -23.29 7.83
CA SER B 204 13.67 -22.86 9.06
C SER B 204 13.17 -24.12 9.71
N GLN B 205 13.62 -24.40 10.90
CA GLN B 205 13.24 -25.65 11.53
C GLN B 205 12.90 -25.42 12.99
N PRO B 206 12.13 -26.27 13.64
CA PRO B 206 11.81 -26.14 15.05
C PRO B 206 12.99 -25.86 15.97
N PHE B 207 14.18 -26.36 15.66
CA PHE B 207 15.31 -26.11 16.54
C PHE B 207 16.04 -24.79 16.25
N GLN B 208 15.70 -24.16 15.13
CA GLN B 208 16.34 -22.92 14.70
C GLN B 208 15.46 -22.21 13.71
N ARG B 209 15.05 -20.99 14.00
CA ARG B 209 14.19 -20.31 13.04
C ARG B 209 15.02 -19.37 12.21
N TRP B 210 14.58 -19.17 10.99
CA TRP B 210 15.34 -18.35 10.08
C TRP B 210 15.48 -16.92 10.52
N ARG B 211 14.53 -16.35 11.24
CA ARG B 211 14.75 -14.95 11.50
C ARG B 211 15.90 -14.79 12.45
N ASP B 212 15.97 -15.64 13.47
CA ASP B 212 17.03 -15.55 14.42
C ASP B 212 18.37 -15.86 13.79
N ARG B 213 18.42 -16.84 12.89
CA ARG B 213 19.67 -17.12 12.26
C ARG B 213 20.13 -15.90 11.51
N PHE B 214 19.24 -15.28 10.75
CA PHE B 214 19.63 -14.13 9.97
C PHE B 214 20.20 -13.04 10.85
N LEU B 215 19.57 -12.77 12.00
CA LEU B 215 20.10 -11.72 12.86
C LEU B 215 21.46 -12.02 13.43
N PHE B 216 21.69 -13.25 13.87
CA PHE B 216 22.97 -13.53 14.48
C PHE B 216 24.08 -13.65 13.47
N VAL B 217 23.76 -14.14 12.28
CA VAL B 217 24.74 -14.23 11.24
C VAL B 217 25.12 -12.84 10.81
N ALA B 218 24.13 -11.98 10.60
CA ALA B 218 24.44 -10.65 10.19
C ALA B 218 25.33 -9.97 11.18
N ASP B 219 25.10 -10.16 12.47
CA ASP B 219 25.98 -9.56 13.44
C ASP B 219 27.39 -10.10 13.25
N ALA B 220 27.52 -11.41 13.11
CA ALA B 220 28.84 -12.01 12.94
C ALA B 220 29.57 -11.42 11.77
N ILE B 221 28.86 -11.19 10.68
CA ILE B 221 29.48 -10.59 9.52
C ILE B 221 29.90 -9.20 9.83
N HIS B 222 29.01 -8.41 10.39
CA HIS B 222 29.37 -7.04 10.58
C HIS B 222 30.59 -6.91 11.47
N LYS B 223 30.69 -7.72 12.51
CA LYS B 223 31.86 -7.63 13.35
C LYS B 223 33.12 -8.11 12.63
N SER B 224 33.07 -9.28 11.98
CA SER B 224 34.27 -9.80 11.33
C SER B 224 34.73 -8.94 10.19
N GLN B 225 33.81 -8.24 9.57
CA GLN B 225 34.12 -7.35 8.48
C GLN B 225 34.81 -6.13 9.02
N ALA B 226 34.25 -5.55 10.07
CA ALA B 226 34.80 -4.34 10.66
C ALA B 226 36.21 -4.55 11.16
N GLU B 227 36.51 -5.72 11.70
CA GLU B 227 37.84 -5.99 12.24
C GLU B 227 38.90 -6.35 11.23
N THR B 228 38.54 -6.52 9.96
CA THR B 228 39.53 -6.90 8.98
C THR B 228 39.63 -5.85 7.92
N GLY B 229 38.60 -5.02 7.81
CA GLY B 229 38.57 -3.99 6.79
C GLY B 229 38.24 -4.54 5.42
N GLU B 230 37.49 -5.64 5.37
CA GLU B 230 37.19 -6.19 4.05
C GLU B 230 35.86 -6.89 4.02
N ILE B 231 35.21 -6.83 2.88
CA ILE B 231 33.90 -7.39 2.70
C ILE B 231 33.85 -8.88 2.85
N LYS B 232 32.90 -9.33 3.66
CA LYS B 232 32.67 -10.74 3.90
C LYS B 232 31.20 -11.05 3.83
N GLY B 233 30.87 -12.26 3.44
CA GLY B 233 29.46 -12.58 3.41
C GLY B 233 29.13 -13.94 3.98
N HIS B 234 27.89 -14.29 3.79
CA HIS B 234 27.38 -15.54 4.26
C HIS B 234 26.25 -15.88 3.36
N TYR B 235 26.22 -17.09 2.92
CA TYR B 235 25.19 -17.48 1.99
C TYR B 235 23.93 -17.84 2.71
N LEU B 236 23.19 -16.82 3.12
CA LEU B 236 21.95 -17.08 3.83
C LEU B 236 21.00 -17.81 2.93
N ASN B 237 20.42 -18.87 3.42
CA ASN B 237 19.49 -19.64 2.62
C ASN B 237 18.08 -19.06 2.61
N VAL B 238 17.61 -18.59 1.47
CA VAL B 238 16.28 -17.98 1.42
C VAL B 238 15.31 -18.88 0.72
N THR B 239 15.67 -20.14 0.58
CA THR B 239 14.79 -21.12 0.00
C THR B 239 13.59 -21.11 0.89
N ALA B 240 12.40 -21.15 0.32
CA ALA B 240 11.19 -21.12 1.11
C ALA B 240 10.08 -21.85 0.41
N PRO B 241 9.05 -22.33 1.11
CA PRO B 241 7.87 -22.97 0.55
C PRO B 241 6.99 -22.16 -0.36
N THR B 242 7.00 -20.83 -0.26
CA THR B 242 6.15 -20.04 -1.16
C THR B 242 6.93 -18.89 -1.72
N CYS B 243 6.41 -18.28 -2.78
CA CYS B 243 7.09 -17.13 -3.36
C CYS B 243 7.11 -15.98 -2.38
N GLU B 244 6.05 -15.83 -1.59
CA GLU B 244 5.98 -14.73 -0.64
C GLU B 244 6.97 -14.89 0.49
N GLU B 245 7.08 -16.10 1.01
CA GLU B 245 7.99 -16.35 2.10
C GLU B 245 9.40 -16.16 1.61
N MET B 246 9.67 -16.56 0.37
CA MET B 246 10.99 -16.40 -0.20
C MET B 246 11.34 -14.94 -0.23
N MET B 247 10.42 -14.10 -0.70
CA MET B 247 10.70 -12.68 -0.67
C MET B 247 10.88 -12.18 0.73
N LYS B 248 10.07 -12.60 1.69
CA LYS B 248 10.29 -12.07 3.04
C LYS B 248 11.69 -12.36 3.53
N ARG B 249 12.18 -13.55 3.28
CA ARG B 249 13.50 -13.90 3.73
C ARG B 249 14.53 -13.04 3.00
N ALA B 250 14.37 -12.88 1.69
CA ALA B 250 15.30 -12.09 0.92
C ALA B 250 15.29 -10.62 1.36
N GLU B 251 14.10 -10.08 1.65
CA GLU B 251 13.98 -8.70 2.05
C GLU B 251 14.65 -8.47 3.38
N PHE B 252 14.53 -9.42 4.29
CA PHE B 252 15.16 -9.25 5.57
C PHE B 252 16.66 -9.26 5.39
N ALA B 253 17.17 -10.18 4.56
CA ALA B 253 18.61 -10.19 4.33
C ALA B 253 19.06 -8.85 3.77
N LYS B 254 18.26 -8.24 2.90
CA LYS B 254 18.61 -6.93 2.38
C LYS B 254 18.63 -5.90 3.49
N GLU B 255 17.64 -5.90 4.37
CA GLU B 255 17.60 -4.92 5.45
C GLU B 255 18.81 -5.00 6.34
N LEU B 256 19.33 -6.20 6.53
CA LEU B 256 20.47 -6.42 7.38
C LEU B 256 21.79 -6.12 6.68
N GLY B 257 21.75 -5.75 5.40
CA GLY B 257 22.94 -5.44 4.63
C GLY B 257 23.72 -6.63 4.14
N MET B 258 23.05 -7.76 3.90
CA MET B 258 23.76 -8.94 3.47
C MET B 258 24.05 -8.88 1.98
N PRO B 259 25.30 -9.00 1.55
CA PRO B 259 25.70 -8.91 0.18
C PRO B 259 25.31 -10.08 -0.69
N ILE B 260 25.03 -11.22 -0.10
CA ILE B 260 24.73 -12.39 -0.91
C ILE B 260 23.70 -13.29 -0.26
N ILE B 261 22.88 -13.94 -1.07
CA ILE B 261 21.91 -14.94 -0.59
C ILE B 261 21.99 -16.20 -1.43
N MET B 262 21.46 -17.33 -0.94
CA MET B 262 21.42 -18.54 -1.76
C MET B 262 20.06 -19.16 -1.94
N HIS B 263 19.95 -19.93 -3.02
CA HIS B 263 18.72 -20.61 -3.37
C HIS B 263 18.97 -21.90 -4.16
N ASP B 264 18.14 -22.91 -3.92
CA ASP B 264 18.16 -24.20 -4.64
C ASP B 264 17.26 -24.22 -5.88
N PHE B 265 17.84 -23.98 -7.04
CA PHE B 265 17.11 -23.84 -8.29
C PHE B 265 16.42 -25.08 -8.78
N LEU B 266 16.81 -26.25 -8.29
CA LEU B 266 16.19 -27.46 -8.79
C LEU B 266 15.06 -27.91 -7.93
N THR B 267 15.22 -27.83 -6.62
CA THR B 267 14.16 -28.33 -5.79
C THR B 267 13.04 -27.30 -5.77
N ALA B 268 13.40 -26.02 -5.57
CA ALA B 268 12.43 -24.94 -5.53
C ALA B 268 11.84 -24.72 -6.91
N GLY B 269 12.69 -24.88 -7.92
CA GLY B 269 12.40 -24.76 -9.34
C GLY B 269 12.69 -23.40 -9.95
N PHE B 270 12.61 -23.37 -11.28
CA PHE B 270 12.94 -22.21 -12.07
C PHE B 270 12.00 -21.03 -11.97
N THR B 271 10.72 -21.24 -11.70
CA THR B 271 9.87 -20.06 -11.64
C THR B 271 10.32 -19.24 -10.46
N ALA B 272 10.46 -19.90 -9.33
CA ALA B 272 10.89 -19.21 -8.15
C ALA B 272 12.30 -18.67 -8.32
N ASN B 273 13.19 -19.44 -8.94
CA ASN B 273 14.55 -18.97 -9.09
C ASN B 273 14.63 -17.72 -9.92
N THR B 274 13.88 -17.67 -11.00
CA THR B 274 13.90 -16.53 -11.90
C THR B 274 13.41 -15.30 -11.16
N THR B 275 12.34 -15.45 -10.38
CA THR B 275 11.80 -14.35 -9.60
C THR B 275 12.84 -13.81 -8.66
N LEU B 276 13.52 -14.70 -7.95
CA LEU B 276 14.51 -14.23 -7.02
C LEU B 276 15.63 -13.51 -7.75
N ALA B 277 16.07 -14.03 -8.89
CA ALA B 277 17.13 -13.36 -9.63
C ALA B 277 16.74 -11.96 -10.03
N LYS B 278 15.49 -11.77 -10.44
CA LYS B 278 15.06 -10.43 -10.81
C LYS B 278 15.11 -9.52 -9.60
N TRP B 279 14.66 -10.03 -8.47
CA TRP B 279 14.68 -9.26 -7.25
C TRP B 279 16.11 -8.87 -6.93
N CYS B 280 17.03 -9.81 -7.07
CA CYS B 280 18.41 -9.55 -6.76
C CYS B 280 18.97 -8.44 -7.60
N ARG B 281 18.69 -8.42 -8.91
CA ARG B 281 19.21 -7.34 -9.72
C ARG B 281 18.70 -6.01 -9.25
N ASP B 282 17.41 -5.93 -8.97
CA ASP B 282 16.81 -4.68 -8.55
C ASP B 282 17.40 -4.18 -7.23
N ASN B 283 17.73 -5.12 -6.34
CA ASN B 283 18.25 -4.77 -5.03
C ASN B 283 19.75 -4.83 -4.83
N GLY B 284 20.52 -5.35 -5.77
CA GLY B 284 21.97 -5.38 -5.63
C GLY B 284 22.53 -6.49 -4.76
N VAL B 285 21.78 -7.56 -4.62
CA VAL B 285 22.21 -8.67 -3.79
C VAL B 285 22.76 -9.78 -4.67
N LEU B 286 23.91 -10.33 -4.36
CA LEU B 286 24.44 -11.38 -5.21
C LEU B 286 23.67 -12.67 -5.00
N LEU B 287 23.53 -13.47 -6.03
CA LEU B 287 22.79 -14.74 -5.86
C LEU B 287 23.62 -16.01 -6.07
N HIS B 288 23.59 -16.87 -5.06
CA HIS B 288 24.31 -18.15 -5.06
C HIS B 288 23.41 -19.32 -5.31
N ILE B 289 23.73 -20.13 -6.29
CA ILE B 289 22.91 -21.26 -6.58
C ILE B 289 23.51 -22.58 -6.25
N HIS B 290 22.76 -23.31 -5.46
CA HIS B 290 23.09 -24.64 -5.00
C HIS B 290 22.47 -25.61 -5.96
N ARG B 291 23.07 -26.78 -6.17
CA ARG B 291 22.48 -27.71 -7.11
C ARG B 291 21.89 -28.97 -6.50
N ALA B 292 21.46 -28.92 -5.26
CA ALA B 292 20.87 -30.09 -4.62
C ALA B 292 19.81 -30.71 -5.52
N MET B 293 19.80 -32.04 -5.52
CA MET B 293 18.95 -32.93 -6.29
C MET B 293 19.37 -33.07 -7.75
N HIS B 294 20.50 -32.48 -8.17
CA HIS B 294 20.91 -32.68 -9.55
C HIS B 294 21.17 -34.12 -9.88
N ALA B 295 21.61 -34.90 -8.90
CA ALA B 295 21.92 -36.29 -9.13
C ALA B 295 20.72 -37.08 -9.61
N VAL B 296 19.54 -36.69 -9.15
CA VAL B 296 18.33 -37.36 -9.54
C VAL B 296 18.14 -37.32 -11.03
N ILE B 297 18.50 -36.18 -11.63
CA ILE B 297 18.35 -35.91 -13.04
C ILE B 297 19.56 -36.30 -13.89
N ASP B 298 20.80 -36.07 -13.42
CA ASP B 298 21.95 -36.33 -14.29
C ASP B 298 23.01 -37.37 -13.87
N ARG B 299 22.81 -38.11 -12.77
CA ARG B 299 23.80 -39.11 -12.34
C ARG B 299 24.07 -40.24 -13.30
N GLN B 300 23.05 -40.77 -13.94
CA GLN B 300 23.27 -41.89 -14.82
C GLN B 300 23.63 -41.35 -16.17
N ARG B 301 24.46 -42.08 -16.91
CA ARG B 301 24.89 -41.56 -18.19
C ARG B 301 24.08 -41.98 -19.39
N ASN B 302 23.00 -42.71 -19.18
CA ASN B 302 22.21 -43.15 -20.31
C ASN B 302 20.76 -42.73 -20.26
N HIS B 303 20.41 -41.81 -19.37
CA HIS B 303 19.05 -41.32 -19.27
C HIS B 303 19.04 -40.00 -18.52
N GLY B 304 18.16 -39.09 -18.90
CA GLY B 304 18.02 -37.84 -18.13
C GLY B 304 18.63 -36.62 -18.82
N ILE B 305 19.04 -35.63 -18.05
CA ILE B 305 19.52 -34.38 -18.64
C ILE B 305 20.91 -34.05 -18.13
N HIS B 306 21.89 -33.91 -19.01
CA HIS B 306 23.24 -33.63 -18.57
C HIS B 306 23.33 -32.28 -17.87
N PHE B 307 24.15 -32.21 -16.83
CA PHE B 307 24.31 -30.99 -16.08
C PHE B 307 24.62 -29.78 -16.93
N ARG B 308 25.40 -29.92 -18.01
CA ARG B 308 25.77 -28.76 -18.79
C ARG B 308 24.55 -28.04 -19.37
N VAL B 309 23.45 -28.76 -19.52
CA VAL B 309 22.23 -28.18 -20.05
C VAL B 309 21.63 -27.37 -18.96
N LEU B 310 21.60 -27.96 -17.78
CA LEU B 310 21.03 -27.24 -16.65
C LEU B 310 21.86 -26.00 -16.38
N ALA B 311 23.19 -26.09 -16.54
CA ALA B 311 24.07 -24.96 -16.30
C ALA B 311 23.76 -23.83 -17.27
N LYS B 312 23.54 -24.14 -18.56
CA LYS B 312 23.17 -23.09 -19.48
C LYS B 312 21.84 -22.48 -19.12
N CYS B 313 20.90 -23.33 -18.74
CA CYS B 313 19.57 -22.84 -18.42
C CYS B 313 19.66 -21.90 -17.24
N LEU B 314 20.48 -22.24 -16.27
CA LEU B 314 20.61 -21.38 -15.14
C LEU B 314 21.25 -20.07 -15.53
N ARG B 315 22.30 -20.09 -16.35
CA ARG B 315 22.91 -18.83 -16.71
C ARG B 315 21.86 -17.90 -17.27
N LEU B 316 20.95 -18.41 -18.11
CA LEU B 316 19.89 -17.56 -18.63
C LEU B 316 18.88 -17.09 -17.55
N SER B 317 18.47 -18.00 -16.64
CA SER B 317 17.51 -17.66 -15.57
C SER B 317 18.03 -16.64 -14.60
N GLY B 318 19.23 -16.88 -14.08
CA GLY B 318 19.87 -16.03 -13.12
C GLY B 318 20.77 -16.79 -12.17
N GLY B 319 21.60 -16.07 -11.44
CA GLY B 319 22.54 -16.62 -10.48
C GLY B 319 23.95 -16.18 -10.81
N ASP B 320 24.65 -15.67 -9.80
CA ASP B 320 26.01 -15.18 -9.99
C ASP B 320 27.02 -16.26 -9.69
N HIS B 321 26.71 -17.13 -8.73
CA HIS B 321 27.61 -18.21 -8.36
C HIS B 321 26.90 -19.53 -8.60
N LEU B 322 27.59 -20.55 -9.09
CA LEU B 322 26.97 -21.88 -9.23
C LEU B 322 27.85 -23.04 -8.87
N HIS B 323 27.34 -23.91 -8.03
CA HIS B 323 28.09 -25.12 -7.74
C HIS B 323 28.29 -25.97 -8.95
N SER B 324 29.56 -26.24 -9.23
CA SER B 324 29.99 -27.06 -10.35
C SER B 324 30.48 -28.39 -9.84
N GLY B 325 31.07 -28.36 -8.66
CA GLY B 325 31.66 -29.54 -8.06
C GLY B 325 33.11 -29.63 -8.48
N THR B 326 33.92 -30.31 -7.68
CA THR B 326 35.32 -30.42 -8.04
C THR B 326 35.65 -31.56 -8.97
N VAL B 327 36.92 -31.60 -9.29
CA VAL B 327 37.55 -32.54 -10.18
C VAL B 327 38.42 -33.52 -9.40
N VAL B 328 39.09 -33.01 -8.37
CA VAL B 328 40.09 -33.81 -7.68
C VAL B 328 39.74 -34.27 -6.27
N GLY B 329 38.70 -33.72 -5.68
CA GLY B 329 38.30 -34.10 -4.33
C GLY B 329 36.98 -34.86 -4.34
N ASP B 334 33.63 -36.74 -15.15
CA ASP B 334 34.77 -36.67 -16.06
C ASP B 334 35.43 -35.32 -16.11
N LYS B 335 36.75 -35.32 -16.09
CA LYS B 335 37.49 -34.08 -16.12
C LYS B 335 37.19 -33.23 -17.34
N ALA B 336 37.13 -33.84 -18.53
CA ALA B 336 36.96 -33.02 -19.70
C ALA B 336 35.59 -32.44 -19.75
N SER B 337 34.58 -33.25 -19.45
CA SER B 337 33.23 -32.72 -19.54
C SER B 337 32.98 -31.64 -18.50
N THR B 338 33.66 -31.73 -17.36
CA THR B 338 33.55 -30.72 -16.33
C THR B 338 34.12 -29.44 -16.83
N LEU B 339 35.31 -29.50 -17.39
CA LEU B 339 35.92 -28.29 -17.88
C LEU B 339 35.07 -27.69 -18.97
N GLY B 340 34.46 -28.55 -19.78
CA GLY B 340 33.61 -28.11 -20.84
C GLY B 340 32.51 -27.20 -20.31
N PHE B 341 31.70 -27.66 -19.36
CA PHE B 341 30.64 -26.76 -18.92
C PHE B 341 31.16 -25.57 -18.15
N VAL B 342 32.30 -25.68 -17.52
CA VAL B 342 32.78 -24.51 -16.84
C VAL B 342 33.03 -23.43 -17.86
N ASP B 343 33.65 -23.74 -19.00
CA ASP B 343 33.81 -22.70 -20.01
C ASP B 343 32.46 -22.24 -20.54
N LEU B 344 31.51 -23.14 -20.73
CA LEU B 344 30.23 -22.75 -21.30
C LEU B 344 29.55 -21.70 -20.46
N MET B 345 29.68 -21.78 -19.15
CA MET B 345 29.04 -20.80 -18.31
C MET B 345 29.90 -19.58 -17.97
N ARG B 346 31.13 -19.47 -18.49
CA ARG B 346 31.95 -18.30 -18.17
C ARG B 346 32.35 -17.47 -19.37
N GLU B 347 32.61 -18.13 -20.49
CA GLU B 347 33.11 -17.50 -21.69
C GLU B 347 32.01 -16.86 -22.51
N ASP B 348 32.39 -15.90 -23.35
CA ASP B 348 31.45 -15.26 -24.26
C ASP B 348 31.18 -16.08 -25.51
N HIS B 349 32.16 -16.85 -25.92
CA HIS B 349 32.05 -17.66 -27.12
C HIS B 349 32.81 -18.95 -27.03
N ILE B 350 32.08 -20.05 -27.17
CA ILE B 350 32.65 -21.37 -27.05
C ILE B 350 32.51 -22.17 -28.32
N GLU B 351 33.63 -22.56 -28.90
CA GLU B 351 33.59 -23.34 -30.13
C GLU B 351 33.21 -24.76 -29.84
N ALA B 352 32.43 -25.39 -30.73
CA ALA B 352 32.08 -26.78 -30.50
C ALA B 352 33.31 -27.63 -30.43
N ASP B 353 33.28 -28.61 -29.52
CA ASP B 353 34.37 -29.54 -29.32
C ASP B 353 33.85 -30.77 -28.62
N ARG B 354 33.63 -31.81 -29.38
CA ARG B 354 33.01 -32.99 -28.85
C ARG B 354 33.84 -33.66 -27.77
N SER B 355 35.14 -33.44 -27.74
CA SER B 355 35.99 -34.10 -26.77
C SER B 355 35.84 -33.51 -25.38
N ARG B 356 35.16 -32.38 -25.30
CA ARG B 356 34.94 -31.70 -24.04
C ARG B 356 33.46 -31.71 -23.72
N GLY B 357 32.70 -32.46 -24.50
CA GLY B 357 31.26 -32.51 -24.30
C GLY B 357 30.49 -31.31 -24.84
N VAL B 358 31.08 -30.53 -25.75
CA VAL B 358 30.36 -29.38 -26.27
C VAL B 358 29.92 -29.71 -27.67
N PHE B 359 28.61 -29.79 -27.89
CA PHE B 359 28.15 -30.20 -29.20
C PHE B 359 27.97 -29.06 -30.14
N PHE B 360 27.62 -27.90 -29.63
CA PHE B 360 27.34 -26.81 -30.50
C PHE B 360 28.10 -25.57 -30.14
N THR B 361 28.51 -24.82 -31.14
CA THR B 361 29.12 -23.53 -30.85
C THR B 361 28.10 -22.63 -30.21
N GLN B 362 28.47 -22.04 -29.07
CA GLN B 362 27.55 -21.18 -28.35
C GLN B 362 28.07 -19.77 -28.18
N ASP B 363 27.34 -18.84 -28.76
CA ASP B 363 27.63 -17.42 -28.68
C ASP B 363 26.73 -16.82 -27.63
N TRP B 364 27.28 -16.31 -26.54
CA TRP B 364 26.45 -15.80 -25.47
C TRP B 364 25.99 -14.36 -25.62
N ALA B 365 26.33 -13.73 -26.73
CA ALA B 365 25.86 -12.38 -27.00
C ALA B 365 26.10 -11.38 -25.89
N SER B 366 27.30 -11.40 -25.35
CA SER B 366 27.75 -10.52 -24.29
C SER B 366 26.99 -10.60 -22.98
N MET B 367 26.30 -11.70 -22.74
CA MET B 367 25.67 -11.91 -21.45
C MET B 367 26.78 -12.27 -20.47
N PRO B 368 26.80 -11.75 -19.24
CA PRO B 368 27.77 -12.07 -18.22
C PRO B 368 27.77 -13.53 -17.86
N GLY B 369 28.93 -14.01 -17.42
CA GLY B 369 29.07 -15.40 -16.99
C GLY B 369 28.67 -15.62 -15.55
N VAL B 370 28.81 -16.88 -15.13
CA VAL B 370 28.48 -17.41 -13.80
C VAL B 370 29.74 -17.94 -13.17
N LEU B 371 30.00 -17.53 -11.96
CA LEU B 371 31.22 -17.92 -11.31
C LEU B 371 31.07 -19.35 -10.75
N PRO B 372 31.88 -20.34 -11.13
CA PRO B 372 31.80 -21.70 -10.68
C PRO B 372 32.23 -21.87 -9.27
N VAL B 373 31.59 -22.77 -8.57
CA VAL B 373 32.00 -23.06 -7.22
C VAL B 373 32.40 -24.53 -7.11
N ALA B 374 33.64 -24.76 -6.69
CA ALA B 374 34.18 -26.09 -6.56
C ALA B 374 33.92 -26.60 -5.16
N SER B 375 33.60 -27.87 -5.03
CA SER B 375 33.35 -28.45 -3.72
C SER B 375 33.34 -29.96 -3.72
N GLY B 376 33.46 -30.52 -2.52
CA GLY B 376 33.34 -31.95 -2.29
C GLY B 376 34.68 -32.62 -2.13
N GLY B 377 34.99 -33.06 -0.92
CA GLY B 377 36.26 -33.74 -0.70
C GLY B 377 37.48 -32.85 -0.81
N ILE B 378 37.34 -31.56 -0.55
CA ILE B 378 38.50 -30.71 -0.68
C ILE B 378 38.93 -30.03 0.61
N HIS B 379 40.24 -29.89 0.69
CA HIS B 379 41.03 -29.29 1.76
C HIS B 379 42.31 -28.77 1.15
N VAL B 380 43.17 -28.16 1.97
CA VAL B 380 44.37 -27.53 1.45
C VAL B 380 45.30 -28.42 0.64
N TRP B 381 45.29 -29.73 0.83
CA TRP B 381 46.21 -30.54 0.03
C TRP B 381 45.93 -30.40 -1.47
N HIS B 382 44.69 -30.09 -1.82
CA HIS B 382 44.26 -30.01 -3.20
C HIS B 382 44.29 -28.59 -3.71
N MET B 383 44.79 -27.67 -2.90
CA MET B 383 44.74 -26.29 -3.31
C MET B 383 45.46 -26.04 -4.62
N PRO B 384 46.68 -26.58 -4.88
CA PRO B 384 47.40 -26.37 -6.11
C PRO B 384 46.55 -26.71 -7.32
N ALA B 385 46.02 -27.94 -7.33
CA ALA B 385 45.21 -28.38 -8.43
C ALA B 385 44.00 -27.50 -8.61
N LEU B 386 43.32 -27.15 -7.54
CA LEU B 386 42.12 -26.37 -7.72
C LEU B 386 42.41 -25.04 -8.37
N VAL B 387 43.50 -24.39 -7.98
CA VAL B 387 43.83 -23.11 -8.58
C VAL B 387 44.13 -23.27 -10.06
N GLU B 388 44.94 -24.26 -10.42
CA GLU B 388 45.28 -24.42 -11.84
C GLU B 388 44.09 -24.87 -12.70
N ILE B 389 43.25 -25.74 -12.17
CA ILE B 389 42.10 -26.26 -12.89
C ILE B 389 41.07 -25.21 -13.20
N PHE B 390 40.70 -24.40 -12.19
CA PHE B 390 39.66 -23.43 -12.41
C PHE B 390 40.12 -22.01 -12.72
N GLY B 391 41.38 -21.68 -12.49
CA GLY B 391 41.83 -20.33 -12.77
C GLY B 391 41.38 -19.39 -11.68
N ASP B 392 41.30 -18.10 -11.98
CA ASP B 392 41.03 -17.13 -10.93
C ASP B 392 39.54 -16.90 -10.75
N ASP B 393 38.77 -17.09 -11.80
CA ASP B 393 37.36 -16.80 -11.73
C ASP B 393 36.59 -17.97 -11.16
N SER B 394 36.74 -18.17 -9.86
CA SER B 394 36.10 -19.27 -9.17
C SER B 394 36.02 -19.08 -7.67
N VAL B 395 35.21 -19.91 -7.03
CA VAL B 395 35.09 -19.97 -5.58
C VAL B 395 35.37 -21.38 -5.10
N LEU B 396 36.19 -21.52 -4.07
CA LEU B 396 36.47 -22.85 -3.55
C LEU B 396 35.82 -23.03 -2.17
N GLN B 397 34.88 -23.97 -2.05
CA GLN B 397 34.16 -24.23 -0.78
C GLN B 397 34.69 -25.44 -0.06
N PHE B 398 35.49 -25.20 0.95
CA PHE B 398 36.17 -26.22 1.68
C PHE B 398 35.35 -26.87 2.74
N GLY B 399 35.68 -28.11 3.07
CA GLY B 399 34.97 -28.79 4.15
C GLY B 399 33.46 -28.60 4.01
N GLY B 404 37.55 -29.12 10.28
CA GLY B 404 38.12 -30.31 10.92
C GLY B 404 39.57 -30.05 11.26
N HIS B 405 39.93 -28.78 11.24
CA HIS B 405 41.28 -28.35 11.56
C HIS B 405 41.60 -28.65 13.04
N PRO B 406 42.81 -29.14 13.35
CA PRO B 406 43.28 -29.43 14.69
C PRO B 406 43.10 -28.33 15.71
N TRP B 407 43.10 -27.05 15.32
CA TRP B 407 42.95 -26.04 16.35
C TRP B 407 41.71 -25.17 16.15
N GLY B 408 40.61 -25.75 15.73
CA GLY B 408 39.38 -24.96 15.58
C GLY B 408 39.26 -24.16 14.27
N ASN B 409 38.22 -23.33 14.22
CA ASN B 409 37.85 -22.64 12.99
C ASN B 409 38.73 -21.52 12.49
N ALA B 410 39.16 -20.58 13.33
CA ALA B 410 39.95 -19.53 12.71
C ALA B 410 41.25 -20.09 12.12
N PRO B 411 42.01 -21.00 12.78
CA PRO B 411 43.15 -21.68 12.21
C PRO B 411 42.80 -22.38 10.91
N GLY B 412 41.60 -22.94 10.84
CA GLY B 412 41.10 -23.55 9.64
C GLY B 412 41.15 -22.56 8.50
N ALA B 413 40.44 -21.46 8.72
CA ALA B 413 40.36 -20.40 7.73
C ALA B 413 41.72 -19.86 7.38
N THR B 414 42.57 -19.73 8.38
CA THR B 414 43.89 -19.20 8.16
C THR B 414 44.67 -20.09 7.23
N ALA B 415 44.64 -21.39 7.50
CA ALA B 415 45.37 -22.34 6.69
C ALA B 415 44.91 -22.31 5.24
N ASN B 416 43.61 -22.17 5.00
CA ASN B 416 43.18 -22.16 3.61
C ASN B 416 43.54 -20.85 2.94
N ARG B 417 43.47 -19.75 3.67
CA ARG B 417 43.81 -18.47 3.10
C ARG B 417 45.26 -18.45 2.68
N VAL B 418 46.12 -19.01 3.52
CA VAL B 418 47.52 -19.04 3.19
C VAL B 418 47.79 -19.96 2.03
N ALA B 419 47.21 -21.15 2.07
CA ALA B 419 47.47 -22.09 1.01
C ALA B 419 47.06 -21.53 -0.34
N LEU B 420 45.94 -20.81 -0.38
CA LEU B 420 45.52 -20.27 -1.66
C LEU B 420 46.45 -19.19 -2.12
N GLU B 421 46.78 -18.24 -1.26
CA GLU B 421 47.63 -17.16 -1.72
C GLU B 421 48.97 -17.70 -2.19
N ALA B 422 49.49 -18.70 -1.50
CA ALA B 422 50.75 -19.28 -1.91
C ALA B 422 50.64 -19.89 -3.28
N CYS B 423 49.53 -20.60 -3.55
CA CYS B 423 49.36 -21.23 -4.83
C CYS B 423 49.20 -20.22 -5.96
N VAL B 424 48.39 -19.20 -5.73
CA VAL B 424 48.16 -18.16 -6.73
C VAL B 424 49.47 -17.50 -7.12
N GLN B 425 50.25 -17.11 -6.11
CA GLN B 425 51.51 -16.43 -6.39
C GLN B 425 52.48 -17.32 -7.15
N ALA B 426 52.54 -18.59 -6.79
CA ALA B 426 53.42 -19.51 -7.49
C ALA B 426 52.99 -19.64 -8.94
N ARG B 427 51.69 -19.71 -9.18
CA ARG B 427 51.18 -19.79 -10.55
C ARG B 427 51.54 -18.54 -11.33
N ASN B 428 51.44 -17.37 -10.68
CA ASN B 428 51.81 -16.11 -11.33
C ASN B 428 53.28 -16.11 -11.69
N GLU B 429 54.13 -16.62 -10.79
CA GLU B 429 55.56 -16.68 -11.06
C GLU B 429 55.85 -17.58 -12.24
N GLY B 430 55.14 -18.70 -12.35
CA GLY B 430 55.36 -19.61 -13.45
C GLY B 430 55.70 -20.99 -12.92
N ARG B 431 55.46 -21.21 -11.63
CA ARG B 431 55.74 -22.49 -11.03
C ARG B 431 54.66 -23.48 -11.42
N ASP B 432 54.99 -24.76 -11.50
CA ASP B 432 53.98 -25.72 -11.93
C ASP B 432 53.15 -26.31 -10.80
N LEU B 433 51.93 -25.85 -10.64
CA LEU B 433 51.13 -26.31 -9.51
C LEU B 433 50.84 -27.81 -9.52
N TYR B 434 50.87 -28.49 -10.69
CA TYR B 434 50.57 -29.91 -10.67
C TYR B 434 51.77 -30.77 -10.30
N ARG B 435 52.95 -30.16 -10.19
CA ARG B 435 54.14 -30.93 -9.88
C ARG B 435 54.83 -30.42 -8.63
N GLU B 436 54.89 -29.11 -8.47
CA GLU B 436 55.56 -28.46 -7.36
C GLU B 436 54.61 -28.23 -6.22
N GLY B 437 53.35 -28.60 -6.42
CA GLY B 437 52.30 -28.30 -5.44
C GLY B 437 52.66 -28.78 -4.05
N GLY B 438 53.32 -29.93 -3.95
CA GLY B 438 53.70 -30.45 -2.65
C GLY B 438 54.68 -29.50 -1.94
N ASP B 439 55.57 -28.88 -2.71
CA ASP B 439 56.58 -28.02 -2.12
C ASP B 439 56.03 -26.66 -1.87
N ILE B 440 55.13 -26.23 -2.73
CA ILE B 440 54.56 -24.92 -2.54
C ILE B 440 53.83 -24.92 -1.22
N LEU B 441 53.04 -25.96 -0.95
CA LEU B 441 52.35 -26.05 0.33
C LEU B 441 53.32 -26.20 1.50
N ARG B 442 54.37 -26.99 1.37
CA ARG B 442 55.26 -27.16 2.52
C ARG B 442 56.04 -25.90 2.87
N GLU B 443 56.48 -25.14 1.88
CA GLU B 443 57.17 -23.89 2.16
C GLU B 443 56.22 -22.97 2.88
N ALA B 444 54.98 -22.89 2.40
CA ALA B 444 53.98 -22.06 3.04
C ALA B 444 53.67 -22.56 4.43
N GLY B 445 53.65 -23.88 4.60
CA GLY B 445 53.38 -24.46 5.90
C GLY B 445 54.43 -24.07 6.92
N LYS B 446 55.70 -24.03 6.50
CA LYS B 446 56.75 -23.64 7.41
C LYS B 446 56.48 -22.22 7.89
N TRP B 447 56.06 -21.36 6.98
CA TRP B 447 55.72 -19.99 7.36
C TRP B 447 54.51 -19.91 8.29
N SER B 448 53.47 -20.72 8.06
CA SER B 448 52.25 -20.62 8.86
C SER B 448 51.98 -21.80 9.86
N PRO B 449 52.07 -21.59 11.22
CA PRO B 449 51.74 -22.72 12.10
C PRO B 449 50.37 -23.33 11.81
N GLU B 450 49.41 -22.50 11.40
CA GLU B 450 48.08 -22.97 11.10
C GLU B 450 48.08 -23.89 9.91
N LEU B 451 48.89 -23.56 8.90
CA LEU B 451 48.97 -24.35 7.70
C LEU B 451 49.82 -25.55 8.00
N ALA B 452 50.88 -25.34 8.75
CA ALA B 452 51.73 -26.48 9.05
C ALA B 452 50.89 -27.56 9.74
N ALA B 453 49.98 -27.15 10.63
CA ALA B 453 49.09 -28.08 11.29
C ALA B 453 48.12 -28.71 10.30
N ALA B 454 47.57 -27.89 9.40
CA ALA B 454 46.62 -28.37 8.40
C ALA B 454 47.21 -29.42 7.48
N LEU B 455 48.50 -29.32 7.20
CA LEU B 455 49.21 -30.23 6.32
C LEU B 455 49.66 -31.50 7.03
N ASP B 456 49.33 -31.65 8.31
CA ASP B 456 49.72 -32.85 9.03
C ASP B 456 48.75 -33.97 8.65
N LEU B 457 48.95 -34.50 7.45
CA LEU B 457 48.08 -35.49 6.84
C LEU B 457 48.80 -36.81 6.60
N LYS C 17 40.63 8.60 -39.89
CA LYS C 17 39.48 8.20 -40.70
C LYS C 17 39.63 6.76 -41.11
N LEU C 18 40.85 6.28 -41.00
CA LEU C 18 41.22 4.95 -41.47
C LEU C 18 40.84 3.91 -40.45
N THR C 19 40.33 4.37 -39.33
CA THR C 19 39.87 3.53 -38.26
C THR C 19 38.36 3.44 -38.29
N TYR C 20 37.72 4.18 -39.22
CA TYR C 20 36.27 4.22 -39.37
C TYR C 20 35.79 3.79 -40.75
N TYR C 21 36.47 4.20 -41.83
CA TYR C 21 36.03 3.76 -43.15
C TYR C 21 36.81 2.54 -43.56
N THR C 22 36.10 1.44 -43.68
CA THR C 22 36.67 0.14 -43.99
C THR C 22 35.91 -0.45 -45.18
N PRO C 23 36.35 -0.22 -46.43
CA PRO C 23 35.72 -0.61 -47.69
C PRO C 23 35.48 -2.10 -47.88
N ASP C 24 36.17 -2.95 -47.11
CA ASP C 24 36.06 -4.38 -47.23
C ASP C 24 35.61 -5.07 -45.95
N TYR C 25 34.47 -4.63 -45.46
CA TYR C 25 33.85 -5.16 -44.26
C TYR C 25 32.51 -5.76 -44.59
N THR C 26 32.26 -6.94 -44.07
CA THR C 26 30.95 -7.54 -44.29
C THR C 26 30.22 -7.48 -42.97
N PRO C 27 29.03 -6.87 -42.90
CA PRO C 27 28.21 -6.76 -41.72
C PRO C 27 27.84 -8.08 -41.13
N LYS C 28 27.72 -8.11 -39.83
CA LYS C 28 27.32 -9.30 -39.12
C LYS C 28 25.81 -9.35 -38.98
N ASP C 29 25.28 -10.53 -38.76
CA ASP C 29 23.85 -10.74 -38.58
C ASP C 29 23.27 -9.98 -37.40
N THR C 30 24.12 -9.62 -36.45
CA THR C 30 23.71 -8.91 -35.26
C THR C 30 24.03 -7.42 -35.32
N ASP C 31 24.55 -6.93 -36.43
CA ASP C 31 24.87 -5.50 -36.52
C ASP C 31 23.63 -4.69 -36.84
N LEU C 32 23.61 -3.46 -36.37
CA LEU C 32 22.56 -2.53 -36.76
C LEU C 32 23.10 -1.74 -37.90
N LEU C 33 22.32 -1.58 -38.95
CA LEU C 33 22.87 -0.84 -40.08
C LEU C 33 22.12 0.42 -40.33
N ALA C 34 22.80 1.47 -40.75
CA ALA C 34 22.07 2.66 -41.11
C ALA C 34 22.56 3.23 -42.42
N ALA C 35 21.61 3.77 -43.17
CA ALA C 35 21.87 4.40 -44.45
C ALA C 35 21.61 5.88 -44.38
N PHE C 36 22.64 6.66 -44.66
CA PHE C 36 22.57 8.11 -44.63
C PHE C 36 22.84 8.72 -45.98
N ARG C 37 22.27 9.89 -46.22
CA ARG C 37 22.58 10.70 -47.39
C ARG C 37 23.20 11.97 -46.94
N PHE C 38 24.18 12.41 -47.67
CA PHE C 38 24.79 13.65 -47.27
C PHE C 38 25.39 14.42 -48.41
N SER C 39 25.62 15.68 -48.14
CA SER C 39 26.31 16.52 -49.08
C SER C 39 27.44 17.17 -48.30
N PRO C 40 28.70 16.82 -48.59
CA PRO C 40 29.90 17.29 -47.92
C PRO C 40 30.21 18.75 -48.26
N GLN C 41 30.79 19.47 -47.31
CA GLN C 41 31.15 20.86 -47.56
C GLN C 41 32.09 20.91 -48.75
N PRO C 42 32.09 22.02 -49.48
CA PRO C 42 32.97 21.97 -50.66
C PRO C 42 34.41 21.72 -50.27
N GLY C 43 35.09 20.85 -51.00
CA GLY C 43 36.46 20.49 -50.64
C GLY C 43 36.53 19.36 -49.63
N VAL C 44 35.39 18.78 -49.26
CA VAL C 44 35.39 17.63 -48.34
C VAL C 44 35.23 16.28 -49.11
N PRO C 45 36.23 15.33 -49.07
CA PRO C 45 35.98 14.10 -49.78
C PRO C 45 34.81 13.33 -49.20
N ALA C 46 34.09 12.61 -50.07
CA ALA C 46 32.99 11.75 -49.65
C ALA C 46 33.40 10.70 -48.63
N ASP C 47 34.60 10.13 -48.77
CA ASP C 47 35.00 9.08 -47.87
C ASP C 47 35.30 9.62 -46.51
N GLU C 48 35.94 10.76 -46.48
CA GLU C 48 36.24 11.38 -45.20
C GLU C 48 34.95 11.73 -44.48
N ALA C 49 33.97 12.23 -45.22
CA ALA C 49 32.70 12.57 -44.62
C ALA C 49 32.04 11.32 -44.06
N GLY C 50 32.08 10.22 -44.81
CA GLY C 50 31.47 8.97 -44.37
C GLY C 50 32.12 8.48 -43.09
N ALA C 51 33.45 8.51 -43.04
CA ALA C 51 34.16 8.07 -41.86
C ALA C 51 33.77 8.89 -40.68
N ALA C 52 33.63 10.20 -40.88
CA ALA C 52 33.22 11.08 -39.81
C ALA C 52 31.84 10.74 -39.30
N ILE C 53 30.91 10.43 -40.19
CA ILE C 53 29.57 10.12 -39.71
C ILE C 53 29.67 8.92 -38.78
N ALA C 54 30.41 7.89 -39.19
CA ALA C 54 30.54 6.72 -38.35
C ALA C 54 31.18 7.06 -37.01
N ALA C 55 32.19 7.92 -37.02
CA ALA C 55 32.83 8.28 -35.76
C ALA C 55 31.94 9.09 -34.85
N GLU C 56 31.26 10.09 -35.39
CA GLU C 56 30.45 10.97 -34.57
C GLU C 56 29.29 10.24 -33.92
N SER C 57 28.75 9.26 -34.62
CA SER C 57 27.63 8.46 -34.15
C SER C 57 28.02 7.22 -33.31
N SER C 58 29.29 7.06 -32.97
CA SER C 58 29.73 5.89 -32.20
C SER C 58 30.94 6.28 -31.39
N THR C 59 31.67 5.35 -30.78
CA THR C 59 32.81 5.85 -30.03
C THR C 59 33.72 6.60 -31.02
N GLY C 60 34.04 7.84 -30.72
CA GLY C 60 34.84 8.65 -31.62
C GLY C 60 34.40 10.11 -31.58
N ASP C 74 37.36 -0.92 -29.56
CA ASP C 74 37.54 -1.34 -30.95
C ASP C 74 36.32 -2.09 -31.39
N ARG C 75 35.50 -2.42 -30.40
CA ARG C 75 34.25 -3.13 -30.60
C ARG C 75 33.05 -2.25 -30.26
N TYR C 76 33.30 -0.98 -29.99
CA TYR C 76 32.26 -0.04 -29.65
C TYR C 76 32.21 1.11 -30.63
N LYS C 77 32.67 0.86 -31.84
CA LYS C 77 32.69 1.87 -32.86
C LYS C 77 31.95 1.41 -34.08
N GLY C 78 31.35 2.35 -34.78
CA GLY C 78 30.66 2.01 -36.00
C GLY C 78 31.67 1.95 -37.10
N LYS C 79 31.30 1.32 -38.18
CA LYS C 79 32.17 1.24 -39.32
C LYS C 79 31.44 1.62 -40.56
N CYS C 80 32.06 2.44 -41.37
CA CYS C 80 31.46 2.80 -42.62
C CYS C 80 31.97 1.77 -43.61
N TYR C 81 31.07 1.03 -44.20
CA TYR C 81 31.50 -0.04 -45.08
C TYR C 81 31.23 0.24 -46.53
N HIS C 82 30.36 1.16 -46.81
CA HIS C 82 30.10 1.43 -48.21
C HIS C 82 29.67 2.83 -48.48
N ILE C 83 30.29 3.44 -49.49
CA ILE C 83 29.96 4.79 -49.92
C ILE C 83 29.74 4.81 -51.41
N GLU C 84 28.66 5.42 -51.83
CA GLU C 84 28.36 5.52 -53.26
C GLU C 84 27.66 6.83 -53.53
N PRO C 85 27.79 7.42 -54.72
CA PRO C 85 27.13 8.64 -55.11
C PRO C 85 25.66 8.42 -55.31
N VAL C 86 24.90 9.48 -55.14
CA VAL C 86 23.49 9.44 -55.41
C VAL C 86 23.33 9.65 -56.90
N GLN C 87 22.77 8.68 -57.59
CA GLN C 87 22.69 8.83 -59.02
C GLN C 87 21.87 10.04 -59.37
N GLY C 88 22.37 10.82 -60.32
CA GLY C 88 21.64 11.98 -60.81
C GLY C 88 21.79 13.24 -59.95
N GLU C 89 22.49 13.14 -58.83
CA GLU C 89 22.61 14.28 -57.92
C GLU C 89 24.04 14.71 -57.63
N GLU C 90 24.37 15.95 -58.00
CA GLU C 90 25.72 16.47 -57.77
C GLU C 90 26.02 16.66 -56.29
N ASN C 91 27.27 16.38 -55.88
CA ASN C 91 27.68 16.54 -54.48
C ASN C 91 26.69 15.93 -53.52
N SER C 92 26.30 14.68 -53.76
CA SER C 92 25.38 13.99 -52.90
C SER C 92 25.74 12.52 -52.91
N TYR C 93 25.95 11.99 -51.71
CA TYR C 93 26.39 10.62 -51.49
C TYR C 93 25.61 9.87 -50.46
N PHE C 94 25.66 8.55 -50.56
CA PHE C 94 25.13 7.66 -49.54
C PHE C 94 26.25 7.06 -48.76
N ALA C 95 26.01 6.78 -47.50
CA ALA C 95 26.98 6.06 -46.69
C ALA C 95 26.27 5.04 -45.83
N PHE C 96 26.84 3.86 -45.81
CA PHE C 96 26.31 2.75 -45.07
C PHE C 96 27.21 2.40 -43.92
N ILE C 97 26.63 2.51 -42.74
CA ILE C 97 27.34 2.33 -41.48
C ILE C 97 26.81 1.25 -40.57
N ALA C 98 27.70 0.37 -40.14
CA ALA C 98 27.33 -0.70 -39.21
C ALA C 98 27.61 -0.30 -37.78
N TYR C 99 26.76 -0.72 -36.85
CA TYR C 99 26.97 -0.49 -35.44
C TYR C 99 26.81 -1.80 -34.66
N PRO C 100 27.73 -2.18 -33.77
CA PRO C 100 27.66 -3.36 -32.94
C PRO C 100 26.41 -3.41 -32.08
N LEU C 101 25.85 -4.60 -31.90
CA LEU C 101 24.63 -4.81 -31.11
C LEU C 101 24.71 -4.20 -29.71
N ASP C 102 25.87 -4.28 -29.08
CA ASP C 102 26.09 -3.83 -27.71
C ASP C 102 25.95 -2.34 -27.48
N LEU C 103 25.88 -1.57 -28.54
CA LEU C 103 25.75 -0.15 -28.37
C LEU C 103 24.33 0.26 -28.10
N PHE C 104 23.39 -0.68 -28.08
CA PHE C 104 22.01 -0.28 -27.88
C PHE C 104 21.36 -0.95 -26.68
N GLU C 105 20.68 -0.15 -25.86
CA GLU C 105 19.91 -0.62 -24.69
C GLU C 105 18.78 -1.52 -25.14
N GLU C 106 18.62 -2.68 -24.51
CA GLU C 106 17.55 -3.56 -24.94
C GLU C 106 16.21 -2.91 -24.76
N GLY C 107 15.36 -3.05 -25.76
CA GLY C 107 13.99 -2.58 -25.68
C GLY C 107 13.82 -1.07 -25.74
N SER C 108 14.86 -0.30 -26.08
CA SER C 108 14.70 1.14 -26.03
C SER C 108 14.90 1.98 -27.27
N VAL C 109 13.79 2.51 -27.79
CA VAL C 109 13.84 3.34 -28.98
C VAL C 109 14.60 4.61 -28.70
N THR C 110 14.40 5.19 -27.53
CA THR C 110 15.07 6.42 -27.19
C THR C 110 16.56 6.24 -27.15
N ASN C 111 17.04 5.07 -26.75
CA ASN C 111 18.48 4.92 -26.73
C ASN C 111 19.01 4.74 -28.12
N ILE C 112 18.27 4.02 -28.96
CA ILE C 112 18.75 3.83 -30.31
C ILE C 112 18.86 5.18 -30.98
N LEU C 113 17.83 6.00 -30.86
CA LEU C 113 17.90 7.30 -31.47
C LEU C 113 18.96 8.20 -30.91
N THR C 114 19.22 8.26 -29.60
CA THR C 114 20.26 9.24 -29.28
C THR C 114 21.58 8.75 -29.85
N SER C 115 21.82 7.45 -29.83
CA SER C 115 23.07 6.94 -30.34
C SER C 115 23.27 7.26 -31.80
N ILE C 116 22.22 7.13 -32.60
CA ILE C 116 22.37 7.35 -34.03
C ILE C 116 22.16 8.79 -34.49
N VAL C 117 21.14 9.49 -33.98
CA VAL C 117 20.86 10.83 -34.51
C VAL C 117 21.09 11.95 -33.49
N GLY C 118 21.70 11.66 -32.34
CA GLY C 118 21.92 12.65 -31.31
C GLY C 118 22.69 13.89 -31.76
N ASN C 119 23.88 13.74 -32.32
CA ASN C 119 24.59 14.94 -32.71
C ASN C 119 25.27 14.90 -34.06
N VAL C 120 25.13 13.82 -34.78
CA VAL C 120 25.80 13.70 -36.06
C VAL C 120 25.32 14.74 -37.08
N PHE C 121 24.07 15.17 -36.95
CA PHE C 121 23.45 16.14 -37.83
C PHE C 121 24.04 17.53 -37.69
N GLY C 122 24.73 17.78 -36.59
CA GLY C 122 25.34 19.07 -36.36
C GLY C 122 26.79 19.10 -36.82
N PHE C 123 27.28 18.00 -37.41
CA PHE C 123 28.67 17.92 -37.78
C PHE C 123 29.07 18.87 -38.92
N LYS C 124 30.08 19.67 -38.64
CA LYS C 124 30.59 20.74 -39.49
C LYS C 124 31.10 20.43 -40.90
N ALA C 125 31.58 19.24 -41.18
CA ALA C 125 32.11 19.01 -42.53
C ALA C 125 31.05 18.66 -43.54
N ILE C 126 29.81 18.55 -43.08
CA ILE C 126 28.70 18.16 -43.94
C ILE C 126 27.69 19.29 -44.02
N ARG C 127 27.27 19.65 -45.23
CA ARG C 127 26.30 20.71 -45.45
C ARG C 127 24.94 20.31 -44.95
N SER C 128 24.62 19.07 -45.24
CA SER C 128 23.35 18.51 -44.84
C SER C 128 23.45 17.02 -44.71
N LEU C 129 22.64 16.47 -43.82
CA LEU C 129 22.59 15.05 -43.56
C LEU C 129 21.16 14.58 -43.36
N ARG C 130 20.82 13.49 -44.00
CA ARG C 130 19.51 12.87 -43.86
C ARG C 130 19.63 11.38 -43.62
N LEU C 131 18.84 10.86 -42.72
CA LEU C 131 18.82 9.44 -42.44
C LEU C 131 17.72 8.77 -43.24
N GLU C 132 18.10 7.82 -44.08
CA GLU C 132 17.12 7.16 -44.94
C GLU C 132 16.62 5.85 -44.40
N ASP C 133 17.48 5.06 -43.76
CA ASP C 133 17.00 3.76 -43.33
C ASP C 133 17.83 3.12 -42.23
N ILE C 134 17.19 2.24 -41.48
CA ILE C 134 17.81 1.43 -40.42
C ILE C 134 17.44 -0.05 -40.47
N ARG C 135 18.43 -0.90 -40.42
CA ARG C 135 18.20 -2.32 -40.33
C ARG C 135 18.31 -2.77 -38.90
N PHE C 136 17.24 -3.27 -38.34
CA PHE C 136 17.29 -3.69 -36.96
C PHE C 136 17.54 -5.19 -36.97
N PRO C 137 18.60 -5.70 -36.38
CA PRO C 137 18.94 -7.09 -36.40
C PRO C 137 17.92 -7.82 -35.59
N VAL C 138 17.65 -9.07 -35.91
CA VAL C 138 16.68 -9.85 -35.16
C VAL C 138 16.96 -9.84 -33.68
N ALA C 139 18.21 -9.96 -33.31
CA ALA C 139 18.60 -10.01 -31.93
C ALA C 139 18.12 -8.78 -31.15
N LEU C 140 17.92 -7.66 -31.80
CA LEU C 140 17.49 -6.45 -31.14
C LEU C 140 15.99 -6.35 -31.23
N VAL C 141 15.42 -6.77 -32.35
CA VAL C 141 13.98 -6.70 -32.55
C VAL C 141 13.27 -7.49 -31.47
N LYS C 142 13.83 -8.62 -31.10
CA LYS C 142 13.24 -9.48 -30.10
C LYS C 142 13.26 -8.92 -28.68
N THR C 143 13.90 -7.77 -28.46
CA THR C 143 13.90 -7.21 -27.12
C THR C 143 12.78 -6.19 -26.96
N PHE C 144 12.03 -5.94 -28.03
CA PHE C 144 10.96 -4.96 -28.01
C PHE C 144 9.60 -5.58 -27.94
N GLN C 145 8.67 -4.88 -27.31
CA GLN C 145 7.31 -5.37 -27.25
C GLN C 145 6.62 -5.47 -28.59
N GLY C 146 6.77 -4.44 -29.44
CA GLY C 146 6.05 -4.45 -30.67
C GLY C 146 4.64 -3.95 -30.39
N PRO C 147 3.77 -3.94 -31.37
CA PRO C 147 2.41 -3.51 -31.27
C PRO C 147 1.71 -4.29 -30.19
N PRO C 148 0.91 -3.65 -29.32
CA PRO C 148 0.08 -4.25 -28.31
C PRO C 148 -0.75 -5.41 -28.83
N HIS C 149 -1.29 -5.29 -30.03
CA HIS C 149 -2.10 -6.35 -30.57
C HIS C 149 -1.69 -6.74 -31.96
N GLY C 150 -1.54 -5.76 -32.83
CA GLY C 150 -1.19 -6.05 -34.21
C GLY C 150 -2.38 -6.30 -35.10
N ILE C 151 -2.13 -6.51 -36.36
CA ILE C 151 -3.17 -6.64 -37.36
C ILE C 151 -4.13 -7.80 -37.19
N GLN C 152 -3.64 -8.99 -36.94
CA GLN C 152 -4.56 -10.11 -36.86
C GLN C 152 -5.34 -10.08 -35.59
N VAL C 153 -4.69 -9.73 -34.50
CA VAL C 153 -5.40 -9.69 -33.25
C VAL C 153 -6.44 -8.62 -33.33
N GLU C 154 -6.10 -7.46 -33.87
CA GLU C 154 -7.08 -6.42 -33.96
C GLU C 154 -8.29 -6.84 -34.76
N ARG C 155 -8.11 -7.50 -35.90
CA ARG C 155 -9.33 -7.89 -36.60
C ARG C 155 -10.17 -8.80 -35.73
N ASP C 156 -9.54 -9.73 -35.00
CA ASP C 156 -10.30 -10.63 -34.16
C ASP C 156 -11.01 -9.90 -33.04
N LEU C 157 -10.34 -8.93 -32.42
CA LEU C 157 -10.96 -8.18 -31.34
C LEU C 157 -12.13 -7.39 -31.83
N LEU C 158 -11.99 -6.82 -33.02
CA LEU C 158 -13.06 -6.03 -33.58
C LEU C 158 -14.04 -6.83 -34.39
N ASN C 159 -13.73 -8.07 -34.69
CA ASN C 159 -14.59 -8.93 -35.48
C ASN C 159 -14.90 -8.30 -36.84
N LYS C 160 -13.88 -7.75 -37.47
CA LYS C 160 -14.05 -7.12 -38.78
C LYS C 160 -13.11 -7.72 -39.79
N TYR C 161 -13.67 -8.39 -40.80
CA TYR C 161 -12.85 -9.09 -41.76
C TYR C 161 -13.24 -8.79 -43.19
N GLY C 162 -12.29 -8.98 -44.11
CA GLY C 162 -12.55 -8.90 -45.53
C GLY C 162 -12.55 -7.50 -46.12
N ARG C 163 -12.21 -6.50 -45.35
CA ARG C 163 -12.22 -5.15 -45.86
C ARG C 163 -11.40 -4.18 -45.02
N PRO C 164 -11.03 -3.02 -45.57
CA PRO C 164 -10.50 -1.87 -44.89
C PRO C 164 -11.51 -1.35 -43.92
N MET C 165 -11.05 -0.69 -42.87
CA MET C 165 -11.96 -0.06 -41.91
C MET C 165 -12.14 1.41 -42.25
N LEU C 166 -13.28 2.00 -41.91
CA LEU C 166 -13.53 3.42 -42.16
C LEU C 166 -13.71 4.30 -40.98
N GLY C 167 -13.33 5.55 -41.14
CA GLY C 167 -13.68 6.51 -40.12
C GLY C 167 -13.59 7.94 -40.59
N CYS C 168 -13.80 8.85 -39.66
CA CYS C 168 -13.74 10.26 -40.00
C CYS C 168 -13.41 11.10 -38.82
N THR C 169 -13.14 12.36 -39.08
CA THR C 169 -12.89 13.33 -38.03
C THR C 169 -14.07 14.29 -37.96
N ILE C 170 -14.53 14.60 -36.77
CA ILE C 170 -15.60 15.58 -36.64
C ILE C 170 -15.07 16.98 -36.86
N LYS C 171 -15.62 17.68 -37.85
CA LYS C 171 -15.13 19.00 -38.24
C LYS C 171 -15.20 20.09 -37.18
N PRO C 172 -16.34 20.38 -36.53
CA PRO C 172 -16.42 21.39 -35.49
C PRO C 172 -15.23 21.29 -34.52
N LEU C 176 -17.59 22.90 -29.64
CA LEU C 176 -18.84 22.30 -29.21
C LEU C 176 -18.79 21.85 -27.77
N SER C 177 -19.95 21.83 -27.15
CA SER C 177 -20.06 21.30 -25.80
C SER C 177 -19.88 19.81 -25.90
N ALA C 178 -19.45 19.18 -24.80
CA ALA C 178 -19.24 17.74 -24.80
C ALA C 178 -20.46 16.97 -25.29
N LYS C 179 -21.66 17.37 -24.87
CA LYS C 179 -22.87 16.70 -25.33
C LYS C 179 -23.10 16.85 -26.83
N ASN C 180 -22.87 18.05 -27.37
CA ASN C 180 -23.01 18.25 -28.81
C ASN C 180 -21.98 17.41 -29.54
N TYR C 181 -20.77 17.36 -29.00
CA TYR C 181 -19.74 16.54 -29.60
C TYR C 181 -20.22 15.09 -29.57
N GLY C 182 -20.82 14.68 -28.46
CA GLY C 182 -21.30 13.32 -28.35
C GLY C 182 -22.39 13.03 -29.38
N ARG C 183 -23.29 13.99 -29.62
CA ARG C 183 -24.31 13.75 -30.64
C ARG C 183 -23.68 13.51 -32.00
N ALA C 184 -22.68 14.32 -32.37
CA ALA C 184 -22.01 14.16 -33.65
C ALA C 184 -21.36 12.80 -33.76
N VAL C 185 -20.76 12.33 -32.67
CA VAL C 185 -20.12 11.03 -32.67
C VAL C 185 -21.16 9.98 -32.90
N TYR C 186 -22.26 10.05 -32.17
CA TYR C 186 -23.31 9.08 -32.32
C TYR C 186 -23.78 8.98 -33.72
N GLU C 187 -24.13 10.11 -34.34
CA GLU C 187 -24.65 10.04 -35.69
C GLU C 187 -23.66 9.41 -36.66
N CYS C 188 -22.39 9.78 -36.58
CA CYS C 188 -21.41 9.23 -37.51
C CYS C 188 -21.21 7.73 -37.36
N LEU C 189 -21.15 7.26 -36.12
CA LEU C 189 -20.94 5.84 -35.92
C LEU C 189 -22.21 5.09 -36.28
N ARG C 190 -23.35 5.65 -35.89
CA ARG C 190 -24.64 5.03 -36.11
C ARG C 190 -24.89 4.85 -37.60
N GLY C 191 -24.41 5.81 -38.38
CA GLY C 191 -24.57 5.83 -39.82
C GLY C 191 -23.67 4.86 -40.59
N GLY C 192 -22.73 4.17 -39.94
CA GLY C 192 -21.91 3.22 -40.68
C GLY C 192 -20.37 3.30 -40.61
N LEU C 193 -19.78 4.28 -39.94
CA LEU C 193 -18.32 4.29 -39.86
C LEU C 193 -17.88 3.39 -38.74
N ASP C 194 -16.65 2.89 -38.78
CA ASP C 194 -16.16 2.02 -37.73
C ASP C 194 -15.55 2.88 -36.62
N PHE C 195 -14.91 3.96 -37.01
CA PHE C 195 -14.28 4.82 -36.03
C PHE C 195 -14.53 6.29 -36.24
N THR C 196 -14.58 7.01 -35.14
CA THR C 196 -14.65 8.46 -35.18
C THR C 196 -13.43 9.00 -34.42
N LYS C 197 -12.78 10.01 -34.96
CA LYS C 197 -11.57 10.53 -34.33
C LYS C 197 -11.68 11.92 -33.71
N ASP C 198 -11.05 12.10 -32.53
CA ASP C 198 -10.91 13.42 -31.92
C ASP C 198 -9.98 14.29 -32.72
N ASP C 199 -10.24 15.58 -32.79
CA ASP C 199 -9.27 16.44 -33.46
C ASP C 199 -7.96 16.29 -32.71
N GLU C 200 -6.84 16.19 -33.41
CA GLU C 200 -5.57 16.00 -32.75
C GLU C 200 -5.14 17.14 -31.83
N ASN C 201 -5.74 18.33 -31.98
CA ASN C 201 -5.34 19.44 -31.15
C ASN C 201 -6.22 19.65 -29.93
N ILE C 202 -7.16 18.76 -29.68
CA ILE C 202 -8.01 18.97 -28.52
C ILE C 202 -7.73 17.98 -27.43
N ASN C 203 -7.08 18.44 -26.37
CA ASN C 203 -6.77 17.54 -25.28
C ASN C 203 -7.74 17.86 -24.16
N SER C 204 -7.61 19.08 -23.67
CA SER C 204 -8.41 19.65 -22.61
C SER C 204 -8.23 21.15 -22.69
N GLN C 205 -9.31 21.87 -22.87
CA GLN C 205 -9.25 23.31 -23.00
C GLN C 205 -10.39 23.91 -22.22
N PRO C 206 -10.33 25.17 -21.82
CA PRO C 206 -11.42 25.82 -21.12
C PRO C 206 -12.79 25.60 -21.75
N PHE C 207 -12.88 25.51 -23.08
CA PHE C 207 -14.16 25.30 -23.72
C PHE C 207 -14.70 23.86 -23.65
N GLN C 208 -13.84 22.91 -23.32
CA GLN C 208 -14.23 21.52 -23.24
C GLN C 208 -13.20 20.75 -22.43
N ARG C 209 -13.64 20.07 -21.38
CA ARG C 209 -12.68 19.33 -20.57
C ARG C 209 -12.82 17.86 -20.89
N TRP C 210 -11.68 17.20 -20.99
CA TRP C 210 -11.64 15.81 -21.37
C TRP C 210 -12.53 14.89 -20.61
N ARG C 211 -12.72 15.09 -19.32
CA ARG C 211 -13.53 14.10 -18.67
C ARG C 211 -14.93 14.06 -19.23
N ASP C 212 -15.46 15.21 -19.64
CA ASP C 212 -16.81 15.25 -20.15
C ASP C 212 -16.82 14.71 -21.54
N ARG C 213 -15.80 15.03 -22.32
CA ARG C 213 -15.78 14.49 -23.66
C ARG C 213 -15.80 12.98 -23.57
N PHE C 214 -15.00 12.42 -22.69
CA PHE C 214 -14.94 10.98 -22.59
C PHE C 214 -16.29 10.41 -22.23
N LEU C 215 -17.01 11.00 -21.28
CA LEU C 215 -18.31 10.46 -20.94
C LEU C 215 -19.33 10.51 -22.05
N PHE C 216 -19.39 11.62 -22.76
CA PHE C 216 -20.40 11.75 -23.79
C PHE C 216 -20.08 10.93 -25.01
N VAL C 217 -18.81 10.82 -25.34
CA VAL C 217 -18.41 10.01 -26.46
C VAL C 217 -18.71 8.58 -26.14
N ALA C 218 -18.36 8.14 -24.96
CA ALA C 218 -18.63 6.77 -24.60
C ALA C 218 -20.09 6.46 -24.69
N ASP C 219 -20.95 7.38 -24.26
CA ASP C 219 -22.35 7.12 -24.37
C ASP C 219 -22.74 6.95 -25.83
N ALA C 220 -22.24 7.84 -26.69
CA ALA C 220 -22.55 7.74 -28.11
C ALA C 220 -22.17 6.39 -28.68
N ILE C 221 -21.01 5.91 -28.27
CA ILE C 221 -20.57 4.62 -28.75
C ILE C 221 -21.50 3.55 -28.28
N HIS C 222 -21.82 3.54 -27.00
CA HIS C 222 -22.64 2.48 -26.51
C HIS C 222 -23.99 2.46 -27.18
N LYS C 223 -24.60 3.62 -27.43
CA LYS C 223 -25.88 3.61 -28.11
C LYS C 223 -25.74 3.04 -29.52
N SER C 224 -24.73 3.47 -30.26
CA SER C 224 -24.56 3.00 -31.63
C SER C 224 -24.29 1.52 -31.69
N GLN C 225 -23.50 1.00 -30.76
CA GLN C 225 -23.23 -0.42 -30.80
C GLN C 225 -24.52 -1.17 -30.53
N ALA C 226 -25.28 -0.72 -29.54
CA ALA C 226 -26.50 -1.42 -29.23
C ALA C 226 -27.49 -1.44 -30.38
N GLU C 227 -27.58 -0.32 -31.11
CA GLU C 227 -28.51 -0.20 -32.20
C GLU C 227 -28.09 -0.87 -33.50
N THR C 228 -26.79 -1.03 -33.72
CA THR C 228 -26.35 -1.61 -34.98
C THR C 228 -25.84 -3.04 -34.87
N GLY C 229 -25.45 -3.46 -33.68
CA GLY C 229 -24.94 -4.81 -33.47
C GLY C 229 -23.45 -4.96 -33.81
N GLU C 230 -22.81 -3.88 -34.22
CA GLU C 230 -21.42 -3.93 -34.60
C GLU C 230 -20.54 -3.35 -33.51
N ILE C 231 -19.25 -3.45 -33.70
CA ILE C 231 -18.31 -2.87 -32.77
C ILE C 231 -17.83 -1.55 -33.31
N LYS C 232 -18.01 -0.53 -32.52
CA LYS C 232 -17.68 0.83 -32.90
C LYS C 232 -16.81 1.45 -31.87
N GLY C 233 -15.99 2.40 -32.27
CA GLY C 233 -15.22 3.09 -31.26
C GLY C 233 -14.84 4.50 -31.63
N HIS C 234 -14.03 5.09 -30.80
CA HIS C 234 -13.66 6.46 -31.00
C HIS C 234 -12.27 6.63 -30.50
N TYR C 235 -11.49 7.32 -31.27
CA TYR C 235 -10.12 7.50 -30.94
C TYR C 235 -9.95 8.62 -29.96
N LEU C 236 -10.20 8.32 -28.70
CA LEU C 236 -10.08 9.34 -27.67
C LEU C 236 -8.66 9.76 -27.52
N ASN C 237 -8.40 11.05 -27.50
CA ASN C 237 -7.04 11.55 -27.38
C ASN C 237 -6.58 11.53 -25.93
N VAL C 238 -5.56 10.74 -25.60
CA VAL C 238 -5.11 10.68 -24.22
C VAL C 238 -3.74 11.32 -24.10
N THR C 239 -3.34 12.05 -25.12
CA THR C 239 -2.06 12.75 -25.11
C THR C 239 -2.13 13.66 -23.92
N ALA C 240 -1.08 13.74 -23.12
CA ALA C 240 -1.18 14.57 -21.93
C ALA C 240 0.16 15.18 -21.58
N PRO C 241 0.19 16.29 -20.82
CA PRO C 241 1.40 16.92 -20.32
C PRO C 241 2.26 16.09 -19.40
N THR C 242 1.71 15.12 -18.69
CA THR C 242 2.54 14.31 -17.82
C THR C 242 2.16 12.87 -17.98
N CYS C 243 3.02 11.97 -17.54
CA CYS C 243 2.68 10.57 -17.60
C CYS C 243 1.54 10.22 -16.68
N GLU C 244 1.41 10.91 -15.55
CA GLU C 244 0.32 10.59 -14.66
C GLU C 244 -0.99 10.96 -15.29
N GLU C 245 -1.07 12.12 -15.93
CA GLU C 245 -2.32 12.50 -16.55
C GLU C 245 -2.64 11.58 -17.70
N MET C 246 -1.61 11.14 -18.43
CA MET C 246 -1.82 10.26 -19.53
C MET C 246 -2.47 9.00 -19.03
N MET C 247 -1.94 8.44 -17.94
CA MET C 247 -2.56 7.27 -17.39
C MET C 247 -3.95 7.56 -16.89
N LYS C 248 -4.20 8.68 -16.21
CA LYS C 248 -5.57 8.88 -15.75
C LYS C 248 -6.55 8.84 -16.89
N ARG C 249 -6.20 9.47 -18.00
CA ARG C 249 -7.09 9.51 -19.12
C ARG C 249 -7.27 8.11 -19.69
N ALA C 250 -6.18 7.38 -19.84
CA ALA C 250 -6.28 6.05 -20.37
C ALA C 250 -7.10 5.14 -19.48
N GLU C 251 -6.95 5.28 -18.16
CA GLU C 251 -7.69 4.45 -17.23
C GLU C 251 -9.16 4.75 -17.29
N PHE C 252 -9.51 6.02 -17.44
CA PHE C 252 -10.90 6.36 -17.53
C PHE C 252 -11.48 5.77 -18.79
N ALA C 253 -10.76 5.88 -19.90
CA ALA C 253 -11.26 5.30 -21.13
C ALA C 253 -11.49 3.80 -20.95
N LYS C 254 -10.60 3.13 -20.22
CA LYS C 254 -10.80 1.72 -19.95
C LYS C 254 -12.05 1.48 -19.14
N GLU C 255 -12.29 2.28 -18.10
CA GLU C 255 -13.47 2.11 -17.26
C GLU C 255 -14.75 2.23 -18.06
N LEU C 256 -14.74 3.10 -19.05
CA LEU C 256 -15.92 3.33 -19.87
C LEU C 256 -16.09 2.29 -20.97
N GLY C 257 -15.16 1.33 -21.07
CA GLY C 257 -15.22 0.28 -22.07
C GLY C 257 -14.77 0.70 -23.46
N MET C 258 -13.87 1.66 -23.58
CA MET C 258 -13.45 2.11 -24.89
C MET C 258 -12.41 1.16 -25.47
N PRO C 259 -12.63 0.60 -26.65
CA PRO C 259 -11.74 -0.34 -27.27
C PRO C 259 -10.45 0.23 -27.81
N ILE C 260 -10.40 1.54 -28.02
CA ILE C 260 -9.23 2.13 -28.62
C ILE C 260 -8.93 3.52 -28.09
N ILE C 261 -7.66 3.88 -28.00
CA ILE C 261 -7.25 5.23 -27.62
C ILE C 261 -6.22 5.79 -28.58
N MET C 262 -6.05 7.11 -28.59
CA MET C 262 -5.09 7.82 -29.42
C MET C 262 -3.98 8.56 -28.70
N HIS C 263 -2.82 8.58 -29.32
CA HIS C 263 -1.67 9.28 -28.78
C HIS C 263 -0.76 9.85 -29.87
N ASP C 264 -0.25 11.06 -29.63
CA ASP C 264 0.70 11.74 -30.53
C ASP C 264 2.16 11.43 -30.19
N PHE C 265 2.74 10.40 -30.82
CA PHE C 265 4.05 9.93 -30.42
C PHE C 265 5.21 10.88 -30.63
N LEU C 266 5.13 11.78 -31.60
CA LEU C 266 6.26 12.65 -31.84
C LEU C 266 6.25 13.84 -30.96
N THR C 267 5.09 14.35 -30.60
CA THR C 267 5.07 15.50 -29.77
C THR C 267 5.30 15.05 -28.34
N ALA C 268 4.57 14.03 -27.92
CA ALA C 268 4.66 13.54 -26.56
C ALA C 268 6.01 12.91 -26.23
N GLY C 269 6.61 12.15 -27.17
CA GLY C 269 7.89 11.51 -26.90
C GLY C 269 7.86 10.01 -26.92
N PHE C 270 9.01 9.39 -27.16
CA PHE C 270 9.03 7.95 -27.17
C PHE C 270 8.93 7.33 -25.79
N THR C 271 9.38 8.02 -24.74
CA THR C 271 9.27 7.40 -23.44
C THR C 271 7.80 7.25 -23.10
N ALA C 272 7.04 8.31 -23.33
CA ALA C 272 5.63 8.28 -23.05
C ALA C 272 4.91 7.29 -23.96
N ASN C 273 5.27 7.23 -25.24
CA ASN C 273 4.59 6.32 -26.12
C ASN C 273 4.77 4.89 -25.73
N THR C 274 6.00 4.53 -25.37
CA THR C 274 6.32 3.17 -25.02
C THR C 274 5.55 2.78 -23.77
N THR C 275 5.49 3.69 -22.81
CA THR C 275 4.78 3.48 -21.57
C THR C 275 3.33 3.18 -21.83
N LEU C 276 2.71 3.98 -22.69
CA LEU C 276 1.32 3.76 -22.99
C LEU C 276 1.13 2.44 -23.69
N ALA C 277 2.03 2.08 -24.60
CA ALA C 277 1.88 0.82 -25.30
C ALA C 277 1.90 -0.36 -24.35
N LYS C 278 2.76 -0.34 -23.33
CA LYS C 278 2.76 -1.44 -22.37
C LYS C 278 1.44 -1.49 -21.63
N TRP C 279 0.93 -0.32 -21.25
CA TRP C 279 -0.33 -0.25 -20.56
C TRP C 279 -1.40 -0.86 -21.43
N CYS C 280 -1.39 -0.50 -22.70
CA CYS C 280 -2.40 -0.97 -23.62
C CYS C 280 -2.41 -2.45 -23.75
N ARG C 281 -1.24 -3.08 -23.81
CA ARG C 281 -1.28 -4.54 -23.90
C ARG C 281 -1.93 -5.11 -22.67
N ASP C 282 -1.51 -4.68 -21.48
CA ASP C 282 -2.08 -5.24 -20.26
C ASP C 282 -3.57 -5.05 -20.13
N ASN C 283 -4.06 -3.94 -20.62
CA ASN C 283 -5.46 -3.66 -20.51
C ASN C 283 -6.30 -3.91 -21.74
N GLY C 284 -5.76 -4.52 -22.77
CA GLY C 284 -6.59 -4.83 -23.93
C GLY C 284 -7.10 -3.64 -24.73
N VAL C 285 -6.38 -2.54 -24.78
CA VAL C 285 -6.88 -1.38 -25.50
C VAL C 285 -6.06 -1.10 -26.74
N LEU C 286 -6.70 -1.02 -27.89
CA LEU C 286 -5.96 -0.79 -29.12
C LEU C 286 -5.34 0.60 -29.10
N LEU C 287 -4.16 0.75 -29.67
CA LEU C 287 -3.52 2.07 -29.67
C LEU C 287 -3.32 2.69 -31.06
N HIS C 288 -3.88 3.88 -31.24
CA HIS C 288 -3.80 4.61 -32.49
C HIS C 288 -2.80 5.72 -32.44
N ILE C 289 -1.85 5.70 -33.35
CA ILE C 289 -0.84 6.71 -33.35
C ILE C 289 -0.94 7.71 -34.48
N HIS C 290 -1.04 8.95 -34.05
CA HIS C 290 -1.16 10.10 -34.91
C HIS C 290 0.25 10.54 -35.22
N ARG C 291 0.52 11.14 -36.38
CA ARG C 291 1.89 11.55 -36.65
C ARG C 291 2.13 13.06 -36.71
N ALA C 292 1.33 13.84 -36.02
CA ALA C 292 1.52 15.28 -36.03
C ALA C 292 2.95 15.65 -35.72
N MET C 293 3.40 16.72 -36.37
CA MET C 293 4.72 17.32 -36.31
C MET C 293 5.77 16.50 -37.06
N HIS C 294 5.40 15.44 -37.77
CA HIS C 294 6.41 14.72 -38.52
C HIS C 294 7.06 15.56 -39.60
N ALA C 295 6.31 16.49 -40.17
CA ALA C 295 6.81 17.35 -41.23
C ALA C 295 7.99 18.17 -40.79
N VAL C 296 8.06 18.46 -39.50
CA VAL C 296 9.12 19.26 -38.95
C VAL C 296 10.45 18.61 -39.21
N ILE C 297 10.51 17.28 -39.13
CA ILE C 297 11.78 16.61 -39.31
C ILE C 297 11.91 15.73 -40.55
N ASP C 298 10.84 15.50 -41.34
CA ASP C 298 11.05 14.66 -42.51
C ASP C 298 10.63 15.25 -43.86
N ARG C 299 10.07 16.47 -43.90
CA ARG C 299 9.60 17.00 -45.17
C ARG C 299 10.64 17.31 -46.22
N GLN C 300 11.74 17.92 -45.81
CA GLN C 300 12.72 18.31 -46.80
C GLN C 300 13.47 17.08 -47.18
N ARG C 301 13.90 16.98 -48.43
CA ARG C 301 14.58 15.77 -48.85
C ARG C 301 16.07 15.77 -48.68
N ASN C 302 16.64 16.81 -48.13
CA ASN C 302 18.07 16.83 -47.97
C ASN C 302 18.53 17.01 -46.56
N HIS C 303 17.64 16.85 -45.59
CA HIS C 303 18.01 16.99 -44.20
C HIS C 303 16.99 16.33 -43.28
N GLY C 304 17.47 15.71 -42.21
CA GLY C 304 16.55 15.16 -41.20
C GLY C 304 16.33 13.65 -41.29
N ILE C 305 15.17 13.19 -40.85
CA ILE C 305 14.92 11.75 -40.74
C ILE C 305 13.75 11.30 -41.58
N HIS C 306 13.97 10.38 -42.50
CA HIS C 306 12.89 9.91 -43.34
C HIS C 306 11.81 9.24 -42.50
N PHE C 307 10.56 9.48 -42.84
CA PHE C 307 9.44 8.90 -42.13
C PHE C 307 9.57 7.40 -41.96
N ARG C 308 10.09 6.68 -42.95
CA ARG C 308 10.15 5.23 -42.81
C ARG C 308 10.95 4.78 -41.61
N VAL C 309 11.88 5.61 -41.15
CA VAL C 309 12.70 5.28 -40.02
C VAL C 309 11.85 5.42 -38.82
N LEU C 310 11.10 6.51 -38.77
CA LEU C 310 10.23 6.73 -37.64
C LEU C 310 9.19 5.62 -37.59
N ALA C 311 8.71 5.18 -38.76
CA ALA C 311 7.72 4.12 -38.81
C ALA C 311 8.26 2.84 -38.22
N LYS C 312 9.50 2.48 -38.54
CA LYS C 312 10.09 1.29 -37.93
C LYS C 312 10.24 1.46 -36.45
N CYS C 313 10.68 2.64 -36.02
CA CYS C 313 10.91 2.88 -34.62
C CYS C 313 9.61 2.73 -33.88
N LEU C 314 8.54 3.23 -34.46
CA LEU C 314 7.27 3.09 -33.82
C LEU C 314 6.84 1.65 -33.75
N ARG C 315 6.98 0.88 -34.83
CA ARG C 315 6.54 -0.51 -34.76
C ARG C 315 7.20 -1.19 -33.59
N LEU C 316 8.48 -0.94 -33.35
CA LEU C 316 9.14 -1.52 -32.19
C LEU C 316 8.60 -0.99 -30.84
N SER C 317 8.38 0.33 -30.73
CA SER C 317 7.87 0.92 -29.49
C SER C 317 6.47 0.48 -29.12
N GLY C 318 5.55 0.56 -30.06
CA GLY C 318 4.17 0.20 -29.86
C GLY C 318 3.22 0.89 -30.82
N GLY C 319 1.94 0.63 -30.68
CA GLY C 319 0.94 1.20 -31.57
C GLY C 319 0.41 0.16 -32.53
N ASP C 320 -0.90 0.12 -32.68
CA ASP C 320 -1.57 -0.80 -33.57
C ASP C 320 -1.88 -0.17 -34.92
N HIS C 321 -2.15 1.14 -34.91
CA HIS C 321 -2.45 1.90 -36.14
C HIS C 321 -1.44 3.01 -36.29
N LEU C 322 -1.01 3.32 -37.52
CA LEU C 322 -0.16 4.48 -37.75
C LEU C 322 -0.52 5.25 -38.99
N HIS C 323 -0.69 6.54 -38.85
CA HIS C 323 -0.99 7.31 -40.05
C HIS C 323 0.15 7.25 -41.04
N SER C 324 -0.20 6.97 -42.27
CA SER C 324 0.74 6.94 -43.38
C SER C 324 0.48 8.10 -44.30
N GLY C 325 -0.75 8.56 -44.31
CA GLY C 325 -1.17 9.63 -45.20
C GLY C 325 -1.61 9.04 -46.52
N THR C 326 -2.06 9.88 -47.44
CA THR C 326 -2.53 9.37 -48.70
C THR C 326 -1.53 9.51 -49.80
N VAL C 327 -1.94 9.03 -50.97
CA VAL C 327 -1.16 9.05 -52.18
C VAL C 327 -2.04 9.54 -53.28
N VAL C 328 -3.30 9.72 -52.91
CA VAL C 328 -4.34 10.17 -53.83
C VAL C 328 -5.20 11.26 -53.20
N ASP C 334 4.97 10.67 -54.18
CA ASP C 334 5.93 9.58 -54.29
C ASP C 334 5.33 8.29 -53.78
N LYS C 335 4.49 7.68 -54.61
CA LYS C 335 3.86 6.45 -54.18
C LYS C 335 4.85 5.33 -53.96
N ALA C 336 6.00 5.35 -54.66
CA ALA C 336 6.93 4.26 -54.47
C ALA C 336 7.48 4.25 -53.07
N SER C 337 7.94 5.41 -52.60
CA SER C 337 8.50 5.49 -51.27
C SER C 337 7.45 5.22 -50.21
N THR C 338 6.22 5.69 -50.46
CA THR C 338 5.17 5.46 -49.48
C THR C 338 4.89 3.99 -49.35
N LEU C 339 4.73 3.31 -50.48
CA LEU C 339 4.42 1.90 -50.40
C LEU C 339 5.55 1.15 -49.77
N GLY C 340 6.77 1.59 -49.99
CA GLY C 340 7.91 0.96 -49.40
C GLY C 340 7.71 0.89 -47.89
N PHE C 341 7.48 2.04 -47.22
CA PHE C 341 7.33 1.90 -45.79
C PHE C 341 6.04 1.21 -45.37
N VAL C 342 5.01 1.26 -46.17
CA VAL C 342 3.83 0.55 -45.77
C VAL C 342 4.16 -0.93 -45.65
N ASP C 343 4.89 -1.50 -46.61
CA ASP C 343 5.27 -2.90 -46.44
C ASP C 343 6.18 -3.10 -45.24
N LEU C 344 7.10 -2.17 -45.00
CA LEU C 344 8.03 -2.34 -43.90
C LEU C 344 7.32 -2.44 -42.58
N MET C 345 6.20 -1.75 -42.42
CA MET C 345 5.48 -1.83 -41.16
C MET C 345 4.37 -2.89 -41.13
N ARG C 346 4.18 -3.68 -42.19
CA ARG C 346 3.13 -4.69 -42.15
C ARG C 346 3.62 -6.11 -42.33
N GLU C 347 4.62 -6.29 -43.18
CA GLU C 347 5.13 -7.59 -43.56
C GLU C 347 6.14 -8.17 -42.58
N ASP C 348 6.30 -9.49 -42.64
CA ASP C 348 7.30 -10.18 -41.84
C ASP C 348 8.71 -10.04 -42.41
N HIS C 349 8.83 -10.09 -43.73
CA HIS C 349 10.14 -10.03 -44.33
C HIS C 349 10.16 -9.25 -45.62
N ILE C 350 10.95 -8.20 -45.61
CA ILE C 350 11.02 -7.30 -46.75
C ILE C 350 12.39 -7.30 -47.37
N GLU C 351 12.47 -7.67 -48.63
CA GLU C 351 13.75 -7.69 -49.32
C GLU C 351 14.16 -6.30 -49.71
N ALA C 352 15.45 -6.00 -49.64
CA ALA C 352 15.91 -4.68 -50.04
C ALA C 352 15.53 -4.42 -51.47
N ASP C 353 15.13 -3.18 -51.74
CA ASP C 353 14.74 -2.72 -53.06
C ASP C 353 14.84 -1.22 -53.10
N ARG C 354 15.91 -0.74 -53.67
CA ARG C 354 16.19 0.67 -53.66
C ARG C 354 15.18 1.49 -54.42
N SER C 355 14.43 0.88 -55.33
CA SER C 355 13.46 1.64 -56.12
C SER C 355 12.23 1.99 -55.32
N ARG C 356 12.11 1.40 -54.14
CA ARG C 356 10.98 1.63 -53.29
C ARG C 356 11.45 2.31 -52.02
N GLY C 357 12.72 2.69 -52.01
CA GLY C 357 13.29 3.31 -50.84
C GLY C 357 13.67 2.34 -49.73
N VAL C 358 13.83 1.05 -50.00
CA VAL C 358 14.17 0.13 -48.94
C VAL C 358 15.63 -0.22 -49.12
N PHE C 359 16.47 0.15 -48.17
CA PHE C 359 17.89 -0.05 -48.36
C PHE C 359 18.39 -1.36 -47.84
N PHE C 360 17.73 -1.88 -46.84
CA PHE C 360 18.20 -3.08 -46.24
C PHE C 360 17.12 -4.12 -46.18
N THR C 361 17.51 -5.38 -46.20
CA THR C 361 16.54 -6.42 -46.00
C THR C 361 16.21 -6.46 -44.53
N GLN C 362 14.92 -6.40 -44.22
CA GLN C 362 14.48 -6.39 -42.83
C GLN C 362 13.62 -7.56 -42.46
N ASP C 363 14.14 -8.35 -41.53
CA ASP C 363 13.48 -9.52 -41.00
C ASP C 363 12.82 -9.12 -39.69
N TRP C 364 11.50 -9.12 -39.61
CA TRP C 364 10.84 -8.68 -38.40
C TRP C 364 10.66 -9.76 -37.35
N ALA C 365 11.12 -10.95 -37.63
CA ALA C 365 11.07 -12.05 -36.68
C ALA C 365 9.73 -12.27 -36.03
N SER C 366 8.66 -12.34 -36.81
CA SER C 366 7.31 -12.61 -36.34
C SER C 366 6.70 -11.58 -35.40
N MET C 367 7.24 -10.38 -35.36
CA MET C 367 6.61 -9.32 -34.61
C MET C 367 5.40 -8.88 -35.43
N PRO C 368 4.23 -8.64 -34.84
CA PRO C 368 3.04 -8.20 -35.52
C PRO C 368 3.23 -6.87 -36.22
N GLY C 369 2.48 -6.67 -37.31
CA GLY C 369 2.52 -5.43 -38.06
C GLY C 369 1.56 -4.39 -37.53
N VAL C 370 1.54 -3.23 -38.20
CA VAL C 370 0.76 -2.04 -37.88
C VAL C 370 -0.16 -1.61 -39.01
N LEU C 371 -1.43 -1.37 -38.74
CA LEU C 371 -2.29 -0.96 -39.84
C LEU C 371 -1.95 0.46 -40.25
N PRO C 372 -1.76 0.76 -41.53
CA PRO C 372 -1.56 2.08 -42.03
C PRO C 372 -2.86 2.79 -42.02
N VAL C 373 -2.83 4.07 -41.80
CA VAL C 373 -4.04 4.83 -41.92
C VAL C 373 -3.88 5.87 -43.01
N ALA C 374 -4.73 5.81 -44.00
CA ALA C 374 -4.68 6.76 -45.09
C ALA C 374 -5.52 7.94 -44.68
N SER C 375 -5.05 9.13 -44.96
CA SER C 375 -5.83 10.30 -44.57
C SER C 375 -5.41 11.54 -45.29
N GLY C 376 -6.34 12.47 -45.37
CA GLY C 376 -6.11 13.82 -45.85
C GLY C 376 -6.38 13.92 -47.33
N GLY C 377 -7.27 14.81 -47.73
CA GLY C 377 -7.51 14.95 -49.15
C GLY C 377 -8.26 13.78 -49.77
N ILE C 378 -9.03 13.03 -48.99
CA ILE C 378 -9.71 11.90 -49.58
C ILE C 378 -11.22 11.98 -49.39
N HIS C 379 -11.91 11.38 -50.34
CA HIS C 379 -13.38 11.33 -50.43
C HIS C 379 -13.76 10.09 -51.22
N VAL C 380 -15.05 9.86 -51.41
CA VAL C 380 -15.49 8.62 -52.09
C VAL C 380 -14.90 8.46 -53.48
N TRP C 381 -14.55 9.55 -54.15
CA TRP C 381 -13.97 9.50 -55.47
C TRP C 381 -12.67 8.73 -55.54
N HIS C 382 -11.98 8.64 -54.41
CA HIS C 382 -10.70 7.98 -54.35
C HIS C 382 -10.83 6.64 -53.72
N MET C 383 -12.06 6.21 -53.44
CA MET C 383 -12.21 4.96 -52.75
C MET C 383 -11.62 3.81 -53.56
N PRO C 384 -11.85 3.71 -54.88
CA PRO C 384 -11.29 2.65 -55.71
C PRO C 384 -9.79 2.56 -55.51
N ALA C 385 -9.12 3.69 -55.70
CA ALA C 385 -7.69 3.73 -55.58
C ALA C 385 -7.24 3.31 -54.21
N LEU C 386 -7.87 3.82 -53.18
CA LEU C 386 -7.39 3.49 -51.87
C LEU C 386 -7.51 2.01 -51.58
N VAL C 387 -8.60 1.38 -52.01
CA VAL C 387 -8.75 -0.04 -51.77
C VAL C 387 -7.68 -0.83 -52.51
N GLU C 388 -7.45 -0.51 -53.78
CA GLU C 388 -6.46 -1.26 -54.54
C GLU C 388 -5.03 -1.03 -54.05
N ILE C 389 -4.71 0.20 -53.69
CA ILE C 389 -3.38 0.56 -53.25
C ILE C 389 -3.00 -0.05 -51.93
N PHE C 390 -3.87 0.06 -50.94
CA PHE C 390 -3.55 -0.43 -49.61
C PHE C 390 -4.03 -1.84 -49.29
N GLY C 391 -4.94 -2.41 -50.06
CA GLY C 391 -5.41 -3.75 -49.75
C GLY C 391 -6.36 -3.72 -48.58
N ASP C 392 -6.52 -4.83 -47.89
CA ASP C 392 -7.51 -4.90 -46.84
C ASP C 392 -6.98 -4.46 -45.49
N ASP C 393 -5.69 -4.62 -45.27
CA ASP C 393 -5.13 -4.31 -43.97
C ASP C 393 -4.80 -2.85 -43.83
N SER C 394 -5.85 -2.04 -43.71
CA SER C 394 -5.74 -0.59 -43.62
C SER C 394 -6.97 0.08 -43.04
N VAL C 395 -6.82 1.35 -42.69
CA VAL C 395 -7.93 2.18 -42.23
C VAL C 395 -7.99 3.44 -43.08
N LEU C 396 -9.17 3.82 -43.56
CA LEU C 396 -9.28 5.03 -44.36
C LEU C 396 -10.05 6.12 -43.59
N GLN C 397 -9.37 7.23 -43.27
CA GLN C 397 -9.95 8.34 -42.52
C GLN C 397 -10.34 9.51 -43.38
N PHE C 398 -11.61 9.87 -43.33
CA PHE C 398 -12.14 10.93 -44.18
C PHE C 398 -12.46 12.21 -43.42
N GLY C 399 -12.35 13.34 -44.10
CA GLY C 399 -12.74 14.59 -43.47
C GLY C 399 -14.19 14.53 -43.04
N GLY C 404 -18.36 18.86 -46.16
CA GLY C 404 -19.23 17.87 -45.54
C GLY C 404 -20.25 17.34 -46.53
N HIS C 405 -20.89 16.23 -46.19
CA HIS C 405 -21.91 15.63 -47.03
C HIS C 405 -23.15 16.54 -47.08
N PRO C 406 -23.79 16.71 -48.24
CA PRO C 406 -25.00 17.48 -48.44
C PRO C 406 -26.13 17.21 -47.46
N TRP C 407 -26.26 15.99 -46.93
CA TRP C 407 -27.38 15.78 -46.03
C TRP C 407 -26.93 15.40 -44.61
N GLY C 408 -25.87 16.01 -44.11
CA GLY C 408 -25.46 15.73 -42.74
C GLY C 408 -24.61 14.45 -42.56
N ASN C 409 -24.33 14.14 -41.29
CA ASN C 409 -23.40 13.07 -40.97
C ASN C 409 -23.83 11.63 -41.20
N ALA C 410 -25.07 11.23 -40.92
CA ALA C 410 -25.32 9.82 -41.14
C ALA C 410 -25.22 9.50 -42.63
N PRO C 411 -25.81 10.28 -43.57
CA PRO C 411 -25.64 10.12 -44.98
C PRO C 411 -24.18 10.13 -45.38
N GLY C 412 -23.39 10.94 -44.68
CA GLY C 412 -21.95 11.00 -44.90
C GLY C 412 -21.37 9.61 -44.71
N ALA C 413 -21.59 9.08 -43.51
CA ALA C 413 -21.10 7.78 -43.14
C ALA C 413 -21.60 6.71 -44.09
N THR C 414 -22.86 6.83 -44.48
CA THR C 414 -23.44 5.86 -45.36
C THR C 414 -22.72 5.87 -46.69
N ALA C 415 -22.53 7.05 -47.25
CA ALA C 415 -21.89 7.14 -48.55
C ALA C 415 -20.51 6.51 -48.52
N ASN C 416 -19.76 6.71 -47.44
CA ASN C 416 -18.44 6.11 -47.41
C ASN C 416 -18.53 4.60 -47.27
N ARG C 417 -19.46 4.13 -46.45
CA ARG C 417 -19.60 2.70 -46.22
C ARG C 417 -20.00 2.00 -47.50
N VAL C 418 -20.90 2.60 -48.26
CA VAL C 418 -21.33 2.00 -49.50
C VAL C 418 -20.21 1.98 -50.49
N ALA C 419 -19.53 3.12 -50.65
CA ALA C 419 -18.46 3.19 -51.62
C ALA C 419 -17.39 2.16 -51.33
N LEU C 420 -17.07 1.95 -50.06
CA LEU C 420 -16.03 1.00 -49.74
C LEU C 420 -16.45 -0.40 -50.06
N GLU C 421 -17.66 -0.79 -49.65
CA GLU C 421 -18.07 -2.16 -49.89
C GLU C 421 -18.15 -2.43 -51.38
N ALA C 422 -18.62 -1.45 -52.14
CA ALA C 422 -18.70 -1.63 -53.58
C ALA C 422 -17.34 -1.86 -54.17
N CYS C 423 -16.35 -1.09 -53.70
CA CYS C 423 -15.01 -1.24 -54.24
C CYS C 423 -14.39 -2.58 -53.88
N VAL C 424 -14.58 -3.03 -52.65
CA VAL C 424 -14.01 -4.29 -52.26
C VAL C 424 -14.64 -5.44 -53.02
N GLN C 425 -15.96 -5.44 -53.14
CA GLN C 425 -16.59 -6.52 -53.86
C GLN C 425 -16.15 -6.51 -55.30
N ALA C 426 -16.00 -5.34 -55.89
CA ALA C 426 -15.55 -5.29 -57.26
C ALA C 426 -14.14 -5.87 -57.38
N ARG C 427 -13.26 -5.55 -56.43
CA ARG C 427 -11.89 -6.07 -56.49
C ARG C 427 -11.89 -7.60 -56.46
N ASN C 428 -12.75 -8.17 -55.65
CA ASN C 428 -12.86 -9.60 -55.48
C ASN C 428 -13.35 -10.32 -56.74
N GLU C 429 -13.93 -9.58 -57.70
CA GLU C 429 -14.45 -10.12 -58.92
C GLU C 429 -13.47 -9.88 -60.05
N GLY C 430 -12.32 -9.32 -59.72
CA GLY C 430 -11.31 -9.02 -60.71
C GLY C 430 -11.54 -7.72 -61.48
N ARG C 431 -12.34 -6.80 -60.96
CA ARG C 431 -12.55 -5.56 -61.70
C ARG C 431 -11.36 -4.64 -61.49
N ASP C 432 -10.97 -3.92 -62.53
CA ASP C 432 -9.81 -3.09 -62.35
C ASP C 432 -10.17 -1.75 -61.75
N LEU C 433 -10.01 -1.64 -60.44
CA LEU C 433 -10.38 -0.43 -59.72
C LEU C 433 -9.67 0.83 -60.21
N TYR C 434 -8.52 0.72 -60.90
CA TYR C 434 -7.84 1.93 -61.34
C TYR C 434 -8.49 2.53 -62.59
N ARG C 435 -9.36 1.77 -63.25
CA ARG C 435 -10.00 2.24 -64.46
C ARG C 435 -11.51 2.18 -64.37
N GLU C 436 -12.02 1.10 -63.77
CA GLU C 436 -13.45 0.87 -63.67
C GLU C 436 -14.02 1.55 -62.45
N GLY C 437 -13.16 2.14 -61.64
CA GLY C 437 -13.56 2.76 -60.39
C GLY C 437 -14.67 3.77 -60.60
N GLY C 438 -14.65 4.49 -61.71
CA GLY C 438 -15.68 5.46 -61.99
C GLY C 438 -17.05 4.80 -62.12
N ASP C 439 -17.09 3.60 -62.70
CA ASP C 439 -18.35 2.93 -62.94
C ASP C 439 -18.77 2.19 -61.72
N ILE C 440 -17.83 1.72 -60.95
CA ILE C 440 -18.15 1.00 -59.75
C ILE C 440 -18.88 1.95 -58.82
N LEU C 441 -18.34 3.17 -58.65
CA LEU C 441 -19.01 4.15 -57.83
C LEU C 441 -20.35 4.58 -58.42
N ARG C 442 -20.42 4.83 -59.74
CA ARG C 442 -21.69 5.24 -60.35
C ARG C 442 -22.76 4.17 -60.21
N GLU C 443 -22.40 2.90 -60.39
CA GLU C 443 -23.37 1.84 -60.24
C GLU C 443 -23.84 1.77 -58.80
N ALA C 444 -22.92 1.89 -57.85
CA ALA C 444 -23.30 1.82 -56.45
C ALA C 444 -24.32 2.93 -56.13
N GLY C 445 -24.12 4.08 -56.75
CA GLY C 445 -24.95 5.26 -56.62
C GLY C 445 -26.39 5.05 -57.08
N LYS C 446 -26.66 3.96 -57.80
CA LYS C 446 -28.00 3.69 -58.24
C LYS C 446 -28.83 3.04 -57.14
N TRP C 447 -28.17 2.46 -56.14
CA TRP C 447 -28.94 1.83 -55.09
C TRP C 447 -28.90 2.66 -53.81
N SER C 448 -27.90 3.54 -53.71
CA SER C 448 -27.75 4.36 -52.52
C SER C 448 -27.82 5.87 -52.76
N PRO C 449 -28.96 6.52 -52.42
CA PRO C 449 -29.19 7.96 -52.52
C PRO C 449 -28.12 8.79 -51.82
N GLU C 450 -27.57 8.24 -50.73
CA GLU C 450 -26.53 8.92 -49.97
C GLU C 450 -25.27 8.96 -50.77
N LEU C 451 -24.89 7.82 -51.35
CA LEU C 451 -23.70 7.83 -52.15
C LEU C 451 -23.93 8.69 -53.35
N ALA C 452 -25.11 8.61 -53.96
CA ALA C 452 -25.35 9.41 -55.12
C ALA C 452 -25.19 10.88 -54.80
N ALA C 453 -25.70 11.32 -53.65
CA ALA C 453 -25.57 12.71 -53.26
C ALA C 453 -24.11 13.12 -53.17
N ALA C 454 -23.26 12.19 -52.72
CA ALA C 454 -21.84 12.47 -52.64
C ALA C 454 -21.24 12.56 -54.04
N LEU C 455 -21.59 11.62 -54.90
CA LEU C 455 -21.03 11.54 -56.26
C LEU C 455 -21.50 12.69 -57.12
N ASP C 456 -22.63 13.28 -56.78
CA ASP C 456 -23.13 14.44 -57.47
C ASP C 456 -22.12 15.59 -57.43
N LEU C 457 -21.21 15.58 -56.47
CA LEU C 457 -20.22 16.63 -56.34
C LEU C 457 -18.83 16.06 -56.54
N LYS D 17 -9.46 33.09 -47.01
CA LYS D 17 -8.09 33.56 -46.84
C LYS D 17 -8.12 34.92 -46.19
N LEU D 18 -9.14 35.67 -46.55
CA LEU D 18 -9.30 37.04 -46.07
C LEU D 18 -9.97 37.04 -44.71
N THR D 19 -10.31 35.85 -44.24
CA THR D 19 -10.90 35.68 -42.94
C THR D 19 -9.80 35.36 -41.94
N TYR D 20 -8.56 35.24 -42.44
CA TYR D 20 -7.39 34.97 -41.63
C TYR D 20 -6.38 36.10 -41.74
N TYR D 21 -6.14 36.63 -42.94
CA TYR D 21 -5.20 37.75 -42.97
C TYR D 21 -5.93 39.02 -42.70
N THR D 22 -5.64 39.58 -41.55
CA THR D 22 -6.28 40.77 -41.06
C THR D 22 -5.21 41.80 -40.73
N PRO D 23 -4.83 42.68 -41.65
CA PRO D 23 -3.73 43.63 -41.58
C PRO D 23 -3.91 44.71 -40.51
N ASP D 24 -5.11 44.84 -39.97
CA ASP D 24 -5.44 45.85 -38.99
C ASP D 24 -5.97 45.27 -37.66
N TYR D 25 -5.17 44.39 -37.07
CA TYR D 25 -5.48 43.77 -35.79
C TYR D 25 -4.39 44.04 -34.79
N THR D 26 -4.78 44.43 -33.60
CA THR D 26 -3.81 44.64 -32.56
C THR D 26 -3.92 43.49 -31.58
N PRO D 27 -2.85 42.74 -31.32
CA PRO D 27 -2.80 41.63 -30.41
C PRO D 27 -3.19 41.99 -29.00
N LYS D 28 -3.83 41.07 -28.33
CA LYS D 28 -4.24 41.26 -26.96
C LYS D 28 -3.16 40.75 -26.02
N ASP D 29 -3.18 41.21 -24.78
CA ASP D 29 -2.22 40.78 -23.76
C ASP D 29 -2.27 39.29 -23.49
N THR D 30 -3.40 38.66 -23.80
CA THR D 30 -3.59 37.26 -23.58
C THR D 30 -3.31 36.40 -24.80
N ASP D 31 -2.97 37.00 -25.92
CA ASP D 31 -2.74 36.21 -27.13
C ASP D 31 -1.38 35.52 -27.14
N LEU D 32 -1.33 34.35 -27.75
CA LEU D 32 -0.05 33.73 -27.97
C LEU D 32 0.36 34.16 -29.33
N LEU D 33 1.58 34.63 -29.45
CA LEU D 33 1.99 35.10 -30.77
C LEU D 33 3.05 34.23 -31.32
N ALA D 34 3.06 34.05 -32.63
CA ALA D 34 4.15 33.32 -33.22
C ALA D 34 4.64 33.98 -34.48
N ALA D 35 5.95 33.90 -34.67
CA ALA D 35 6.62 34.43 -35.83
C ALA D 35 7.18 33.33 -36.67
N PHE D 36 6.73 33.27 -37.91
CA PHE D 36 7.19 32.26 -38.85
C PHE D 36 7.91 32.89 -40.00
N ARG D 37 8.88 32.16 -40.55
CA ARG D 37 9.56 32.58 -41.75
C ARG D 37 9.20 31.59 -42.83
N PHE D 38 8.89 32.05 -44.02
CA PHE D 38 8.53 31.09 -45.03
C PHE D 38 8.90 31.51 -46.42
N SER D 39 8.90 30.53 -47.31
CA SER D 39 9.13 30.78 -48.71
C SER D 39 7.99 30.14 -49.47
N PRO D 40 7.09 30.93 -50.09
CA PRO D 40 5.91 30.50 -50.79
C PRO D 40 6.25 29.83 -52.11
N GLN D 41 5.37 28.94 -52.58
CA GLN D 41 5.57 28.35 -53.89
C GLN D 41 5.36 29.44 -54.92
N PRO D 42 6.07 29.42 -56.05
CA PRO D 42 5.89 30.38 -57.10
C PRO D 42 4.44 30.41 -57.47
N GLY D 43 3.90 31.60 -57.64
CA GLY D 43 2.50 31.75 -57.98
C GLY D 43 1.64 32.06 -56.76
N VAL D 44 2.18 31.85 -55.56
CA VAL D 44 1.43 32.10 -54.35
C VAL D 44 1.88 33.40 -53.68
N PRO D 45 1.02 34.40 -53.53
CA PRO D 45 1.29 35.66 -52.85
C PRO D 45 1.65 35.46 -51.39
N ALA D 46 2.51 36.31 -50.87
CA ALA D 46 2.90 36.27 -49.47
C ALA D 46 1.73 36.37 -48.51
N ASP D 47 0.72 37.18 -48.84
CA ASP D 47 -0.37 37.38 -47.91
C ASP D 47 -1.23 36.15 -47.85
N GLU D 48 -1.47 35.55 -48.99
CA GLU D 48 -2.26 34.34 -49.00
C GLU D 48 -1.54 33.26 -48.23
N ALA D 49 -0.21 33.18 -48.38
CA ALA D 49 0.53 32.18 -47.65
C ALA D 49 0.42 32.41 -46.14
N GLY D 50 0.53 33.67 -45.71
CA GLY D 50 0.43 33.96 -44.30
C GLY D 50 -0.93 33.57 -43.75
N ALA D 51 -1.99 33.88 -44.52
CA ALA D 51 -3.33 33.53 -44.12
C ALA D 51 -3.45 32.05 -43.96
N ALA D 52 -2.87 31.31 -44.89
CA ALA D 52 -2.92 29.87 -44.86
C ALA D 52 -2.26 29.31 -43.62
N ILE D 53 -1.15 29.89 -43.18
CA ILE D 53 -0.50 29.35 -42.01
C ILE D 53 -1.44 29.50 -40.83
N ALA D 54 -2.03 30.69 -40.69
CA ALA D 54 -2.95 30.92 -39.59
C ALA D 54 -4.11 29.95 -39.64
N ALA D 55 -4.61 29.65 -40.83
CA ALA D 55 -5.70 28.73 -40.96
C ALA D 55 -5.31 27.31 -40.60
N GLU D 56 -4.18 26.83 -41.09
CA GLU D 56 -3.75 25.44 -40.87
C GLU D 56 -3.50 25.17 -39.39
N SER D 57 -3.01 26.19 -38.70
CA SER D 57 -2.71 26.13 -37.27
C SER D 57 -3.86 26.45 -36.33
N SER D 58 -5.07 26.63 -36.83
CA SER D 58 -6.19 26.96 -35.96
C SER D 58 -7.48 26.40 -36.52
N THR D 59 -8.64 26.77 -35.95
CA THR D 59 -9.93 26.24 -36.40
C THR D 59 -9.84 25.50 -37.74
N MET D 73 -17.72 29.96 -34.02
CA MET D 73 -16.38 29.66 -33.57
C MET D 73 -15.35 30.66 -34.10
N ASP D 74 -15.71 31.93 -34.12
CA ASP D 74 -14.85 32.98 -34.66
C ASP D 74 -13.82 33.50 -33.66
N ARG D 75 -13.81 32.86 -32.51
CA ARG D 75 -12.89 33.13 -31.43
C ARG D 75 -11.91 31.99 -31.27
N TYR D 76 -11.95 31.01 -32.19
CA TYR D 76 -11.04 29.88 -32.12
C TYR D 76 -10.10 29.82 -33.32
N LYS D 77 -9.92 30.96 -33.95
CA LYS D 77 -9.07 31.02 -35.13
C LYS D 77 -7.91 31.92 -34.89
N GLY D 78 -6.80 31.60 -35.53
CA GLY D 78 -5.64 32.44 -35.44
C GLY D 78 -5.83 33.56 -36.42
N LYS D 79 -5.09 34.63 -36.24
CA LYS D 79 -5.16 35.74 -37.16
C LYS D 79 -3.78 36.14 -37.57
N CYS D 80 -3.60 36.38 -38.84
CA CYS D 80 -2.30 36.83 -39.29
C CYS D 80 -2.39 38.33 -39.34
N TYR D 81 -1.57 38.98 -38.53
CA TYR D 81 -1.69 40.42 -38.42
C TYR D 81 -0.58 41.18 -39.07
N HIS D 82 0.50 40.52 -39.41
CA HIS D 82 1.56 41.27 -40.05
C HIS D 82 2.43 40.41 -40.92
N ILE D 83 2.69 40.89 -42.13
CA ILE D 83 3.56 40.22 -43.07
C ILE D 83 4.57 41.19 -43.63
N GLU D 84 5.82 40.79 -43.63
CA GLU D 84 6.88 41.63 -44.15
C GLU D 84 7.92 40.74 -44.79
N PRO D 85 8.66 41.20 -45.81
CA PRO D 85 9.73 40.49 -46.44
C PRO D 85 10.94 40.38 -45.55
N VAL D 86 11.72 39.35 -45.78
CA VAL D 86 12.99 39.19 -45.12
C VAL D 86 13.98 40.05 -45.85
N GLN D 87 14.58 40.99 -45.17
CA GLN D 87 15.48 41.88 -45.86
C GLN D 87 16.60 41.09 -46.49
N GLY D 88 16.90 41.42 -47.74
CA GLY D 88 18.01 40.78 -48.44
C GLY D 88 17.69 39.44 -49.09
N GLU D 89 16.45 38.95 -48.98
CA GLU D 89 16.14 37.65 -49.58
C GLU D 89 14.88 37.67 -50.43
N GLU D 90 14.92 37.01 -51.57
CA GLU D 90 13.67 36.96 -52.30
C GLU D 90 12.93 35.73 -51.88
N ASN D 91 11.65 35.73 -52.18
CA ASN D 91 10.77 34.62 -51.83
C ASN D 91 11.01 34.20 -50.41
N SER D 92 11.13 35.17 -49.53
CA SER D 92 11.36 34.90 -48.14
C SER D 92 10.68 35.98 -47.35
N TYR D 93 9.71 35.57 -46.54
CA TYR D 93 8.86 36.46 -45.76
C TYR D 93 8.68 36.03 -44.34
N PHE D 94 8.32 36.99 -43.49
CA PHE D 94 7.92 36.69 -42.14
C PHE D 94 6.44 36.89 -42.01
N ALA D 95 5.82 36.12 -41.13
CA ALA D 95 4.41 36.31 -40.83
C ALA D 95 4.19 36.18 -39.35
N PHE D 96 3.39 37.10 -38.84
CA PHE D 96 3.08 37.17 -37.45
C PHE D 96 1.63 36.81 -37.20
N ILE D 97 1.45 35.75 -36.43
CA ILE D 97 0.15 35.19 -36.16
C ILE D 97 -0.23 35.12 -34.69
N ALA D 98 -1.41 35.63 -34.38
CA ALA D 98 -1.92 35.60 -33.01
C ALA D 98 -2.85 34.41 -32.82
N TYR D 99 -2.81 33.80 -31.63
CA TYR D 99 -3.69 32.71 -31.29
C TYR D 99 -4.36 32.95 -29.93
N PRO D 100 -5.69 32.89 -29.81
CA PRO D 100 -6.42 33.08 -28.58
C PRO D 100 -5.97 32.15 -27.47
N LEU D 101 -5.91 32.67 -26.25
CA LEU D 101 -5.49 31.92 -25.06
C LEU D 101 -6.24 30.62 -24.87
N ASP D 102 -7.53 30.63 -25.17
CA ASP D 102 -8.44 29.51 -24.97
C ASP D 102 -8.06 28.26 -25.72
N LEU D 103 -7.21 28.36 -26.72
CA LEU D 103 -6.84 27.20 -27.48
C LEU D 103 -5.76 26.38 -26.83
N PHE D 104 -5.20 26.83 -25.71
CA PHE D 104 -4.08 26.09 -25.15
C PHE D 104 -4.34 25.49 -23.79
N GLU D 105 -4.14 24.18 -23.66
CA GLU D 105 -4.31 23.47 -22.40
C GLU D 105 -3.39 24.04 -21.35
N GLU D 106 -3.92 24.35 -20.18
CA GLU D 106 -3.09 24.92 -19.15
C GLU D 106 -1.97 23.99 -18.77
N GLY D 107 -0.77 24.53 -18.66
CA GLY D 107 0.38 23.77 -18.20
C GLY D 107 0.94 22.77 -19.20
N SER D 108 0.51 22.79 -20.47
CA SER D 108 0.99 21.76 -21.37
C SER D 108 1.75 22.14 -22.61
N VAL D 109 3.06 21.84 -22.59
CA VAL D 109 3.91 22.16 -23.72
C VAL D 109 3.49 21.36 -24.92
N THR D 110 3.14 20.10 -24.71
CA THR D 110 2.76 19.25 -25.80
C THR D 110 1.51 19.75 -26.49
N ASN D 111 0.59 20.39 -25.77
CA ASN D 111 -0.60 20.88 -26.47
C ASN D 111 -0.24 22.10 -27.26
N ILE D 112 0.64 22.93 -26.72
CA ILE D 112 1.02 24.12 -27.44
C ILE D 112 1.69 23.69 -28.72
N LEU D 113 2.62 22.75 -28.65
CA LEU D 113 3.27 22.32 -29.86
C LEU D 113 2.34 21.65 -30.86
N THR D 114 1.37 20.81 -30.47
CA THR D 114 0.64 20.24 -31.59
C THR D 114 -0.13 21.34 -32.28
N SER D 115 -0.64 22.29 -31.52
CA SER D 115 -1.42 23.36 -32.10
C SER D 115 -0.60 24.24 -33.05
N ILE D 116 0.59 24.64 -32.63
CA ILE D 116 1.41 25.53 -33.44
C ILE D 116 2.19 24.84 -34.56
N VAL D 117 2.79 23.68 -34.30
CA VAL D 117 3.63 23.07 -35.31
C VAL D 117 3.16 21.70 -35.82
N GLY D 118 1.96 21.26 -35.47
CA GLY D 118 1.47 19.96 -35.90
C GLY D 118 1.43 19.72 -37.41
N ASN D 119 0.81 20.62 -38.16
CA ASN D 119 0.69 20.39 -39.59
C ASN D 119 1.09 21.52 -40.52
N VAL D 120 1.50 22.67 -40.02
CA VAL D 120 1.78 23.76 -40.93
C VAL D 120 2.98 23.49 -41.83
N PHE D 121 3.91 22.70 -41.35
CA PHE D 121 5.13 22.39 -42.05
C PHE D 121 4.90 21.50 -43.24
N GLY D 122 3.75 20.85 -43.31
CA GLY D 122 3.45 19.98 -44.41
C GLY D 122 2.57 20.67 -45.44
N PHE D 123 2.29 21.96 -45.25
CA PHE D 123 1.38 22.66 -46.14
C PHE D 123 1.94 22.94 -47.53
N LYS D 124 1.17 22.50 -48.52
CA LYS D 124 1.50 22.55 -49.95
C LYS D 124 1.79 23.87 -50.63
N ALA D 125 1.28 24.99 -50.15
CA ALA D 125 1.54 26.24 -50.88
C ALA D 125 2.85 26.90 -50.49
N ILE D 126 3.54 26.29 -49.54
CA ILE D 126 4.79 26.81 -49.04
C ILE D 126 5.92 25.83 -49.32
N ARG D 127 7.06 26.31 -49.81
CA ARG D 127 8.21 25.48 -50.12
C ARG D 127 8.93 25.04 -48.87
N SER D 128 9.04 25.98 -47.95
CA SER D 128 9.71 25.75 -46.68
C SER D 128 9.11 26.65 -45.62
N LEU D 129 9.19 26.18 -44.38
CA LEU D 129 8.65 26.94 -43.26
C LEU D 129 9.47 26.77 -42.01
N ARG D 130 9.75 27.86 -41.32
CA ARG D 130 10.49 27.74 -40.08
C ARG D 130 9.83 28.58 -39.01
N LEU D 131 9.77 28.06 -37.80
CA LEU D 131 9.25 28.82 -36.68
C LEU D 131 10.37 29.53 -35.97
N GLU D 132 10.28 30.85 -35.90
CA GLU D 132 11.35 31.64 -35.32
C GLU D 132 11.10 32.03 -33.88
N ASP D 133 9.85 32.33 -33.53
CA ASP D 133 9.64 32.78 -32.15
C ASP D 133 8.20 32.67 -31.68
N ILE D 134 8.05 32.59 -30.36
CA ILE D 134 6.77 32.60 -29.67
C ILE D 134 6.69 33.54 -28.46
N ARG D 135 5.62 34.31 -28.37
CA ARG D 135 5.39 35.13 -27.19
C ARG D 135 4.38 34.42 -26.33
N PHE D 136 4.78 34.01 -25.14
CA PHE D 136 3.85 33.32 -24.29
C PHE D 136 3.23 34.38 -23.41
N PRO D 137 1.92 34.56 -23.41
CA PRO D 137 1.27 35.59 -22.64
C PRO D 137 1.43 35.23 -21.20
N VAL D 138 1.48 36.20 -20.32
CA VAL D 138 1.61 35.92 -18.89
C VAL D 138 0.55 34.97 -18.39
N ALA D 139 -0.65 35.14 -18.87
CA ALA D 139 -1.77 34.33 -18.47
C ALA D 139 -1.51 32.83 -18.67
N LEU D 140 -0.65 32.48 -19.62
CA LEU D 140 -0.35 31.10 -19.91
C LEU D 140 0.93 30.70 -19.18
N VAL D 141 1.87 31.63 -19.06
CA VAL D 141 3.15 31.35 -18.40
C VAL D 141 2.89 30.90 -16.98
N LYS D 142 1.93 31.52 -16.32
CA LYS D 142 1.62 31.20 -14.95
C LYS D 142 0.95 29.86 -14.73
N THR D 143 0.63 29.13 -15.79
CA THR D 143 0.02 27.83 -15.61
C THR D 143 1.07 26.72 -15.60
N PHE D 144 2.32 27.09 -15.81
CA PHE D 144 3.40 26.13 -15.88
C PHE D 144 4.25 26.11 -14.64
N GLN D 145 4.79 24.96 -14.32
CA GLN D 145 5.70 24.87 -13.19
C GLN D 145 6.94 25.70 -13.36
N GLY D 146 7.56 25.64 -14.53
CA GLY D 146 8.80 26.31 -14.71
C GLY D 146 9.89 25.42 -14.14
N PRO D 147 11.12 25.90 -14.08
CA PRO D 147 12.24 25.18 -13.58
C PRO D 147 11.96 24.73 -12.18
N PRO D 148 12.30 23.50 -11.79
CA PRO D 148 12.18 22.97 -10.47
C PRO D 148 12.69 23.94 -9.44
N HIS D 149 13.96 24.34 -9.57
CA HIS D 149 14.56 25.22 -8.60
C HIS D 149 14.91 26.58 -9.16
N GLY D 150 15.52 26.63 -10.33
CA GLY D 150 15.87 27.92 -10.90
C GLY D 150 17.27 28.36 -10.52
N ILE D 151 17.74 29.43 -11.15
CA ILE D 151 19.12 29.86 -10.95
C ILE D 151 19.51 30.26 -9.54
N GLN D 152 18.71 31.08 -8.87
CA GLN D 152 19.14 31.53 -7.56
C GLN D 152 19.05 30.42 -6.55
N VAL D 153 18.01 29.62 -6.63
CA VAL D 153 17.88 28.54 -5.70
C VAL D 153 18.99 27.56 -5.91
N GLU D 154 19.28 27.25 -7.17
CA GLU D 154 20.31 26.31 -7.49
C GLU D 154 21.64 26.77 -6.92
N ARG D 155 21.98 28.08 -7.01
CA ARG D 155 23.23 28.47 -6.39
C ARG D 155 23.19 28.25 -4.89
N ASP D 156 22.08 28.57 -4.24
CA ASP D 156 22.01 28.39 -2.80
C ASP D 156 22.13 26.93 -2.41
N LEU D 157 21.50 26.04 -3.16
CA LEU D 157 21.58 24.63 -2.85
C LEU D 157 22.99 24.12 -2.98
N LEU D 158 23.68 24.59 -4.00
CA LEU D 158 25.05 24.19 -4.22
C LEU D 158 26.04 24.99 -3.43
N ASN D 159 25.61 26.11 -2.87
CA ASN D 159 26.47 27.01 -2.12
C ASN D 159 27.65 27.47 -2.97
N LYS D 160 27.37 27.82 -4.21
CA LYS D 160 28.42 28.30 -5.11
C LYS D 160 28.07 29.66 -5.67
N TYR D 161 28.89 30.66 -5.34
CA TYR D 161 28.60 32.02 -5.74
C TYR D 161 29.79 32.72 -6.37
N GLY D 162 29.49 33.75 -7.15
CA GLY D 162 30.52 34.62 -7.70
C GLY D 162 31.23 34.11 -8.94
N ARG D 163 30.80 32.99 -9.47
CA ARG D 163 31.47 32.46 -10.63
C ARG D 163 30.65 31.44 -11.41
N PRO D 164 31.00 31.17 -12.68
CA PRO D 164 30.54 30.08 -13.49
C PRO D 164 30.96 28.80 -12.84
N MET D 165 30.21 27.73 -13.10
CA MET D 165 30.59 26.42 -12.60
C MET D 165 31.33 25.60 -13.65
N LEU D 166 32.18 24.68 -13.22
CA LEU D 166 32.90 23.85 -14.18
C LEU D 166 32.59 22.40 -14.17
N GLY D 167 32.69 21.81 -15.33
CA GLY D 167 32.63 20.36 -15.39
C GLY D 167 33.20 19.81 -16.67
N CYS D 168 33.06 18.50 -16.84
CA CYS D 168 33.55 17.84 -18.03
C CYS D 168 32.85 16.54 -18.27
N THR D 169 33.08 15.98 -19.44
CA THR D 169 32.53 14.66 -19.76
C THR D 169 33.62 13.61 -19.62
N ILE D 170 33.32 12.52 -18.92
CA ILE D 170 34.31 11.45 -18.75
C ILE D 170 34.60 10.65 -20.00
N LYS D 171 35.89 10.49 -20.26
CA LYS D 171 36.39 9.69 -21.35
C LYS D 171 37.21 8.56 -20.69
N PRO D 172 37.20 7.30 -21.20
CA PRO D 172 36.47 6.70 -22.30
C PRO D 172 35.00 6.88 -22.11
N LYS D 173 34.32 7.17 -23.18
CA LYS D 173 32.91 7.43 -23.12
C LYS D 173 32.10 6.16 -23.15
N LEU D 176 34.37 -0.13 -20.33
CA LEU D 176 34.77 0.51 -19.10
C LEU D 176 33.83 0.10 -17.96
N SER D 177 34.39 -0.61 -16.98
CA SER D 177 33.60 -1.11 -15.87
C SER D 177 33.13 -0.01 -14.96
N ALA D 178 32.07 -0.29 -14.19
CA ALA D 178 31.53 0.68 -13.25
C ALA D 178 32.57 1.08 -12.22
N LYS D 179 33.44 0.16 -11.82
CA LYS D 179 34.43 0.51 -10.83
C LYS D 179 35.43 1.49 -11.41
N ASN D 180 35.92 1.23 -12.61
CA ASN D 180 36.91 2.13 -13.18
C ASN D 180 36.28 3.45 -13.55
N TYR D 181 35.02 3.43 -13.95
CA TYR D 181 34.32 4.63 -14.27
C TYR D 181 34.25 5.47 -13.02
N GLY D 182 33.85 4.85 -11.92
CA GLY D 182 33.75 5.56 -10.66
C GLY D 182 35.08 6.18 -10.28
N ARG D 183 36.19 5.47 -10.51
CA ARG D 183 37.49 6.06 -10.19
C ARG D 183 37.74 7.33 -10.98
N ALA D 184 37.44 7.32 -12.28
CA ALA D 184 37.65 8.52 -13.10
C ALA D 184 36.81 9.67 -12.60
N VAL D 185 35.58 9.37 -12.20
CA VAL D 185 34.71 10.40 -11.70
C VAL D 185 35.30 10.97 -10.43
N TYR D 186 35.72 10.10 -9.52
CA TYR D 186 36.31 10.56 -8.28
C TYR D 186 37.46 11.47 -8.51
N GLU D 187 38.41 11.03 -9.32
CA GLU D 187 39.58 11.84 -9.51
C GLU D 187 39.26 13.22 -10.06
N CYS D 188 38.38 13.28 -11.06
CA CYS D 188 38.07 14.58 -11.67
C CYS D 188 37.34 15.52 -10.70
N LEU D 189 36.38 14.99 -9.94
CA LEU D 189 35.66 15.85 -9.02
C LEU D 189 36.58 16.29 -7.90
N ARG D 190 37.37 15.36 -7.39
CA ARG D 190 38.30 15.60 -6.32
C ARG D 190 39.29 16.67 -6.75
N GLY D 191 39.73 16.58 -7.99
CA GLY D 191 40.66 17.49 -8.61
C GLY D 191 40.19 18.95 -8.74
N GLY D 192 38.90 19.24 -8.56
CA GLY D 192 38.46 20.62 -8.66
C GLY D 192 37.24 20.96 -9.54
N LEU D 193 36.65 20.00 -10.26
CA LEU D 193 35.47 20.34 -11.06
C LEU D 193 34.26 20.33 -10.18
N ASP D 194 33.20 21.04 -10.56
CA ASP D 194 31.98 21.04 -9.79
C ASP D 194 31.11 19.86 -10.22
N PHE D 195 31.12 19.58 -11.51
CA PHE D 195 30.31 18.50 -12.03
C PHE D 195 31.01 17.61 -13.01
N THR D 196 30.62 16.36 -12.99
CA THR D 196 31.07 15.39 -13.97
C THR D 196 29.87 14.81 -14.72
N LYS D 197 29.97 14.66 -16.04
CA LYS D 197 28.84 14.17 -16.81
C LYS D 197 28.96 12.79 -17.44
N ASP D 198 27.85 12.02 -17.40
CA ASP D 198 27.72 10.73 -18.10
C ASP D 198 27.65 10.97 -19.59
N ASP D 199 28.20 10.08 -20.40
CA ASP D 199 27.99 10.24 -21.82
C ASP D 199 26.49 10.20 -22.08
N GLU D 200 25.97 11.10 -22.91
CA GLU D 200 24.54 11.14 -23.16
C GLU D 200 23.97 9.90 -23.81
N ASN D 201 24.81 9.05 -24.41
CA ASN D 201 24.32 7.86 -25.08
C ASN D 201 24.38 6.61 -24.24
N ILE D 202 24.77 6.71 -22.96
CA ILE D 202 24.85 5.50 -22.19
C ILE D 202 23.80 5.46 -21.12
N ASN D 203 22.79 4.64 -21.32
CA ASN D 203 21.74 4.57 -20.33
C ASN D 203 21.97 3.33 -19.49
N SER D 204 21.91 2.20 -20.17
CA SER D 204 22.07 0.87 -19.60
C SER D 204 22.46 -0.05 -20.73
N GLN D 205 23.62 -0.65 -20.65
CA GLN D 205 24.12 -1.47 -21.74
C GLN D 205 24.72 -2.76 -21.21
N PRO D 206 24.82 -3.82 -22.00
CA PRO D 206 25.43 -5.07 -21.59
C PRO D 206 26.76 -4.92 -20.89
N PHE D 207 27.59 -3.96 -21.29
CA PHE D 207 28.89 -3.80 -20.66
C PHE D 207 28.87 -2.93 -19.40
N GLN D 208 27.76 -2.28 -19.12
CA GLN D 208 27.64 -1.42 -17.96
C GLN D 208 26.17 -1.22 -17.67
N ARG D 209 25.71 -1.63 -16.50
CA ARG D 209 24.30 -1.47 -16.19
C ARG D 209 24.16 -0.33 -15.23
N TRP D 210 23.14 0.48 -15.45
CA TRP D 210 22.92 1.67 -14.69
C TRP D 210 22.94 1.47 -13.21
N ARG D 211 22.43 0.37 -12.70
CA ARG D 211 22.39 0.30 -11.27
C ARG D 211 23.80 0.35 -10.69
N ASP D 212 24.80 -0.21 -11.38
CA ASP D 212 26.12 -0.23 -10.82
C ASP D 212 26.78 1.09 -11.10
N ARG D 213 26.52 1.67 -12.24
CA ARG D 213 27.14 2.97 -12.48
C ARG D 213 26.70 3.89 -11.37
N PHE D 214 25.42 3.86 -11.02
CA PHE D 214 24.92 4.73 -10.00
C PHE D 214 25.62 4.47 -8.67
N LEU D 215 25.80 3.21 -8.27
CA LEU D 215 26.47 2.97 -7.01
C LEU D 215 27.91 3.43 -6.96
N PHE D 216 28.64 3.18 -8.03
CA PHE D 216 30.05 3.53 -8.02
C PHE D 216 30.28 5.01 -8.16
N VAL D 217 29.43 5.68 -8.92
CA VAL D 217 29.53 7.12 -9.04
C VAL D 217 29.18 7.75 -7.73
N ALA D 218 28.12 7.29 -7.09
CA ALA D 218 27.76 7.88 -5.84
C ALA D 218 28.89 7.76 -4.85
N ASP D 219 29.58 6.63 -4.82
CA ASP D 219 30.72 6.52 -3.93
C ASP D 219 31.75 7.57 -4.28
N ALA D 220 32.07 7.71 -5.56
CA ALA D 220 33.07 8.69 -5.97
C ALA D 220 32.72 10.08 -5.49
N ILE D 221 31.46 10.43 -5.59
CA ILE D 221 31.02 11.72 -5.15
C ILE D 221 31.18 11.84 -3.67
N HIS D 222 30.70 10.87 -2.94
CA HIS D 222 30.76 11.01 -1.52
C HIS D 222 32.18 11.12 -1.01
N LYS D 223 33.11 10.36 -1.57
CA LYS D 223 34.49 10.49 -1.12
C LYS D 223 35.03 11.86 -1.44
N SER D 224 34.77 12.36 -2.65
CA SER D 224 35.26 13.67 -3.04
C SER D 224 34.72 14.77 -2.16
N GLN D 225 33.43 14.72 -1.86
CA GLN D 225 32.87 15.75 -1.02
C GLN D 225 33.48 15.69 0.35
N ALA D 226 33.62 14.51 0.91
CA ALA D 226 34.16 14.39 2.24
C ALA D 226 35.58 14.94 2.32
N GLU D 227 36.36 14.69 1.29
CA GLU D 227 37.74 15.11 1.21
C GLU D 227 37.94 16.60 0.95
N THR D 228 37.18 17.15 0.02
CA THR D 228 37.39 18.55 -0.34
C THR D 228 36.55 19.55 0.43
N GLY D 229 35.46 19.11 1.04
CA GLY D 229 34.58 19.99 1.80
C GLY D 229 33.57 20.74 0.94
N GLU D 230 33.59 20.50 -0.36
CA GLU D 230 32.69 21.19 -1.27
C GLU D 230 31.54 20.29 -1.70
N ILE D 231 30.62 20.87 -2.43
CA ILE D 231 29.52 20.11 -2.97
C ILE D 231 29.79 19.75 -4.40
N LYS D 232 29.74 18.48 -4.69
CA LYS D 232 30.05 17.96 -6.00
C LYS D 232 28.94 17.10 -6.49
N GLY D 233 28.71 17.09 -7.79
CA GLY D 233 27.70 16.21 -8.30
C GLY D 233 28.11 15.49 -9.57
N HIS D 234 27.16 14.81 -10.14
CA HIS D 234 27.39 14.06 -11.34
C HIS D 234 26.08 13.97 -12.04
N TYR D 235 26.11 14.22 -13.32
CA TYR D 235 24.92 14.22 -14.08
C TYR D 235 24.52 12.84 -14.50
N LEU D 236 23.94 12.09 -13.57
CA LEU D 236 23.53 10.73 -13.88
C LEU D 236 22.44 10.74 -14.91
N ASN D 237 22.58 9.93 -15.93
CA ASN D 237 21.58 9.87 -16.97
C ASN D 237 20.39 9.02 -16.57
N VAL D 238 19.20 9.61 -16.44
CA VAL D 238 18.04 8.81 -16.04
C VAL D 238 17.09 8.64 -17.20
N THR D 239 17.55 8.92 -18.40
CA THR D 239 16.76 8.76 -19.59
C THR D 239 16.39 7.31 -19.61
N ALA D 240 15.14 6.99 -19.95
CA ALA D 240 14.75 5.59 -19.97
C ALA D 240 13.66 5.34 -21.00
N PRO D 241 13.52 4.09 -21.49
CA PRO D 241 12.48 3.67 -22.39
C PRO D 241 11.07 3.80 -21.90
N THR D 242 10.84 3.78 -20.59
CA THR D 242 9.48 3.93 -20.10
C THR D 242 9.47 4.88 -18.96
N CYS D 243 8.30 5.38 -18.63
CA CYS D 243 8.19 6.25 -17.51
C CYS D 243 8.53 5.58 -16.22
N GLU D 244 8.10 4.34 -16.04
CA GLU D 244 8.36 3.68 -14.79
C GLU D 244 9.83 3.49 -14.59
N GLU D 245 10.54 3.13 -15.65
CA GLU D 245 11.97 2.93 -15.54
C GLU D 245 12.65 4.25 -15.25
N MET D 246 12.16 5.33 -15.85
CA MET D 246 12.73 6.65 -15.62
C MET D 246 12.61 6.99 -14.16
N MET D 247 11.44 6.76 -13.58
CA MET D 247 11.29 7.02 -12.17
C MET D 247 12.19 6.13 -11.36
N LYS D 248 12.30 4.84 -11.67
CA LYS D 248 13.17 4.03 -10.84
C LYS D 248 14.58 4.55 -10.82
N ARG D 249 15.08 4.98 -11.97
CA ARG D 249 16.43 5.49 -12.02
C ARG D 249 16.52 6.76 -11.18
N ALA D 250 15.55 7.65 -11.32
CA ALA D 250 15.56 8.88 -10.56
C ALA D 250 15.46 8.64 -9.05
N GLU D 251 14.62 7.68 -8.65
CA GLU D 251 14.45 7.38 -7.24
C GLU D 251 15.71 6.83 -6.64
N PHE D 252 16.42 6.01 -7.39
CA PHE D 252 17.66 5.47 -6.88
C PHE D 252 18.67 6.58 -6.75
N ALA D 253 18.75 7.47 -7.74
CA ALA D 253 19.70 8.56 -7.60
C ALA D 253 19.39 9.34 -6.34
N LYS D 254 18.11 9.55 -6.02
CA LYS D 254 17.80 10.24 -4.78
C LYS D 254 18.22 9.45 -3.57
N GLU D 255 17.96 8.14 -3.57
CA GLU D 255 18.32 7.29 -2.44
C GLU D 255 19.79 7.40 -2.12
N LEU D 256 20.61 7.52 -3.15
CA LEU D 256 22.05 7.61 -3.00
C LEU D 256 22.54 9.01 -2.65
N GLY D 257 21.63 9.98 -2.54
CA GLY D 257 21.98 11.35 -2.20
C GLY D 257 22.52 12.19 -3.36
N MET D 258 22.13 11.89 -4.58
CA MET D 258 22.65 12.63 -5.71
C MET D 258 21.90 13.93 -5.89
N PRO D 259 22.56 15.09 -5.91
CA PRO D 259 21.94 16.37 -6.04
C PRO D 259 21.40 16.71 -7.39
N ILE D 260 21.84 16.02 -8.44
CA ILE D 260 21.40 16.38 -9.77
C ILE D 260 21.27 15.18 -10.68
N ILE D 261 20.31 15.23 -11.60
CA ILE D 261 20.15 14.18 -12.62
C ILE D 261 20.03 14.76 -14.01
N MET D 262 20.28 13.94 -15.04
CA MET D 262 20.20 14.31 -16.45
C MET D 262 19.12 13.63 -17.27
N HIS D 263 18.58 14.38 -18.22
CA HIS D 263 17.55 13.86 -19.12
C HIS D 263 17.57 14.53 -20.50
N ASP D 264 17.31 13.75 -21.56
CA ASP D 264 17.19 14.23 -22.95
C ASP D 264 15.76 14.58 -23.33
N PHE D 265 15.42 15.86 -23.24
CA PHE D 265 14.05 16.32 -23.44
C PHE D 265 13.52 16.14 -24.85
N LEU D 266 14.38 16.01 -25.85
CA LEU D 266 13.86 15.90 -27.20
C LEU D 266 13.63 14.48 -27.60
N THR D 267 14.52 13.59 -27.22
CA THR D 267 14.32 12.22 -27.65
C THR D 267 13.21 11.58 -26.82
N ALA D 268 13.34 11.73 -25.49
CA ALA D 268 12.38 11.18 -24.55
C ALA D 268 11.05 11.87 -24.69
N GLY D 269 11.11 13.17 -25.00
CA GLY D 269 9.99 14.08 -25.25
C GLY D 269 9.47 14.82 -24.05
N PHE D 270 8.54 15.73 -24.31
CA PHE D 270 8.01 16.60 -23.29
C PHE D 270 7.08 15.96 -22.27
N THR D 271 6.34 14.92 -22.61
CA THR D 271 5.50 14.35 -21.57
C THR D 271 6.41 13.80 -20.50
N ALA D 272 7.41 13.06 -20.92
CA ALA D 272 8.35 12.49 -19.97
C ALA D 272 9.16 13.56 -19.26
N ASN D 273 9.60 14.61 -19.99
CA ASN D 273 10.40 15.65 -19.36
C ASN D 273 9.64 16.35 -18.28
N THR D 274 8.39 16.70 -18.57
CA THR D 274 7.58 17.42 -17.62
C THR D 274 7.38 16.61 -16.38
N THR D 275 7.12 15.31 -16.56
CA THR D 275 6.92 14.39 -15.47
C THR D 275 8.12 14.37 -14.56
N LEU D 276 9.30 14.26 -15.16
CA LEU D 276 10.50 14.23 -14.37
C LEU D 276 10.71 15.55 -13.65
N ALA D 277 10.45 16.67 -14.31
CA ALA D 277 10.62 17.95 -13.66
C ALA D 277 9.74 18.07 -12.44
N LYS D 278 8.51 17.58 -12.52
CA LYS D 278 7.64 17.64 -11.37
C LYS D 278 8.20 16.83 -10.25
N TRP D 279 8.69 15.64 -10.58
CA TRP D 279 9.28 14.78 -9.59
C TRP D 279 10.42 15.49 -8.91
N CYS D 280 11.28 16.14 -9.70
CA CYS D 280 12.42 16.81 -9.16
C CYS D 280 12.07 17.91 -8.20
N ARG D 281 11.05 18.71 -8.53
CA ARG D 281 10.68 19.77 -7.64
C ARG D 281 10.17 19.22 -6.33
N ASP D 282 9.36 18.15 -6.40
CA ASP D 282 8.85 17.55 -5.18
C ASP D 282 9.96 16.98 -4.34
N ASN D 283 10.97 16.39 -4.98
CA ASN D 283 12.03 15.73 -4.27
C ASN D 283 13.35 16.47 -4.05
N GLY D 284 13.49 17.70 -4.52
CA GLY D 284 14.70 18.47 -4.24
C GLY D 284 15.93 18.13 -5.08
N VAL D 285 15.73 17.56 -6.24
CA VAL D 285 16.84 17.17 -7.11
C VAL D 285 16.93 18.13 -8.28
N LEU D 286 18.11 18.59 -8.63
CA LEU D 286 18.24 19.51 -9.76
C LEU D 286 18.16 18.74 -11.07
N LEU D 287 17.63 19.37 -12.11
CA LEU D 287 17.52 18.68 -13.41
C LEU D 287 18.32 19.32 -14.55
N HIS D 288 19.18 18.51 -15.15
CA HIS D 288 20.05 18.92 -16.25
C HIS D 288 19.53 18.43 -17.57
N ILE D 289 19.27 19.35 -18.47
CA ILE D 289 18.75 18.96 -19.75
C ILE D 289 19.72 19.07 -20.89
N HIS D 290 19.87 17.94 -21.54
CA HIS D 290 20.74 17.77 -22.68
C HIS D 290 19.95 18.05 -23.92
N ARG D 291 20.56 18.57 -24.98
CA ARG D 291 19.79 18.87 -26.19
C ARG D 291 20.04 17.95 -27.39
N ALA D 292 20.42 16.70 -27.15
CA ALA D 292 20.63 15.77 -28.24
C ALA D 292 19.45 15.74 -29.18
N MET D 293 19.76 15.65 -30.47
CA MET D 293 18.88 15.61 -31.62
C MET D 293 18.29 16.97 -32.01
N HIS D 294 18.69 18.06 -31.37
CA HIS D 294 18.16 19.35 -31.81
C HIS D 294 18.53 19.69 -33.23
N ALA D 295 19.67 19.22 -33.70
CA ALA D 295 20.12 19.50 -35.06
C ALA D 295 19.13 19.00 -36.10
N VAL D 296 18.46 17.90 -35.79
CA VAL D 296 17.50 17.31 -36.69
C VAL D 296 16.36 18.27 -36.97
N ILE D 297 16.00 19.05 -35.96
CA ILE D 297 14.92 19.99 -35.97
C ILE D 297 15.31 21.40 -36.44
N ASP D 298 16.48 21.92 -36.03
CA ASP D 298 16.75 23.31 -36.39
C ASP D 298 18.03 23.67 -37.16
N ARG D 299 18.86 22.73 -37.57
CA ARG D 299 20.08 23.15 -38.21
C ARG D 299 19.92 23.95 -39.50
N GLN D 300 18.94 23.60 -40.32
CA GLN D 300 18.84 24.31 -41.57
C GLN D 300 18.07 25.59 -41.36
N ARG D 301 18.67 26.69 -41.79
CA ARG D 301 18.14 28.02 -41.57
C ARG D 301 16.81 28.33 -42.22
N ASN D 302 16.34 27.50 -43.12
CA ASN D 302 15.08 27.76 -43.76
C ASN D 302 13.99 26.75 -43.52
N HIS D 303 14.12 25.87 -42.53
CA HIS D 303 13.04 24.94 -42.27
C HIS D 303 13.09 24.35 -40.87
N GLY D 304 11.94 24.17 -40.23
CA GLY D 304 11.90 23.53 -38.91
C GLY D 304 11.71 24.52 -37.77
N ILE D 305 12.22 24.19 -36.60
CA ILE D 305 11.93 25.04 -35.42
C ILE D 305 13.18 25.57 -34.80
N HIS D 306 13.33 26.88 -34.71
CA HIS D 306 14.54 27.45 -34.15
C HIS D 306 14.70 27.05 -32.69
N PHE D 307 15.92 26.78 -32.27
CA PHE D 307 16.13 26.35 -30.90
C PHE D 307 15.65 27.36 -29.87
N ARG D 308 15.58 28.66 -30.18
CA ARG D 308 15.12 29.59 -29.14
C ARG D 308 13.68 29.29 -28.74
N VAL D 309 12.92 28.65 -29.61
CA VAL D 309 11.55 28.31 -29.33
C VAL D 309 11.57 27.15 -28.42
N LEU D 310 12.38 26.17 -28.76
CA LEU D 310 12.48 25.00 -27.93
C LEU D 310 13.00 25.38 -26.55
N ALA D 311 13.93 26.33 -26.49
CA ALA D 311 14.46 26.77 -25.21
C ALA D 311 13.38 27.40 -24.35
N LYS D 312 12.50 28.22 -24.94
CA LYS D 312 11.40 28.76 -24.15
C LYS D 312 10.47 27.67 -23.68
N CYS D 313 10.19 26.71 -24.57
CA CYS D 313 9.28 25.65 -24.23
C CYS D 313 9.83 24.86 -23.07
N LEU D 314 11.13 24.63 -23.09
CA LEU D 314 11.72 23.91 -22.01
C LEU D 314 11.66 24.70 -20.73
N ARG D 315 11.94 26.01 -20.76
CA ARG D 315 11.87 26.75 -19.52
C ARG D 315 10.50 26.56 -18.89
N LEU D 316 9.43 26.57 -19.68
CA LEU D 316 8.11 26.34 -19.12
C LEU D 316 7.93 24.89 -18.58
N SER D 317 8.40 23.88 -19.33
CA SER D 317 8.27 22.48 -18.90
C SER D 317 9.04 22.12 -17.65
N GLY D 318 10.31 22.49 -17.61
CA GLY D 318 11.18 22.19 -16.50
C GLY D 318 12.65 22.23 -16.89
N GLY D 319 13.54 21.91 -15.95
CA GLY D 319 14.96 21.94 -16.18
C GLY D 319 15.61 23.12 -15.51
N ASP D 320 16.69 22.86 -14.79
CA ASP D 320 17.44 23.88 -14.08
C ASP D 320 18.64 24.28 -14.92
N HIS D 321 19.20 23.33 -15.67
CA HIS D 321 20.35 23.59 -16.53
C HIS D 321 19.99 23.25 -17.96
N LEU D 322 20.50 23.99 -18.92
CA LEU D 322 20.28 23.64 -20.34
C LEU D 322 21.44 23.88 -21.25
N HIS D 323 21.80 22.88 -22.02
CA HIS D 323 22.84 23.06 -23.01
C HIS D 323 22.42 24.01 -24.07
N SER D 324 23.22 25.03 -24.28
CA SER D 324 22.95 26.03 -25.28
C SER D 324 24.08 26.00 -26.29
N GLY D 325 25.22 25.51 -25.83
CA GLY D 325 26.41 25.41 -26.67
C GLY D 325 27.19 26.69 -26.71
N THR D 326 28.46 26.60 -27.09
CA THR D 326 29.27 27.79 -27.16
C THR D 326 29.35 28.42 -28.52
N VAL D 327 30.07 29.53 -28.55
CA VAL D 327 30.34 30.26 -29.77
C VAL D 327 31.85 30.42 -29.99
N VAL D 328 32.65 29.85 -29.09
CA VAL D 328 34.10 29.90 -29.20
C VAL D 328 34.70 28.50 -29.20
N ASP D 334 25.97 31.60 -34.76
CA ASP D 334 25.71 33.03 -34.63
C ASP D 334 25.75 33.55 -33.22
N LYS D 335 26.63 34.52 -33.03
CA LYS D 335 26.80 35.16 -31.76
C LYS D 335 25.55 35.90 -31.35
N ALA D 336 24.92 36.62 -32.27
CA ALA D 336 23.77 37.43 -31.88
C ALA D 336 22.63 36.57 -31.41
N SER D 337 22.34 35.52 -32.16
CA SER D 337 21.28 34.61 -31.80
C SER D 337 21.56 33.96 -30.47
N THR D 338 22.83 33.58 -30.22
CA THR D 338 23.21 32.94 -28.97
C THR D 338 22.94 33.85 -27.81
N LEU D 339 23.32 35.11 -27.93
CA LEU D 339 23.08 36.03 -26.85
C LEU D 339 21.59 36.16 -26.61
N GLY D 340 20.81 36.13 -27.68
CA GLY D 340 19.35 36.20 -27.60
C GLY D 340 18.85 35.08 -26.68
N PHE D 341 19.26 33.83 -26.94
CA PHE D 341 18.84 32.69 -26.13
C PHE D 341 19.12 32.85 -24.70
N VAL D 342 20.33 33.27 -24.43
CA VAL D 342 20.75 33.36 -23.08
C VAL D 342 19.88 34.33 -22.32
N ASP D 343 19.58 35.51 -22.88
CA ASP D 343 18.69 36.38 -22.13
C ASP D 343 17.30 35.76 -22.01
N LEU D 344 16.80 35.13 -23.07
CA LEU D 344 15.46 34.60 -23.04
C LEU D 344 15.26 33.56 -21.97
N MET D 345 16.29 32.77 -21.69
CA MET D 345 16.13 31.75 -20.68
C MET D 345 16.58 32.21 -19.30
N ARG D 346 17.05 33.45 -19.12
CA ARG D 346 17.53 33.85 -17.80
C ARG D 346 16.84 35.06 -17.20
N GLU D 347 16.49 36.02 -18.03
CA GLU D 347 15.95 37.28 -17.57
C GLU D 347 14.46 37.21 -17.27
N ASP D 348 13.99 38.14 -16.45
CA ASP D 348 12.59 38.23 -16.15
C ASP D 348 11.83 38.90 -17.27
N HIS D 349 12.51 39.79 -17.96
CA HIS D 349 11.89 40.51 -19.05
C HIS D 349 12.86 40.86 -20.17
N ILE D 350 12.50 40.45 -21.39
CA ILE D 350 13.32 40.67 -22.56
C ILE D 350 12.63 41.53 -23.58
N GLU D 351 13.23 42.65 -23.91
CA GLU D 351 12.64 43.54 -24.90
C GLU D 351 12.87 43.01 -26.31
N ALA D 352 11.87 43.15 -27.18
CA ALA D 352 12.08 42.69 -28.55
C ALA D 352 13.24 43.42 -29.18
N ASP D 353 14.00 42.69 -29.97
CA ASP D 353 15.15 43.20 -30.69
C ASP D 353 15.50 42.26 -31.80
N ARG D 354 15.10 42.60 -33.00
CA ARG D 354 15.26 41.71 -34.12
C ARG D 354 16.71 41.39 -34.44
N SER D 355 17.64 42.26 -34.03
CA SER D 355 19.04 42.03 -34.37
C SER D 355 19.65 40.95 -33.51
N ARG D 356 18.93 40.52 -32.49
CA ARG D 356 19.39 39.52 -31.56
C ARG D 356 18.51 38.29 -31.67
N GLY D 357 17.63 38.29 -32.68
CA GLY D 357 16.73 37.18 -32.87
C GLY D 357 15.51 37.16 -31.95
N VAL D 358 15.16 38.28 -31.33
CA VAL D 358 14.01 38.27 -30.44
C VAL D 358 12.90 39.02 -31.11
N PHE D 359 11.81 38.34 -31.43
CA PHE D 359 10.76 38.99 -32.17
C PHE D 359 9.74 39.64 -31.29
N PHE D 360 9.51 39.07 -30.13
CA PHE D 360 8.49 39.61 -29.28
C PHE D 360 9.01 39.90 -27.91
N THR D 361 8.53 40.97 -27.31
CA THR D 361 8.87 41.23 -25.93
C THR D 361 8.30 40.12 -25.08
N GLN D 362 9.11 39.55 -24.21
CA GLN D 362 8.64 38.45 -23.37
C GLN D 362 8.79 38.71 -21.89
N ASP D 363 7.66 38.73 -21.20
CA ASP D 363 7.58 38.93 -19.77
C ASP D 363 7.40 37.58 -19.12
N TRP D 364 8.34 37.14 -18.30
CA TRP D 364 8.25 35.82 -17.69
C TRP D 364 7.48 35.76 -16.39
N ALA D 365 6.95 36.88 -15.95
CA ALA D 365 6.12 36.93 -14.75
C ALA D 365 6.72 36.27 -13.53
N SER D 366 7.98 36.57 -13.27
CA SER D 366 8.73 36.08 -12.13
C SER D 366 9.04 34.59 -12.11
N MET D 367 8.78 33.88 -13.20
CA MET D 367 9.21 32.50 -13.26
C MET D 367 10.72 32.55 -13.30
N PRO D 368 11.44 31.69 -12.58
CA PRO D 368 12.88 31.65 -12.56
C PRO D 368 13.44 31.18 -13.87
N GLY D 369 14.69 31.53 -14.10
CA GLY D 369 15.41 31.14 -15.31
C GLY D 369 16.05 29.78 -15.24
N VAL D 370 16.73 29.44 -16.34
CA VAL D 370 17.44 28.20 -16.61
C VAL D 370 18.88 28.54 -16.80
N LEU D 371 19.76 27.83 -16.13
CA LEU D 371 21.15 28.15 -16.20
C LEU D 371 21.74 27.54 -17.49
N PRO D 372 22.28 28.31 -18.44
CA PRO D 372 22.80 27.83 -19.69
C PRO D 372 24.08 27.08 -19.51
N VAL D 373 24.29 26.08 -20.34
CA VAL D 373 25.53 25.34 -20.30
C VAL D 373 26.26 25.46 -21.63
N ALA D 374 27.49 25.96 -21.55
CA ALA D 374 28.32 26.13 -22.72
C ALA D 374 29.11 24.87 -22.94
N SER D 375 29.26 24.48 -24.19
CA SER D 375 30.02 23.28 -24.50
C SER D 375 30.40 23.21 -25.95
N GLY D 376 31.36 22.34 -26.24
CA GLY D 376 31.76 22.02 -27.59
C GLY D 376 33.00 22.77 -28.01
N GLY D 377 34.10 22.06 -28.19
CA GLY D 377 35.32 22.73 -28.62
C GLY D 377 35.96 23.61 -27.55
N ILE D 378 35.73 23.33 -26.28
CA ILE D 378 36.32 24.21 -25.29
C ILE D 378 37.32 23.54 -24.36
N HIS D 379 38.31 24.36 -24.05
CA HIS D 379 39.49 24.14 -23.22
C HIS D 379 39.91 25.49 -22.63
N VAL D 380 40.95 25.52 -21.79
CA VAL D 380 41.33 26.74 -21.07
C VAL D 380 41.63 27.97 -21.92
N TRP D 381 42.09 27.80 -23.15
CA TRP D 381 42.37 28.98 -23.97
C TRP D 381 41.13 29.83 -24.23
N HIS D 382 39.95 29.23 -24.13
CA HIS D 382 38.72 29.93 -24.37
C HIS D 382 38.10 30.42 -23.09
N MET D 383 38.78 30.19 -21.97
CA MET D 383 38.16 30.52 -20.71
C MET D 383 37.83 32.00 -20.61
N PRO D 384 38.70 32.96 -21.01
CA PRO D 384 38.42 34.37 -20.94
C PRO D 384 37.11 34.71 -21.63
N ALA D 385 37.01 34.31 -22.89
CA ALA D 385 35.81 34.58 -23.65
C ALA D 385 34.60 33.98 -23.02
N LEU D 386 34.69 32.74 -22.56
CA LEU D 386 33.50 32.14 -22.01
C LEU D 386 33.00 32.90 -20.79
N VAL D 387 33.92 33.35 -19.94
CA VAL D 387 33.50 34.10 -18.78
C VAL D 387 32.84 35.41 -19.17
N GLU D 388 33.43 36.15 -20.10
CA GLU D 388 32.85 37.43 -20.47
C GLU D 388 31.52 37.29 -21.24
N ILE D 389 31.41 36.29 -22.11
CA ILE D 389 30.22 36.07 -22.91
C ILE D 389 29.03 35.69 -22.07
N PHE D 390 29.20 34.74 -21.15
CA PHE D 390 28.07 34.27 -20.38
C PHE D 390 27.92 34.88 -18.99
N GLY D 391 28.92 35.56 -18.47
CA GLY D 391 28.78 36.13 -17.14
C GLY D 391 28.87 35.03 -16.11
N ASP D 392 28.31 35.25 -14.94
CA ASP D 392 28.47 34.28 -13.87
C ASP D 392 27.41 33.20 -13.88
N ASP D 393 26.24 33.49 -14.39
CA ASP D 393 25.18 32.52 -14.33
C ASP D 393 25.23 31.53 -15.45
N SER D 394 26.22 30.63 -15.37
CA SER D 394 26.44 29.63 -16.40
C SER D 394 27.27 28.44 -15.93
N VAL D 395 27.26 27.39 -16.73
CA VAL D 395 28.09 26.22 -16.51
C VAL D 395 28.94 25.96 -17.74
N LEU D 396 30.23 25.71 -17.55
CA LEU D 396 31.10 25.44 -18.68
C LEU D 396 31.52 23.95 -18.66
N GLN D 397 31.12 23.19 -19.68
CA GLN D 397 31.42 21.75 -19.78
C GLN D 397 32.53 21.46 -20.76
N PHE D 398 33.69 21.18 -20.23
CA PHE D 398 34.92 21.00 -20.97
C PHE D 398 35.13 19.62 -21.52
N GLY D 399 35.87 19.55 -22.62
CA GLY D 399 36.19 18.25 -23.20
C GLY D 399 36.63 17.29 -22.11
N GLY D 404 41.87 15.24 -21.75
CA GLY D 404 42.84 15.31 -22.84
C GLY D 404 44.08 16.03 -22.36
N HIS D 405 44.09 16.31 -21.07
CA HIS D 405 45.21 16.97 -20.43
C HIS D 405 46.40 16.02 -20.49
N PRO D 406 47.63 16.47 -20.78
CA PRO D 406 48.84 15.67 -20.86
C PRO D 406 49.23 14.93 -19.59
N TRP D 407 48.76 15.35 -18.42
CA TRP D 407 49.15 14.66 -17.22
C TRP D 407 48.04 13.70 -16.81
N ASN D 409 43.54 13.51 -15.50
CA ASN D 409 42.28 13.76 -14.84
C ASN D 409 42.37 14.89 -13.82
N ALA D 410 42.91 14.64 -12.62
CA ALA D 410 42.93 15.74 -11.65
C ALA D 410 43.70 16.96 -12.15
N PRO D 411 44.84 16.85 -12.88
CA PRO D 411 45.55 17.96 -13.45
C PRO D 411 44.70 18.73 -14.46
N GLY D 412 43.69 18.09 -15.03
CA GLY D 412 42.82 18.69 -15.99
C GLY D 412 41.90 19.58 -15.21
N ALA D 413 41.31 18.99 -14.17
CA ALA D 413 40.41 19.71 -13.31
C ALA D 413 41.12 20.91 -12.71
N THR D 414 42.38 20.71 -12.36
CA THR D 414 43.16 21.77 -11.79
C THR D 414 43.34 22.87 -12.79
N ALA D 415 43.76 22.54 -14.00
CA ALA D 415 44.00 23.58 -14.98
C ALA D 415 42.75 24.40 -15.25
N ASN D 416 41.58 23.77 -15.31
CA ASN D 416 40.38 24.56 -15.59
C ASN D 416 39.94 25.35 -14.38
N ARG D 417 40.09 24.80 -13.18
CA ARG D 417 39.67 25.52 -11.99
C ARG D 417 40.49 26.78 -11.85
N VAL D 418 41.79 26.68 -12.10
CA VAL D 418 42.65 27.83 -12.00
C VAL D 418 42.34 28.83 -13.07
N ALA D 419 42.22 28.37 -14.31
CA ALA D 419 41.95 29.28 -15.40
C ALA D 419 40.68 30.06 -15.17
N LEU D 420 39.64 29.40 -14.65
CA LEU D 420 38.40 30.11 -14.44
C LEU D 420 38.53 31.13 -13.34
N GLU D 421 39.09 30.75 -12.19
CA GLU D 421 39.17 31.72 -11.11
C GLU D 421 40.00 32.91 -11.54
N ALA D 422 41.08 32.67 -12.28
CA ALA D 422 41.90 33.77 -12.74
C ALA D 422 41.10 34.70 -13.63
N CYS D 423 40.28 34.14 -14.52
CA CYS D 423 39.50 34.97 -15.42
C CYS D 423 38.44 35.78 -14.69
N VAL D 424 37.76 35.16 -13.74
CA VAL D 424 36.71 35.86 -13.01
C VAL D 424 37.31 37.00 -12.21
N GLN D 425 38.41 36.73 -11.51
CA GLN D 425 39.03 37.77 -10.73
C GLN D 425 39.48 38.90 -11.62
N ALA D 426 40.04 38.58 -12.79
CA ALA D 426 40.50 39.61 -13.70
C ALA D 426 39.34 40.47 -14.16
N ARG D 427 38.19 39.84 -14.44
CA ARG D 427 37.03 40.58 -14.88
C ARG D 427 36.56 41.54 -13.81
N ASN D 428 36.51 41.09 -12.56
CA ASN D 428 36.07 41.95 -11.48
C ASN D 428 37.00 43.14 -11.26
N GLU D 429 38.30 42.90 -11.41
CA GLU D 429 39.29 43.95 -11.28
C GLU D 429 39.15 45.00 -12.36
N GLY D 430 38.74 44.58 -13.56
CA GLY D 430 38.57 45.50 -14.66
C GLY D 430 39.38 45.21 -15.90
N ARG D 431 39.97 44.02 -16.01
CA ARG D 431 40.72 43.70 -17.22
C ARG D 431 39.73 43.34 -18.32
N ASP D 432 40.14 43.53 -19.58
CA ASP D 432 39.28 43.15 -20.69
C ASP D 432 39.60 41.75 -21.18
N LEU D 433 38.79 40.77 -20.82
CA LEU D 433 39.07 39.37 -21.13
C LEU D 433 39.15 39.07 -22.62
N TYR D 434 38.60 39.90 -23.49
CA TYR D 434 38.67 39.59 -24.92
C TYR D 434 40.00 40.01 -25.52
N ARG D 435 40.82 40.74 -24.76
CA ARG D 435 42.10 41.21 -25.25
C ARG D 435 43.24 40.77 -24.36
N GLU D 436 43.04 40.85 -23.05
CA GLU D 436 44.08 40.53 -22.08
C GLU D 436 44.04 39.07 -21.71
N GLY D 437 43.08 38.34 -22.25
CA GLY D 437 42.88 36.95 -21.91
C GLY D 437 44.14 36.12 -22.09
N GLY D 438 44.93 36.44 -23.12
CA GLY D 438 46.15 35.72 -23.35
C GLY D 438 47.14 35.88 -22.20
N ASP D 439 47.19 37.07 -21.60
CA ASP D 439 48.16 37.34 -20.55
C ASP D 439 47.65 36.86 -19.23
N ILE D 440 46.34 36.89 -19.06
CA ILE D 440 45.75 36.46 -17.83
C ILE D 440 46.05 34.98 -17.70
N LEU D 441 45.82 34.22 -18.77
CA LEU D 441 46.14 32.80 -18.74
C LEU D 441 47.63 32.54 -18.63
N ARG D 442 48.49 33.28 -19.36
CA ARG D 442 49.91 33.04 -19.23
C ARG D 442 50.42 33.28 -17.82
N GLU D 443 49.96 34.35 -17.16
CA GLU D 443 50.37 34.58 -15.79
C GLU D 443 49.85 33.48 -14.90
N ALA D 444 48.57 33.11 -15.05
CA ALA D 444 47.99 32.08 -14.22
C ALA D 444 48.73 30.76 -14.36
N GLY D 445 49.21 30.51 -15.57
CA GLY D 445 49.95 29.32 -15.92
C GLY D 445 51.23 29.19 -15.10
N LYS D 446 51.71 30.27 -14.50
CA LYS D 446 52.92 30.21 -13.72
C LYS D 446 52.62 29.90 -12.27
N TRP D 447 51.34 29.94 -11.88
CA TRP D 447 50.98 29.68 -10.49
C TRP D 447 50.85 28.19 -10.33
N SER D 448 50.26 27.56 -11.34
CA SER D 448 50.04 26.13 -11.31
C SER D 448 50.54 25.49 -12.60
N PRO D 449 51.53 24.57 -12.53
CA PRO D 449 52.15 23.92 -13.68
C PRO D 449 51.15 23.08 -14.46
N GLU D 450 50.02 22.73 -13.83
CA GLU D 450 48.97 21.97 -14.47
C GLU D 450 48.39 22.84 -15.58
N LEU D 451 48.25 24.13 -15.29
CA LEU D 451 47.71 25.05 -16.24
C LEU D 451 48.77 25.31 -17.27
N ALA D 452 50.02 25.47 -16.84
CA ALA D 452 51.02 25.68 -17.87
C ALA D 452 51.01 24.52 -18.84
N ALA D 453 50.91 23.29 -18.34
CA ALA D 453 50.92 22.16 -19.23
C ALA D 453 49.79 22.24 -20.23
N ALA D 454 48.60 22.66 -19.78
CA ALA D 454 47.49 22.83 -20.71
C ALA D 454 47.77 23.95 -21.73
N LEU D 455 48.30 25.07 -21.26
CA LEU D 455 48.54 26.22 -22.14
C LEU D 455 49.61 25.94 -23.16
N ASP D 456 50.57 25.11 -22.79
CA ASP D 456 51.68 24.69 -23.64
C ASP D 456 51.23 23.91 -24.88
N LEU D 457 49.97 23.46 -24.90
CA LEU D 457 49.46 22.73 -26.04
C LEU D 457 48.35 23.53 -26.72
N TYR E 16 7.05 57.04 5.69
CA TYR E 16 6.52 55.71 6.00
C TYR E 16 5.00 55.75 6.09
N LYS E 17 4.49 56.80 6.70
CA LYS E 17 3.04 56.98 6.82
C LYS E 17 2.40 57.09 5.45
N LEU E 18 3.10 57.77 4.55
CA LEU E 18 2.69 57.96 3.18
C LEU E 18 3.62 57.17 2.29
N THR E 19 3.56 57.37 0.98
CA THR E 19 4.31 56.61 -0.08
C THR E 19 3.66 55.24 -0.37
N TYR E 20 2.69 54.89 0.48
CA TYR E 20 1.81 53.74 0.32
C TYR E 20 0.52 54.25 -0.29
N TYR E 21 0.53 55.54 -0.61
CA TYR E 21 -0.53 56.26 -1.28
C TYR E 21 0.12 57.09 -2.36
N THR E 22 -0.18 56.72 -3.59
CA THR E 22 0.39 57.32 -4.76
C THR E 22 -0.73 57.62 -5.74
N PRO E 23 -1.33 58.82 -5.70
CA PRO E 23 -2.48 59.24 -6.49
C PRO E 23 -2.31 59.16 -8.01
N ASP E 24 -1.08 59.18 -8.51
CA ASP E 24 -0.83 59.11 -9.94
C ASP E 24 -0.70 57.70 -10.48
N TYR E 25 -0.60 56.72 -9.60
CA TYR E 25 -0.39 55.35 -10.03
C TYR E 25 -1.51 54.80 -10.87
N THR E 26 -1.16 54.17 -11.96
CA THR E 26 -2.14 53.52 -12.78
C THR E 26 -1.91 52.02 -12.66
N PRO E 27 -2.92 51.23 -12.29
CA PRO E 27 -2.86 49.79 -12.14
C PRO E 27 -2.42 49.06 -13.38
N LYS E 28 -1.72 47.97 -13.17
CA LYS E 28 -1.27 47.10 -14.24
C LYS E 28 -2.28 46.00 -14.48
N ASP E 29 -2.25 45.40 -15.65
CA ASP E 29 -3.15 44.30 -15.98
C ASP E 29 -3.01 43.09 -15.07
N THR E 30 -1.86 42.97 -14.43
CA THR E 30 -1.56 41.87 -13.55
C THR E 30 -1.76 42.20 -12.08
N ASP E 31 -2.20 43.40 -11.75
CA ASP E 31 -2.39 43.74 -10.35
C ASP E 31 -3.69 43.22 -9.81
N LEU E 32 -3.69 42.90 -8.52
CA LEU E 32 -4.93 42.56 -7.86
C LEU E 32 -5.42 43.81 -7.23
N LEU E 33 -6.68 44.14 -7.42
CA LEU E 33 -7.14 45.39 -6.84
C LEU E 33 -8.19 45.17 -5.81
N ALA E 34 -8.19 45.96 -4.77
CA ALA E 34 -9.26 45.83 -3.80
C ALA E 34 -9.85 47.16 -3.43
N ALA E 35 -11.16 47.14 -3.22
CA ALA E 35 -11.92 48.32 -2.82
C ALA E 35 -12.44 48.18 -1.42
N PHE E 36 -12.07 49.11 -0.58
CA PHE E 36 -12.51 49.12 0.81
C PHE E 36 -13.30 50.36 1.16
N ARG E 37 -14.21 50.23 2.10
CA ARG E 37 -14.91 51.35 2.71
C ARG E 37 -14.51 51.47 4.14
N PHE E 38 -14.31 52.68 4.59
CA PHE E 38 -13.90 52.83 5.95
C PHE E 38 -14.31 54.13 6.57
N SER E 39 -14.26 54.14 7.89
CA SER E 39 -14.51 55.35 8.63
C SER E 39 -13.35 55.53 9.59
N PRO E 40 -12.49 56.54 9.39
CA PRO E 40 -11.31 56.81 10.17
C PRO E 40 -11.64 57.34 11.56
N GLN E 41 -10.73 57.12 12.50
CA GLN E 41 -10.93 57.68 13.83
C GLN E 41 -10.82 59.19 13.71
N PRO E 42 -11.57 59.97 14.49
CA PRO E 42 -11.49 61.41 14.47
C PRO E 42 -10.05 61.81 14.66
N GLY E 43 -9.62 62.77 13.87
CA GLY E 43 -8.24 63.22 13.95
C GLY E 43 -7.37 62.60 12.88
N VAL E 44 -7.83 61.49 12.27
CA VAL E 44 -7.06 60.81 11.25
C VAL E 44 -7.58 61.21 9.86
N PRO E 45 -6.75 61.75 8.98
CA PRO E 45 -7.05 62.10 7.60
C PRO E 45 -7.42 60.88 6.78
N ALA E 46 -8.29 61.06 5.79
CA ALA E 46 -8.67 59.99 4.87
C ALA E 46 -7.48 59.40 4.13
N ASP E 47 -6.51 60.23 3.72
CA ASP E 47 -5.41 59.74 2.94
C ASP E 47 -4.47 58.94 3.79
N GLU E 48 -4.24 59.43 4.98
CA GLU E 48 -3.42 58.72 5.93
C GLU E 48 -4.01 57.35 6.20
N ALA E 49 -5.33 57.29 6.41
CA ALA E 49 -5.96 56.02 6.66
C ALA E 49 -5.82 55.09 5.45
N GLY E 50 -5.97 55.63 4.25
CA GLY E 50 -5.85 54.83 3.04
C GLY E 50 -4.46 54.22 2.93
N ALA E 51 -3.44 55.05 3.14
CA ALA E 51 -2.07 54.58 3.07
C ALA E 51 -1.85 53.50 4.09
N ALA E 52 -2.41 53.68 5.29
CA ALA E 52 -2.26 52.69 6.34
C ALA E 52 -2.87 51.36 5.95
N ILE E 53 -4.02 51.37 5.28
CA ILE E 53 -4.65 50.13 4.89
C ILE E 53 -3.71 49.40 3.94
N ALA E 54 -3.17 50.12 2.96
CA ALA E 54 -2.26 49.50 2.01
C ALA E 54 -1.04 48.96 2.70
N ALA E 55 -0.48 49.69 3.65
CA ALA E 55 0.70 49.19 4.32
C ALA E 55 0.41 47.96 5.17
N GLU E 56 -0.64 48.01 5.97
CA GLU E 56 -0.92 46.90 6.87
C GLU E 56 -1.26 45.64 6.14
N SER E 57 -1.94 45.78 5.01
CA SER E 57 -2.32 44.64 4.22
C SER E 57 -1.20 44.12 3.30
N SER E 58 -0.03 44.78 3.24
CA SER E 58 1.01 44.26 2.36
C SER E 58 2.43 44.19 2.92
N THR E 59 2.86 45.13 3.76
CA THR E 59 4.25 45.11 4.24
C THR E 59 4.38 45.21 5.75
N GLY E 60 3.31 45.62 6.44
CA GLY E 60 3.32 45.83 7.87
C GLY E 60 3.00 44.52 8.60
N ASP E 72 14.10 44.16 -2.28
CA ASP E 72 13.36 45.09 -3.15
C ASP E 72 11.91 45.20 -2.70
N MET E 73 11.68 45.84 -1.56
CA MET E 73 10.32 45.94 -1.04
C MET E 73 9.35 46.69 -1.95
N ASP E 74 9.82 47.56 -2.81
CA ASP E 74 8.88 48.27 -3.69
C ASP E 74 8.12 47.30 -4.60
N ARG E 75 8.65 46.09 -4.79
CA ARG E 75 8.01 45.08 -5.62
C ARG E 75 7.04 44.24 -4.81
N TYR E 76 7.01 44.43 -3.51
CA TYR E 76 6.20 43.63 -2.64
C TYR E 76 5.28 44.46 -1.78
N LYS E 77 4.94 45.67 -2.20
CA LYS E 77 4.08 46.49 -1.37
C LYS E 77 2.85 46.89 -2.11
N GLY E 78 1.75 47.06 -1.39
CA GLY E 78 0.54 47.50 -2.01
C GLY E 78 0.58 49.00 -2.14
N LYS E 79 -0.26 49.53 -3.00
CA LYS E 79 -0.32 50.97 -3.17
C LYS E 79 -1.73 51.48 -3.28
N CYS E 80 -2.07 52.42 -2.43
CA CYS E 80 -3.36 53.03 -2.54
C CYS E 80 -3.26 53.99 -3.69
N TYR E 81 -4.14 53.87 -4.65
CA TYR E 81 -4.04 54.74 -5.80
C TYR E 81 -5.18 55.69 -5.90
N HIS E 82 -6.25 55.44 -5.17
CA HIS E 82 -7.37 56.36 -5.25
C HIS E 82 -8.22 56.35 -4.01
N ILE E 83 -8.54 57.55 -3.53
CA ILE E 83 -9.40 57.74 -2.37
C ILE E 83 -10.49 58.74 -2.69
N GLU E 84 -11.72 58.39 -2.34
CA GLU E 84 -12.84 59.28 -2.57
C GLU E 84 -13.86 59.10 -1.47
N PRO E 85 -14.64 60.11 -1.12
CA PRO E 85 -15.69 60.05 -0.12
C PRO E 85 -16.85 59.22 -0.58
N VAL E 86 -17.56 58.66 0.36
CA VAL E 86 -18.77 57.94 0.06
C VAL E 86 -19.88 58.96 -0.03
N GLN E 87 -20.53 59.07 -1.17
CA GLN E 87 -21.53 60.09 -1.29
C GLN E 87 -22.62 59.88 -0.28
N GLY E 88 -23.03 60.95 0.37
CA GLY E 88 -24.13 60.91 1.33
C GLY E 88 -23.75 60.45 2.74
N GLU E 89 -22.48 60.11 2.98
CA GLU E 89 -22.13 59.64 4.30
C GLU E 89 -21.01 60.45 4.94
N GLU E 90 -21.23 60.83 6.18
CA GLU E 90 -20.25 61.60 6.92
C GLU E 90 -19.13 60.70 7.41
N ASN E 91 -17.89 61.16 7.27
CA ASN E 91 -16.72 60.41 7.75
C ASN E 91 -16.70 59.01 7.20
N SER E 92 -16.93 58.89 5.91
CA SER E 92 -16.98 57.60 5.25
C SER E 92 -16.33 57.73 3.90
N TYR E 93 -15.31 56.91 3.67
CA TYR E 93 -14.49 56.94 2.47
C TYR E 93 -14.24 55.61 1.82
N PHE E 94 -13.90 55.66 0.54
CA PHE E 94 -13.45 54.50 -0.21
C PHE E 94 -11.97 54.60 -0.45
N ALA E 95 -11.31 53.46 -0.51
CA ALA E 95 -9.92 53.42 -0.89
C ALA E 95 -9.67 52.26 -1.80
N PHE E 96 -8.94 52.54 -2.87
CA PHE E 96 -8.61 51.57 -3.87
C PHE E 96 -7.13 51.27 -3.84
N ILE E 97 -6.84 50.00 -3.57
CA ILE E 97 -5.48 49.52 -3.39
C ILE E 97 -5.04 48.43 -4.32
N ALA E 98 -3.89 48.64 -4.96
CA ALA E 98 -3.33 47.63 -5.84
C ALA E 98 -2.34 46.75 -5.10
N TYR E 99 -2.28 45.46 -5.46
CA TYR E 99 -1.31 44.54 -4.91
C TYR E 99 -0.63 43.76 -6.05
N PRO E 100 0.70 43.69 -6.13
CA PRO E 100 1.44 42.96 -7.14
C PRO E 100 1.09 41.48 -7.20
N LEU E 101 1.03 40.93 -8.40
CA LEU E 101 0.71 39.52 -8.62
C LEU E 101 1.56 38.56 -7.81
N ASP E 102 2.84 38.89 -7.65
CA ASP E 102 3.83 38.08 -6.97
C ASP E 102 3.51 37.77 -5.52
N LEU E 103 2.59 38.51 -4.93
CA LEU E 103 2.25 38.30 -3.55
C LEU E 103 1.22 37.22 -3.33
N PHE E 104 0.74 36.57 -4.38
CA PHE E 104 -0.31 35.59 -4.15
C PHE E 104 0.05 34.18 -4.60
N GLU E 105 -0.10 33.22 -3.70
CA GLU E 105 0.16 31.81 -4.00
C GLU E 105 -0.74 31.34 -5.12
N GLU E 106 -0.17 30.71 -6.14
CA GLU E 106 -1.00 30.27 -7.23
C GLU E 106 -2.05 29.30 -6.77
N GLY E 107 -3.27 29.49 -7.23
CA GLY E 107 -4.35 28.57 -6.95
C GLY E 107 -4.89 28.61 -5.52
N SER E 108 -4.52 29.57 -4.69
CA SER E 108 -4.97 29.51 -3.31
C SER E 108 -5.80 30.65 -2.75
N VAL E 109 -7.09 30.36 -2.54
CA VAL E 109 -7.99 31.35 -1.99
C VAL E 109 -7.57 31.71 -0.59
N THR E 110 -7.16 30.69 0.15
CA THR E 110 -6.74 30.85 1.50
C THR E 110 -5.62 31.86 1.56
N ASN E 111 -4.59 31.73 0.71
CA ASN E 111 -3.52 32.71 0.78
C ASN E 111 -3.97 34.10 0.40
N ILE E 112 -4.85 34.23 -0.57
CA ILE E 112 -5.28 35.56 -0.97
C ILE E 112 -5.96 36.26 0.18
N LEU E 113 -6.90 35.57 0.82
CA LEU E 113 -7.58 36.15 1.95
C LEU E 113 -6.67 36.35 3.14
N THR E 114 -5.77 35.43 3.40
CA THR E 114 -4.92 35.55 4.56
C THR E 114 -4.19 36.87 4.47
N SER E 115 -3.67 37.17 3.30
CA SER E 115 -2.97 38.43 3.09
C SER E 115 -3.88 39.65 3.14
N ILE E 116 -4.95 39.66 2.36
CA ILE E 116 -5.78 40.85 2.27
C ILE E 116 -6.60 41.19 3.52
N VAL E 117 -7.24 40.21 4.15
CA VAL E 117 -8.11 40.51 5.27
C VAL E 117 -7.55 39.98 6.58
N GLY E 118 -6.27 39.63 6.57
CA GLY E 118 -5.62 39.03 7.72
C GLY E 118 -5.67 39.86 9.00
N ASN E 119 -5.12 41.06 8.97
CA ASN E 119 -5.16 41.86 10.18
C ASN E 119 -5.48 43.31 9.99
N VAL E 120 -5.78 43.71 8.77
CA VAL E 120 -6.06 45.09 8.52
C VAL E 120 -7.31 45.58 9.23
N PHE E 121 -8.26 44.69 9.46
CA PHE E 121 -9.52 44.98 10.12
C PHE E 121 -9.36 45.28 11.58
N GLY E 122 -8.22 44.94 12.16
CA GLY E 122 -7.98 45.21 13.56
C GLY E 122 -7.19 46.50 13.74
N PHE E 123 -6.92 47.22 12.66
CA PHE E 123 -6.10 48.42 12.73
C PHE E 123 -6.73 49.59 13.47
N LYS E 124 -5.97 50.10 14.43
CA LYS E 124 -6.34 51.16 15.34
C LYS E 124 -6.76 52.53 14.82
N ALA E 125 -6.32 52.95 13.65
CA ALA E 125 -6.69 54.30 13.22
C ALA E 125 -8.03 54.35 12.52
N ILE E 126 -8.67 53.20 12.37
CA ILE E 126 -9.93 53.11 11.67
C ILE E 126 -11.02 52.58 12.60
N ARG E 127 -12.19 53.25 12.61
CA ARG E 127 -13.31 52.84 13.46
C ARG E 127 -13.92 51.58 12.94
N SER E 128 -14.05 51.52 11.63
CA SER E 128 -14.60 50.37 10.96
C SER E 128 -14.08 50.26 9.55
N LEU E 129 -14.02 49.01 9.07
CA LEU E 129 -13.53 48.71 7.74
C LEU E 129 -14.33 47.58 7.11
N ARG E 130 -14.72 47.77 5.86
CA ARG E 130 -15.43 46.76 5.11
C ARG E 130 -14.83 46.59 3.72
N LEU E 131 -14.67 45.35 3.30
CA LEU E 131 -14.16 45.06 1.97
C LEU E 131 -15.30 44.91 1.00
N GLU E 132 -15.31 45.74 -0.02
CA GLU E 132 -16.41 45.73 -0.96
C GLU E 132 -16.13 44.92 -2.21
N ASP E 133 -14.91 44.96 -2.70
CA ASP E 133 -14.66 44.24 -3.95
C ASP E 133 -13.20 43.91 -4.21
N ILE E 134 -13.00 42.86 -5.00
CA ILE E 134 -11.69 42.43 -5.49
C ILE E 134 -11.65 42.16 -6.98
N ARG E 135 -10.66 42.72 -7.64
CA ARG E 135 -10.43 42.44 -9.04
C ARG E 135 -9.34 41.42 -9.16
N PHE E 136 -9.66 40.26 -9.70
CA PHE E 136 -8.66 39.23 -9.81
C PHE E 136 -8.10 39.32 -11.22
N PRO E 137 -6.81 39.55 -11.42
CA PRO E 137 -6.25 39.71 -12.72
C PRO E 137 -6.33 38.39 -13.40
N VAL E 138 -6.44 38.38 -14.71
CA VAL E 138 -6.51 37.12 -15.45
C VAL E 138 -5.39 36.19 -15.11
N ALA E 139 -4.20 36.72 -14.99
CA ALA E 139 -3.04 35.93 -14.70
C ALA E 139 -3.20 35.08 -13.44
N LEU E 140 -4.02 35.52 -12.50
CA LEU E 140 -4.22 34.80 -11.26
C LEU E 140 -5.42 33.89 -11.40
N VAL E 141 -6.43 34.35 -12.13
CA VAL E 141 -7.66 33.58 -12.34
C VAL E 141 -7.31 32.26 -12.97
N LYS E 142 -6.39 32.26 -13.91
CA LYS E 142 -6.01 31.06 -14.61
C LYS E 142 -5.24 30.04 -13.78
N THR E 143 -4.91 30.36 -12.53
CA THR E 143 -4.20 29.40 -11.71
C THR E 143 -5.18 28.59 -10.88
N PHE E 144 -6.46 28.92 -10.98
CA PHE E 144 -7.48 28.26 -10.19
C PHE E 144 -8.29 27.28 -11.00
N GLN E 145 -8.75 26.25 -10.33
CA GLN E 145 -9.59 25.28 -10.99
C GLN E 145 -10.91 25.83 -11.46
N GLY E 146 -11.59 26.61 -10.64
CA GLY E 146 -12.90 27.06 -10.99
C GLY E 146 -13.89 25.95 -10.69
N PRO E 147 -15.16 26.14 -11.00
CA PRO E 147 -16.21 25.20 -10.75
C PRO E 147 -15.85 23.88 -11.40
N PRO E 148 -16.06 22.74 -10.73
CA PRO E 148 -15.89 21.40 -11.22
C PRO E 148 -16.52 21.18 -12.57
N HIS E 149 -17.71 21.74 -12.78
CA HIS E 149 -18.39 21.56 -14.04
C HIS E 149 -18.86 22.87 -14.63
N GLY E 150 -19.54 23.67 -13.83
CA GLY E 150 -20.06 24.93 -14.34
C GLY E 150 -21.43 24.80 -14.96
N ILE E 151 -21.98 25.92 -15.39
CA ILE E 151 -23.34 25.99 -15.89
C ILE E 151 -23.65 25.17 -17.13
N GLN E 152 -22.83 25.25 -18.15
CA GLN E 152 -23.17 24.53 -19.36
C GLN E 152 -22.97 23.06 -19.22
N VAL E 153 -21.92 22.69 -18.53
CA VAL E 153 -21.67 21.28 -18.34
C VAL E 153 -22.79 20.69 -17.53
N GLU E 154 -23.20 21.38 -16.46
CA GLU E 154 -24.27 20.87 -15.66
C GLU E 154 -25.54 20.70 -16.43
N ARG E 155 -25.89 21.64 -17.31
CA ARG E 155 -27.11 21.45 -18.07
C ARG E 155 -27.04 20.14 -18.84
N ASP E 156 -25.88 19.88 -19.44
CA ASP E 156 -25.73 18.66 -20.21
C ASP E 156 -25.73 17.42 -19.34
N LEU E 157 -25.08 17.47 -18.18
CA LEU E 157 -25.06 16.30 -17.30
C LEU E 157 -26.43 15.94 -16.83
N LEU E 158 -27.22 16.95 -16.53
CA LEU E 158 -28.55 16.72 -16.05
C LEU E 158 -29.58 16.61 -17.16
N ASN E 159 -29.25 17.03 -18.36
CA ASN E 159 -30.18 17.03 -19.48
C ASN E 159 -31.42 17.85 -19.15
N LYS E 160 -31.19 19.02 -18.58
CA LYS E 160 -32.29 19.91 -18.23
C LYS E 160 -32.07 21.26 -18.85
N TYR E 161 -32.91 21.64 -19.80
CA TYR E 161 -32.72 22.88 -20.53
C TYR E 161 -33.97 23.73 -20.60
N GLY E 162 -33.78 25.02 -20.83
CA GLY E 162 -34.89 25.93 -21.08
C GLY E 162 -35.62 26.45 -19.86
N ARG E 163 -35.12 26.13 -18.68
CA ARG E 163 -35.79 26.56 -17.49
C ARG E 163 -34.90 26.53 -16.26
N PRO E 164 -35.24 27.26 -15.21
CA PRO E 164 -34.67 27.16 -13.88
C PRO E 164 -34.95 25.78 -13.35
N MET E 165 -34.10 25.33 -12.44
CA MET E 165 -34.32 24.04 -11.78
C MET E 165 -35.04 24.26 -10.45
N LEU E 166 -35.80 23.26 -9.99
CA LEU E 166 -36.51 23.38 -8.72
C LEU E 166 -36.13 22.42 -7.66
N GLY E 167 -36.26 22.86 -6.43
CA GLY E 167 -36.11 21.92 -5.34
C GLY E 167 -36.72 22.38 -4.05
N CYS E 168 -36.49 21.60 -3.02
CA CYS E 168 -37.03 21.94 -1.72
C CYS E 168 -36.26 21.30 -0.61
N THR E 169 -36.57 21.73 0.59
CA THR E 169 -36.02 21.10 1.77
C THR E 169 -37.04 20.14 2.34
N ILE E 170 -36.61 19.27 3.23
CA ILE E 170 -37.52 18.35 3.88
C ILE E 170 -37.82 18.73 5.30
N LYS E 171 -39.11 18.77 5.59
CA LYS E 171 -39.61 19.04 6.91
C LYS E 171 -40.51 17.83 7.23
N PRO E 172 -40.48 17.25 8.43
CA PRO E 172 -39.73 17.54 9.64
C PRO E 172 -38.25 17.44 9.38
N LYS E 173 -37.49 18.18 10.16
CA LYS E 173 -36.06 18.24 9.98
C LYS E 173 -35.37 17.16 10.78
N LEU E 174 -35.48 17.25 12.11
CA LEU E 174 -34.80 16.33 13.01
C LEU E 174 -35.78 15.34 13.61
N GLY E 175 -35.26 14.17 13.99
CA GLY E 175 -36.04 13.14 14.66
C GLY E 175 -36.65 12.09 13.76
N LEU E 176 -36.28 12.09 12.50
CA LEU E 176 -36.81 11.11 11.57
C LEU E 176 -35.85 9.96 11.36
N SER E 177 -36.42 8.77 11.22
CA SER E 177 -35.60 7.63 10.90
C SER E 177 -35.14 7.77 9.47
N ALA E 178 -34.07 7.06 9.11
CA ALA E 178 -33.59 7.12 7.74
C ALA E 178 -34.66 6.61 6.78
N LYS E 179 -35.45 5.64 7.19
CA LYS E 179 -36.48 5.12 6.31
C LYS E 179 -37.53 6.18 6.06
N ASN E 180 -38.00 6.83 7.12
CA ASN E 180 -39.03 7.84 6.93
C ASN E 180 -38.52 9.04 6.16
N TYR E 181 -37.26 9.37 6.39
CA TYR E 181 -36.66 10.47 5.69
C TYR E 181 -36.65 10.14 4.23
N GLY E 182 -36.19 8.93 3.89
CA GLY E 182 -36.13 8.50 2.52
C GLY E 182 -37.50 8.56 1.87
N ARG E 183 -38.57 8.17 2.60
CA ARG E 183 -39.89 8.27 2.02
C ARG E 183 -40.26 9.70 1.68
N ALA E 184 -39.94 10.65 2.56
CA ALA E 184 -40.24 12.05 2.26
C ALA E 184 -39.51 12.52 1.03
N VAL E 185 -38.25 12.11 0.91
CA VAL E 185 -37.47 12.50 -0.24
C VAL E 185 -38.10 11.95 -1.48
N TYR E 186 -38.48 10.69 -1.41
CA TYR E 186 -39.09 10.03 -2.54
C TYR E 186 -40.30 10.76 -3.03
N GLU E 187 -41.22 11.05 -2.12
CA GLU E 187 -42.45 11.71 -2.52
C GLU E 187 -42.18 13.03 -3.23
N CYS E 188 -41.30 13.86 -2.66
CA CYS E 188 -41.03 15.16 -3.27
C CYS E 188 -40.39 15.05 -4.64
N LEU E 189 -39.43 14.15 -4.79
CA LEU E 189 -38.80 14.04 -6.09
C LEU E 189 -39.74 13.47 -7.12
N ARG E 190 -40.46 12.42 -6.76
CA ARG E 190 -41.36 11.80 -7.72
C ARG E 190 -42.39 12.80 -8.18
N GLY E 191 -42.86 13.61 -7.25
CA GLY E 191 -43.86 14.63 -7.47
C GLY E 191 -43.48 15.71 -8.48
N GLY E 192 -42.21 15.84 -8.86
CA GLY E 192 -41.86 16.86 -9.84
C GLY E 192 -40.66 17.77 -9.56
N LEU E 193 -40.01 17.68 -8.40
CA LEU E 193 -38.86 18.53 -8.17
C LEU E 193 -37.62 17.90 -8.74
N ASP E 194 -36.59 18.71 -9.00
CA ASP E 194 -35.33 18.19 -9.51
C ASP E 194 -34.42 17.84 -8.35
N PHE E 195 -34.44 18.65 -7.31
CA PHE E 195 -33.56 18.39 -6.19
C PHE E 195 -34.22 18.48 -4.84
N THR E 196 -33.75 17.65 -3.94
CA THR E 196 -34.17 17.70 -2.55
C THR E 196 -32.94 17.95 -1.68
N LYS E 197 -33.04 18.84 -0.70
CA LYS E 197 -31.87 19.17 0.11
C LYS E 197 -31.87 18.73 1.57
N ASP E 198 -30.72 18.20 2.03
CA ASP E 198 -30.53 17.87 3.45
C ASP E 198 -30.53 19.13 4.28
N ASP E 199 -31.12 19.08 5.47
CA ASP E 199 -31.03 20.24 6.33
C ASP E 199 -29.55 20.49 6.66
N GLU E 200 -29.13 21.75 6.69
CA GLU E 200 -27.75 22.09 6.99
C GLU E 200 -27.29 21.69 8.38
N ASN E 201 -28.22 21.46 9.29
CA ASN E 201 -27.84 21.13 10.65
C ASN E 201 -27.73 19.64 10.89
N ILE E 202 -27.91 18.83 9.86
CA ILE E 202 -27.82 17.41 10.09
C ILE E 202 -26.69 16.81 9.29
N ASN E 203 -25.56 16.58 9.95
CA ASN E 203 -24.44 15.98 9.25
C ASN E 203 -24.46 14.51 9.58
N SER E 204 -24.42 14.27 10.86
CA SER E 204 -24.47 12.97 11.50
C SER E 204 -24.89 13.28 12.90
N GLN E 205 -25.90 12.61 13.37
CA GLN E 205 -26.42 12.89 14.68
C GLN E 205 -26.75 11.60 15.41
N PRO E 206 -26.78 11.56 16.73
CA PRO E 206 -27.18 10.40 17.49
C PRO E 206 -28.50 9.78 17.05
N PHE E 207 -29.44 10.58 16.55
CA PHE E 207 -30.70 10.02 16.12
C PHE E 207 -30.73 9.59 14.66
N GLN E 208 -29.68 9.90 13.91
CA GLN E 208 -29.60 9.56 12.51
C GLN E 208 -28.15 9.58 12.06
N ARG E 209 -27.65 8.47 11.56
CA ARG E 209 -26.27 8.46 11.13
C ARG E 209 -26.22 8.55 9.64
N TRP E 210 -25.27 9.34 9.15
CA TRP E 210 -25.15 9.59 7.75
C TRP E 210 -25.11 8.37 6.88
N ARG E 211 -24.50 7.29 7.33
CA ARG E 211 -24.44 6.18 6.41
C ARG E 211 -25.83 5.70 6.04
N ASP E 212 -26.79 5.76 6.97
CA ASP E 212 -28.10 5.26 6.67
C ASP E 212 -28.87 6.29 5.93
N ARG E 213 -28.66 7.56 6.24
CA ARG E 213 -29.37 8.56 5.46
C ARG E 213 -28.98 8.38 4.01
N PHE E 214 -27.69 8.22 3.75
CA PHE E 214 -27.24 8.09 2.39
C PHE E 214 -27.87 6.90 1.70
N LEU E 215 -27.95 5.74 2.38
CA LEU E 215 -28.57 4.60 1.72
C LEU E 215 -30.04 4.79 1.39
N PHE E 216 -30.79 5.35 2.33
CA PHE E 216 -32.21 5.46 2.11
C PHE E 216 -32.55 6.55 1.11
N VAL E 217 -31.77 7.63 1.10
CA VAL E 217 -31.97 8.66 0.13
C VAL E 217 -31.66 8.15 -1.25
N ALA E 218 -30.55 7.44 -1.38
CA ALA E 218 -30.19 6.90 -2.66
C ALA E 218 -31.27 5.98 -3.18
N ASP E 219 -31.90 5.21 -2.30
CA ASP E 219 -32.98 4.35 -2.73
C ASP E 219 -34.13 5.20 -3.24
N ALA E 220 -34.47 6.29 -2.52
CA ALA E 220 -35.55 7.15 -2.95
C ALA E 220 -35.26 7.71 -4.34
N ILE E 221 -34.02 8.05 -4.62
CA ILE E 221 -33.70 8.54 -5.93
C ILE E 221 -33.88 7.44 -6.95
N HIS E 222 -33.34 6.26 -6.66
CA HIS E 222 -33.42 5.12 -7.57
C HIS E 222 -34.85 4.80 -7.98
N LYS E 223 -35.75 4.76 -7.02
CA LYS E 223 -37.14 4.39 -7.29
C LYS E 223 -37.97 5.51 -7.89
N SER E 224 -37.39 6.69 -8.08
CA SER E 224 -38.11 7.81 -8.64
C SER E 224 -37.56 8.09 -10.01
N GLN E 225 -36.26 8.29 -10.08
CA GLN E 225 -35.54 8.54 -11.30
C GLN E 225 -35.90 7.50 -12.33
N THR E 228 -41.72 10.12 -14.38
CA THR E 228 -40.39 10.67 -14.29
C THR E 228 -39.58 10.29 -15.49
N GLY E 229 -38.64 9.35 -15.32
CA GLY E 229 -37.76 8.95 -16.40
C GLY E 229 -36.71 10.02 -16.67
N GLU E 230 -36.38 10.79 -15.64
CA GLU E 230 -35.42 11.88 -15.77
C GLU E 230 -34.54 11.91 -14.55
N ILE E 231 -33.36 12.49 -14.71
CA ILE E 231 -32.38 12.60 -13.66
C ILE E 231 -32.83 13.46 -12.53
N LYS E 232 -32.66 12.94 -11.32
CA LYS E 232 -33.02 13.62 -10.10
C LYS E 232 -31.96 13.46 -9.05
N GLY E 233 -31.91 14.35 -8.08
CA GLY E 233 -30.92 14.09 -7.05
C GLY E 233 -31.22 14.69 -5.71
N HIS E 234 -30.24 14.60 -4.85
CA HIS E 234 -30.39 15.05 -3.50
C HIS E 234 -29.09 15.58 -3.02
N TYR E 235 -29.14 16.71 -2.39
CA TYR E 235 -27.94 17.35 -1.94
C TYR E 235 -27.46 16.76 -0.65
N LEU E 236 -26.84 15.60 -0.74
CA LEU E 236 -26.35 14.97 0.48
C LEU E 236 -25.30 15.83 1.11
N ASN E 237 -25.41 16.05 2.40
CA ASN E 237 -24.45 16.90 3.09
C ASN E 237 -23.19 16.14 3.49
N VAL E 238 -22.05 16.50 2.91
CA VAL E 238 -20.84 15.76 3.24
C VAL E 238 -19.93 16.59 4.11
N THR E 239 -20.45 17.66 4.66
CA THR E 239 -19.69 18.49 5.56
C THR E 239 -19.27 17.56 6.66
N ALA E 240 -18.03 17.60 7.08
CA ALA E 240 -17.58 16.67 8.09
C ALA E 240 -16.49 17.30 8.91
N PRO E 241 -16.21 16.83 10.14
CA PRO E 241 -15.14 17.31 11.00
C PRO E 241 -13.71 17.17 10.53
N THR E 242 -13.40 16.24 9.64
CA THR E 242 -12.02 16.13 9.18
C THR E 242 -11.99 15.97 7.68
N CYS E 243 -10.82 16.17 7.08
CA CYS E 243 -10.69 16.00 5.65
C CYS E 243 -10.95 14.56 5.25
N GLU E 244 -10.54 13.61 6.09
CA GLU E 244 -10.73 12.21 5.78
C GLU E 244 -12.16 11.80 5.85
N GLU E 245 -12.88 12.28 6.86
CA GLU E 245 -14.27 11.94 7.01
C GLU E 245 -15.06 12.52 5.85
N MET E 246 -14.67 13.72 5.43
CA MET E 246 -15.34 14.35 4.31
C MET E 246 -15.20 13.50 3.08
N MET E 247 -13.98 13.05 2.79
CA MET E 247 -13.81 12.19 1.65
C MET E 247 -14.57 10.92 1.82
N LYS E 248 -14.53 10.32 2.99
CA LYS E 248 -15.23 9.06 3.18
C LYS E 248 -16.70 9.19 2.82
N ARG E 249 -17.34 10.27 3.26
CA ARG E 249 -18.74 10.46 2.94
C ARG E 249 -18.94 10.71 1.45
N ALA E 250 -18.07 11.52 0.86
CA ALA E 250 -18.18 11.80 -0.56
C ALA E 250 -18.01 10.54 -1.38
N GLU E 251 -17.10 9.66 -0.98
CA GLU E 251 -16.86 8.44 -1.72
C GLU E 251 -18.06 7.54 -1.65
N PHE E 252 -18.73 7.49 -0.52
CA PHE E 252 -19.90 6.66 -0.41
C PHE E 252 -20.97 7.20 -1.34
N ALA E 253 -21.16 8.52 -1.35
CA ALA E 253 -22.15 9.09 -2.24
C ALA E 253 -21.83 8.75 -3.69
N LYS E 254 -20.55 8.73 -4.05
CA LYS E 254 -20.17 8.32 -5.40
C LYS E 254 -20.53 6.88 -5.66
N GLU E 255 -20.26 5.98 -4.72
CA GLU E 255 -20.56 4.57 -4.92
C GLU E 255 -22.05 4.34 -5.16
N LEU E 256 -22.87 5.14 -4.52
CA LEU E 256 -24.31 5.02 -4.66
C LEU E 256 -24.86 5.70 -5.92
N GLY E 257 -23.99 6.33 -6.71
CA GLY E 257 -24.41 7.00 -7.93
C GLY E 257 -25.06 8.36 -7.73
N MET E 258 -24.71 9.07 -6.68
CA MET E 258 -25.33 10.36 -6.44
C MET E 258 -24.71 11.43 -7.30
N PRO E 259 -25.49 12.15 -8.12
CA PRO E 259 -25.00 13.15 -9.03
C PRO E 259 -24.54 14.43 -8.38
N ILE E 260 -24.96 14.68 -7.15
CA ILE E 260 -24.61 15.94 -6.52
C ILE E 260 -24.42 15.80 -5.02
N ILE E 261 -23.50 16.57 -4.44
CA ILE E 261 -23.30 16.63 -2.99
C ILE E 261 -23.23 18.08 -2.53
N MET E 262 -23.38 18.34 -1.22
CA MET E 262 -23.21 19.71 -0.73
C MET E 262 -22.22 19.87 0.40
N HIS E 263 -21.81 21.12 0.58
CA HIS E 263 -20.85 21.49 1.61
C HIS E 263 -21.05 22.92 2.12
N ASP E 264 -20.92 23.11 3.43
CA ASP E 264 -21.03 24.43 4.10
C ASP E 264 -19.68 25.18 4.16
N PHE E 265 -19.27 25.79 3.06
CA PHE E 265 -17.91 26.31 2.97
C PHE E 265 -17.51 27.37 3.99
N LEU E 266 -18.43 28.17 4.52
CA LEU E 266 -17.94 29.15 5.47
C LEU E 266 -17.82 28.61 6.86
N THR E 267 -18.23 27.38 7.11
CA THR E 267 -18.09 26.87 8.47
C THR E 267 -17.04 25.80 8.43
N ALA E 268 -16.86 25.20 7.25
CA ALA E 268 -15.91 24.13 7.08
C ALA E 268 -14.52 24.65 6.71
N GLY E 269 -14.45 25.71 5.88
CA GLY E 269 -13.18 26.26 5.46
C GLY E 269 -12.88 26.14 3.99
N PHE E 270 -12.10 27.08 3.48
CA PHE E 270 -11.74 27.05 2.08
C PHE E 270 -10.78 25.93 1.77
N THR E 271 -9.97 25.51 2.74
CA THR E 271 -9.05 24.44 2.42
C THR E 271 -9.85 23.20 2.14
N ALA E 272 -10.80 22.91 2.99
CA ALA E 272 -11.62 21.75 2.79
C ALA E 272 -12.44 21.87 1.53
N ASN E 273 -12.98 23.06 1.26
CA ASN E 273 -13.80 23.24 0.09
C ASN E 273 -13.03 22.98 -1.19
N THR E 274 -11.80 23.49 -1.26
CA THR E 274 -10.99 23.35 -2.45
C THR E 274 -10.70 21.87 -2.67
N THR E 275 -10.37 21.14 -1.61
CA THR E 275 -10.10 19.73 -1.71
C THR E 275 -11.30 19.00 -2.26
N LEU E 276 -12.47 19.30 -1.74
CA LEU E 276 -13.65 18.64 -2.21
C LEU E 276 -13.92 18.97 -3.67
N ALA E 277 -13.70 20.22 -4.07
CA ALA E 277 -13.92 20.59 -5.45
C ALA E 277 -13.02 19.81 -6.40
N LYS E 278 -11.77 19.59 -6.03
CA LYS E 278 -10.90 18.79 -6.90
C LYS E 278 -11.40 17.38 -6.98
N TRP E 279 -11.84 16.83 -5.85
CA TRP E 279 -12.37 15.50 -5.85
C TRP E 279 -13.54 15.42 -6.79
N CYS E 280 -14.42 16.40 -6.71
CA CYS E 280 -15.60 16.41 -7.53
C CYS E 280 -15.28 16.43 -9.00
N ARG E 281 -14.31 17.23 -9.42
CA ARG E 281 -13.98 17.22 -10.83
C ARG E 281 -13.53 15.86 -11.27
N ASP E 282 -12.66 15.23 -10.48
CA ASP E 282 -12.18 13.92 -10.87
C ASP E 282 -13.27 12.87 -10.90
N ASN E 283 -14.23 12.96 -10.00
CA ASN E 283 -15.28 11.96 -9.95
C ASN E 283 -16.62 12.32 -10.61
N GLY E 284 -16.75 13.51 -11.17
CA GLY E 284 -17.98 13.83 -11.88
C GLY E 284 -19.19 14.10 -11.00
N VAL E 285 -18.95 14.59 -9.81
CA VAL E 285 -20.05 14.85 -8.89
C VAL E 285 -20.29 16.34 -8.76
N LEU E 286 -21.49 16.81 -9.02
CA LEU E 286 -21.75 18.25 -8.92
C LEU E 286 -21.62 18.71 -7.48
N LEU E 287 -21.12 19.92 -7.29
CA LEU E 287 -20.97 20.43 -5.93
C LEU E 287 -21.83 21.65 -5.57
N HIS E 288 -22.62 21.51 -4.52
CA HIS E 288 -23.51 22.55 -4.03
C HIS E 288 -22.96 23.27 -2.84
N ILE E 289 -22.86 24.57 -2.93
CA ILE E 289 -22.34 25.32 -1.83
C ILE E 289 -23.37 26.15 -1.11
N HIS E 290 -23.41 25.94 0.18
CA HIS E 290 -24.31 26.60 1.08
C HIS E 290 -23.58 27.65 1.89
N ARG E 291 -24.02 28.90 1.79
CA ARG E 291 -23.35 30.00 2.48
C ARG E 291 -23.14 29.66 3.94
N ALA E 292 -24.21 29.23 4.56
CA ALA E 292 -24.31 28.71 5.93
C ALA E 292 -23.79 29.53 7.11
N MET E 293 -22.99 30.56 6.93
CA MET E 293 -22.54 31.43 8.03
C MET E 293 -22.37 32.91 7.66
N HIS E 294 -22.70 33.29 6.45
CA HIS E 294 -22.36 34.62 5.96
C HIS E 294 -22.90 35.78 6.75
N ALA E 295 -24.02 35.64 7.43
CA ALA E 295 -24.57 36.75 8.20
C ALA E 295 -23.62 37.24 9.29
N VAL E 296 -22.71 36.37 9.73
CA VAL E 296 -21.73 36.67 10.74
C VAL E 296 -20.72 37.66 10.21
N ILE E 297 -20.35 37.49 8.94
CA ILE E 297 -19.31 38.23 8.25
C ILE E 297 -19.82 39.42 7.43
N ASP E 298 -20.92 39.28 6.67
CA ASP E 298 -21.30 40.37 5.78
C ASP E 298 -22.59 41.12 6.07
N ARG E 299 -23.30 40.83 7.15
CA ARG E 299 -24.57 41.51 7.36
C ARG E 299 -24.53 42.99 7.64
N GLN E 300 -23.61 43.44 8.47
CA GLN E 300 -23.62 44.84 8.81
C GLN E 300 -22.95 45.59 7.70
N ARG E 301 -23.51 46.72 7.35
CA ARG E 301 -23.00 47.49 6.22
C ARG E 301 -21.73 48.28 6.45
N ASN E 302 -21.26 48.38 7.67
CA ASN E 302 -20.08 49.17 7.89
C ASN E 302 -18.89 48.39 8.43
N HIS E 303 -18.91 47.08 8.34
CA HIS E 303 -17.79 46.28 8.80
C HIS E 303 -17.79 44.90 8.20
N GLY E 304 -16.60 44.37 7.89
CA GLY E 304 -16.51 42.97 7.43
C GLY E 304 -16.35 42.81 5.94
N ILE E 305 -16.82 41.71 5.40
CA ILE E 305 -16.57 41.41 3.99
C ILE E 305 -17.85 41.23 3.21
N HIS E 306 -18.04 42.02 2.17
CA HIS E 306 -19.26 41.93 1.38
C HIS E 306 -19.37 40.57 0.72
N PHE E 307 -20.58 40.03 0.67
CA PHE E 307 -20.79 38.74 0.07
C PHE E 307 -20.23 38.61 -1.32
N ARG E 308 -20.29 39.66 -2.13
CA ARG E 308 -19.82 39.52 -3.51
C ARG E 308 -18.35 39.13 -3.58
N VAL E 309 -17.59 39.42 -2.53
CA VAL E 309 -16.18 39.10 -2.49
C VAL E 309 -16.09 37.64 -2.24
N LEU E 310 -16.87 37.17 -1.28
CA LEU E 310 -16.85 35.76 -0.97
C LEU E 310 -17.34 34.98 -2.18
N ALA E 311 -18.32 35.50 -2.92
CA ALA E 311 -18.83 34.83 -4.09
C ALA E 311 -17.74 34.66 -5.15
N LYS E 312 -16.92 35.69 -5.38
CA LYS E 312 -15.84 35.55 -6.33
C LYS E 312 -14.84 34.53 -5.84
N CYS E 313 -14.53 34.58 -4.55
CA CYS E 313 -13.55 33.68 -4.00
C CYS E 313 -14.01 32.26 -4.19
N LEU E 314 -15.29 32.02 -3.97
CA LEU E 314 -15.80 30.70 -4.14
C LEU E 314 -15.71 30.28 -5.58
N ARG E 315 -16.10 31.15 -6.53
CA ARG E 315 -16.05 30.71 -7.92
C ARG E 315 -14.66 30.22 -8.25
N LEU E 316 -13.61 30.88 -7.77
CA LEU E 316 -12.27 30.41 -8.01
C LEU E 316 -11.96 29.06 -7.31
N SER E 317 -12.38 28.89 -6.05
CA SER E 317 -12.15 27.63 -5.33
C SER E 317 -12.87 26.43 -5.91
N GLY E 318 -14.17 26.57 -6.12
CA GLY E 318 -14.99 25.50 -6.64
C GLY E 318 -16.46 25.65 -6.31
N GLY E 319 -17.27 24.70 -6.72
CA GLY E 319 -18.70 24.74 -6.50
C GLY E 319 -19.42 25.05 -7.79
N ASP E 320 -20.47 24.29 -8.07
CA ASP E 320 -21.27 24.45 -9.26
C ASP E 320 -22.51 25.29 -8.97
N HIS E 321 -23.04 25.16 -7.76
CA HIS E 321 -24.23 25.91 -7.32
C HIS E 321 -23.86 26.75 -6.13
N LEU E 322 -24.42 27.94 -6.01
CA LEU E 322 -24.22 28.74 -4.79
C LEU E 322 -25.43 29.49 -4.33
N HIS E 323 -25.78 29.31 -3.07
CA HIS E 323 -26.88 30.08 -2.53
C HIS E 323 -26.58 31.54 -2.60
N SER E 324 -27.54 32.30 -3.10
CA SER E 324 -27.43 33.73 -3.24
C SER E 324 -28.45 34.34 -2.38
N GLY E 325 -29.49 33.56 -2.18
CA GLY E 325 -30.64 34.02 -1.45
C GLY E 325 -31.54 34.71 -2.44
N THR E 326 -32.68 35.19 -1.95
CA THR E 326 -33.66 35.81 -2.82
C THR E 326 -33.58 37.31 -2.90
N VAL E 327 -34.49 37.85 -3.68
CA VAL E 327 -34.62 39.26 -3.96
C VAL E 327 -36.02 39.64 -3.63
N VAL E 328 -36.83 38.60 -3.57
CA VAL E 328 -38.25 38.75 -3.41
C VAL E 328 -38.71 38.35 -2.02
N ASP E 334 -29.62 45.09 -0.94
CA ASP E 334 -30.42 45.76 -1.97
C ASP E 334 -30.55 44.92 -3.22
N LYS E 335 -31.62 45.16 -3.95
CA LYS E 335 -31.85 44.47 -5.19
C LYS E 335 -30.69 44.67 -6.14
N ALA E 336 -30.19 45.90 -6.25
CA ALA E 336 -29.14 46.15 -7.20
C ALA E 336 -27.89 45.37 -6.87
N SER E 337 -27.55 45.33 -5.59
CA SER E 337 -26.36 44.64 -5.14
C SER E 337 -26.45 43.16 -5.42
N THR E 338 -27.63 42.58 -5.19
CA THR E 338 -27.81 41.16 -5.43
C THR E 338 -27.65 40.88 -6.90
N LEU E 339 -28.27 41.68 -7.75
CA LEU E 339 -28.17 41.43 -9.17
C LEU E 339 -26.73 41.51 -9.60
N GLY E 340 -26.02 42.46 -9.01
CA GLY E 340 -24.62 42.66 -9.31
C GLY E 340 -23.82 41.39 -9.10
N PHE E 341 -23.86 40.81 -7.90
CA PHE E 341 -23.04 39.61 -7.76
C PHE E 341 -23.55 38.42 -8.53
N VAL E 342 -24.83 38.37 -8.81
CA VAL E 342 -25.28 37.26 -9.59
C VAL E 342 -24.59 37.32 -10.95
N ASP E 343 -24.50 38.49 -11.58
CA ASP E 343 -23.76 38.52 -12.84
C ASP E 343 -22.29 38.20 -12.63
N LEU E 344 -21.70 38.69 -11.54
CA LEU E 344 -20.28 38.44 -11.35
C LEU E 344 -19.95 36.97 -11.30
N MET E 345 -20.82 36.17 -10.73
CA MET E 345 -20.54 34.76 -10.66
C MET E 345 -21.07 33.94 -11.84
N ARG E 346 -21.67 34.57 -12.85
CA ARG E 346 -22.18 33.80 -13.98
C ARG E 346 -21.57 34.19 -15.32
N GLU E 347 -21.29 35.46 -15.50
CA GLU E 347 -20.84 36.03 -16.75
C GLU E 347 -19.34 35.89 -16.97
N ASP E 348 -18.93 36.01 -18.23
CA ASP E 348 -17.52 35.98 -18.55
C ASP E 348 -16.84 37.33 -18.41
N HIS E 349 -17.59 38.39 -18.62
CA HIS E 349 -16.99 39.71 -18.53
C HIS E 349 -17.98 40.72 -18.03
N ILE E 350 -17.64 41.34 -16.91
CA ILE E 350 -18.52 42.30 -16.27
C ILE E 350 -17.92 43.68 -16.19
N GLU E 351 -18.57 44.63 -16.83
CA GLU E 351 -18.10 46.01 -16.82
C GLU E 351 -18.33 46.63 -15.46
N ALA E 352 -17.40 47.45 -14.99
CA ALA E 352 -17.62 48.10 -13.71
C ALA E 352 -18.88 48.96 -13.77
N ASP E 353 -19.62 48.96 -12.68
CA ASP E 353 -20.84 49.73 -12.54
C ASP E 353 -21.15 49.91 -11.08
N ARG E 354 -20.83 51.07 -10.58
CA ARG E 354 -20.95 51.33 -9.16
C ARG E 354 -22.37 51.25 -8.65
N SER E 355 -23.35 51.42 -9.53
CA SER E 355 -24.74 51.42 -9.08
C SER E 355 -25.23 50.03 -8.76
N ARG E 356 -24.44 49.02 -9.14
CA ARG E 356 -24.79 47.64 -8.91
C ARG E 356 -23.78 47.03 -7.98
N GLY E 357 -22.93 47.86 -7.39
CA GLY E 357 -21.91 47.37 -6.49
C GLY E 357 -20.70 46.74 -7.17
N VAL E 358 -20.46 46.99 -8.44
CA VAL E 358 -19.31 46.39 -9.09
C VAL E 358 -18.27 47.46 -9.23
N PHE E 359 -17.15 47.31 -8.55
CA PHE E 359 -16.18 48.37 -8.56
C PHE E 359 -15.17 48.25 -9.66
N PHE E 360 -14.89 47.03 -10.05
CA PHE E 360 -13.86 46.85 -11.03
C PHE E 360 -14.34 46.00 -12.17
N THR E 361 -13.89 46.30 -13.36
CA THR E 361 -14.21 45.42 -14.46
C THR E 361 -13.52 44.09 -14.23
N GLN E 362 -14.27 43.00 -14.33
CA GLN E 362 -13.73 41.68 -14.08
C GLN E 362 -13.86 40.75 -15.26
N ASP E 363 -12.73 40.32 -15.77
CA ASP E 363 -12.62 39.40 -16.89
C ASP E 363 -12.37 38.01 -16.33
N TRP E 364 -13.29 37.07 -16.53
CA TRP E 364 -13.12 35.75 -15.96
C TRP E 364 -12.34 34.77 -16.81
N ALA E 365 -11.85 35.20 -17.96
CA ALA E 365 -11.01 34.40 -18.82
C ALA E 365 -11.53 33.01 -19.12
N SER E 366 -12.80 32.95 -19.47
CA SER E 366 -13.52 31.73 -19.83
C SER E 366 -13.63 30.68 -18.73
N MET E 367 -13.49 31.07 -17.47
CA MET E 367 -13.74 30.15 -16.40
C MET E 367 -15.27 30.01 -16.32
N PRO E 368 -15.83 28.81 -16.17
CA PRO E 368 -17.25 28.59 -16.06
C PRO E 368 -17.87 29.30 -14.88
N GLY E 369 -19.15 29.66 -15.02
CA GLY E 369 -19.89 30.31 -13.96
C GLY E 369 -20.54 29.33 -13.00
N VAL E 370 -21.25 29.87 -12.01
CA VAL E 370 -21.95 29.18 -10.92
C VAL E 370 -23.44 29.48 -10.87
N LEU E 371 -24.27 28.46 -10.78
CA LEU E 371 -25.70 28.75 -10.73
C LEU E 371 -26.11 29.31 -9.39
N PRO E 372 -26.79 30.44 -9.30
CA PRO E 372 -27.27 31.02 -8.08
C PRO E 372 -28.40 30.19 -7.58
N VAL E 373 -28.53 30.08 -6.30
CA VAL E 373 -29.69 29.40 -5.76
C VAL E 373 -30.48 30.36 -4.90
N ALA E 374 -31.72 30.59 -5.29
CA ALA E 374 -32.58 31.49 -4.58
C ALA E 374 -33.30 30.71 -3.51
N SER E 375 -33.47 31.30 -2.35
CA SER E 375 -34.18 30.61 -1.29
C SER E 375 -34.59 31.55 -0.19
N GLY E 376 -35.59 31.13 0.57
CA GLY E 376 -36.02 31.78 1.78
C GLY E 376 -37.15 32.75 1.53
N GLY E 377 -38.30 32.52 2.16
CA GLY E 377 -39.40 33.44 1.96
C GLY E 377 -40.05 33.36 0.58
N ILE E 378 -39.96 32.21 -0.08
CA ILE E 378 -40.54 32.12 -1.41
C ILE E 378 -41.54 30.99 -1.53
N HIS E 379 -42.46 31.16 -2.46
CA HIS E 379 -43.58 30.26 -2.72
C HIS E 379 -43.92 30.31 -4.19
N VAL E 380 -44.91 29.53 -4.64
CA VAL E 380 -45.30 29.58 -6.06
C VAL E 380 -45.78 30.97 -6.43
N TRP E 381 -46.36 31.62 -5.44
CA TRP E 381 -46.87 32.96 -5.50
C TRP E 381 -45.85 33.94 -6.11
N HIS E 382 -44.58 33.71 -5.81
CA HIS E 382 -43.48 34.59 -6.20
C HIS E 382 -42.70 34.05 -7.38
N MET E 383 -43.20 32.99 -7.98
CA MET E 383 -42.49 32.37 -9.06
C MET E 383 -42.26 33.33 -10.23
N PRO E 384 -43.24 34.12 -10.70
CA PRO E 384 -43.07 35.03 -11.80
C PRO E 384 -41.86 35.91 -11.62
N ALA E 385 -41.80 36.58 -10.46
CA ALA E 385 -40.68 37.45 -10.19
C ALA E 385 -39.38 36.69 -10.21
N LEU E 386 -39.34 35.54 -9.57
CA LEU E 386 -38.08 34.84 -9.54
C LEU E 386 -37.59 34.45 -10.92
N VAL E 387 -38.50 34.03 -11.78
CA VAL E 387 -38.09 33.65 -13.12
C VAL E 387 -37.56 34.86 -13.89
N GLU E 388 -38.26 35.98 -13.81
CA GLU E 388 -37.81 37.17 -14.53
C GLU E 388 -36.50 37.73 -13.99
N ILE E 389 -36.32 37.72 -12.67
CA ILE E 389 -35.13 38.23 -12.02
C ILE E 389 -33.90 37.42 -12.31
N PHE E 390 -33.99 36.11 -12.18
CA PHE E 390 -32.81 35.27 -12.35
C PHE E 390 -32.63 34.67 -13.74
N GLY E 391 -33.64 34.65 -14.58
CA GLY E 391 -33.48 34.04 -15.90
C GLY E 391 -33.46 32.55 -15.79
N ASP E 392 -32.85 31.86 -16.75
CA ASP E 392 -32.91 30.42 -16.77
C ASP E 392 -31.79 29.77 -15.97
N ASP E 393 -30.66 30.44 -15.88
CA ASP E 393 -29.52 29.84 -15.23
C ASP E 393 -29.55 30.01 -13.74
N SER E 394 -30.46 29.29 -13.10
CA SER E 394 -30.67 29.36 -11.66
C SER E 394 -31.39 28.15 -11.09
N VAL E 395 -31.37 28.06 -9.76
CA VAL E 395 -32.11 27.03 -9.05
C VAL E 395 -33.00 27.71 -8.00
N LEU E 396 -34.27 27.32 -7.92
CA LEU E 396 -35.15 27.91 -6.92
C LEU E 396 -35.52 26.87 -5.84
N GLN E 397 -35.09 27.11 -4.60
CA GLN E 397 -35.35 26.18 -3.49
C GLN E 397 -36.47 26.66 -2.59
N PHE E 398 -37.45 25.81 -2.36
CA PHE E 398 -38.59 26.18 -1.54
C PHE E 398 -38.62 25.44 -0.21
N GLY E 399 -39.16 26.06 0.82
CA GLY E 399 -39.26 25.39 2.10
C GLY E 399 -40.14 24.16 1.95
N GLY E 404 -46.17 24.47 4.41
CA GLY E 404 -46.25 23.26 3.62
C GLY E 404 -47.52 23.22 2.80
N HIS E 405 -47.53 22.41 1.75
CA HIS E 405 -48.71 22.26 0.90
C HIS E 405 -49.79 21.54 1.72
N PRO E 406 -51.09 21.91 1.57
CA PRO E 406 -52.22 21.27 2.20
C PRO E 406 -52.42 19.78 1.93
N TRP E 407 -51.86 19.22 0.86
CA TRP E 407 -52.09 17.82 0.58
C TRP E 407 -50.84 16.95 0.54
N GLY E 408 -50.13 16.77 1.64
CA GLY E 408 -48.92 15.95 1.55
C GLY E 408 -47.82 16.69 0.81
N ASN E 409 -46.89 15.96 0.17
CA ASN E 409 -45.78 16.64 -0.47
C ASN E 409 -45.79 16.55 -1.99
N ALA E 410 -46.25 15.45 -2.57
CA ALA E 410 -46.15 15.38 -4.03
C ALA E 410 -46.92 16.50 -4.70
N PRO E 411 -48.12 16.92 -4.23
CA PRO E 411 -48.84 18.06 -4.74
C PRO E 411 -48.09 19.36 -4.57
N GLY E 412 -47.15 19.40 -3.63
CA GLY E 412 -46.32 20.55 -3.38
C GLY E 412 -45.41 20.65 -4.56
N ALA E 413 -44.73 19.55 -4.81
CA ALA E 413 -43.80 19.47 -5.92
C ALA E 413 -44.51 19.78 -7.21
N THR E 414 -45.73 19.27 -7.35
CA THR E 414 -46.49 19.52 -8.55
C THR E 414 -46.78 21.00 -8.66
N ALA E 415 -47.26 21.63 -7.59
CA ALA E 415 -47.59 23.03 -7.68
C ALA E 415 -46.39 23.86 -8.09
N ASN E 416 -45.19 23.52 -7.59
CA ASN E 416 -44.05 24.31 -7.97
C ASN E 416 -43.65 24.03 -9.40
N ARG E 417 -43.73 22.78 -9.82
CA ARG E 417 -43.36 22.44 -11.18
C ARG E 417 -44.27 23.14 -12.16
N VAL E 418 -45.55 23.19 -11.86
CA VAL E 418 -46.50 23.83 -12.74
C VAL E 418 -46.27 25.32 -12.77
N ALA E 419 -46.12 25.92 -11.60
CA ALA E 419 -45.93 27.36 -11.55
C ALA E 419 -44.71 27.77 -12.33
N LEU E 420 -43.62 27.00 -12.23
CA LEU E 420 -42.43 27.38 -12.94
C LEU E 420 -42.63 27.28 -14.43
N GLU E 421 -43.21 26.17 -14.90
CA GLU E 421 -43.37 26.03 -16.34
C GLU E 421 -44.27 27.13 -16.88
N ALA E 422 -45.31 27.49 -16.12
CA ALA E 422 -46.21 28.54 -16.56
C ALA E 422 -45.45 29.83 -16.73
N CYS E 423 -44.56 30.12 -15.78
CA CYS E 423 -43.80 31.35 -15.83
C CYS E 423 -42.83 31.37 -16.98
N VAL E 424 -42.16 30.27 -17.23
CA VAL E 424 -41.21 30.22 -18.32
C VAL E 424 -41.90 30.39 -19.65
N GLN E 425 -43.01 29.68 -19.86
CA GLN E 425 -43.69 29.80 -21.12
C GLN E 425 -44.22 31.20 -21.29
N ALA E 426 -44.70 31.81 -20.22
CA ALA E 426 -45.18 33.17 -20.33
C ALA E 426 -44.05 34.12 -20.74
N ARG E 427 -42.87 33.95 -20.15
CA ARG E 427 -41.76 34.81 -20.48
C ARG E 427 -41.41 34.70 -21.96
N ASN E 428 -41.48 33.48 -22.50
CA ASN E 428 -41.16 33.22 -23.89
C ASN E 428 -42.19 33.79 -24.87
N GLU E 429 -43.34 34.24 -24.37
CA GLU E 429 -44.39 34.81 -25.19
C GLU E 429 -44.34 36.32 -25.09
N GLY E 430 -43.36 36.84 -24.35
CA GLY E 430 -43.23 38.27 -24.15
C GLY E 430 -44.17 38.82 -23.09
N ARG E 431 -44.65 37.98 -22.17
CA ARG E 431 -45.55 38.49 -21.16
C ARG E 431 -44.79 39.21 -20.08
N ASP E 432 -45.45 40.14 -19.42
CA ASP E 432 -44.84 40.87 -18.33
C ASP E 432 -45.02 40.08 -17.06
N LEU E 433 -43.97 39.46 -16.56
CA LEU E 433 -44.13 38.58 -15.41
C LEU E 433 -44.34 39.31 -14.10
N TYR E 434 -44.26 40.62 -14.09
CA TYR E 434 -44.51 41.33 -12.86
C TYR E 434 -45.96 41.80 -12.88
N ARG E 435 -46.41 42.29 -14.03
CA ARG E 435 -47.78 42.78 -14.14
C ARG E 435 -48.81 41.66 -14.36
N GLU E 436 -48.46 40.68 -15.17
CA GLU E 436 -49.34 39.57 -15.52
C GLU E 436 -49.09 38.38 -14.61
N GLY E 437 -48.23 38.55 -13.63
CA GLY E 437 -47.85 37.43 -12.76
C GLY E 437 -49.06 36.75 -12.11
N GLY E 438 -50.11 37.53 -11.79
CA GLY E 438 -51.30 36.98 -11.17
C GLY E 438 -52.18 36.17 -12.13
N ASP E 439 -51.96 36.34 -13.43
CA ASP E 439 -52.74 35.62 -14.43
C ASP E 439 -51.96 34.40 -14.89
N ILE E 440 -50.64 34.56 -14.94
CA ILE E 440 -49.75 33.50 -15.38
C ILE E 440 -49.88 32.33 -14.41
N LEU E 441 -49.83 32.60 -13.10
CA LEU E 441 -50.04 31.55 -12.13
C LEU E 441 -51.47 31.03 -12.22
N SER E 448 -55.95 19.26 -12.63
CA SER E 448 -54.71 19.53 -11.92
C SER E 448 -54.88 20.67 -10.91
N PRO E 449 -55.56 20.43 -9.78
CA PRO E 449 -55.84 21.38 -8.74
C PRO E 449 -54.73 21.58 -7.71
N GLU E 450 -53.53 21.04 -7.97
CA GLU E 450 -52.46 21.13 -6.99
C GLU E 450 -51.99 22.56 -6.86
N LEU E 451 -51.76 23.21 -8.00
CA LEU E 451 -51.34 24.59 -7.95
C LEU E 451 -52.46 25.42 -7.40
N ALA E 452 -53.69 25.11 -7.80
CA ALA E 452 -54.79 25.89 -7.30
C ALA E 452 -54.84 25.79 -5.80
N ALA E 453 -54.64 24.60 -5.22
CA ALA E 453 -54.71 24.52 -3.78
C ALA E 453 -53.68 25.45 -3.14
N ALA E 454 -52.48 25.51 -3.71
CA ALA E 454 -51.46 26.40 -3.18
C ALA E 454 -51.85 27.88 -3.30
N LEU E 455 -52.39 28.24 -4.46
CA LEU E 455 -52.76 29.62 -4.72
C LEU E 455 -53.95 30.03 -3.88
N ASP E 456 -54.86 29.09 -3.65
CA ASP E 456 -56.06 29.33 -2.86
C ASP E 456 -55.69 29.54 -1.41
N LEU E 457 -54.71 28.78 -0.92
CA LEU E 457 -54.26 28.94 0.45
C LEU E 457 -53.77 30.36 0.66
N TRP E 458 -53.02 30.87 -0.32
CA TRP E 458 -52.54 32.22 -0.26
C TRP E 458 -52.77 32.96 -1.57
N LEU F 18 -44.27 32.80 21.71
CA LEU F 18 -43.19 32.60 22.66
C LEU F 18 -43.12 31.16 23.11
N THR F 19 -43.33 30.23 22.21
CA THR F 19 -43.33 28.80 22.56
C THR F 19 -41.92 28.28 22.82
N TYR F 20 -40.94 29.08 22.44
CA TYR F 20 -39.53 28.82 22.61
C TYR F 20 -38.93 29.59 23.78
N TYR F 21 -39.77 30.25 24.60
CA TYR F 21 -39.25 30.98 25.75
C TYR F 21 -39.94 30.57 27.02
N THR F 22 -39.13 30.04 27.93
CA THR F 22 -39.61 29.55 29.19
C THR F 22 -38.90 30.27 30.33
N PRO F 23 -39.52 31.26 30.97
CA PRO F 23 -38.95 32.07 32.03
C PRO F 23 -38.47 31.27 33.23
N ASP F 24 -39.00 30.05 33.38
CA ASP F 24 -38.62 29.21 34.50
C ASP F 24 -38.21 27.83 34.00
N TYR F 25 -36.91 27.63 33.85
CA TYR F 25 -36.31 26.43 33.34
C TYR F 25 -34.92 26.26 33.90
N THR F 26 -34.59 25.06 34.32
CA THR F 26 -33.25 24.80 34.79
C THR F 26 -32.59 23.88 33.80
N PRO F 27 -31.45 24.26 33.22
CA PRO F 27 -30.68 23.47 32.29
C PRO F 27 -30.20 22.18 32.85
N LYS F 28 -30.09 21.19 31.99
CA LYS F 28 -29.59 19.90 32.38
C LYS F 28 -28.08 19.92 32.29
N ASP F 29 -27.43 19.01 32.99
CA ASP F 29 -25.97 18.92 32.95
C ASP F 29 -25.42 18.56 31.57
N THR F 30 -26.27 18.03 30.72
CA THR F 30 -25.91 17.65 29.38
C THR F 30 -26.30 18.68 28.35
N ASP F 31 -26.90 19.80 28.76
CA ASP F 31 -27.29 20.82 27.79
C ASP F 31 -26.13 21.69 27.40
N LEU F 32 -26.15 22.17 26.18
CA LEU F 32 -25.18 23.15 25.74
C LEU F 32 -25.81 24.49 25.92
N LEU F 33 -25.09 25.42 26.48
CA LEU F 33 -25.72 26.71 26.68
C LEU F 33 -25.05 27.78 25.87
N ALA F 34 -25.82 28.74 25.39
CA ALA F 34 -25.18 29.85 24.72
C ALA F 34 -25.77 31.16 25.18
N ALA F 35 -24.90 32.15 25.26
CA ALA F 35 -25.26 33.49 25.65
C ALA F 35 -25.10 34.44 24.50
N PHE F 36 -26.19 35.06 24.11
CA PHE F 36 -26.21 36.01 23.04
C PHE F 36 -26.51 37.39 23.55
N ARG F 37 -26.05 38.40 22.82
CA ARG F 37 -26.39 39.78 23.10
C ARG F 37 -27.05 40.33 21.86
N PHE F 38 -28.13 41.07 22.02
CA PHE F 38 -28.81 41.56 20.84
C PHE F 38 -29.53 42.87 21.04
N SER F 39 -29.86 43.49 19.91
CA SER F 39 -30.65 44.70 19.92
C SER F 39 -31.82 44.53 18.96
N PRO F 40 -33.06 44.42 19.48
CA PRO F 40 -34.33 44.27 18.76
C PRO F 40 -34.69 45.41 17.85
N GLN F 41 -35.41 45.13 16.79
CA GLN F 41 -35.90 46.22 15.97
C GLN F 41 -36.93 46.92 16.81
N PRO F 42 -37.11 48.24 16.70
CA PRO F 42 -38.12 48.94 17.42
C PRO F 42 -39.43 48.26 17.13
N GLY F 43 -40.23 48.04 18.16
CA GLY F 43 -41.50 47.36 18.00
C GLY F 43 -41.44 45.90 18.44
N VAL F 44 -40.25 45.33 18.54
CA VAL F 44 -40.10 43.94 18.94
C VAL F 44 -39.69 43.82 20.41
N PRO F 45 -40.49 43.20 21.29
CA PRO F 45 -40.19 42.97 22.68
C PRO F 45 -38.98 42.07 22.82
N ALA F 46 -38.21 42.26 23.89
CA ALA F 46 -37.06 41.38 24.14
C ALA F 46 -37.51 39.93 24.17
N ASP F 47 -38.69 39.66 24.73
CA ASP F 47 -39.20 38.32 24.84
C ASP F 47 -39.29 37.62 23.52
N GLU F 48 -39.70 38.36 22.49
CA GLU F 48 -39.90 37.76 21.20
C GLU F 48 -38.58 37.54 20.55
N ALA F 49 -37.70 38.51 20.70
CA ALA F 49 -36.39 38.36 20.09
C ALA F 49 -35.70 37.15 20.70
N GLY F 50 -35.83 36.97 22.01
CA GLY F 50 -35.23 35.85 22.71
C GLY F 50 -35.74 34.54 22.14
N ALA F 51 -37.05 34.40 22.10
CA ALA F 51 -37.63 33.19 21.57
C ALA F 51 -37.21 32.95 20.14
N ALA F 52 -37.16 34.02 19.34
CA ALA F 52 -36.79 33.92 17.95
C ALA F 52 -35.39 33.40 17.78
N ILE F 53 -34.45 33.84 18.62
CA ILE F 53 -33.08 33.38 18.48
C ILE F 53 -33.09 31.87 18.70
N ALA F 54 -33.77 31.42 19.75
CA ALA F 54 -33.81 29.99 20.01
C ALA F 54 -34.46 29.22 18.87
N ALA F 55 -35.55 29.74 18.34
CA ALA F 55 -36.22 29.04 17.27
C ALA F 55 -35.39 28.96 16.02
N GLU F 56 -34.81 30.07 15.63
CA GLU F 56 -34.05 30.09 14.40
C GLU F 56 -32.83 29.22 14.48
N SER F 57 -32.18 29.21 15.65
CA SER F 57 -31.00 28.38 15.80
C SER F 57 -31.29 26.89 16.04
N SER F 58 -32.49 26.49 16.47
CA SER F 58 -32.69 25.06 16.70
C SER F 58 -33.75 24.36 15.83
N THR F 59 -34.73 25.08 15.30
CA THR F 59 -35.76 24.42 14.50
C THR F 59 -36.06 25.25 13.27
N ASP F 74 -40.19 18.27 20.31
CA ASP F 74 -39.77 19.20 21.34
C ASP F 74 -38.41 18.80 21.87
N ARG F 75 -38.09 17.53 21.78
CA ARG F 75 -36.83 17.01 22.27
C ARG F 75 -35.63 17.60 21.52
N TYR F 76 -35.87 18.17 20.35
CA TYR F 76 -34.82 18.76 19.57
C TYR F 76 -34.89 20.28 19.49
N LYS F 77 -35.69 20.94 20.32
CA LYS F 77 -35.72 22.38 20.15
C LYS F 77 -34.92 23.04 21.24
N GLY F 78 -34.37 24.21 20.95
CA GLY F 78 -33.65 24.96 21.95
C GLY F 78 -34.64 25.73 22.77
N LYS F 79 -34.23 26.17 23.93
CA LYS F 79 -35.13 26.94 24.77
C LYS F 79 -34.46 28.15 25.36
N CYS F 80 -35.09 29.29 25.18
CA CYS F 80 -34.59 30.49 25.80
C CYS F 80 -35.08 30.47 27.23
N TYR F 81 -34.21 30.72 28.19
CA TYR F 81 -34.64 30.66 29.58
C TYR F 81 -34.34 31.89 30.42
N HIS F 82 -33.74 32.89 29.83
CA HIS F 82 -33.41 34.10 30.58
C HIS F 82 -33.14 35.18 29.54
N ILE F 83 -33.71 36.37 29.74
CA ILE F 83 -33.54 37.50 28.81
C ILE F 83 -33.09 38.80 29.44
N GLU F 84 -32.22 38.69 30.41
CA GLU F 84 -31.71 39.82 31.19
C GLU F 84 -31.20 40.97 30.33
N PRO F 85 -31.58 42.24 30.59
CA PRO F 85 -31.15 43.42 29.90
C PRO F 85 -29.71 43.69 30.25
N VAL F 86 -28.98 44.39 29.41
CA VAL F 86 -27.64 44.74 29.80
C VAL F 86 -27.71 46.12 30.41
N GLN F 87 -27.02 46.31 31.50
CA GLN F 87 -27.02 47.59 32.17
C GLN F 87 -26.46 48.68 31.28
N GLY F 88 -26.99 49.89 31.43
CA GLY F 88 -26.47 51.06 30.75
C GLY F 88 -27.00 51.25 29.34
N GLU F 89 -26.73 50.30 28.48
CA GLU F 89 -27.16 50.38 27.09
C GLU F 89 -28.67 50.27 26.92
N GLU F 90 -29.20 51.06 26.00
CA GLU F 90 -30.62 51.02 25.69
C GLU F 90 -30.86 50.03 24.59
N ASN F 91 -32.02 49.38 24.61
CA ASN F 91 -32.39 48.45 23.57
C ASN F 91 -31.29 47.42 23.36
N SER F 92 -30.78 46.90 24.46
CA SER F 92 -29.71 45.92 24.41
C SER F 92 -29.96 44.90 25.50
N TYR F 93 -30.06 43.64 25.07
CA TYR F 93 -30.42 42.55 25.95
C TYR F 93 -29.58 41.31 25.76
N PHE F 94 -29.60 40.45 26.76
CA PHE F 94 -28.99 39.14 26.64
C PHE F 94 -30.04 38.08 26.47
N ALA F 95 -29.64 36.94 25.95
CA ALA F 95 -30.52 35.79 25.88
C ALA F 95 -29.72 34.56 26.14
N PHE F 96 -30.25 33.74 27.01
CA PHE F 96 -29.62 32.50 27.37
C PHE F 96 -30.41 31.34 26.84
N ILE F 97 -29.79 30.59 25.96
CA ILE F 97 -30.46 29.51 25.30
C ILE F 97 -29.84 28.15 25.50
N ALA F 98 -30.66 27.20 25.91
CA ALA F 98 -30.19 25.84 26.07
C ALA F 98 -30.43 25.04 24.82
N TYR F 99 -29.50 24.15 24.50
CA TYR F 99 -29.64 23.25 23.38
C TYR F 99 -29.36 21.82 23.82
N PRO F 100 -30.21 20.85 23.54
CA PRO F 100 -30.03 19.46 23.87
C PRO F 100 -28.76 18.87 23.29
N LEU F 101 -28.14 17.98 24.03
CA LEU F 101 -26.91 17.29 23.62
C LEU F 101 -27.02 16.65 22.24
N ASP F 102 -28.20 16.13 21.92
CA ASP F 102 -28.42 15.39 20.68
C ASP F 102 -28.51 16.23 19.44
N LEU F 103 -28.32 17.52 19.55
CA LEU F 103 -28.29 18.32 18.35
C LEU F 103 -26.89 18.42 17.82
N PHE F 104 -25.90 17.84 18.51
CA PHE F 104 -24.55 18.03 18.03
C PHE F 104 -23.84 16.74 17.66
N GLU F 105 -23.08 16.81 16.58
CA GLU F 105 -22.27 15.69 16.13
C GLU F 105 -21.08 15.50 17.03
N GLU F 106 -20.86 14.28 17.48
CA GLU F 106 -19.74 14.05 18.37
C GLU F 106 -18.45 14.43 17.72
N GLY F 107 -17.61 15.15 18.43
CA GLY F 107 -16.29 15.50 17.95
C GLY F 107 -16.22 16.58 16.89
N SER F 108 -17.33 17.28 16.57
CA SER F 108 -17.22 18.24 15.48
C SER F 108 -17.53 19.69 15.74
N VAL F 109 -16.48 20.52 15.70
CA VAL F 109 -16.63 21.94 15.90
C VAL F 109 -17.43 22.54 14.79
N THR F 110 -17.17 22.08 13.57
CA THR F 110 -17.83 22.55 12.39
C THR F 110 -19.32 22.43 12.59
N ASN F 111 -19.75 21.27 13.10
CA ASN F 111 -21.17 21.08 13.31
C ASN F 111 -21.73 21.96 14.39
N ILE F 112 -21.01 22.12 15.49
CA ILE F 112 -21.55 22.92 16.56
C ILE F 112 -21.77 24.34 16.09
N LEU F 113 -20.78 24.91 15.43
CA LEU F 113 -20.94 26.26 14.93
C LEU F 113 -22.01 26.34 13.87
N THR F 114 -22.11 25.37 12.99
CA THR F 114 -23.13 25.49 11.97
C THR F 114 -24.49 25.56 12.65
N SER F 115 -24.73 24.69 13.61
CA SER F 115 -26.01 24.66 14.33
C SER F 115 -26.30 25.91 15.13
N ILE F 116 -25.31 26.49 15.79
CA ILE F 116 -25.58 27.64 16.62
C ILE F 116 -25.50 28.99 15.91
N VAL F 117 -24.50 29.20 15.07
CA VAL F 117 -24.35 30.52 14.48
C VAL F 117 -24.58 30.61 12.99
N GLY F 118 -25.00 29.54 12.31
CA GLY F 118 -25.15 29.63 10.88
C GLY F 118 -26.10 30.72 10.35
N ASN F 119 -27.36 30.70 10.74
CA ASN F 119 -28.27 31.70 10.18
C ASN F 119 -29.03 32.53 11.18
N VAL F 120 -28.72 32.37 12.45
CA VAL F 120 -29.40 33.11 13.49
C VAL F 120 -29.09 34.60 13.45
N PHE F 121 -28.01 34.95 12.76
CA PHE F 121 -27.54 36.33 12.63
C PHE F 121 -28.17 37.04 11.47
N GLY F 122 -29.02 36.35 10.72
CA GLY F 122 -29.61 36.94 9.53
C GLY F 122 -31.09 37.31 9.55
N PHE F 123 -31.80 37.38 10.69
CA PHE F 123 -33.22 37.68 10.52
C PHE F 123 -33.62 39.06 11.03
N LYS F 124 -34.67 39.56 10.39
CA LYS F 124 -35.20 40.90 10.56
C LYS F 124 -35.63 41.36 11.93
N ALA F 125 -36.03 40.47 12.82
CA ALA F 125 -36.50 40.91 14.14
C ALA F 125 -35.42 41.62 14.96
N ILE F 126 -34.16 41.36 14.65
CA ILE F 126 -33.03 41.88 15.39
C ILE F 126 -32.14 42.75 14.53
N ARG F 127 -31.75 43.93 15.06
CA ARG F 127 -30.88 44.86 14.34
C ARG F 127 -29.46 44.35 14.29
N SER F 128 -29.04 43.79 15.41
CA SER F 128 -27.69 43.23 15.52
C SER F 128 -27.65 42.11 16.52
N LEU F 129 -26.72 41.18 16.31
CA LEU F 129 -26.58 40.02 17.20
C LEU F 129 -25.15 39.61 17.38
N ARG F 130 -24.76 39.35 18.63
CA ARG F 130 -23.42 38.89 18.89
C ARG F 130 -23.46 37.70 19.81
N LEU F 131 -22.62 36.72 19.56
CA LEU F 131 -22.50 35.58 20.44
C LEU F 131 -21.40 35.83 21.45
N GLU F 132 -21.74 35.77 22.73
CA GLU F 132 -20.77 36.08 23.76
C GLU F 132 -20.16 34.84 24.38
N ASP F 133 -20.93 33.78 24.56
CA ASP F 133 -20.34 32.62 25.23
C ASP F 133 -21.07 31.31 24.99
N ILE F 134 -20.32 30.22 25.11
CA ILE F 134 -20.82 28.86 25.03
C ILE F 134 -20.34 27.95 26.15
N ARG F 135 -21.27 27.25 26.77
CA ARG F 135 -20.94 26.27 27.76
C ARG F 135 -20.98 24.89 27.16
N PHE F 136 -19.86 24.21 27.12
CA PHE F 136 -19.84 22.90 26.51
C PHE F 136 -19.99 21.88 27.63
N PRO F 137 -21.01 21.04 27.64
CA PRO F 137 -21.25 20.10 28.69
C PRO F 137 -20.17 19.07 28.65
N VAL F 138 -19.84 18.46 29.79
CA VAL F 138 -18.81 17.44 29.83
C VAL F 138 -19.05 16.34 28.84
N ALA F 139 -20.29 15.92 28.71
CA ALA F 139 -20.68 14.87 27.82
C ALA F 139 -20.29 15.13 26.37
N LEU F 140 -20.08 16.39 26.00
CA LEU F 140 -19.71 16.73 24.65
C LEU F 140 -18.21 16.97 24.58
N VAL F 141 -17.64 17.54 25.63
CA VAL F 141 -16.22 17.83 25.69
C VAL F 141 -15.42 16.57 25.51
N LYS F 142 -15.88 15.48 26.10
CA LYS F 142 -15.18 14.22 26.03
C LYS F 142 -15.20 13.56 24.66
N THR F 143 -15.92 14.11 23.69
CA THR F 143 -15.94 13.50 22.38
C THR F 143 -14.90 14.14 21.47
N PHE F 144 -14.19 15.15 21.98
CA PHE F 144 -13.20 15.86 21.20
C PHE F 144 -11.79 15.48 21.55
N GLN F 145 -10.91 15.54 20.57
CA GLN F 145 -9.51 15.28 20.84
C GLN F 145 -8.87 16.26 21.79
N GLY F 146 -9.11 17.54 21.60
CA GLY F 146 -8.43 18.52 22.40
C GLY F 146 -7.03 18.75 21.84
N PRO F 147 -6.21 19.53 22.50
CA PRO F 147 -4.88 19.85 22.09
C PRO F 147 -4.09 18.57 21.91
N PRO F 148 -3.30 18.41 20.84
CA PRO F 148 -2.41 17.32 20.58
C PRO F 148 -1.52 16.97 21.76
N HIS F 149 -1.03 17.96 22.48
CA HIS F 149 -0.16 17.70 23.61
C HIS F 149 -0.59 18.42 24.86
N GLY F 150 -0.88 19.71 24.73
CA GLY F 150 -1.29 20.47 25.90
C GLY F 150 -0.13 21.10 26.62
N ILE F 151 -0.42 21.93 27.60
CA ILE F 151 0.63 22.68 28.25
C ILE F 151 1.70 21.88 28.96
N GLN F 152 1.33 20.89 29.75
CA GLN F 152 2.36 20.19 30.50
C GLN F 152 3.18 19.29 29.62
N VAL F 153 2.54 18.62 28.68
CA VAL F 153 3.30 17.76 27.81
C VAL F 153 4.23 18.58 26.97
N GLU F 154 3.74 19.70 26.47
CA GLU F 154 4.55 20.55 25.64
C GLU F 154 5.78 21.02 26.38
N ARG F 155 5.66 21.39 27.66
CA ARG F 155 6.88 21.76 28.36
C ARG F 155 7.83 20.58 28.47
N ASP F 156 7.31 19.39 28.76
CA ASP F 156 8.17 18.23 28.88
C ASP F 156 8.88 17.90 27.59
N LEU F 157 8.18 18.01 26.47
CA LEU F 157 8.80 17.72 25.19
C LEU F 157 9.90 18.69 24.88
N LEU F 158 9.68 19.96 25.22
CA LEU F 158 10.68 20.96 24.98
C LEU F 158 11.71 21.06 26.08
N ASN F 159 11.43 20.48 27.23
CA ASN F 159 12.29 20.55 28.40
C ASN F 159 12.51 21.98 28.84
N LYS F 160 11.44 22.77 28.81
CA LYS F 160 11.53 24.17 29.20
C LYS F 160 10.59 24.45 30.35
N TYR F 161 11.17 24.80 31.49
CA TYR F 161 10.39 25.00 32.71
C TYR F 161 10.69 26.30 33.42
N GLY F 162 9.76 26.72 34.27
CA GLY F 162 9.93 27.87 35.14
C GLY F 162 9.54 29.20 34.52
N ARG F 163 9.96 29.41 33.29
CA ARG F 163 9.73 30.66 32.59
C ARG F 163 8.80 30.56 31.37
N PRO F 164 8.23 31.70 30.94
CA PRO F 164 7.56 31.89 29.68
C PRO F 164 8.55 31.66 28.58
N MET F 165 8.07 31.29 27.41
CA MET F 165 8.96 31.09 26.27
C MET F 165 9.05 32.34 25.41
N LEU F 166 10.16 32.52 24.71
CA LEU F 166 10.30 33.67 23.83
C LEU F 166 10.42 33.38 22.38
N GLY F 167 9.89 34.29 21.60
CA GLY F 167 10.13 34.22 20.19
C GLY F 167 10.04 35.57 19.53
N CYS F 168 10.22 35.53 18.23
CA CYS F 168 10.20 36.72 17.40
C CYS F 168 9.90 36.33 15.97
N THR F 169 9.88 37.31 15.10
CA THR F 169 9.68 37.00 13.70
C THR F 169 10.79 37.64 12.90
N ILE F 170 10.71 37.52 11.59
CA ILE F 170 11.76 38.03 10.74
C ILE F 170 11.36 39.12 9.78
N LYS F 171 12.13 40.19 9.83
CA LYS F 171 12.00 41.31 8.95
C LYS F 171 13.32 41.38 8.17
N PRO F 172 13.32 41.60 6.85
CA PRO F 172 12.24 41.73 5.89
C PRO F 172 11.43 40.47 5.85
N LYS F 173 10.17 40.60 5.53
CA LYS F 173 9.28 39.47 5.44
C LYS F 173 9.27 38.93 4.02
N LEU F 174 8.78 39.75 3.11
CA LEU F 174 8.64 39.44 1.70
C LEU F 174 9.92 39.70 0.91
N GLY F 175 10.14 38.91 -0.14
CA GLY F 175 11.25 39.12 -1.07
C GLY F 175 12.61 38.51 -0.71
N LEU F 176 12.71 37.73 0.36
CA LEU F 176 13.99 37.13 0.73
C LEU F 176 14.19 35.74 0.15
N SER F 177 15.43 35.41 -0.16
CA SER F 177 15.75 34.07 -0.62
C SER F 177 15.71 33.12 0.56
N ALA F 178 15.54 31.82 0.28
CA ALA F 178 15.54 30.83 1.33
C ALA F 178 16.85 30.79 2.09
N LYS F 179 17.97 31.03 1.42
CA LYS F 179 19.25 30.93 2.12
C LYS F 179 19.40 32.03 3.15
N ASN F 180 19.12 33.26 2.74
CA ASN F 180 19.27 34.39 3.64
C ASN F 180 18.22 34.34 4.72
N TYR F 181 17.05 33.79 4.41
CA TYR F 181 16.04 33.64 5.42
C TYR F 181 16.57 32.68 6.46
N GLY F 182 17.13 31.55 6.01
CA GLY F 182 17.68 30.59 6.92
C GLY F 182 18.76 31.22 7.79
N ARG F 183 19.60 32.08 7.22
CA ARG F 183 20.62 32.73 8.04
C ARG F 183 19.97 33.57 9.15
N ALA F 184 18.93 34.32 8.82
CA ALA F 184 18.25 35.13 9.83
C ALA F 184 17.67 34.26 10.94
N VAL F 185 17.13 33.11 10.57
CA VAL F 185 16.59 32.20 11.56
C VAL F 185 17.69 31.73 12.45
N TYR F 186 18.81 31.30 11.85
CA TYR F 186 19.93 30.82 12.63
C TYR F 186 20.40 31.82 13.63
N GLU F 187 20.64 33.05 13.18
CA GLU F 187 21.15 34.05 14.09
C GLU F 187 20.20 34.33 15.25
N CYS F 188 18.90 34.45 14.96
CA CYS F 188 17.94 34.76 16.00
C CYS F 188 17.84 33.66 17.05
N LEU F 189 17.84 32.41 16.59
CA LEU F 189 17.73 31.32 17.51
C LEU F 189 19.03 31.13 18.26
N ARG F 190 20.15 31.22 17.57
CA ARG F 190 21.46 31.06 18.17
C ARG F 190 21.63 32.07 19.29
N GLY F 191 21.10 33.27 19.06
CA GLY F 191 21.15 34.39 19.97
C GLY F 191 20.34 34.23 21.26
N GLY F 192 19.47 33.24 21.37
CA GLY F 192 18.73 33.07 22.61
C GLY F 192 17.19 32.93 22.56
N LEU F 193 16.55 33.02 21.40
CA LEU F 193 15.10 32.83 21.38
C LEU F 193 14.78 31.37 21.39
N ASP F 194 13.56 31.02 21.78
CA ASP F 194 13.13 29.63 21.73
C ASP F 194 12.50 29.36 20.37
N PHE F 195 11.77 30.35 19.85
CA PHE F 195 11.11 30.16 18.57
C PHE F 195 11.20 31.32 17.62
N THR F 196 11.24 31.00 16.34
CA THR F 196 11.14 32.01 15.30
C THR F 196 9.90 31.72 14.43
N LYS F 197 9.12 32.75 14.13
CA LYS F 197 7.88 32.53 13.37
C LYS F 197 7.86 33.00 11.92
N ASP F 198 7.37 32.14 11.00
CA ASP F 198 7.16 32.53 9.59
C ASP F 198 6.10 33.60 9.46
N ASP F 199 6.25 34.48 8.48
CA ASP F 199 5.22 35.45 8.18
C ASP F 199 3.94 34.68 7.83
N GLU F 200 2.82 34.98 8.49
CA GLU F 200 1.58 34.25 8.25
C GLU F 200 1.10 34.39 6.82
N ASN F 201 1.59 35.39 6.11
CA ASN F 201 1.18 35.64 4.75
C ASN F 201 2.02 34.94 3.70
N ILE F 202 3.05 34.19 4.10
CA ILE F 202 3.88 33.56 3.09
C ILE F 202 3.77 32.05 3.17
N ASN F 203 2.99 31.46 2.29
CA ASN F 203 2.89 30.01 2.35
C ASN F 203 3.91 29.44 1.39
N SER F 204 3.75 29.84 0.14
CA SER F 204 4.56 29.47 -1.01
C SER F 204 4.32 30.53 -2.03
N GLN F 205 5.34 31.21 -2.46
CA GLN F 205 5.14 32.30 -3.38
C GLN F 205 6.20 32.26 -4.47
N PRO F 206 6.00 32.86 -5.64
CA PRO F 206 6.97 32.90 -6.69
C PRO F 206 8.38 33.33 -6.28
N PHE F 207 8.51 34.19 -5.27
CA PHE F 207 9.84 34.62 -4.86
C PHE F 207 10.50 33.67 -3.84
N GLN F 208 9.73 32.74 -3.30
CA GLN F 208 10.21 31.82 -2.30
C GLN F 208 9.31 30.61 -2.24
N ARG F 209 9.82 29.42 -2.46
CA ARG F 209 8.95 28.26 -2.43
C ARG F 209 9.09 27.58 -1.08
N TRP F 210 8.00 26.98 -0.64
CA TRP F 210 8.00 26.35 0.64
C TRP F 210 8.99 25.23 0.81
N ARG F 211 9.32 24.50 -0.24
CA ARG F 211 10.20 23.40 0.07
C ARG F 211 11.56 23.94 0.43
N ASP F 212 12.02 24.94 -0.30
CA ASP F 212 13.32 25.49 -0.02
C ASP F 212 13.35 26.17 1.32
N ARG F 213 12.28 26.87 1.67
CA ARG F 213 12.28 27.50 2.98
C ARG F 213 12.42 26.43 4.04
N PHE F 214 11.65 25.35 3.92
CA PHE F 214 11.70 24.33 4.94
C PHE F 214 13.10 23.78 5.08
N LEU F 215 13.80 23.52 3.97
CA LEU F 215 15.15 23.00 4.10
C LEU F 215 16.13 23.93 4.75
N PHE F 216 16.09 25.21 4.40
CA PHE F 216 17.06 26.12 4.97
C PHE F 216 16.76 26.46 6.41
N VAL F 217 15.49 26.52 6.76
CA VAL F 217 15.12 26.77 8.13
C VAL F 217 15.53 25.60 8.97
N ALA F 218 15.25 24.39 8.51
CA ALA F 218 15.62 23.25 9.28
C ALA F 218 17.10 23.21 9.53
N ASP F 219 17.91 23.56 8.53
CA ASP F 219 19.33 23.60 8.78
C ASP F 219 19.64 24.61 9.85
N ALA F 220 19.05 25.80 9.77
CA ALA F 220 19.32 26.83 10.75
C ALA F 220 19.00 26.36 12.15
N ILE F 221 17.92 25.63 12.30
CA ILE F 221 17.57 25.10 13.60
C ILE F 221 18.57 24.10 14.03
N HIS F 222 18.89 23.16 13.18
CA HIS F 222 19.78 22.13 13.64
C HIS F 222 21.10 22.69 14.07
N LYS F 223 21.63 23.69 13.37
CA LYS F 223 22.89 24.25 13.80
C LYS F 223 22.75 25.04 15.09
N SER F 224 21.73 25.91 15.19
CA SER F 224 21.60 26.73 16.38
C SER F 224 21.29 25.91 17.62
N GLN F 225 20.65 24.78 17.42
CA GLN F 225 20.32 23.89 18.50
C GLN F 225 21.57 23.20 18.98
N ALA F 226 22.35 22.67 18.04
CA ALA F 226 23.55 21.95 18.37
C ALA F 226 24.55 22.82 19.13
N GLU F 227 24.63 24.10 18.79
CA GLU F 227 25.58 24.98 19.43
C GLU F 227 25.17 25.52 20.79
N THR F 228 23.94 25.27 21.22
CA THR F 228 23.50 25.80 22.49
C THR F 228 23.14 24.67 23.42
N GLY F 229 22.91 23.49 22.87
CA GLY F 229 22.53 22.35 23.67
C GLY F 229 21.08 22.41 24.11
N GLU F 230 20.23 23.07 23.33
CA GLU F 230 18.83 23.16 23.75
C GLU F 230 17.88 23.23 22.60
N ILE F 231 16.71 22.67 22.79
CA ILE F 231 15.71 22.60 21.75
C ILE F 231 15.19 23.93 21.31
N LYS F 232 15.19 24.12 20.00
CA LYS F 232 14.68 25.33 19.37
C LYS F 232 13.80 25.00 18.21
N GLY F 233 12.83 25.85 17.93
CA GLY F 233 12.00 25.56 16.79
C GLY F 233 11.73 26.75 15.90
N HIS F 234 10.85 26.52 14.97
CA HIS F 234 10.45 27.52 14.04
C HIS F 234 9.07 27.17 13.63
N TYR F 235 8.22 28.14 13.61
CA TYR F 235 6.86 27.87 13.29
C TYR F 235 6.65 27.83 11.81
N LEU F 236 7.03 26.71 11.20
CA LEU F 236 6.87 26.60 9.76
C LEU F 236 5.42 26.66 9.41
N ASN F 237 5.09 27.47 8.43
CA ASN F 237 3.70 27.61 8.03
C ASN F 237 3.26 26.52 7.07
N VAL F 238 2.32 25.67 7.49
CA VAL F 238 1.90 24.57 6.62
C VAL F 238 0.51 24.83 6.09
N THR F 239 0.07 26.06 6.18
CA THR F 239 -1.21 26.45 5.63
C THR F 239 -1.10 26.15 4.17
N ALA F 240 -2.12 25.58 3.58
CA ALA F 240 -2.08 25.23 2.18
C ALA F 240 -3.47 25.27 1.59
N PRO F 241 -3.61 25.43 0.26
CA PRO F 241 -4.86 25.40 -0.46
C PRO F 241 -5.67 24.13 -0.42
N THR F 242 -5.07 22.97 -0.19
CA THR F 242 -5.84 21.74 -0.15
C THR F 242 -5.43 20.90 1.04
N CYS F 243 -6.25 19.93 1.40
CA CYS F 243 -5.92 19.06 2.51
C CYS F 243 -4.67 18.25 2.18
N GLU F 244 -4.50 17.86 0.92
CA GLU F 244 -3.35 17.06 0.54
C GLU F 244 -2.08 17.84 0.61
N GLU F 245 -2.11 19.07 0.13
CA GLU F 245 -0.93 19.89 0.12
C GLU F 245 -0.54 20.20 1.56
N MET F 246 -1.53 20.40 2.42
CA MET F 246 -1.27 20.67 3.81
C MET F 246 -0.53 19.51 4.41
N MET F 247 -1.00 18.29 4.15
CA MET F 247 -0.28 17.15 4.65
C MET F 247 1.11 17.08 4.07
N LYS F 248 1.30 17.33 2.77
CA LYS F 248 2.65 17.22 2.26
C LYS F 248 3.59 18.15 2.99
N ARG F 249 3.15 19.37 3.26
CA ARG F 249 4.01 20.30 3.95
C ARG F 249 4.29 19.81 5.36
N ALA F 250 3.26 19.34 6.05
CA ALA F 250 3.43 18.83 7.40
C ALA F 250 4.35 17.62 7.44
N GLU F 251 4.23 16.73 6.47
CA GLU F 251 5.05 15.53 6.42
C GLU F 251 6.49 15.87 6.20
N PHE F 252 6.75 16.86 5.37
CA PHE F 252 8.12 17.24 5.13
C PHE F 252 8.69 17.82 6.40
N ALA F 253 7.94 18.67 7.09
CA ALA F 253 8.44 19.21 8.33
C ALA F 253 8.77 18.09 9.31
N LYS F 254 7.95 17.04 9.34
CA LYS F 254 8.26 15.91 10.19
C LYS F 254 9.55 15.23 9.78
N GLU F 255 9.75 15.02 8.48
CA GLU F 255 10.96 14.37 8.00
C GLU F 255 12.21 15.12 8.40
N LEU F 256 12.12 16.43 8.44
CA LEU F 256 13.24 17.28 8.78
C LEU F 256 13.46 17.39 10.28
N GLY F 257 12.60 16.77 11.08
CA GLY F 257 12.71 16.82 12.53
C GLY F 257 12.21 18.10 13.17
N MET F 258 11.25 18.77 12.55
CA MET F 258 10.77 20.02 13.11
C MET F 258 9.78 19.77 14.23
N PRO F 259 10.02 20.29 15.44
CA PRO F 259 9.18 20.08 16.58
C PRO F 259 7.83 20.77 16.54
N ILE F 260 7.69 21.81 15.72
CA ILE F 260 6.44 22.55 15.74
C ILE F 260 6.08 23.07 14.36
N ILE F 261 4.79 23.14 14.06
CA ILE F 261 4.30 23.74 12.82
C ILE F 261 3.17 24.70 13.12
N MET F 262 2.83 25.60 12.18
CA MET F 262 1.69 26.48 12.37
C MET F 262 0.64 26.44 11.29
N HIS F 263 -0.56 26.85 11.67
CA HIS F 263 -1.72 26.88 10.79
C HIS F 263 -2.72 27.96 11.19
N ASP F 264 -3.36 28.57 10.18
CA ASP F 264 -4.43 29.57 10.35
C ASP F 264 -5.83 28.96 10.39
N PHE F 265 -6.35 28.74 11.58
CA PHE F 265 -7.61 28.05 11.79
C PHE F 265 -8.83 28.77 11.26
N LEU F 266 -8.74 30.07 11.05
CA LEU F 266 -9.92 30.79 10.60
C LEU F 266 -9.98 30.91 9.11
N THR F 267 -8.86 31.19 8.48
CA THR F 267 -8.93 31.37 7.05
C THR F 267 -9.05 30.00 6.40
N ALA F 268 -8.18 29.06 6.82
CA ALA F 268 -8.19 27.71 6.28
C ALA F 268 -9.46 26.97 6.69
N GLY F 269 -9.89 27.27 7.92
CA GLY F 269 -11.08 26.73 8.56
C GLY F 269 -10.86 25.51 9.45
N PHE F 270 -11.92 25.16 10.17
CA PHE F 270 -11.90 24.10 11.16
C PHE F 270 -11.79 22.70 10.62
N THR F 271 -12.29 22.41 9.41
CA THR F 271 -12.17 21.04 8.97
C THR F 271 -10.71 20.74 8.79
N ALA F 272 -10.03 21.62 8.09
CA ALA F 272 -8.63 21.44 7.87
C ALA F 272 -7.86 21.49 9.17
N ASN F 273 -8.22 22.41 10.08
CA ASN F 273 -7.49 22.51 11.31
C ASN F 273 -7.59 21.25 12.13
N THR F 274 -8.77 20.67 12.20
CA THR F 274 -8.99 19.48 12.99
C THR F 274 -8.15 18.35 12.45
N THR F 275 -8.12 18.21 11.11
CA THR F 275 -7.34 17.18 10.47
C THR F 275 -5.89 17.33 10.81
N LEU F 276 -5.37 18.54 10.74
CA LEU F 276 -3.98 18.72 11.06
C LEU F 276 -3.70 18.39 12.51
N ALA F 277 -4.59 18.77 13.42
CA ALA F 277 -4.38 18.47 14.81
C ALA F 277 -4.32 16.97 15.05
N LYS F 278 -5.16 16.21 14.38
CA LYS F 278 -5.10 14.77 14.54
C LYS F 278 -3.77 14.24 14.06
N TRP F 279 -3.33 14.75 12.93
CA TRP F 279 -2.04 14.33 12.38
C TRP F 279 -0.96 14.63 13.38
N CYS F 280 -1.01 15.81 13.98
CA CYS F 280 0.02 16.21 14.91
C CYS F 280 0.09 15.27 16.09
N ARG F 281 -1.05 14.87 16.65
CA ARG F 281 -0.99 13.94 17.77
C ARG F 281 -0.34 12.66 17.37
N ASP F 282 -0.71 12.11 16.22
CA ASP F 282 -0.16 10.85 15.77
C ASP F 282 1.34 10.93 15.55
N ASN F 283 1.82 12.09 15.08
CA ASN F 283 3.21 12.26 14.78
C ASN F 283 4.08 12.98 15.82
N GLY F 284 3.50 13.54 16.86
CA GLY F 284 4.30 14.19 17.89
C GLY F 284 4.79 15.59 17.56
N VAL F 285 4.12 16.27 16.68
CA VAL F 285 4.51 17.61 16.29
C VAL F 285 3.64 18.62 17.00
N LEU F 286 4.21 19.65 17.59
CA LEU F 286 3.38 20.61 18.29
C LEU F 286 2.65 21.49 17.28
N LEU F 287 1.45 21.93 17.62
CA LEU F 287 0.72 22.79 16.68
C LEU F 287 0.43 24.21 17.17
N HIS F 288 0.86 25.19 16.37
CA HIS F 288 0.68 26.61 16.66
C HIS F 288 -0.43 27.23 15.85
N ILE F 289 -1.35 27.87 16.52
CA ILE F 289 -2.44 28.48 15.82
C ILE F 289 -2.43 29.97 15.80
N HIS F 290 -2.48 30.48 14.59
CA HIS F 290 -2.50 31.89 14.29
C HIS F 290 -3.94 32.30 14.17
N ARG F 291 -4.29 33.53 14.52
CA ARG F 291 -5.69 33.92 14.43
C ARG F 291 -6.00 34.93 13.34
N ALA F 292 -5.23 34.98 12.28
CA ALA F 292 -5.50 35.91 11.19
C ALA F 292 -6.95 35.84 10.78
N MET F 293 -7.50 37.02 10.47
CA MET F 293 -8.88 37.30 10.09
C MET F 293 -9.86 37.29 11.26
N HIS F 294 -9.40 37.13 12.50
CA HIS F 294 -10.35 37.18 13.60
C HIS F 294 -11.07 38.50 13.69
N ALA F 295 -10.42 39.58 13.29
CA ALA F 295 -11.00 40.89 13.36
C ALA F 295 -12.28 41.00 12.54
N VAL F 296 -12.34 40.27 11.45
CA VAL F 296 -13.49 40.30 10.59
C VAL F 296 -14.72 39.86 11.35
N ILE F 297 -14.55 38.88 12.23
CA ILE F 297 -15.60 38.27 13.01
C ILE F 297 -15.84 38.93 14.37
N ASP F 298 -14.78 39.33 15.10
CA ASP F 298 -15.01 39.84 16.45
C ASP F 298 -14.59 41.29 16.80
N ARG F 299 -14.14 42.09 15.84
CA ARG F 299 -13.73 43.48 16.12
C ARG F 299 -14.80 44.39 16.68
N GLN F 300 -16.02 44.30 16.15
CA GLN F 300 -17.05 45.21 16.60
C GLN F 300 -17.70 44.58 17.80
N ARG F 301 -18.17 45.41 18.73
CA ARG F 301 -18.74 44.86 19.94
C ARG F 301 -20.24 44.64 19.93
N ASN F 302 -20.89 44.89 18.82
CA ASN F 302 -22.32 44.72 18.78
C ASN F 302 -22.81 43.77 17.72
N HIS F 303 -21.92 43.01 17.12
CA HIS F 303 -22.30 42.03 16.11
C HIS F 303 -21.19 41.02 15.93
N GLY F 304 -21.53 39.77 15.67
CA GLY F 304 -20.50 38.76 15.37
C GLY F 304 -20.25 37.78 16.51
N ILE F 305 -19.05 37.22 16.58
CA ILE F 305 -18.75 36.19 17.58
C ILE F 305 -17.57 36.57 18.41
N HIS F 306 -17.72 36.66 19.72
CA HIS F 306 -16.60 37.06 20.57
C HIS F 306 -15.47 36.04 20.51
N PHE F 307 -14.24 36.52 20.54
CA PHE F 307 -13.07 35.67 20.48
C PHE F 307 -13.10 34.55 21.48
N ARG F 308 -13.61 34.76 22.69
CA ARG F 308 -13.57 33.70 23.69
C ARG F 308 -14.31 32.46 23.25
N VAL F 309 -15.26 32.61 22.33
CA VAL F 309 -16.02 31.49 21.83
C VAL F 309 -15.14 30.76 20.89
N LEU F 310 -14.48 31.51 20.03
CA LEU F 310 -13.59 30.89 19.08
C LEU F 310 -12.47 30.19 19.83
N ALA F 311 -11.99 30.77 20.92
CA ALA F 311 -10.93 30.17 21.71
C ALA F 311 -11.36 28.84 22.29
N LYS F 312 -12.59 28.75 22.81
CA LYS F 312 -13.05 27.46 23.31
C LYS F 312 -13.17 26.47 22.19
N CYS F 313 -13.68 26.91 21.05
CA CYS F 313 -13.86 26.01 19.94
C CYS F 313 -12.54 25.46 19.50
N LEU F 314 -11.52 26.30 19.48
CA LEU F 314 -10.24 25.83 19.09
C LEU F 314 -9.69 24.84 20.10
N ARG F 315 -9.82 25.12 21.41
CA ARG F 315 -9.29 24.16 22.36
C ARG F 315 -9.87 22.78 22.07
N LEU F 316 -11.15 22.69 21.75
CA LEU F 316 -11.74 21.40 21.42
C LEU F 316 -11.19 20.81 20.09
N SER F 317 -11.06 21.64 19.04
CA SER F 317 -10.55 21.16 17.74
C SER F 317 -9.12 20.69 17.77
N GLY F 318 -8.25 21.50 18.35
CA GLY F 318 -6.85 21.20 18.46
C GLY F 318 -5.99 22.45 18.43
N GLY F 319 -4.73 22.30 18.79
CA GLY F 319 -3.75 23.38 18.83
C GLY F 319 -3.16 23.48 20.21
N ASP F 320 -1.83 23.53 20.27
CA ASP F 320 -1.11 23.62 21.52
C ASP F 320 -0.83 25.05 21.91
N HIS F 321 -0.60 25.90 20.91
CA HIS F 321 -0.31 27.30 21.16
C HIS F 321 -1.36 28.14 20.47
N LEU F 322 -1.84 29.22 21.08
CA LEU F 322 -2.79 30.12 20.41
C LEU F 322 -2.54 31.58 20.63
N HIS F 323 -2.50 32.33 19.54
CA HIS F 323 -2.40 33.77 19.70
C HIS F 323 -3.59 34.35 20.40
N SER F 324 -3.31 35.04 21.49
CA SER F 324 -4.30 35.71 22.31
C SER F 324 -4.21 37.20 22.10
N GLY F 325 -3.00 37.66 21.87
CA GLY F 325 -2.72 39.08 21.71
C GLY F 325 -2.40 39.67 23.07
N THR F 326 -1.66 40.77 23.08
CA THR F 326 -1.30 41.36 24.35
C THR F 326 -2.32 42.31 24.92
N VAL F 327 -1.97 42.79 26.09
CA VAL F 327 -2.74 43.69 26.90
C VAL F 327 -2.12 45.08 26.90
N VAL F 328 -0.79 45.12 26.92
CA VAL F 328 -0.09 46.39 27.12
C VAL F 328 0.64 46.96 25.90
N GLY F 329 0.82 46.17 24.86
CA GLY F 329 1.52 46.63 23.67
C GLY F 329 0.57 46.76 22.50
N ASP F 334 -10.19 44.77 25.94
CA ASP F 334 -10.33 44.98 27.37
C ASP F 334 -9.49 44.04 28.20
N LYS F 335 -8.84 44.58 29.21
CA LYS F 335 -8.01 43.77 30.07
C LYS F 335 -8.75 42.64 30.73
N ALA F 336 -9.94 42.90 31.27
CA ALA F 336 -10.61 41.85 32.01
C ALA F 336 -11.06 40.76 31.10
N SER F 337 -11.65 41.14 29.96
CA SER F 337 -12.16 40.10 29.09
C SER F 337 -11.04 39.26 28.51
N THR F 338 -9.85 39.87 28.34
CA THR F 338 -8.71 39.14 27.84
C THR F 338 -8.29 38.13 28.85
N LEU F 339 -8.18 38.54 30.10
CA LEU F 339 -7.77 37.61 31.13
C LEU F 339 -8.78 36.50 31.24
N GLY F 340 -10.05 36.84 31.06
CA GLY F 340 -11.11 35.89 31.13
C GLY F 340 -10.86 34.75 30.16
N PHE F 341 -10.70 35.03 28.87
CA PHE F 341 -10.51 33.88 27.98
C PHE F 341 -9.17 33.20 28.16
N VAL F 342 -8.17 33.90 28.66
CA VAL F 342 -6.94 33.21 28.86
C VAL F 342 -7.16 32.12 29.91
N ASP F 343 -7.88 32.41 31.00
CA ASP F 343 -8.16 31.34 31.94
C ASP F 343 -9.05 30.27 31.31
N LEU F 344 -10.02 30.65 30.50
CA LEU F 344 -10.91 29.65 29.92
C LEU F 344 -10.17 28.61 29.12
N MET F 345 -9.13 29.03 28.42
CA MET F 345 -8.38 28.07 27.64
C MET F 345 -7.20 27.41 28.37
N ARG F 346 -6.98 27.70 29.65
CA ARG F 346 -5.84 27.07 30.34
C ARG F 346 -6.25 26.23 31.54
N GLU F 347 -7.26 26.69 32.27
CA GLU F 347 -7.69 26.08 33.51
C GLU F 347 -8.60 24.89 33.28
N ASP F 348 -8.68 24.01 34.28
CA ASP F 348 -9.58 22.87 34.23
C ASP F 348 -11.00 23.22 34.59
N HIS F 349 -11.16 24.21 35.43
CA HIS F 349 -12.48 24.62 35.88
C HIS F 349 -12.56 26.11 36.13
N ILE F 350 -13.47 26.75 35.42
CA ILE F 350 -13.65 28.19 35.51
C ILE F 350 -15.02 28.58 35.99
N GLU F 351 -15.09 29.25 37.12
CA GLU F 351 -16.38 29.66 37.66
C GLU F 351 -16.91 30.83 36.89
N ALA F 352 -18.22 30.88 36.68
CA ALA F 352 -18.79 32.02 35.97
C ALA F 352 -18.48 33.30 36.70
N ASP F 353 -18.20 34.35 35.94
CA ASP F 353 -17.90 35.66 36.46
C ASP F 353 -18.10 36.69 35.38
N ARG F 354 -19.22 37.35 35.44
CA ARG F 354 -19.59 38.28 34.39
C ARG F 354 -18.63 39.44 34.25
N SER F 355 -17.88 39.78 35.30
CA SER F 355 -16.98 40.92 35.24
C SER F 355 -15.75 40.63 34.42
N ARG F 356 -15.55 39.36 34.08
CA ARG F 356 -14.41 38.94 33.31
C ARG F 356 -14.88 38.42 31.97
N GLY F 357 -16.16 38.60 31.68
CA GLY F 357 -16.72 38.11 30.44
C GLY F 357 -17.02 36.61 30.42
N VAL F 358 -17.12 35.96 31.57
CA VAL F 358 -17.41 34.54 31.57
C VAL F 358 -18.84 34.36 31.99
N PHE F 359 -19.66 33.84 31.10
CA PHE F 359 -21.07 33.74 31.43
C PHE F 359 -21.44 32.46 32.09
N PHE F 360 -20.72 31.39 31.75
CA PHE F 360 -21.10 30.12 32.30
C PHE F 360 -19.94 29.41 32.94
N THR F 361 -20.22 28.68 34.01
CA THR F 361 -19.18 27.86 34.58
C THR F 361 -18.81 26.78 33.60
N GLN F 362 -17.51 26.65 33.34
CA GLN F 362 -17.04 25.66 32.38
C GLN F 362 -16.08 24.66 32.98
N ASP F 363 -16.50 23.41 32.96
CA ASP F 363 -15.72 22.29 33.44
C ASP F 363 -15.09 21.61 32.24
N TRP F 364 -13.78 21.62 32.13
CA TRP F 364 -13.15 21.05 30.95
C TRP F 364 -12.89 19.56 31.00
N ALA F 365 -13.34 18.90 32.05
CA ALA F 365 -13.23 17.44 32.14
C ALA F 365 -11.84 16.90 31.88
N SER F 366 -10.85 17.52 32.48
CA SER F 366 -9.45 17.14 32.39
C SER F 366 -8.84 17.18 31.00
N MET F 367 -9.44 17.93 30.08
CA MET F 367 -8.83 18.13 28.79
C MET F 367 -7.68 19.11 28.99
N PRO F 368 -6.50 18.92 28.39
CA PRO F 368 -5.37 19.82 28.45
C PRO F 368 -5.69 21.19 27.94
N GLY F 369 -4.98 22.18 28.46
CA GLY F 369 -5.15 23.56 28.03
C GLY F 369 -4.32 23.91 26.81
N VAL F 370 -4.43 25.17 26.40
CA VAL F 370 -3.77 25.79 25.25
C VAL F 370 -2.90 26.90 25.73
N LEU F 371 -1.67 26.91 25.30
CA LEU F 371 -0.73 27.88 25.78
C LEU F 371 -0.93 29.22 25.02
N PRO F 372 -1.26 30.34 25.67
CA PRO F 372 -1.50 31.62 25.05
C PRO F 372 -0.26 32.24 24.51
N VAL F 373 -0.40 32.93 23.40
CA VAL F 373 0.73 33.64 22.85
C VAL F 373 0.42 35.13 22.79
N ALA F 374 1.25 35.93 23.46
CA ALA F 374 1.06 37.37 23.50
C ALA F 374 1.81 38.00 22.37
N SER F 375 1.23 39.03 21.77
CA SER F 375 1.90 39.72 20.68
C SER F 375 1.29 41.06 20.35
N GLY F 376 2.04 41.86 19.62
CA GLY F 376 1.59 43.13 19.07
C GLY F 376 2.08 44.31 19.88
N GLY F 377 3.00 45.08 19.30
CA GLY F 377 3.49 46.25 20.01
C GLY F 377 4.36 45.93 21.20
N ILE F 378 5.03 44.78 21.22
CA ILE F 378 5.82 44.47 22.38
C ILE F 378 7.30 44.32 22.09
N HIS F 379 8.06 44.75 23.08
CA HIS F 379 9.51 44.76 23.19
C HIS F 379 9.87 44.70 24.66
N VAL F 380 11.18 44.67 24.96
CA VAL F 380 11.62 44.49 26.34
C VAL F 380 11.06 45.49 27.34
N TRP F 381 10.67 46.69 26.95
CA TRP F 381 10.17 47.60 27.97
C TRP F 381 8.93 47.05 28.67
N HIS F 382 8.19 46.20 27.99
CA HIS F 382 6.94 45.66 28.49
C HIS F 382 7.15 44.30 29.12
N MET F 383 8.38 43.85 29.22
CA MET F 383 8.60 42.52 29.72
C MET F 383 8.04 42.32 31.11
N PRO F 384 8.20 43.23 32.09
CA PRO F 384 7.68 43.09 33.43
C PRO F 384 6.20 42.78 33.41
N ALA F 385 5.44 43.66 32.76
CA ALA F 385 4.01 43.48 32.68
C ALA F 385 3.64 42.17 32.04
N LEU F 386 4.29 41.81 30.95
CA LEU F 386 3.88 40.60 30.29
C LEU F 386 4.06 39.39 31.18
N VAL F 387 5.16 39.34 31.94
CA VAL F 387 5.37 38.21 32.82
C VAL F 387 4.31 38.16 33.92
N GLU F 388 4.01 39.29 34.54
CA GLU F 388 3.01 39.27 35.61
C GLU F 388 1.59 39.00 35.10
N ILE F 389 1.24 39.55 33.94
CA ILE F 389 -0.09 39.39 33.38
C ILE F 389 -0.39 37.97 32.99
N PHE F 390 0.53 37.32 32.27
CA PHE F 390 0.26 35.99 31.79
C PHE F 390 0.81 34.84 32.64
N GLY F 391 1.73 35.11 33.56
CA GLY F 391 2.28 34.04 34.36
C GLY F 391 3.30 33.25 33.56
N ASP F 392 3.55 32.01 33.95
CA ASP F 392 4.62 31.25 33.32
C ASP F 392 4.14 30.49 32.11
N ASP F 393 2.88 30.12 32.10
CA ASP F 393 2.36 29.30 31.02
C ASP F 393 1.96 30.15 29.84
N SER F 394 2.96 30.66 29.14
CA SER F 394 2.74 31.53 28.00
C SER F 394 3.95 31.64 27.08
N VAL F 395 3.71 32.19 25.89
CA VAL F 395 4.76 32.50 24.93
C VAL F 395 4.69 33.97 24.56
N LEU F 396 5.82 34.65 24.56
CA LEU F 396 5.82 36.05 24.18
C LEU F 396 6.50 36.24 22.82
N GLN F 397 5.76 36.72 21.82
CA GLN F 397 6.28 36.93 20.45
C GLN F 397 6.60 38.37 20.17
N PHE F 398 7.87 38.70 20.24
CA PHE F 398 8.36 40.04 20.13
C PHE F 398 8.52 40.50 18.72
N GLY F 399 8.43 41.82 18.51
CA GLY F 399 8.64 42.35 17.18
C GLY F 399 7.89 41.55 16.14
N GLY F 404 14.50 45.01 15.46
CA GLY F 404 14.79 46.43 15.27
C GLY F 404 15.87 46.86 16.24
N HIS F 405 16.55 45.87 16.80
CA HIS F 405 17.62 46.11 17.76
C HIS F 405 18.79 46.82 17.06
N PRO F 406 19.42 47.81 17.70
CA PRO F 406 20.58 48.55 17.22
C PRO F 406 21.72 47.71 16.69
N TRP F 407 21.95 46.49 17.20
CA TRP F 407 23.08 45.75 16.69
C TRP F 407 22.68 44.43 16.04
N GLY F 408 21.58 44.41 15.31
CA GLY F 408 21.20 43.18 14.61
C GLY F 408 20.45 42.14 15.46
N ASN F 409 20.24 40.97 14.87
CA ASN F 409 19.39 39.94 15.45
C ASN F 409 19.89 39.21 16.68
N ALA F 410 21.13 38.72 16.71
CA ALA F 410 21.46 37.98 17.91
C ALA F 410 21.39 38.89 19.15
N PRO F 411 21.91 40.13 19.15
CA PRO F 411 21.75 41.08 20.23
C PRO F 411 20.28 41.28 20.59
N GLY F 412 19.42 41.28 19.58
CA GLY F 412 17.99 41.38 19.77
C GLY F 412 17.55 40.26 20.70
N ALA F 413 17.82 39.04 20.26
CA ALA F 413 17.43 37.85 21.00
C ALA F 413 18.05 37.86 22.38
N THR F 414 19.29 38.30 22.48
CA THR F 414 19.97 38.32 23.74
C THR F 414 19.26 39.22 24.71
N ALA F 415 18.92 40.43 24.25
CA ALA F 415 18.26 41.39 25.09
C ALA F 415 16.94 40.88 25.61
N ASN F 416 16.17 40.17 24.78
CA ASN F 416 14.89 39.69 25.27
C ASN F 416 15.09 38.54 26.22
N ARG F 417 16.07 37.69 25.97
CA ARG F 417 16.30 36.56 26.84
C ARG F 417 16.68 37.05 28.22
N VAL F 418 17.53 38.07 28.28
CA VAL F 418 17.94 38.60 29.55
C VAL F 418 16.80 39.27 30.25
N ALA F 419 16.06 40.11 29.53
CA ALA F 419 14.97 40.82 30.15
C ALA F 419 13.96 39.87 30.76
N LEU F 420 13.68 38.77 30.07
CA LEU F 420 12.71 37.84 30.62
C LEU F 420 13.24 37.16 31.84
N GLU F 421 14.46 36.64 31.79
CA GLU F 421 14.96 35.93 32.96
C GLU F 421 15.01 36.85 34.16
N ALA F 422 15.40 38.11 33.94
CA ALA F 422 15.45 39.04 35.03
C ALA F 422 14.07 39.25 35.63
N CYS F 423 13.06 39.37 34.78
CA CYS F 423 11.71 39.58 35.29
C CYS F 423 11.17 38.39 36.05
N VAL F 424 11.41 37.19 35.54
CA VAL F 424 10.91 36.00 36.20
C VAL F 424 11.56 35.83 37.55
N GLN F 425 12.86 35.98 37.62
CA GLN F 425 13.52 35.83 38.89
C GLN F 425 13.07 36.91 39.85
N ALA F 426 12.90 38.13 39.37
CA ALA F 426 12.46 39.17 40.27
C ALA F 426 11.12 38.83 40.86
N ARG F 427 10.21 38.29 40.04
CA ARG F 427 8.90 37.89 40.51
C ARG F 427 9.01 36.78 41.56
N ASN F 428 9.87 35.79 41.31
CA ASN F 428 10.04 34.68 42.24
C ASN F 428 10.52 35.17 43.60
N GLU F 429 11.28 36.25 43.62
CA GLU F 429 11.82 36.84 44.84
C GLU F 429 10.83 37.78 45.53
N GLY F 430 9.63 37.94 44.97
CA GLY F 430 8.63 38.81 45.56
C GLY F 430 8.71 40.27 45.15
N ARG F 431 9.40 40.60 44.06
CA ARG F 431 9.49 41.98 43.65
C ARG F 431 8.26 42.34 42.83
N ASP F 432 7.83 43.59 42.86
CA ASP F 432 6.62 43.95 42.13
C ASP F 432 6.87 44.38 40.69
N LEU F 433 6.57 43.50 39.74
CA LEU F 433 6.87 43.83 38.35
C LEU F 433 6.11 45.04 37.81
N TYR F 434 4.96 45.40 38.40
CA TYR F 434 4.24 46.55 37.84
C TYR F 434 4.75 47.88 38.39
N ARG F 435 5.66 47.84 39.35
CA ARG F 435 6.16 49.08 39.92
C ARG F 435 7.68 49.17 39.82
N GLU F 436 8.35 48.06 40.07
CA GLU F 436 9.81 48.00 40.06
C GLU F 436 10.33 47.64 38.69
N GLY F 437 9.42 47.42 37.75
CA GLY F 437 9.79 46.94 36.42
C GLY F 437 10.84 47.80 35.77
N GLY F 438 10.77 49.11 35.97
CA GLY F 438 11.76 50.00 35.40
C GLY F 438 13.16 49.71 35.92
N ASP F 439 13.25 49.36 37.21
CA ASP F 439 14.54 49.13 37.82
C ASP F 439 15.02 47.75 37.54
N ILE F 440 14.10 46.82 37.44
CA ILE F 440 14.50 45.46 37.16
C ILE F 440 15.17 45.45 35.81
N LEU F 441 14.57 46.11 34.81
CA LEU F 441 15.20 46.19 33.51
C LEU F 441 16.51 46.95 33.53
N ARG F 442 16.59 48.09 34.24
CA ARG F 442 17.84 48.83 34.28
C ARG F 442 18.98 48.04 34.94
N GLU F 443 18.67 47.35 36.05
CA GLU F 443 19.67 46.57 36.75
C GLU F 443 20.17 45.47 35.85
N ALA F 444 19.25 44.82 35.15
CA ALA F 444 19.65 43.79 34.21
C ALA F 444 20.48 44.37 33.08
N GLY F 445 20.09 45.54 32.59
CA GLY F 445 20.77 46.18 31.47
C GLY F 445 22.23 46.45 31.78
N LYS F 446 22.50 46.86 33.01
CA LYS F 446 23.86 47.13 33.45
C LYS F 446 24.80 45.92 33.37
N TRP F 447 24.24 44.72 33.30
CA TRP F 447 25.06 43.52 33.28
C TRP F 447 25.11 42.91 31.88
N SER F 448 24.45 43.53 30.91
CA SER F 448 24.42 42.99 29.56
C SER F 448 24.26 44.08 28.50
N PRO F 449 25.33 44.43 27.76
CA PRO F 449 25.38 45.47 26.73
C PRO F 449 24.24 45.40 25.72
N GLU F 450 23.81 44.19 25.39
CA GLU F 450 22.74 44.01 24.44
C GLU F 450 21.43 44.56 24.95
N LEU F 451 21.19 44.38 26.25
CA LEU F 451 19.97 44.86 26.85
C LEU F 451 20.13 46.34 27.08
N ALA F 452 21.31 46.76 27.51
CA ALA F 452 21.48 48.16 27.74
C ALA F 452 21.17 48.94 26.45
N ALA F 453 21.60 48.39 25.30
CA ALA F 453 21.30 48.99 24.02
C ALA F 453 19.80 48.94 23.72
N ALA F 454 19.17 47.81 24.01
CA ALA F 454 17.74 47.62 23.78
C ALA F 454 16.88 48.60 24.55
N LEU F 455 17.34 48.98 25.74
CA LEU F 455 16.62 49.89 26.61
C LEU F 455 16.88 51.35 26.27
N ASP F 456 17.64 51.63 25.22
CA ASP F 456 17.90 53.00 24.84
C ASP F 456 16.69 53.52 24.07
N LEU F 457 15.64 53.82 24.83
CA LEU F 457 14.34 54.22 24.33
C LEU F 457 13.96 55.63 24.73
N LYS G 17 -7.54 2.07 55.71
CA LYS G 17 -8.89 1.79 55.22
C LYS G 17 -9.72 3.04 55.27
N LEU G 18 -9.25 3.99 56.05
CA LEU G 18 -9.97 5.23 56.33
C LEU G 18 -9.79 6.22 55.21
N THR G 19 -8.98 5.83 54.25
CA THR G 19 -8.70 6.62 53.09
C THR G 19 -9.50 6.08 51.90
N TYR G 20 -10.23 4.96 52.12
CA TYR G 20 -11.02 4.31 51.09
C TYR G 20 -12.51 4.20 51.45
N TYR G 21 -12.85 3.88 52.70
CA TYR G 21 -14.27 3.82 53.05
C TYR G 21 -14.71 5.12 53.65
N THR G 22 -15.59 5.80 52.93
CA THR G 22 -16.08 7.10 53.29
C THR G 22 -17.61 7.07 53.27
N PRO G 23 -18.27 6.79 54.41
CA PRO G 23 -19.70 6.60 54.58
C PRO G 23 -20.58 7.80 54.19
N ASP G 24 -20.00 8.98 54.10
CA ASP G 24 -20.73 10.19 53.78
C ASP G 24 -20.23 10.88 52.52
N TYR G 25 -20.22 10.14 51.43
CA TYR G 25 -19.80 10.62 50.14
C TYR G 25 -20.95 10.54 49.16
N THR G 26 -21.16 11.58 48.40
CA THR G 26 -22.19 11.55 47.41
C THR G 26 -21.51 11.48 46.06
N PRO G 27 -21.78 10.47 45.23
CA PRO G 27 -21.22 10.28 43.91
C PRO G 27 -21.48 11.43 42.99
N LYS G 28 -20.53 11.67 42.11
CA LYS G 28 -20.65 12.73 41.13
C LYS G 28 -21.30 12.19 39.87
N ASP G 29 -21.86 13.07 39.08
CA ASP G 29 -22.50 12.71 37.81
C ASP G 29 -21.56 12.05 36.82
N THR G 30 -20.27 12.29 36.99
CA THR G 30 -19.26 11.73 36.12
C THR G 30 -18.54 10.53 36.72
N ASP G 31 -18.95 10.07 37.89
CA ASP G 31 -18.28 8.91 38.48
C ASP G 31 -18.80 7.61 37.89
N LEU G 32 -17.95 6.61 37.85
CA LEU G 32 -18.38 5.29 37.47
C LEU G 32 -18.69 4.56 38.74
N LEU G 33 -19.81 3.88 38.80
CA LEU G 33 -20.11 3.21 40.06
C LEU G 33 -20.16 1.73 39.88
N ALA G 34 -19.73 0.98 40.89
CA ALA G 34 -19.88 -0.45 40.79
C ALA G 34 -20.42 -1.04 42.07
N ALA G 35 -21.25 -2.07 41.90
CA ALA G 35 -21.86 -2.79 43.00
C ALA G 35 -21.33 -4.20 43.06
N PHE G 36 -20.73 -4.53 44.19
CA PHE G 36 -20.15 -5.84 44.42
C PHE G 36 -20.82 -6.56 45.57
N ARG G 37 -20.79 -7.89 45.52
CA ARG G 37 -21.23 -8.73 46.62
C ARG G 37 -20.06 -9.52 47.12
N PHE G 38 -19.98 -9.66 48.41
CA PHE G 38 -18.87 -10.42 48.90
C PHE G 38 -19.14 -11.10 50.20
N SER G 39 -18.32 -12.07 50.49
CA SER G 39 -18.36 -12.75 51.75
C SER G 39 -16.95 -12.69 52.32
N PRO G 40 -16.71 -11.94 53.39
CA PRO G 40 -15.42 -11.73 54.02
C PRO G 40 -14.94 -12.96 54.77
N GLN G 41 -13.62 -13.14 54.85
CA GLN G 41 -13.06 -14.29 55.56
C GLN G 41 -13.34 -14.21 57.05
N PRO G 42 -13.16 -15.34 57.78
CA PRO G 42 -13.38 -15.20 59.21
C PRO G 42 -12.44 -14.17 59.84
N GLY G 43 -12.98 -13.34 60.72
CA GLY G 43 -12.18 -12.31 61.36
C GLY G 43 -12.04 -11.04 60.55
N VAL G 44 -12.72 -10.97 59.40
CA VAL G 44 -12.68 -9.78 58.58
C VAL G 44 -14.02 -9.05 58.63
N PRO G 45 -14.00 -7.80 59.11
CA PRO G 45 -15.24 -6.99 59.13
C PRO G 45 -15.67 -6.53 57.75
N ALA G 46 -16.96 -6.34 57.55
CA ALA G 46 -17.47 -5.91 56.25
C ALA G 46 -16.90 -4.60 55.76
N ASP G 47 -16.72 -3.63 56.64
CA ASP G 47 -16.26 -2.33 56.19
C ASP G 47 -14.84 -2.40 55.73
N GLU G 48 -14.03 -3.16 56.45
CA GLU G 48 -12.65 -3.30 56.05
C GLU G 48 -12.58 -3.98 54.71
N ALA G 49 -13.42 -5.00 54.49
CA ALA G 49 -13.42 -5.67 53.21
C ALA G 49 -13.82 -4.72 52.10
N GLY G 50 -14.83 -3.89 52.35
CA GLY G 50 -15.29 -2.93 51.36
C GLY G 50 -14.19 -1.95 50.99
N ALA G 51 -13.49 -1.44 52.01
CA ALA G 51 -12.41 -0.50 51.76
C ALA G 51 -11.35 -1.15 50.91
N ALA G 52 -11.04 -2.41 51.21
CA ALA G 52 -10.05 -3.12 50.44
C ALA G 52 -10.46 -3.27 49.00
N ILE G 53 -11.72 -3.56 48.74
CA ILE G 53 -12.14 -3.74 47.36
C ILE G 53 -11.85 -2.44 46.62
N ALA G 54 -12.23 -1.30 47.22
CA ALA G 54 -11.98 -0.02 46.58
C ALA G 54 -10.51 0.21 46.35
N ALA G 55 -9.66 -0.14 47.31
CA ALA G 55 -8.25 0.07 47.14
C ALA G 55 -7.64 -0.82 46.08
N GLU G 56 -7.98 -2.10 46.07
CA GLU G 56 -7.38 -3.04 45.16
C GLU G 56 -7.72 -2.72 43.71
N SER G 57 -8.93 -2.22 43.51
CA SER G 57 -9.44 -1.87 42.19
C SER G 57 -9.10 -0.43 41.73
N SER G 58 -8.29 0.31 42.48
CA SER G 58 -7.96 1.68 42.11
C SER G 58 -6.59 2.00 42.66
N THR G 59 -6.14 3.26 42.65
CA THR G 59 -4.80 3.44 43.21
C THR G 59 -4.83 2.93 44.65
N GLY G 60 -3.93 2.02 44.98
CA GLY G 60 -3.92 1.43 46.31
C GLY G 60 -3.50 -0.03 46.26
N ASP G 74 -4.99 11.40 45.01
CA ASP G 74 -6.15 11.55 45.88
C ASP G 74 -7.38 11.64 45.03
N ARG G 75 -7.14 11.80 43.75
CA ARG G 75 -8.19 11.88 42.75
C ARG G 75 -8.16 10.69 41.80
N TYR G 76 -7.31 9.72 42.11
CA TYR G 76 -7.16 8.53 41.29
C TYR G 76 -7.48 7.27 42.08
N LYS G 77 -8.31 7.43 43.10
CA LYS G 77 -8.66 6.32 43.95
C LYS G 77 -10.16 6.17 44.00
N GLY G 78 -10.61 4.95 44.14
CA GLY G 78 -12.01 4.71 44.27
C GLY G 78 -12.42 4.94 45.70
N LYS G 79 -13.69 5.11 45.91
CA LYS G 79 -14.19 5.29 47.26
C LYS G 79 -15.35 4.40 47.51
N CYS G 80 -15.33 3.75 48.64
CA CYS G 80 -16.45 2.93 48.99
C CYS G 80 -17.39 3.83 49.75
N TYR G 81 -18.59 3.99 49.26
CA TYR G 81 -19.49 4.94 49.88
C TYR G 81 -20.63 4.28 50.59
N HIS G 82 -20.90 3.04 50.29
CA HIS G 82 -22.01 2.40 50.98
C HIS G 82 -21.85 0.91 51.11
N ILE G 83 -22.08 0.41 52.30
CA ILE G 83 -22.03 -1.01 52.59
C ILE G 83 -23.28 -1.44 53.31
N GLU G 84 -23.88 -2.51 52.86
CA GLU G 84 -25.09 -3.01 53.50
C GLU G 84 -25.11 -4.52 53.40
N PRO G 85 -25.73 -5.24 54.33
CA PRO G 85 -25.85 -6.68 54.31
C PRO G 85 -26.81 -7.12 53.23
N VAL G 86 -26.60 -8.34 52.77
CA VAL G 86 -27.52 -8.94 51.85
C VAL G 86 -28.66 -9.50 52.65
N GLN G 87 -29.87 -9.02 52.42
CA GLN G 87 -30.96 -9.49 53.24
C GLN G 87 -31.12 -10.98 53.07
N GLY G 88 -31.24 -11.70 54.18
CA GLY G 88 -31.47 -13.13 54.11
C GLY G 88 -30.23 -13.98 54.01
N GLU G 89 -29.10 -13.38 53.66
CA GLU G 89 -27.89 -14.18 53.47
C GLU G 89 -26.84 -13.92 54.54
N GLU G 90 -26.43 -15.00 55.21
CA GLU G 90 -25.42 -14.88 56.26
C GLU G 90 -24.05 -14.58 55.69
N ASN G 91 -23.24 -13.82 56.43
CA ASN G 91 -21.90 -13.44 55.98
C ASN G 91 -21.89 -13.05 54.51
N SER G 92 -22.75 -12.10 54.15
CA SER G 92 -22.81 -11.68 52.78
C SER G 92 -23.24 -10.24 52.74
N TYR G 93 -22.43 -9.42 52.08
CA TYR G 93 -22.60 -7.98 52.01
C TYR G 93 -22.48 -7.40 50.62
N PHE G 94 -23.07 -6.24 50.44
CA PHE G 94 -22.90 -5.45 49.24
C PHE G 94 -22.00 -4.29 49.52
N ALA G 95 -21.25 -3.87 48.51
CA ALA G 95 -20.44 -2.66 48.63
C ALA G 95 -20.54 -1.87 47.36
N PHE G 96 -20.72 -0.58 47.54
CA PHE G 96 -20.86 0.35 46.44
C PHE G 96 -19.67 1.26 46.38
N ILE G 97 -18.98 1.18 45.25
CA ILE G 97 -17.75 1.90 45.03
C ILE G 97 -17.74 2.84 43.83
N ALA G 98 -17.34 4.07 44.08
CA ALA G 98 -17.23 5.07 43.03
C ALA G 98 -15.82 5.12 42.47
N TYR G 99 -15.69 5.37 41.18
CA TYR G 99 -14.40 5.55 40.55
C TYR G 99 -14.39 6.81 39.67
N PRO G 100 -13.42 7.71 39.79
CA PRO G 100 -13.29 8.90 38.97
C PRO G 100 -13.25 8.63 37.49
N LEU G 101 -13.87 9.49 36.69
CA LEU G 101 -13.92 9.36 35.23
C LEU G 101 -12.56 9.13 34.59
N ASP G 102 -11.54 9.81 35.10
CA ASP G 102 -10.19 9.79 34.55
C ASP G 102 -9.48 8.47 34.61
N LEU G 103 -10.01 7.53 35.37
CA LEU G 103 -9.37 6.25 35.47
C LEU G 103 -9.68 5.36 34.28
N PHE G 104 -10.50 5.82 33.35
CA PHE G 104 -10.84 4.96 32.24
C PHE G 104 -10.50 5.53 30.88
N GLU G 105 -9.86 4.72 30.04
CA GLU G 105 -9.53 5.07 28.65
C GLU G 105 -10.78 5.31 27.84
N GLU G 106 -10.85 6.42 27.10
CA GLU G 106 -12.06 6.68 26.34
C GLU G 106 -12.31 5.59 25.33
N GLY G 107 -13.55 5.16 25.23
CA GLY G 107 -13.94 4.19 24.23
C GLY G 107 -13.47 2.77 24.46
N SER G 108 -12.91 2.44 25.62
CA SER G 108 -12.37 1.10 25.77
C SER G 108 -12.89 0.17 26.84
N VAL G 109 -13.61 -0.85 26.40
CA VAL G 109 -14.17 -1.83 27.33
C VAL G 109 -13.07 -2.59 28.04
N THR G 110 -12.03 -2.93 27.30
CA THR G 110 -10.95 -3.68 27.87
C THR G 110 -10.27 -2.91 28.97
N ASN G 111 -10.20 -1.59 28.86
CA ASN G 111 -9.54 -0.86 29.93
C ASN G 111 -10.44 -0.79 31.13
N ILE G 112 -11.74 -0.64 30.90
CA ILE G 112 -12.63 -0.55 32.03
C ILE G 112 -12.56 -1.84 32.81
N LEU G 113 -12.62 -2.96 32.12
CA LEU G 113 -12.53 -4.22 32.79
C LEU G 113 -11.21 -4.47 33.48
N THR G 114 -10.05 -4.14 32.91
CA THR G 114 -8.91 -4.51 33.74
C THR G 114 -8.90 -3.68 35.00
N SER G 115 -9.31 -2.42 34.89
CA SER G 115 -9.30 -1.56 36.06
C SER G 115 -10.21 -2.07 37.15
N ILE G 116 -11.39 -2.56 36.80
CA ILE G 116 -12.33 -2.99 37.80
C ILE G 116 -12.20 -4.45 38.21
N VAL G 117 -12.03 -5.38 37.28
CA VAL G 117 -12.01 -6.79 37.66
C VAL G 117 -10.67 -7.49 37.47
N GLY G 118 -9.60 -6.74 37.20
CA GLY G 118 -8.29 -7.31 36.96
C GLY G 118 -7.77 -8.19 38.09
N ASN G 119 -7.68 -7.69 39.32
CA ASN G 119 -7.15 -8.55 40.36
C ASN G 119 -7.88 -8.53 41.68
N VAL G 120 -8.96 -7.78 41.77
CA VAL G 120 -9.67 -7.68 43.02
C VAL G 120 -10.27 -9.01 43.48
N PHE G 121 -10.59 -9.87 42.53
CA PHE G 121 -11.18 -11.17 42.78
C PHE G 121 -10.22 -12.13 43.43
N GLY G 122 -8.93 -11.84 43.37
CA GLY G 122 -7.94 -12.70 43.99
C GLY G 122 -7.57 -12.22 45.39
N PHE G 123 -8.23 -11.18 45.88
CA PHE G 123 -7.90 -10.62 47.18
C PHE G 123 -8.21 -11.54 48.35
N LYS G 124 -7.17 -11.78 49.14
CA LYS G 124 -7.15 -12.70 50.27
C LYS G 124 -8.11 -12.53 51.43
N ALA G 125 -8.60 -11.33 51.73
CA ALA G 125 -9.46 -11.20 52.89
C ALA G 125 -10.91 -11.53 52.59
N ILE G 126 -11.21 -11.84 51.34
CA ILE G 126 -12.55 -12.13 50.92
C ILE G 126 -12.65 -13.56 50.40
N ARG G 127 -13.64 -14.30 50.88
CA ARG G 127 -13.86 -15.70 50.48
C ARG G 127 -14.29 -15.79 49.05
N SER G 128 -15.17 -14.89 48.71
CA SER G 128 -15.70 -14.81 47.36
C SER G 128 -16.16 -13.41 47.05
N LEU G 129 -16.09 -13.08 45.77
CA LEU G 129 -16.49 -11.77 45.28
C LEU G 129 -17.20 -11.90 43.95
N ARG G 130 -18.31 -11.20 43.83
CA ARG G 130 -19.08 -11.15 42.61
C ARG G 130 -19.45 -9.73 42.25
N LEU G 131 -19.34 -9.39 40.98
CA LEU G 131 -19.73 -8.08 40.50
C LEU G 131 -21.15 -8.11 39.99
N GLU G 132 -22.00 -7.28 40.56
CA GLU G 132 -23.40 -7.28 40.19
C GLU G 132 -23.76 -6.20 39.20
N ASP G 133 -23.18 -5.02 39.32
CA ASP G 133 -23.60 -3.97 38.41
C ASP G 133 -22.60 -2.83 38.27
N ILE G 134 -22.69 -2.15 37.12
CA ILE G 134 -21.91 -0.95 36.81
C ILE G 134 -22.72 0.19 36.24
N ARG G 135 -22.55 1.38 36.79
CA ARG G 135 -23.17 2.56 36.26
C ARG G 135 -22.19 3.31 35.41
N PHE G 136 -22.48 3.44 34.13
CA PHE G 136 -21.56 4.13 33.27
C PHE G 136 -22.05 5.55 33.14
N PRO G 137 -21.28 6.57 33.51
CA PRO G 137 -21.71 7.94 33.48
C PRO G 137 -21.87 8.33 32.06
N VAL G 138 -22.76 9.28 31.78
CA VAL G 138 -22.96 9.73 30.40
C VAL G 138 -21.67 10.15 29.74
N ALA G 139 -20.84 10.84 30.47
CA ALA G 139 -19.59 11.33 29.94
C ALA G 139 -18.71 10.23 29.37
N LEU G 140 -18.87 9.01 29.85
CA LEU G 140 -18.07 7.89 29.38
C LEU G 140 -18.82 7.18 28.28
N VAL G 141 -20.14 7.08 28.41
CA VAL G 141 -20.97 6.39 27.44
C VAL G 141 -20.79 7.03 26.08
N LYS G 142 -20.69 8.35 26.05
CA LYS G 142 -20.55 9.08 24.80
C LYS G 142 -19.22 8.89 24.11
N THR G 143 -18.27 8.18 24.70
CA THR G 143 -17.00 7.97 24.03
C THR G 143 -17.00 6.64 23.29
N PHE G 144 -18.09 5.89 23.40
CA PHE G 144 -18.20 4.58 22.76
C PHE G 144 -19.04 4.59 21.54
N GLN G 145 -18.72 3.73 20.60
CA GLN G 145 -19.54 3.61 19.40
C GLN G 145 -20.95 3.15 19.65
N GLY G 146 -21.11 2.12 20.48
CA GLY G 146 -22.42 1.57 20.64
C GLY G 146 -22.68 0.61 19.50
N PRO G 147 -23.87 0.03 19.41
CA PRO G 147 -24.26 -0.89 18.39
C PRO G 147 -24.08 -0.24 17.02
N PRO G 148 -23.54 -0.95 16.02
CA PRO G 148 -23.39 -0.55 14.66
C PRO G 148 -24.66 0.05 14.07
N HIS G 149 -25.81 -0.53 14.41
CA HIS G 149 -27.06 -0.04 13.86
C HIS G 149 -28.10 0.17 14.92
N GLY G 150 -28.30 -0.82 15.76
CA GLY G 150 -29.30 -0.71 16.80
C GLY G 150 -30.67 -1.16 16.35
N ILE G 151 -31.62 -1.14 17.26
CA ILE G 151 -32.96 -1.66 17.02
C ILE G 151 -33.76 -1.00 15.92
N GLN G 152 -33.81 0.32 15.89
CA GLN G 152 -34.65 0.96 14.90
C GLN G 152 -34.03 0.89 13.54
N VAL G 153 -32.73 1.08 13.48
CA VAL G 153 -32.08 1.01 12.20
C VAL G 153 -32.21 -0.38 11.66
N GLU G 154 -32.00 -1.38 12.49
CA GLU G 154 -32.13 -2.73 12.02
C GLU G 154 -33.49 -3.01 11.46
N ARG G 155 -34.56 -2.60 12.13
CA ARG G 155 -35.84 -2.89 11.52
C ARG G 155 -35.96 -2.24 10.16
N ASP G 156 -35.46 -1.00 10.03
CA ASP G 156 -35.54 -0.34 8.74
C ASP G 156 -34.71 -1.04 7.68
N LEU G 157 -33.52 -1.50 8.03
CA LEU G 157 -32.67 -2.18 7.06
C LEU G 157 -33.30 -3.47 6.61
N LEU G 158 -33.92 -4.17 7.55
CA LEU G 158 -34.56 -5.42 7.24
C LEU G 158 -35.99 -5.28 6.77
N ASN G 159 -36.57 -4.12 6.92
CA ASN G 159 -37.95 -3.88 6.55
C ASN G 159 -38.89 -4.85 7.26
N LYS G 160 -38.67 -5.07 8.54
CA LYS G 160 -39.51 -5.97 9.32
C LYS G 160 -40.09 -5.26 10.52
N TYR G 161 -41.40 -5.11 10.55
CA TYR G 161 -42.04 -4.36 11.61
C TYR G 161 -43.22 -5.09 12.22
N GLY G 162 -43.55 -4.73 13.45
CA GLY G 162 -44.74 -5.22 14.12
C GLY G 162 -44.63 -6.59 14.78
N ARG G 163 -43.46 -7.16 14.79
CA ARG G 163 -43.31 -8.47 15.37
C ARG G 163 -41.86 -8.82 15.71
N PRO G 164 -41.65 -9.82 16.58
CA PRO G 164 -40.39 -10.48 16.83
C PRO G 164 -39.92 -11.15 15.57
N MET G 165 -38.62 -11.32 15.45
CA MET G 165 -38.05 -12.06 14.32
C MET G 165 -37.81 -13.51 14.68
N LEU G 166 -37.84 -14.42 13.72
CA LEU G 166 -37.59 -15.84 13.98
C LEU G 166 -36.40 -16.43 13.32
N GLY G 167 -35.84 -17.43 13.97
CA GLY G 167 -34.82 -18.21 13.31
C GLY G 167 -34.57 -19.54 13.96
N CYS G 168 -33.58 -20.24 13.43
CA CYS G 168 -33.23 -21.53 13.98
C CYS G 168 -31.81 -21.90 13.72
N THR G 169 -31.38 -22.96 14.34
CA THR G 169 -30.05 -23.51 14.12
C THR G 169 -30.17 -24.81 13.38
N ILE G 170 -29.34 -25.03 12.37
CA ILE G 170 -29.36 -26.31 11.66
C ILE G 170 -28.72 -27.38 12.52
N LYS G 171 -29.47 -28.44 12.83
CA LYS G 171 -28.98 -29.49 13.72
C LYS G 171 -27.74 -30.27 13.26
N PRO G 172 -27.67 -30.86 12.05
CA PRO G 172 -26.50 -31.56 11.59
C PRO G 172 -25.22 -30.79 11.91
N LEU G 176 -21.92 -32.13 7.52
CA LEU G 176 -22.43 -32.01 6.17
C LEU G 176 -21.47 -31.29 5.26
N SER G 177 -21.57 -31.59 3.96
CA SER G 177 -20.76 -30.87 2.99
C SER G 177 -21.37 -29.50 2.84
N ALA G 178 -20.63 -28.57 2.26
CA ALA G 178 -21.13 -27.21 2.16
C ALA G 178 -22.42 -27.11 1.34
N LYS G 179 -22.51 -27.87 0.25
CA LYS G 179 -23.73 -27.88 -0.54
C LYS G 179 -24.94 -28.43 0.23
N ASN G 180 -24.75 -29.51 0.98
CA ASN G 180 -25.86 -30.10 1.72
C ASN G 180 -26.26 -29.13 2.81
N TYR G 181 -25.28 -28.43 3.37
CA TYR G 181 -25.56 -27.45 4.38
C TYR G 181 -26.37 -26.35 3.73
N GLY G 182 -25.92 -25.89 2.56
CA GLY G 182 -26.62 -24.85 1.85
C GLY G 182 -28.05 -25.26 1.55
N ARG G 183 -28.28 -26.53 1.20
CA ARG G 183 -29.66 -26.94 0.96
C ARG G 183 -30.51 -26.78 2.22
N ALA G 184 -29.98 -27.16 3.38
CA ALA G 184 -30.72 -27.02 4.62
C ALA G 184 -31.05 -25.56 4.90
N VAL G 185 -30.10 -24.67 4.62
CA VAL G 185 -30.33 -23.26 4.84
C VAL G 185 -31.43 -22.80 3.95
N TYR G 186 -31.36 -23.16 2.67
CA TYR G 186 -32.38 -22.75 1.74
C TYR G 186 -33.74 -23.15 2.19
N GLU G 187 -33.92 -24.42 2.53
CA GLU G 187 -35.25 -24.86 2.92
C GLU G 187 -35.79 -24.11 4.12
N CYS G 188 -34.95 -23.90 5.14
CA CYS G 188 -35.42 -23.21 6.35
C CYS G 188 -35.82 -21.76 6.08
N LEU G 189 -35.02 -21.06 5.29
CA LEU G 189 -35.35 -19.68 5.03
C LEU G 189 -36.54 -19.59 4.10
N ARG G 190 -36.57 -20.47 3.10
CA ARG G 190 -37.62 -20.51 2.11
C ARG G 190 -38.96 -20.76 2.76
N GLY G 191 -38.95 -21.58 3.80
CA GLY G 191 -40.13 -21.97 4.54
C GLY G 191 -40.69 -20.91 5.49
N GLY G 192 -40.01 -19.77 5.69
CA GLY G 192 -40.57 -18.74 6.56
C GLY G 192 -39.74 -18.18 7.73
N LEU G 193 -38.54 -18.67 7.99
CA LEU G 193 -37.77 -18.06 9.08
C LEU G 193 -37.06 -16.85 8.56
N ASP G 194 -36.69 -15.91 9.43
CA ASP G 194 -35.99 -14.71 9.01
C ASP G 194 -34.50 -15.00 8.99
N PHE G 195 -34.04 -15.79 9.96
CA PHE G 195 -32.62 -16.08 10.04
C PHE G 195 -32.31 -17.53 10.29
N THR G 196 -31.20 -17.96 9.74
CA THR G 196 -30.67 -19.28 10.02
C THR G 196 -29.28 -19.11 10.63
N LYS G 197 -28.96 -19.85 11.68
CA LYS G 197 -27.68 -19.69 12.35
C LYS G 197 -26.69 -20.83 12.19
N ASP G 198 -25.40 -20.49 12.02
CA ASP G 198 -24.31 -21.47 12.04
C ASP G 198 -24.14 -22.04 13.42
N ASP G 199 -23.79 -23.31 13.54
CA ASP G 199 -23.49 -23.82 14.86
C ASP G 199 -22.33 -22.99 15.41
N GLU G 200 -22.38 -22.60 16.66
CA GLU G 200 -21.32 -21.77 17.22
C GLU G 200 -19.95 -22.42 17.25
N ASN G 201 -19.87 -23.75 17.13
CA ASN G 201 -18.58 -24.41 17.18
C ASN G 201 -17.97 -24.68 15.82
N ILE G 202 -18.59 -24.22 14.74
CA ILE G 202 -18.03 -24.51 13.44
C ILE G 202 -17.45 -23.28 12.81
N ASN G 203 -16.12 -23.20 12.78
CA ASN G 203 -15.49 -22.04 12.17
C ASN G 203 -14.96 -22.48 10.82
N SER G 204 -14.01 -23.40 10.90
CA SER G 204 -13.35 -24.02 9.78
C SER G 204 -12.72 -25.30 10.27
N GLN G 205 -13.09 -26.40 9.69
CA GLN G 205 -12.59 -27.70 10.13
C GLN G 205 -12.27 -28.52 8.90
N PRO G 206 -11.43 -29.53 8.97
CA PRO G 206 -11.15 -30.40 7.86
C PRO G 206 -12.39 -30.90 7.12
N PHE G 207 -13.49 -31.13 7.82
CA PHE G 207 -14.70 -31.61 7.17
C PHE G 207 -15.48 -30.54 6.41
N GLN G 208 -15.20 -29.27 6.67
CA GLN G 208 -15.90 -28.18 6.03
C GLN G 208 -15.09 -26.90 6.17
N ARG G 209 -14.75 -26.25 5.07
CA ARG G 209 -13.98 -25.03 5.16
C ARG G 209 -14.88 -23.86 4.94
N TRP G 210 -14.67 -22.83 5.74
CA TRP G 210 -15.51 -21.65 5.71
C TRP G 210 -15.74 -21.03 4.37
N ARG G 211 -14.75 -21.01 3.51
CA ARG G 211 -15.03 -20.32 2.27
C ARG G 211 -16.16 -20.98 1.51
N ASP G 212 -16.26 -22.32 1.59
CA ASP G 212 -17.30 -22.99 0.84
C ASP G 212 -18.60 -22.82 1.56
N ARG G 213 -18.58 -22.86 2.88
CA ARG G 213 -19.83 -22.65 3.58
C ARG G 213 -20.39 -21.30 3.19
N PHE G 214 -19.54 -20.29 3.17
CA PHE G 214 -20.02 -18.96 2.84
C PHE G 214 -20.63 -18.93 1.46
N LEU G 215 -19.99 -19.55 0.47
CA LEU G 215 -20.59 -19.52 -0.87
C LEU G 215 -21.92 -20.22 -0.98
N PHE G 216 -22.04 -21.38 -0.36
CA PHE G 216 -23.28 -22.12 -0.51
C PHE G 216 -24.40 -21.52 0.29
N VAL G 217 -24.09 -20.98 1.45
CA VAL G 217 -25.09 -20.33 2.25
C VAL G 217 -25.58 -19.13 1.52
N ALA G 218 -24.67 -18.33 1.00
CA ALA G 218 -25.07 -17.15 0.29
C ALA G 218 -25.98 -17.49 -0.86
N ASP G 219 -25.68 -18.56 -1.58
CA ASP G 219 -26.56 -18.93 -2.67
C ASP G 219 -27.94 -19.24 -2.12
N ALA G 220 -28.01 -20.01 -1.03
CA ALA G 220 -29.30 -20.36 -0.46
C ALA G 220 -30.10 -19.12 -0.11
N ILE G 221 -29.43 -18.13 0.45
CA ILE G 221 -30.11 -16.91 0.79
C ILE G 221 -30.62 -16.23 -0.43
N HIS G 222 -29.79 -16.09 -1.44
CA HIS G 222 -30.24 -15.38 -2.60
C HIS G 222 -31.43 -16.06 -3.25
N LYS G 223 -31.44 -17.39 -3.32
CA LYS G 223 -32.59 -18.03 -3.92
C LYS G 223 -33.85 -17.78 -3.10
N SER G 224 -33.76 -17.92 -1.78
CA SER G 224 -34.93 -17.72 -0.93
C SER G 224 -35.45 -16.30 -1.00
N GLN G 225 -34.56 -15.32 -1.05
CA GLN G 225 -35.04 -13.95 -1.12
C GLN G 225 -35.75 -13.76 -2.43
N ALA G 226 -35.18 -14.25 -3.52
CA ALA G 226 -35.80 -14.07 -4.80
C ALA G 226 -37.18 -14.70 -4.89
N GLU G 227 -37.33 -15.87 -4.28
CA GLU G 227 -38.58 -16.60 -4.34
C GLU G 227 -39.65 -16.11 -3.37
N THR G 228 -39.28 -15.48 -2.27
CA THR G 228 -40.27 -15.05 -1.30
C THR G 228 -40.51 -13.55 -1.28
N GLY G 229 -39.57 -12.76 -1.77
CA GLY G 229 -39.71 -11.31 -1.78
C GLY G 229 -39.32 -10.66 -0.47
N GLU G 230 -38.90 -11.44 0.50
CA GLU G 230 -38.52 -10.90 1.80
C GLU G 230 -37.02 -10.83 1.96
N ILE G 231 -36.59 -10.26 3.06
CA ILE G 231 -35.17 -10.21 3.35
C ILE G 231 -34.83 -11.28 4.32
N LYS G 232 -33.89 -12.11 3.94
CA LYS G 232 -33.47 -13.26 4.70
C LYS G 232 -31.99 -13.23 4.90
N GLY G 233 -31.53 -13.83 5.97
CA GLY G 233 -30.10 -13.91 6.11
C GLY G 233 -29.62 -15.10 6.92
N HIS G 234 -28.34 -15.11 7.18
CA HIS G 234 -27.75 -16.21 7.88
C HIS G 234 -26.64 -15.70 8.70
N TYR G 235 -26.58 -16.15 9.92
CA TYR G 235 -25.59 -15.69 10.81
C TYR G 235 -24.28 -16.40 10.60
N LEU G 236 -23.54 -15.98 9.59
CA LEU G 236 -22.28 -16.62 9.28
C LEU G 236 -21.30 -16.37 10.40
N ASN G 237 -20.65 -17.41 10.85
CA ASN G 237 -19.69 -17.27 11.94
C ASN G 237 -18.35 -16.76 11.42
N VAL G 238 -17.92 -15.57 11.85
CA VAL G 238 -16.65 -15.04 11.38
C VAL G 238 -15.64 -15.03 12.50
N THR G 239 -15.94 -15.73 13.57
CA THR G 239 -15.04 -15.83 14.70
C THR G 239 -13.78 -16.43 14.13
N ALA G 240 -12.62 -15.90 14.49
CA ALA G 240 -11.40 -16.42 13.89
C ALA G 240 -10.23 -16.33 14.84
N PRO G 241 -9.17 -17.15 14.65
CA PRO G 241 -7.95 -17.11 15.42
C PRO G 241 -7.16 -15.83 15.37
N THR G 242 -7.28 -15.04 14.32
CA THR G 242 -6.52 -13.80 14.27
C THR G 242 -7.41 -12.70 13.75
N CYS G 243 -7.03 -11.47 13.97
CA CYS G 243 -7.81 -10.37 13.46
C CYS G 243 -7.78 -10.33 11.95
N GLU G 244 -6.69 -10.75 11.33
CA GLU G 244 -6.65 -10.72 9.88
C GLU G 244 -7.63 -11.71 9.31
N GLU G 245 -7.70 -12.92 9.88
CA GLU G 245 -8.63 -13.90 9.35
C GLU G 245 -10.04 -13.46 9.60
N MET G 246 -10.28 -12.79 10.74
CA MET G 246 -11.62 -12.33 11.05
C MET G 246 -12.04 -11.37 9.98
N MET G 247 -11.16 -10.44 9.61
CA MET G 247 -11.51 -9.53 8.56
C MET G 247 -11.69 -10.24 7.24
N LYS G 248 -10.83 -11.19 6.88
CA LYS G 248 -11.05 -11.83 5.59
C LYS G 248 -12.42 -12.44 5.50
N ARG G 249 -12.85 -13.09 6.57
CA ARG G 249 -14.14 -13.72 6.55
C ARG G 249 -15.24 -12.68 6.47
N ALA G 250 -15.13 -11.61 7.24
CA ALA G 250 -16.12 -10.58 7.20
C ALA G 250 -16.19 -9.92 5.83
N GLU G 251 -15.05 -9.71 5.20
CA GLU G 251 -15.02 -9.08 3.90
C GLU G 251 -15.65 -9.96 2.86
N PHE G 252 -15.43 -11.25 2.94
CA PHE G 252 -16.03 -12.15 1.98
C PHE G 252 -17.53 -12.12 2.16
N ALA G 253 -17.99 -12.16 3.40
CA ALA G 253 -19.43 -12.11 3.62
C ALA G 253 -20.00 -10.83 3.03
N LYS G 254 -19.28 -9.72 3.13
CA LYS G 254 -19.74 -8.49 2.52
C LYS G 254 -19.82 -8.61 1.01
N GLU G 255 -18.80 -9.21 0.39
CA GLU G 255 -18.79 -9.35 -1.07
C GLU G 255 -19.97 -10.15 -1.56
N LEU G 256 -20.39 -11.13 -0.78
CA LEU G 256 -21.50 -11.98 -1.15
C LEU G 256 -22.86 -11.36 -0.85
N GLY G 257 -22.87 -10.16 -0.28
CA GLY G 257 -24.11 -9.46 0.06
C GLY G 257 -24.81 -9.95 1.31
N MET G 258 -24.06 -10.46 2.28
CA MET G 258 -24.69 -10.96 3.48
C MET G 258 -25.02 -9.82 4.43
N PRO G 259 -26.28 -9.66 4.86
CA PRO G 259 -26.71 -8.59 5.71
C PRO G 259 -26.28 -8.71 7.15
N ILE G 260 -25.87 -9.89 7.59
CA ILE G 260 -25.55 -10.06 8.99
C ILE G 260 -24.42 -11.07 9.19
N ILE G 261 -23.59 -10.84 10.20
CA ILE G 261 -22.55 -11.80 10.58
C ILE G 261 -22.57 -12.08 12.06
N MET G 262 -21.95 -13.18 12.48
CA MET G 262 -21.85 -13.60 13.88
C MET G 262 -20.45 -13.66 14.46
N HIS G 263 -20.35 -13.32 15.74
CA HIS G 263 -19.11 -13.37 16.46
C HIS G 263 -19.27 -13.73 17.93
N ASP G 264 -18.35 -14.55 18.44
CA ASP G 264 -18.32 -14.96 19.85
C ASP G 264 -17.47 -14.02 20.71
N PHE G 265 -18.10 -13.02 21.32
CA PHE G 265 -17.34 -11.96 22.00
C PHE G 265 -16.56 -12.38 23.23
N LEU G 266 -16.99 -13.42 23.93
CA LEU G 266 -16.28 -13.79 25.13
C LEU G 266 -15.10 -14.66 24.86
N THR G 267 -15.19 -15.51 23.85
CA THR G 267 -14.08 -16.37 23.59
C THR G 267 -13.04 -15.57 22.83
N ALA G 268 -13.49 -14.87 21.79
CA ALA G 268 -12.59 -14.11 20.94
C ALA G 268 -11.94 -12.93 21.66
N GLY G 269 -12.67 -12.21 22.52
CA GLY G 269 -12.11 -11.06 23.22
C GLY G 269 -12.75 -9.75 22.89
N PHE G 270 -12.63 -8.78 23.80
CA PHE G 270 -13.23 -7.49 23.50
C PHE G 270 -12.46 -6.69 22.48
N THR G 271 -11.14 -6.90 22.35
CA THR G 271 -10.43 -6.11 21.36
C THR G 271 -10.95 -6.51 19.99
N ALA G 272 -11.06 -7.81 19.76
CA ALA G 272 -11.54 -8.29 18.49
C ALA G 272 -12.98 -7.91 18.26
N ASN G 273 -13.83 -7.97 19.29
CA ASN G 273 -15.23 -7.63 19.10
C ASN G 273 -15.40 -6.20 18.70
N THR G 274 -14.69 -5.30 19.37
CA THR G 274 -14.81 -3.89 19.11
C THR G 274 -14.38 -3.59 17.70
N THR G 275 -13.29 -4.23 17.27
CA THR G 275 -12.74 -4.06 15.93
C THR G 275 -13.78 -4.44 14.91
N LEU G 276 -14.41 -5.58 15.10
CA LEU G 276 -15.40 -6.02 14.17
C LEU G 276 -16.58 -5.08 14.15
N ALA G 277 -17.01 -4.59 15.31
CA ALA G 277 -18.12 -3.67 15.34
C ALA G 277 -17.85 -2.41 14.54
N LYS G 278 -16.65 -1.86 14.60
CA LYS G 278 -16.36 -0.69 13.79
C LYS G 278 -16.43 -1.03 12.33
N TRP G 279 -15.91 -2.18 11.96
CA TRP G 279 -15.96 -2.61 10.58
C TRP G 279 -17.40 -2.68 10.14
N CYS G 280 -18.24 -3.28 10.97
CA CYS G 280 -19.63 -3.47 10.64
C CYS G 280 -20.34 -2.18 10.39
N ARG G 281 -20.08 -1.16 11.20
CA ARG G 281 -20.74 0.10 10.92
C ARG G 281 -20.35 0.60 9.56
N ASP G 282 -19.05 0.65 9.28
CA ASP G 282 -18.60 1.17 7.99
C ASP G 282 -19.14 0.43 6.80
N ASN G 283 -19.30 -0.86 6.94
CA ASN G 283 -19.79 -1.66 5.84
C ASN G 283 -21.24 -2.04 5.87
N GLY G 284 -22.04 -1.49 6.78
CA GLY G 284 -23.45 -1.81 6.75
C GLY G 284 -23.85 -3.24 7.09
N VAL G 285 -23.08 -3.93 7.91
CA VAL G 285 -23.41 -5.32 8.20
C VAL G 285 -23.87 -5.51 9.63
N LEU G 286 -25.03 -6.08 9.84
CA LEU G 286 -25.53 -6.25 11.19
C LEU G 286 -24.66 -7.23 11.95
N LEU G 287 -24.46 -6.99 13.24
CA LEU G 287 -23.62 -7.91 14.02
C LEU G 287 -24.34 -8.67 15.13
N HIS G 288 -24.27 -9.99 15.07
CA HIS G 288 -24.91 -10.89 16.02
C HIS G 288 -23.92 -11.44 17.00
N ILE G 289 -24.19 -11.24 18.27
CA ILE G 289 -23.28 -11.72 19.28
C ILE G 289 -23.81 -12.89 20.07
N HIS G 290 -23.02 -13.95 20.01
CA HIS G 290 -23.27 -15.20 20.68
C HIS G 290 -22.65 -15.08 22.05
N ARG G 291 -23.17 -15.75 23.07
CA ARG G 291 -22.56 -15.62 24.39
C ARG G 291 -21.88 -16.87 24.92
N ALA G 292 -21.40 -17.75 24.05
CA ALA G 292 -20.73 -18.95 24.53
C ALA G 292 -19.65 -18.63 25.51
N MET G 293 -19.50 -19.53 26.48
CA MET G 293 -18.58 -19.51 27.59
C MET G 293 -18.99 -18.52 28.69
N HIS G 294 -20.14 -17.87 28.59
CA HIS G 294 -20.53 -16.98 29.68
C HIS G 294 -20.71 -17.69 30.99
N ALA G 295 -21.14 -18.95 30.94
CA ALA G 295 -21.38 -19.73 32.15
C ALA G 295 -20.13 -19.90 32.98
N VAL G 296 -18.98 -19.85 32.33
CA VAL G 296 -17.71 -20.02 32.99
C VAL G 296 -17.53 -18.95 34.03
N ILE G 297 -17.98 -17.72 33.75
CA ILE G 297 -17.77 -16.66 34.70
C ILE G 297 -19.03 -16.09 35.35
N ASP G 298 -20.26 -16.47 34.94
CA ASP G 298 -21.42 -15.90 35.63
C ASP G 298 -22.41 -16.89 36.24
N ARG G 299 -22.22 -18.19 36.07
CA ARG G 299 -23.22 -19.13 36.59
C ARG G 299 -23.40 -19.20 38.08
N GLN G 300 -22.31 -19.21 38.82
CA GLN G 300 -22.44 -19.38 40.25
C GLN G 300 -22.86 -18.04 40.80
N ARG G 301 -23.67 -18.06 41.85
CA ARG G 301 -24.16 -16.80 42.37
C ARG G 301 -23.32 -16.15 43.42
N ASN G 302 -22.19 -16.73 43.77
CA ASN G 302 -21.37 -16.13 44.78
C ASN G 302 -19.97 -15.80 44.33
N HIS G 303 -19.71 -15.82 43.04
CA HIS G 303 -18.39 -15.49 42.52
C HIS G 303 -18.44 -15.12 41.05
N GLY G 304 -17.64 -14.15 40.64
CA GLY G 304 -17.53 -13.82 39.22
C GLY G 304 -18.31 -12.59 38.78
N ILE G 305 -18.73 -12.57 37.52
CA ILE G 305 -19.35 -11.36 36.96
C ILE G 305 -20.75 -11.62 36.44
N HIS G 306 -21.73 -10.90 36.97
CA HIS G 306 -23.10 -11.11 36.53
C HIS G 306 -23.25 -10.77 35.06
N PHE G 307 -24.01 -11.56 34.35
CA PHE G 307 -24.22 -11.35 32.93
C PHE G 307 -24.65 -9.93 32.61
N ARG G 308 -25.46 -9.29 33.45
CA ARG G 308 -25.92 -7.95 33.10
C ARG G 308 -24.79 -6.96 32.92
N VAL G 309 -23.64 -7.23 33.53
CA VAL G 309 -22.50 -6.36 33.44
C VAL G 309 -21.91 -6.57 32.08
N LEU G 310 -21.79 -7.84 31.72
CA LEU G 310 -21.26 -8.15 30.42
C LEU G 310 -22.16 -7.58 29.34
N ALA G 311 -23.48 -7.63 29.57
CA ALA G 311 -24.43 -7.11 28.60
C ALA G 311 -24.24 -5.61 28.40
N LYS G 312 -24.03 -4.86 29.48
CA LYS G 312 -23.76 -3.44 29.32
C LYS G 312 -22.46 -3.21 28.59
N CYS G 313 -21.45 -3.99 28.93
CA CYS G 313 -20.15 -3.81 28.32
C CYS G 313 -20.27 -4.04 26.84
N LEU G 314 -21.04 -5.05 26.45
CA LEU G 314 -21.19 -5.31 25.07
C LEU G 314 -21.94 -4.19 24.39
N ARG G 315 -23.03 -3.68 24.98
CA ARG G 315 -23.75 -2.61 24.30
C ARG G 315 -22.81 -1.48 23.97
N LEU G 316 -21.89 -1.14 24.88
CA LEU G 316 -20.91 -0.10 24.57
C LEU G 316 -19.91 -0.50 23.47
N SER G 317 -19.40 -1.75 23.51
CA SER G 317 -18.44 -2.22 22.50
C SER G 317 -19.01 -2.31 21.09
N GLY G 318 -20.16 -2.96 20.97
CA GLY G 318 -20.81 -3.16 19.69
C GLY G 318 -21.74 -4.36 19.68
N GLY G 319 -22.35 -4.62 18.54
CA GLY G 319 -23.29 -5.72 18.41
C GLY G 319 -24.71 -5.22 18.36
N ASP G 320 -25.48 -5.75 17.42
CA ASP G 320 -26.88 -5.39 17.23
C ASP G 320 -27.81 -6.37 17.93
N HIS G 321 -27.39 -7.65 18.00
CA HIS G 321 -28.18 -8.69 18.66
C HIS G 321 -27.36 -9.31 19.78
N LEU G 322 -27.99 -9.66 20.89
CA LEU G 322 -27.27 -10.40 21.95
C LEU G 322 -28.10 -11.49 22.57
N HIS G 323 -27.55 -12.69 22.62
CA HIS G 323 -28.31 -13.74 23.27
C HIS G 323 -28.55 -13.43 24.72
N SER G 324 -29.79 -13.59 25.13
CA SER G 324 -30.21 -13.41 26.51
C SER G 324 -30.57 -14.75 27.11
N GLY G 325 -30.99 -15.66 26.25
CA GLY G 325 -31.44 -16.97 26.68
C GLY G 325 -32.92 -16.91 27.00
N THR G 326 -33.50 -18.03 27.39
CA THR G 326 -34.93 -18.04 27.66
C THR G 326 -35.24 -17.98 29.12
N VAL G 327 -36.52 -17.98 29.39
CA VAL G 327 -37.08 -17.93 30.72
C VAL G 327 -38.17 -18.96 30.80
N VAL G 328 -38.41 -19.57 29.64
CA VAL G 328 -39.44 -20.58 29.48
C VAL G 328 -38.94 -21.76 28.66
N ASP G 334 -35.02 -17.31 37.01
CA ASP G 334 -35.07 -15.98 37.58
C ASP G 334 -35.49 -14.96 36.54
N LYS G 335 -36.80 -14.94 36.25
CA LYS G 335 -37.26 -14.01 35.25
C LYS G 335 -37.07 -12.56 35.66
N ALA G 336 -37.05 -12.27 36.96
CA ALA G 336 -36.90 -10.87 37.34
C ALA G 336 -35.55 -10.35 36.92
N SER G 337 -34.49 -11.09 37.25
CA SER G 337 -33.16 -10.65 36.91
C SER G 337 -32.96 -10.61 35.42
N THR G 338 -33.54 -11.57 34.71
CA THR G 338 -33.40 -11.59 33.26
C THR G 338 -34.03 -10.38 32.66
N LEU G 339 -35.25 -10.07 33.05
CA LEU G 339 -35.91 -8.93 32.47
C LEU G 339 -35.19 -7.67 32.80
N GLY G 340 -34.59 -7.62 33.99
CA GLY G 340 -33.83 -6.47 34.38
C GLY G 340 -32.80 -6.17 33.31
N PHE G 341 -31.92 -7.14 32.98
CA PHE G 341 -30.94 -6.77 31.97
C PHE G 341 -31.51 -6.59 30.59
N VAL G 342 -32.62 -7.22 30.28
CA VAL G 342 -33.16 -6.99 28.97
C VAL G 342 -33.51 -5.51 28.84
N ASP G 343 -34.13 -4.91 29.86
CA ASP G 343 -34.39 -3.48 29.75
C ASP G 343 -33.10 -2.68 29.70
N LEU G 344 -32.09 -3.08 30.47
CA LEU G 344 -30.85 -2.33 30.50
C LEU G 344 -30.21 -2.24 29.14
N MET G 345 -30.36 -3.28 28.33
CA MET G 345 -29.77 -3.22 27.01
C MET G 345 -30.69 -2.73 25.90
N ARG G 346 -31.93 -2.32 26.21
CA ARG G 346 -32.83 -1.86 25.15
C ARG G 346 -33.30 -0.42 25.35
N GLU G 347 -33.56 -0.04 26.59
CA GLU G 347 -34.12 1.24 26.93
C GLU G 347 -33.13 2.37 27.02
N ASP G 348 -33.63 3.59 26.89
CA ASP G 348 -32.80 4.79 27.04
C ASP G 348 -32.51 5.12 28.50
N HIS G 349 -33.49 4.93 29.37
CA HIS G 349 -33.30 5.29 30.76
C HIS G 349 -33.98 4.33 31.70
N ILE G 350 -33.16 3.70 32.54
CA ILE G 350 -33.65 2.70 33.45
C ILE G 350 -33.46 3.11 34.89
N GLU G 351 -34.55 3.21 35.63
CA GLU G 351 -34.47 3.61 37.03
C GLU G 351 -34.01 2.45 37.87
N ALA G 352 -33.21 2.74 38.90
CA ALA G 352 -32.76 1.67 39.76
C ALA G 352 -33.95 0.96 40.38
N ASP G 353 -33.85 -0.35 40.48
CA ASP G 353 -34.87 -1.20 41.07
C ASP G 353 -34.25 -2.50 41.49
N ARG G 354 -33.98 -2.62 42.77
CA ARG G 354 -33.26 -3.75 43.28
C ARG G 354 -34.00 -5.05 43.11
N SER G 355 -35.31 -5.01 42.94
CA SER G 355 -36.10 -6.24 42.84
C SER G 355 -35.92 -6.88 41.48
N ARG G 356 -35.31 -6.16 40.55
CA ARG G 356 -35.10 -6.65 39.21
C ARG G 356 -33.61 -6.78 38.97
N GLY G 357 -32.84 -6.60 40.03
CA GLY G 357 -31.40 -6.67 39.91
C GLY G 357 -30.75 -5.42 39.33
N VAL G 358 -31.41 -4.28 39.35
CA VAL G 358 -30.79 -3.09 38.79
C VAL G 358 -30.37 -2.22 39.94
N PHE G 359 -29.07 -2.01 40.11
CA PHE G 359 -28.61 -1.30 41.28
C PHE G 359 -28.51 0.18 41.09
N PHE G 360 -28.26 0.58 39.86
CA PHE G 360 -28.06 1.99 39.62
C PHE G 360 -28.95 2.48 38.52
N THR G 361 -29.29 3.75 38.58
CA THR G 361 -30.03 4.32 37.48
C THR G 361 -29.07 4.53 36.33
N GLN G 362 -29.43 4.03 35.16
CA GLN G 362 -28.56 4.13 34.01
C GLN G 362 -29.17 4.91 32.86
N ASP G 363 -28.52 6.01 32.56
CA ASP G 363 -28.90 6.89 31.47
C ASP G 363 -28.04 6.55 30.27
N TRP G 364 -28.62 6.03 29.19
CA TRP G 364 -27.82 5.63 28.06
C TRP G 364 -27.53 6.73 27.07
N ALA G 365 -28.01 7.93 27.33
CA ALA G 365 -27.76 9.08 26.50
C ALA G 365 -27.98 8.87 25.03
N SER G 366 -29.14 8.33 24.65
CA SER G 366 -29.53 8.12 23.27
C SER G 366 -28.67 7.17 22.45
N MET G 367 -27.90 6.32 23.11
CA MET G 367 -27.18 5.28 22.39
C MET G 367 -28.22 4.23 22.03
N PRO G 368 -28.24 3.66 20.82
CA PRO G 368 -29.16 2.63 20.40
C PRO G 368 -29.07 1.39 21.25
N GLY G 369 -30.19 0.68 21.36
CA GLY G 369 -30.26 -0.57 22.10
C GLY G 369 -29.89 -1.78 21.26
N VAL G 370 -29.93 -2.95 21.89
CA VAL G 370 -29.59 -4.27 21.34
C VAL G 370 -30.73 -5.25 21.40
N LEU G 371 -31.04 -5.93 20.30
CA LEU G 371 -32.13 -6.88 20.38
C LEU G 371 -31.72 -8.08 21.18
N PRO G 372 -32.49 -8.55 22.16
CA PRO G 372 -32.25 -9.74 22.89
C PRO G 372 -32.58 -10.91 22.03
N VAL G 373 -31.87 -11.99 22.19
CA VAL G 373 -32.24 -13.18 21.48
C VAL G 373 -32.58 -14.26 22.49
N ALA G 374 -33.79 -14.78 22.39
CA ALA G 374 -34.22 -15.82 23.28
C ALA G 374 -33.83 -17.12 22.65
N SER G 375 -33.34 -18.06 23.43
CA SER G 375 -32.94 -19.32 22.84
C SER G 375 -32.79 -20.41 23.85
N GLY G 376 -32.92 -21.65 23.38
CA GLY G 376 -32.63 -22.85 24.14
C GLY G 376 -33.87 -23.36 24.83
N GLY G 377 -34.24 -24.59 24.56
CA GLY G 377 -35.41 -25.12 25.25
C GLY G 377 -36.72 -24.51 24.80
N ILE G 378 -36.80 -24.00 23.57
CA ILE G 378 -38.05 -23.39 23.16
C ILE G 378 -38.58 -24.03 21.89
N HIS G 379 -39.91 -24.00 21.78
CA HIS G 379 -40.70 -24.56 20.69
C HIS G 379 -42.01 -23.78 20.60
N VAL G 380 -42.87 -24.14 19.67
CA VAL G 380 -44.12 -23.37 19.47
C VAL G 380 -44.98 -23.28 20.72
N TRP G 381 -44.88 -24.25 21.61
CA TRP G 381 -45.65 -24.24 22.84
C TRP G 381 -45.39 -23.04 23.73
N HIS G 382 -44.22 -22.44 23.57
CA HIS G 382 -43.81 -21.33 24.39
C HIS G 382 -43.94 -20.05 23.63
N MET G 383 -44.48 -20.11 22.42
CA MET G 383 -44.54 -18.92 21.62
C MET G 383 -45.34 -17.84 22.32
N PRO G 384 -46.51 -18.10 22.91
CA PRO G 384 -47.31 -17.13 23.61
C PRO G 384 -46.48 -16.39 24.63
N ALA G 385 -45.84 -17.16 25.51
CA ALA G 385 -45.05 -16.59 26.56
C ALA G 385 -43.94 -15.74 26.01
N LEU G 386 -43.23 -16.23 25.01
CA LEU G 386 -42.11 -15.46 24.53
C LEU G 386 -42.55 -14.14 23.95
N VAL G 387 -43.67 -14.12 23.24
CA VAL G 387 -44.13 -12.86 22.67
C VAL G 387 -44.52 -11.89 23.76
N GLU G 388 -45.25 -12.34 24.77
CA GLU G 388 -45.67 -11.43 25.83
C GLU G 388 -44.51 -10.95 26.69
N ILE G 389 -43.57 -11.84 26.99
CA ILE G 389 -42.45 -11.52 27.83
C ILE G 389 -41.48 -10.55 27.21
N PHE G 390 -41.09 -10.79 25.96
CA PHE G 390 -40.10 -9.94 25.33
C PHE G 390 -40.66 -8.81 24.47
N GLY G 391 -41.94 -8.84 24.10
CA GLY G 391 -42.47 -7.78 23.26
C GLY G 391 -42.00 -7.95 21.84
N ASP G 392 -42.00 -6.86 21.06
CA ASP G 392 -41.68 -7.00 19.65
C ASP G 392 -40.20 -6.88 19.36
N ASP G 393 -39.49 -6.16 20.19
CA ASP G 393 -38.08 -5.94 19.92
C ASP G 393 -37.22 -7.07 20.40
N SER G 394 -37.31 -8.20 19.69
CA SER G 394 -36.58 -9.41 20.03
C SER G 394 -36.46 -10.38 18.87
N VAL G 395 -35.59 -11.38 19.05
CA VAL G 395 -35.44 -12.46 18.09
C VAL G 395 -35.61 -13.80 18.83
N LEU G 396 -36.39 -14.71 18.28
CA LEU G 396 -36.59 -16.00 18.92
C LEU G 396 -35.91 -17.11 18.10
N GLN G 397 -34.88 -17.76 18.67
CA GLN G 397 -34.13 -18.83 18.01
C GLN G 397 -34.51 -20.21 18.47
N PHE G 398 -34.95 -21.03 17.54
CA PHE G 398 -35.42 -22.36 17.85
C PHE G 398 -34.47 -23.48 17.42
N GLY G 399 -34.49 -24.59 18.15
CA GLY G 399 -33.67 -25.71 17.75
C GLY G 399 -34.07 -26.15 16.35
N GLY G 404 -36.75 -32.38 15.89
CA GLY G 404 -37.09 -31.71 14.64
C GLY G 404 -38.56 -31.87 14.33
N HIS G 405 -39.06 -31.06 13.39
CA HIS G 405 -40.45 -31.13 12.97
C HIS G 405 -40.71 -32.44 12.24
N PRO G 406 -41.86 -33.11 12.46
CA PRO G 406 -42.28 -34.33 11.81
C PRO G 406 -42.18 -34.34 10.30
N TRP G 407 -42.32 -33.19 9.61
CA TRP G 407 -42.25 -33.27 8.17
C TRP G 407 -41.09 -32.46 7.59
N GLY G 408 -39.95 -32.45 8.25
CA GLY G 408 -38.80 -31.74 7.68
C GLY G 408 -38.77 -30.24 7.97
N ASN G 409 -37.78 -29.57 7.37
CA ASN G 409 -37.52 -28.17 7.67
C ASN G 409 -38.49 -27.11 7.17
N ALA G 410 -39.03 -27.21 5.95
CA ALA G 410 -39.89 -26.10 5.59
C ALA G 410 -41.14 -26.09 6.48
N PRO G 411 -41.82 -27.23 6.75
CA PRO G 411 -42.90 -27.32 7.69
C PRO G 411 -42.49 -26.82 9.06
N GLY G 412 -41.24 -27.06 9.43
CA GLY G 412 -40.71 -26.57 10.69
C GLY G 412 -40.83 -25.06 10.73
N ALA G 413 -40.23 -24.44 9.73
CA ALA G 413 -40.24 -22.99 9.62
C ALA G 413 -41.64 -22.46 9.56
N THR G 414 -42.51 -23.15 8.85
CA THR G 414 -43.87 -22.71 8.72
C THR G 414 -44.53 -22.72 10.06
N ALA G 415 -44.41 -23.82 10.80
CA ALA G 415 -45.07 -23.91 12.08
C ALA G 415 -44.64 -22.77 13.00
N ASN G 416 -43.35 -22.42 12.99
CA ASN G 416 -42.94 -21.34 13.86
C ASN G 416 -43.49 -20.01 13.39
N ARG G 417 -43.49 -19.79 12.08
CA ARG G 417 -43.97 -18.53 11.53
C ARG G 417 -45.44 -18.34 11.84
N VAL G 418 -46.21 -19.40 11.72
CA VAL G 418 -47.62 -19.30 11.99
C VAL G 418 -47.86 -19.05 13.45
N ALA G 419 -47.20 -19.81 14.31
CA ALA G 419 -47.40 -19.64 15.73
C ALA G 419 -47.08 -18.24 16.17
N LEU G 420 -46.01 -17.64 15.62
CA LEU G 420 -45.66 -16.31 16.03
C LEU G 420 -46.69 -15.31 15.60
N GLU G 421 -47.10 -15.36 14.34
CA GLU G 421 -48.05 -14.38 13.87
C GLU G 421 -49.34 -14.48 14.64
N ALA G 422 -49.77 -15.71 14.93
CA ALA G 422 -51.00 -15.88 15.68
C ALA G 422 -50.88 -15.25 17.04
N CYS G 423 -49.73 -15.43 17.70
CA CYS G 423 -49.56 -14.87 19.02
C CYS G 423 -49.53 -13.35 19.01
N VAL G 424 -48.85 -12.76 18.03
CA VAL G 424 -48.79 -11.32 17.97
C VAL G 424 -50.14 -10.72 17.70
N GLN G 425 -50.88 -11.29 16.74
CA GLN G 425 -52.18 -10.73 16.46
C GLN G 425 -53.08 -10.88 17.64
N ALA G 426 -53.00 -11.98 18.37
CA ALA G 426 -53.80 -12.12 19.55
C ALA G 426 -53.47 -11.06 20.59
N ARG G 427 -52.18 -10.79 20.78
CA ARG G 427 -51.77 -9.79 21.76
C ARG G 427 -52.36 -8.43 21.42
N ASN G 428 -52.37 -8.09 20.14
CA ASN G 428 -52.90 -6.83 19.66
C ASN G 428 -54.40 -6.66 19.86
N GLU G 429 -55.10 -7.76 20.15
CA GLU G 429 -56.54 -7.74 20.35
C GLU G 429 -56.85 -7.81 21.84
N GLY G 430 -55.80 -7.77 22.66
CA GLY G 430 -55.96 -7.83 24.10
C GLY G 430 -56.13 -9.24 24.65
N ARG G 431 -55.74 -10.28 23.91
CA ARG G 431 -55.92 -11.62 24.45
C ARG G 431 -54.81 -11.91 25.45
N ASP G 432 -55.13 -12.60 26.52
CA ASP G 432 -54.08 -12.84 27.50
C ASP G 432 -53.24 -14.03 27.14
N LEU G 433 -52.11 -13.79 26.51
CA LEU G 433 -51.25 -14.87 26.05
C LEU G 433 -50.77 -15.81 27.16
N TYR G 434 -50.79 -15.39 28.43
CA TYR G 434 -50.32 -16.29 29.49
C TYR G 434 -51.36 -17.34 29.84
N ARG G 435 -52.59 -17.16 29.41
CA ARG G 435 -53.66 -18.10 29.74
C ARG G 435 -54.34 -18.63 28.49
N GLU G 436 -54.56 -17.77 27.51
CA GLU G 436 -55.26 -18.11 26.29
C GLU G 436 -54.31 -18.69 25.27
N GLY G 437 -53.03 -18.70 25.59
CA GLY G 437 -52.01 -19.14 24.66
C GLY G 437 -52.29 -20.54 24.13
N GLY G 438 -52.85 -21.40 24.97
CA GLY G 438 -53.17 -22.75 24.54
C GLY G 438 -54.20 -22.75 23.41
N ASP G 439 -55.16 -21.82 23.47
CA ASP G 439 -56.22 -21.79 22.50
C ASP G 439 -55.78 -21.04 21.28
N ILE G 440 -54.92 -20.07 21.47
CA ILE G 440 -54.45 -19.30 20.34
C ILE G 440 -53.68 -20.25 19.43
N LEU G 441 -52.80 -21.07 20.01
CA LEU G 441 -52.09 -22.05 19.20
C LEU G 441 -53.02 -23.10 18.61
N ARG G 442 -53.97 -23.63 19.39
CA ARG G 442 -54.88 -24.63 18.85
C ARG G 442 -55.73 -24.10 17.72
N GLU G 443 -56.22 -22.86 17.83
CA GLU G 443 -57.01 -22.28 16.77
C GLU G 443 -56.15 -22.10 15.53
N ALA G 444 -54.91 -21.64 15.70
CA ALA G 444 -54.04 -21.44 14.56
C ALA G 444 -53.84 -22.75 13.82
N GLY G 445 -53.75 -23.84 14.60
CA GLY G 445 -53.57 -25.20 14.11
C GLY G 445 -54.71 -25.69 13.22
N LYS G 446 -55.84 -24.99 13.21
CA LYS G 446 -56.94 -25.38 12.38
C LYS G 446 -56.74 -24.91 10.95
N TRP G 447 -55.90 -23.91 10.73
CA TRP G 447 -55.71 -23.45 9.38
C TRP G 447 -54.35 -23.88 8.84
N SER G 448 -53.44 -24.25 9.73
CA SER G 448 -52.10 -24.66 9.32
C SER G 448 -51.72 -26.08 9.73
N PRO G 449 -51.72 -27.05 8.78
CA PRO G 449 -51.35 -28.44 8.96
C PRO G 449 -49.95 -28.59 9.55
N GLU G 450 -49.05 -27.65 9.22
CA GLU G 450 -47.70 -27.67 9.71
C GLU G 450 -47.69 -27.37 11.17
N LEU G 451 -48.41 -26.33 11.57
CA LEU G 451 -48.46 -26.01 12.97
C LEU G 451 -49.15 -27.13 13.69
N ALA G 452 -50.21 -27.67 13.12
CA ALA G 452 -50.92 -28.72 13.81
C ALA G 452 -49.98 -29.90 14.05
N ALA G 453 -49.17 -30.25 13.06
CA ALA G 453 -48.23 -31.36 13.22
C ALA G 453 -47.29 -31.09 14.39
N ALA G 454 -46.91 -29.82 14.57
CA ALA G 454 -46.04 -29.48 15.69
C ALA G 454 -46.80 -29.62 17.01
N LEU G 455 -48.03 -29.10 17.06
CA LEU G 455 -48.84 -29.10 18.27
C LEU G 455 -49.27 -30.50 18.67
N ASP G 456 -49.31 -31.41 17.71
CA ASP G 456 -49.62 -32.79 17.98
C ASP G 456 -48.63 -33.40 18.99
N LEU G 457 -47.45 -32.80 19.12
CA LEU G 457 -46.44 -33.32 20.04
C LEU G 457 -46.14 -32.28 21.11
N LYS H 17 -27.30 -41.56 26.32
CA LYS H 17 -26.32 -41.39 27.38
C LYS H 17 -25.28 -42.47 27.26
N LEU H 18 -25.74 -43.64 26.85
CA LEU H 18 -24.90 -44.81 26.72
C LEU H 18 -24.16 -44.80 25.40
N THR H 19 -24.45 -43.78 24.60
CA THR H 19 -23.80 -43.59 23.33
C THR H 19 -22.62 -42.64 23.52
N TYR H 20 -22.46 -42.14 24.76
CA TYR H 20 -21.37 -41.25 25.13
C TYR H 20 -20.51 -41.87 26.21
N TYR H 21 -21.10 -42.50 27.23
CA TYR H 21 -20.21 -43.11 28.21
C TYR H 21 -19.85 -44.49 27.75
N THR H 22 -18.58 -44.63 27.42
CA THR H 22 -18.04 -45.83 26.88
C THR H 22 -16.84 -46.24 27.73
N PRO H 23 -17.02 -47.07 28.76
CA PRO H 23 -16.04 -47.44 29.77
C PRO H 23 -14.85 -48.25 29.23
N ASP H 24 -14.97 -48.74 28.00
CA ASP H 24 -13.96 -49.56 27.38
C ASP H 24 -13.41 -48.99 26.06
N TYR H 25 -12.93 -47.76 26.13
CA TYR H 25 -12.34 -47.05 25.00
C TYR H 25 -10.93 -46.65 25.30
N THR H 26 -10.03 -46.89 24.38
CA THR H 26 -8.67 -46.47 24.56
C THR H 26 -8.43 -45.28 23.65
N PRO H 27 -8.02 -44.12 24.16
CA PRO H 27 -7.74 -42.92 23.42
C PRO H 27 -6.69 -43.11 22.36
N LYS H 28 -6.86 -42.40 21.27
CA LYS H 28 -5.91 -42.44 20.18
C LYS H 28 -4.87 -41.35 20.35
N ASP H 29 -3.74 -41.50 19.69
CA ASP H 29 -2.67 -40.51 19.74
C ASP H 29 -3.08 -39.15 19.22
N THR H 30 -4.12 -39.12 18.40
CA THR H 30 -4.61 -37.90 17.82
C THR H 30 -5.78 -37.29 18.57
N ASP H 31 -6.24 -37.92 19.64
CA ASP H 31 -7.39 -37.38 20.37
C ASP H 31 -7.02 -36.23 21.28
N LEU H 32 -7.94 -35.29 21.43
CA LEU H 32 -7.74 -34.26 22.42
C LEU H 32 -8.41 -34.76 23.65
N LEU H 33 -7.74 -34.71 24.77
CA LEU H 33 -8.36 -35.25 25.96
C LEU H 33 -8.63 -34.16 26.93
N ALA H 34 -9.71 -34.28 27.67
CA ALA H 34 -9.94 -33.30 28.72
C ALA H 34 -10.42 -33.96 29.99
N ALA H 35 -9.97 -33.40 31.09
CA ALA H 35 -10.32 -33.85 32.43
C ALA H 35 -11.16 -32.81 33.12
N PHE H 36 -12.35 -33.21 33.50
CA PHE H 36 -13.27 -32.32 34.20
C PHE H 36 -13.56 -32.84 35.58
N ARG H 37 -13.82 -31.92 36.50
CA ARG H 37 -14.26 -32.26 37.83
C ARG H 37 -15.66 -31.75 37.98
N PHE H 38 -16.54 -32.54 38.55
CA PHE H 38 -17.89 -32.06 38.66
C PHE H 38 -18.61 -32.58 39.87
N SER H 39 -19.70 -31.90 40.19
CA SER H 39 -20.58 -32.32 41.25
C SER H 39 -21.99 -32.38 40.69
N PRO H 40 -22.58 -33.57 40.53
CA PRO H 40 -23.87 -33.82 39.93
C PRO H 40 -25.00 -33.36 40.84
N GLN H 41 -26.13 -33.03 40.25
CA GLN H 41 -27.30 -32.71 41.05
C GLN H 41 -27.76 -33.97 41.75
N PRO H 42 -28.31 -33.92 42.97
CA PRO H 42 -28.82 -35.06 43.65
C PRO H 42 -29.79 -35.76 42.75
N GLY H 43 -29.70 -37.08 42.70
CA GLY H 43 -30.58 -37.84 41.84
C GLY H 43 -29.92 -38.22 40.51
N VAL H 44 -28.82 -37.55 40.16
CA VAL H 44 -28.14 -37.83 38.91
C VAL H 44 -26.86 -38.64 39.15
N PRO H 45 -26.77 -39.86 38.60
CA PRO H 45 -25.60 -40.72 38.67
C PRO H 45 -24.38 -40.08 38.04
N ALA H 46 -23.21 -40.38 38.58
CA ALA H 46 -21.94 -39.89 38.04
C ALA H 46 -21.72 -40.26 36.58
N ASP H 47 -22.14 -41.45 36.17
CA ASP H 47 -21.88 -41.87 34.81
C ASP H 47 -22.74 -41.12 33.84
N GLU H 48 -23.98 -40.93 34.22
CA GLU H 48 -24.86 -40.18 33.35
C GLU H 48 -24.36 -38.76 33.22
N ALA H 49 -23.86 -38.18 34.32
CA ALA H 49 -23.35 -36.83 34.25
C ALA H 49 -22.14 -36.76 33.33
N GLY H 50 -21.23 -37.74 33.42
CA GLY H 50 -20.07 -37.75 32.56
C GLY H 50 -20.47 -37.84 31.09
N ALA H 51 -21.45 -38.70 30.80
CA ALA H 51 -21.93 -38.85 29.46
C ALA H 51 -22.47 -37.55 28.94
N ALA H 52 -23.21 -36.85 29.79
CA ALA H 52 -23.78 -35.59 29.43
C ALA H 52 -22.75 -34.56 29.08
N ILE H 53 -21.63 -34.53 29.80
CA ILE H 53 -20.62 -33.53 29.50
C ILE H 53 -20.10 -33.80 28.09
N ALA H 54 -19.80 -35.07 27.81
CA ALA H 54 -19.30 -35.42 26.49
C ALA H 54 -20.29 -35.03 25.41
N ALA H 55 -21.57 -35.24 25.67
CA ALA H 55 -22.58 -34.88 24.71
C ALA H 55 -22.69 -33.38 24.49
N GLU H 56 -22.71 -32.60 25.57
CA GLU H 56 -22.89 -31.16 25.47
C GLU H 56 -21.74 -30.50 24.72
N SER H 57 -20.56 -31.05 24.91
CA SER H 57 -19.33 -30.56 24.29
C SER H 57 -19.02 -31.12 22.89
N SER H 58 -19.93 -31.88 22.29
CA SER H 58 -19.65 -32.44 20.98
C SER H 58 -20.94 -32.58 20.19
N THR H 59 -20.90 -33.28 19.04
CA THR H 59 -22.10 -33.41 18.20
C THR H 59 -23.40 -33.01 18.90
N MET H 73 -22.51 -39.39 11.53
CA MET H 73 -21.63 -38.47 12.24
C MET H 73 -21.14 -39.06 13.56
N ASP H 74 -20.81 -40.34 13.57
CA ASP H 74 -20.39 -41.05 14.78
C ASP H 74 -18.91 -40.87 15.08
N ARG H 75 -18.26 -40.06 14.28
CA ARG H 75 -16.87 -39.69 14.40
C ARG H 75 -16.75 -38.24 14.82
N TYR H 76 -17.87 -37.59 15.13
CA TYR H 76 -17.83 -36.20 15.56
C TYR H 76 -18.34 -36.01 16.98
N LYS H 77 -18.27 -37.08 17.76
CA LYS H 77 -18.76 -37.05 19.11
C LYS H 77 -17.64 -37.33 20.08
N GLY H 78 -17.73 -36.72 21.24
CA GLY H 78 -16.76 -36.99 22.26
C GLY H 78 -17.15 -38.26 22.94
N LYS H 79 -16.22 -38.86 23.63
CA LYS H 79 -16.52 -40.08 24.37
C LYS H 79 -16.00 -39.96 25.76
N CYS H 80 -16.80 -40.37 26.71
CA CYS H 80 -16.34 -40.34 28.08
C CYS H 80 -15.81 -41.71 28.36
N TYR H 81 -14.52 -41.80 28.66
CA TYR H 81 -13.91 -43.10 28.79
C TYR H 81 -13.56 -43.46 30.21
N HIS H 82 -13.58 -42.50 31.11
CA HIS H 82 -13.27 -42.88 32.46
C HIS H 82 -13.86 -41.95 33.47
N ILE H 83 -14.47 -42.53 34.49
CA ILE H 83 -15.06 -41.77 35.59
C ILE H 83 -14.61 -42.34 36.91
N GLU H 84 -14.16 -41.47 37.79
CA GLU H 84 -13.73 -41.90 39.11
C GLU H 84 -14.07 -40.83 40.11
N PRO H 85 -14.31 -41.15 41.38
CA PRO H 85 -14.58 -40.21 42.44
C PRO H 85 -13.36 -39.43 42.81
N VAL H 86 -13.57 -38.26 43.34
CA VAL H 86 -12.51 -37.46 43.89
C VAL H 86 -12.25 -37.98 45.28
N GLN H 87 -11.03 -38.42 45.54
CA GLN H 87 -10.79 -38.99 46.84
C GLN H 87 -11.05 -37.96 47.91
N GLY H 88 -11.74 -38.39 48.96
CA GLY H 88 -12.01 -37.54 50.10
C GLY H 88 -13.22 -36.62 49.96
N GLU H 89 -13.92 -36.65 48.82
CA GLU H 89 -15.07 -35.75 48.68
C GLU H 89 -16.33 -36.46 48.20
N GLU H 90 -17.46 -36.04 48.76
CA GLU H 90 -18.75 -36.58 48.36
C GLU H 90 -19.28 -35.79 47.21
N ASN H 91 -20.04 -36.43 46.33
CA ASN H 91 -20.64 -35.73 45.21
C ASN H 91 -19.60 -34.95 44.45
N SER H 92 -18.47 -35.58 44.23
CA SER H 92 -17.38 -34.95 43.53
C SER H 92 -16.66 -36.03 42.75
N TYR H 93 -16.67 -35.87 41.43
CA TYR H 93 -16.12 -36.84 40.49
C TYR H 93 -15.27 -36.24 39.42
N PHE H 94 -14.41 -37.05 38.84
CA PHE H 94 -13.67 -36.67 37.66
C PHE H 94 -14.20 -37.42 36.47
N ALA H 95 -14.14 -36.79 35.31
CA ALA H 95 -14.49 -37.47 34.09
C ALA H 95 -13.51 -37.14 33.00
N PHE H 96 -13.14 -38.16 32.27
CA PHE H 96 -12.18 -38.06 31.21
C PHE H 96 -12.83 -38.28 29.88
N ILE H 97 -12.75 -37.24 29.05
CA ILE H 97 -13.41 -37.22 27.76
C ILE H 97 -12.47 -37.01 26.58
N ALA H 98 -12.59 -37.88 25.59
CA ALA H 98 -11.80 -37.76 24.37
C ALA H 98 -12.57 -37.03 23.29
N TYR H 99 -11.88 -36.23 22.48
CA TYR H 99 -12.49 -35.55 21.35
C TYR H 99 -11.66 -35.75 20.08
N PRO H 100 -12.23 -36.20 18.97
CA PRO H 100 -11.55 -36.40 17.71
C PRO H 100 -10.85 -35.17 17.20
N LEU H 101 -9.66 -35.34 16.64
CA LEU H 101 -8.86 -34.25 16.09
C LEU H 101 -9.59 -33.35 15.12
N ASP H 102 -10.44 -33.95 14.30
CA ASP H 102 -11.19 -33.29 13.25
C ASP H 102 -12.10 -32.18 13.71
N LEU H 103 -12.41 -32.14 14.99
CA LEU H 103 -13.30 -31.13 15.49
C LEU H 103 -12.61 -29.81 15.76
N PHE H 104 -11.28 -29.74 15.62
CA PHE H 104 -10.62 -28.51 15.99
C PHE H 104 -9.93 -27.80 14.85
N GLU H 105 -10.27 -26.53 14.67
CA GLU H 105 -9.66 -25.69 13.63
C GLU H 105 -8.16 -25.60 13.84
N GLU H 106 -7.38 -25.84 12.79
CA GLU H 106 -5.95 -25.79 12.95
C GLU H 106 -5.50 -24.43 13.41
N GLY H 107 -4.61 -24.40 14.38
CA GLY H 107 -4.03 -23.17 14.83
C GLY H 107 -4.94 -22.26 15.65
N SER H 108 -6.11 -22.73 16.07
CA SER H 108 -7.00 -21.80 16.76
C SER H 108 -7.43 -22.09 18.17
N VAL H 109 -6.91 -21.29 19.10
CA VAL H 109 -7.25 -21.46 20.50
C VAL H 109 -8.70 -21.18 20.72
N THR H 110 -9.22 -20.16 20.06
CA THR H 110 -10.60 -19.80 20.24
C THR H 110 -11.52 -20.90 19.78
N ASN H 111 -11.15 -21.69 18.78
CA ASN H 111 -12.07 -22.74 18.38
C ASN H 111 -12.01 -23.85 19.39
N ILE H 112 -10.83 -24.11 19.92
CA ILE H 112 -10.72 -25.17 20.90
C ILE H 112 -11.57 -24.79 22.09
N LEU H 113 -11.45 -23.56 22.56
CA LEU H 113 -12.25 -23.18 23.69
C LEU H 113 -13.74 -23.16 23.43
N THR H 114 -14.24 -22.73 22.27
CA THR H 114 -15.71 -22.77 22.24
C THR H 114 -16.17 -24.20 22.30
N SER H 115 -15.43 -25.09 21.65
CA SER H 115 -15.82 -26.48 21.63
C SER H 115 -15.81 -27.13 23.00
N ILE H 116 -14.75 -26.91 23.77
CA ILE H 116 -14.61 -27.55 25.06
C ILE H 116 -15.38 -26.86 26.19
N VAL H 117 -15.35 -25.53 26.26
CA VAL H 117 -15.99 -24.85 27.38
C VAL H 117 -17.17 -23.94 27.04
N GLY H 118 -17.65 -23.96 25.80
CA GLY H 118 -18.75 -23.10 25.40
C GLY H 118 -20.03 -23.23 26.21
N ASN H 119 -20.56 -24.44 26.37
CA ASN H 119 -21.82 -24.59 27.08
C ASN H 119 -21.88 -25.62 28.18
N VAL H 120 -20.84 -26.37 28.44
CA VAL H 120 -20.96 -27.41 29.45
C VAL H 120 -21.19 -26.89 30.84
N PHE H 121 -20.68 -25.70 31.11
CA PHE H 121 -20.77 -25.08 32.41
C PHE H 121 -22.16 -24.63 32.75
N GLY H 122 -23.02 -24.54 31.76
CA GLY H 122 -24.39 -24.11 32.00
C GLY H 122 -25.34 -25.31 32.08
N PHE H 123 -24.80 -26.52 32.02
CA PHE H 123 -25.64 -27.70 32.00
C PHE H 123 -26.34 -28.03 33.31
N LYS H 124 -27.66 -28.16 33.22
CA LYS H 124 -28.58 -28.37 34.33
C LYS H 124 -28.43 -29.58 35.24
N ALA H 125 -27.85 -30.69 34.80
CA ALA H 125 -27.78 -31.83 35.69
C ALA H 125 -26.57 -31.81 36.61
N ILE H 126 -25.75 -30.78 36.47
CA ILE H 126 -24.54 -30.62 37.25
C ILE H 126 -24.61 -29.36 38.07
N ARG H 127 -24.25 -29.43 39.36
CA ARG H 127 -24.28 -28.28 40.25
C ARG H 127 -23.14 -27.33 39.97
N SER H 128 -21.99 -27.93 39.71
CA SER H 128 -20.78 -27.18 39.42
C SER H 128 -19.87 -27.99 38.53
N LEU H 129 -19.07 -27.29 37.74
CA LEU H 129 -18.15 -27.94 36.82
C LEU H 129 -16.86 -27.19 36.68
N ARG H 130 -15.73 -27.89 36.72
CA ARG H 130 -14.48 -27.23 36.52
C ARG H 130 -13.62 -28.02 35.55
N LEU H 131 -12.92 -27.32 34.68
CA LEU H 131 -12.00 -27.97 33.77
C LEU H 131 -10.62 -27.99 34.38
N GLU H 132 -10.07 -29.18 34.54
CA GLU H 132 -8.78 -29.34 35.20
C GLU H 132 -7.64 -29.47 34.23
N ASP H 133 -7.83 -30.17 33.12
CA ASP H 133 -6.69 -30.36 32.22
C ASP H 133 -7.06 -30.75 30.80
N ILE H 134 -6.14 -30.47 29.88
CA ILE H 134 -6.22 -30.85 28.47
C ILE H 134 -4.95 -31.45 27.90
N ARG H 135 -5.08 -32.56 27.19
CA ARG H 135 -3.94 -33.12 26.48
C ARG H 135 -4.04 -32.72 25.04
N PHE H 136 -3.10 -31.94 24.56
CA PHE H 136 -3.17 -31.52 23.18
C PHE H 136 -2.36 -32.53 22.39
N PRO H 137 -2.91 -33.24 21.41
CA PRO H 137 -2.21 -34.24 20.68
C PRO H 137 -1.17 -33.55 19.86
N VAL H 138 -0.07 -34.21 19.58
CA VAL H 138 0.98 -33.60 18.77
C VAL H 138 0.47 -33.09 17.46
N ALA H 139 -0.41 -33.83 16.84
CA ALA H 139 -0.97 -33.47 15.57
C ALA H 139 -1.60 -32.08 15.57
N LEU H 140 -2.06 -31.62 16.73
CA LEU H 140 -2.70 -30.33 16.84
C LEU H 140 -1.70 -29.31 17.31
N VAL H 141 -0.77 -29.71 18.17
CA VAL H 141 0.25 -28.81 18.70
C VAL H 141 1.04 -28.21 17.56
N LYS H 142 1.34 -29.02 16.57
CA LYS H 142 2.13 -28.57 15.43
C LYS H 142 1.43 -27.60 14.50
N THR H 143 0.16 -27.30 14.73
CA THR H 143 -0.52 -26.36 13.87
C THR H 143 -0.45 -24.96 14.45
N PHE H 144 0.13 -24.81 15.63
CA PHE H 144 0.21 -23.53 16.29
C PHE H 144 1.57 -22.92 16.21
N GLN H 145 1.61 -21.59 16.20
CA GLN H 145 2.89 -20.92 16.20
C GLN H 145 3.70 -21.19 17.45
N GLY H 146 3.05 -21.13 18.61
CA GLY H 146 3.80 -21.25 19.83
C GLY H 146 4.40 -19.90 20.14
N PRO H 147 5.23 -19.81 21.16
CA PRO H 147 5.86 -18.61 21.58
C PRO H 147 6.64 -18.02 20.42
N PRO H 148 6.61 -16.71 20.20
CA PRO H 148 7.35 -16.00 19.20
C PRO H 148 8.79 -16.44 19.20
N HIS H 149 9.46 -16.30 20.35
CA HIS H 149 10.88 -16.64 20.42
C HIS H 149 11.17 -17.82 21.31
N GLY H 150 10.57 -17.87 22.48
CA GLY H 150 10.83 -18.99 23.37
C GLY H 150 11.97 -18.74 24.33
N ILE H 151 12.15 -19.62 25.29
CA ILE H 151 13.14 -19.41 26.34
C ILE H 151 14.59 -19.31 25.89
N GLN H 152 15.05 -20.21 25.04
CA GLN H 152 16.45 -20.16 24.68
C GLN H 152 16.75 -18.99 23.79
N VAL H 153 15.86 -18.73 22.86
CA VAL H 153 16.08 -17.62 21.97
C VAL H 153 16.05 -16.34 22.75
N GLU H 154 15.09 -16.22 23.66
CA GLU H 154 14.96 -15.03 24.45
C GLU H 154 16.23 -14.78 25.25
N ARG H 155 16.85 -15.82 25.83
CA ARG H 155 18.10 -15.53 26.51
C ARG H 155 19.16 -15.02 25.55
N ASP H 156 19.25 -15.64 24.36
CA ASP H 156 20.26 -15.19 23.41
C ASP H 156 20.03 -13.76 22.96
N LEU H 157 18.78 -13.39 22.74
CA LEU H 157 18.48 -12.04 22.31
C LEU H 157 18.86 -11.04 23.37
N LEU H 158 18.60 -11.39 24.62
CA LEU H 158 18.91 -10.52 25.71
C LEU H 158 20.34 -10.66 26.19
N ASN H 159 21.03 -11.72 25.76
CA ASN H 159 22.38 -12.00 26.18
C ASN H 159 22.48 -12.11 27.68
N LYS H 160 21.53 -12.81 28.29
CA LYS H 160 21.52 -13.00 29.73
C LYS H 160 21.48 -14.46 30.09
N TYR H 161 22.53 -14.95 30.74
CA TYR H 161 22.64 -16.36 31.05
C TYR H 161 23.01 -16.63 32.48
N GLY H 162 22.68 -17.83 32.95
CA GLY H 162 23.10 -18.31 34.25
C GLY H 162 22.29 -17.83 35.43
N ARG H 163 21.20 -17.12 35.18
CA ARG H 163 20.41 -16.63 36.28
C ARG H 163 18.99 -16.22 35.89
N PRO H 164 18.08 -16.11 36.86
CA PRO H 164 16.79 -15.49 36.75
C PRO H 164 16.96 -14.05 36.41
N MET H 165 15.97 -13.46 35.77
CA MET H 165 16.01 -12.03 35.48
C MET H 165 15.22 -11.24 36.51
N LEU H 166 15.58 -9.98 36.72
CA LEU H 166 14.86 -9.15 37.67
C LEU H 166 14.12 -7.98 37.10
N GLY H 167 13.03 -7.66 37.74
CA GLY H 167 12.36 -6.41 37.43
C GLY H 167 11.43 -5.97 38.51
N CYS H 168 10.71 -4.90 38.23
CA CYS H 168 9.74 -4.36 39.19
C CYS H 168 8.69 -3.55 38.50
N THR H 169 7.66 -3.20 39.26
CA THR H 169 6.61 -2.32 38.73
C THR H 169 6.81 -0.91 39.27
N ILE H 170 6.76 0.08 38.40
CA ILE H 170 6.94 1.46 38.84
C ILE H 170 5.80 2.04 39.63
N LYS H 171 6.15 2.64 40.76
CA LYS H 171 5.22 3.33 41.62
C LYS H 171 5.67 4.81 41.63
N PRO H 172 4.76 5.82 41.65
CA PRO H 172 3.30 5.82 41.61
C PRO H 172 2.82 5.10 40.40
N LYS H 173 1.77 4.33 40.58
CA LYS H 173 1.25 3.54 39.50
C LYS H 173 0.31 4.34 38.62
N LEU H 176 1.04 11.44 37.37
CA LEU H 176 2.46 11.31 37.08
C LEU H 176 2.71 11.53 35.59
N SER H 177 3.45 12.60 35.29
CA SER H 177 3.73 12.96 33.90
C SER H 177 4.65 11.97 33.24
N ALA H 178 4.63 11.96 31.91
CA ALA H 178 5.48 11.08 31.13
C ALA H 178 6.95 11.36 31.40
N LYS H 179 7.30 12.62 31.64
CA LYS H 179 8.70 12.92 31.90
C LYS H 179 9.13 12.33 33.22
N ASN H 180 8.33 12.51 34.27
CA ASN H 180 8.72 11.99 35.56
C ASN H 180 8.67 10.48 35.58
N TYR H 181 7.75 9.91 34.82
CA TYR H 181 7.65 8.48 34.72
C TYR H 181 8.92 7.98 34.11
N GLY H 182 9.34 8.60 33.01
CA GLY H 182 10.55 8.20 32.34
C GLY H 182 11.75 8.27 33.27
N ARG H 183 11.82 9.31 34.13
CA ARG H 183 12.93 9.37 35.07
C ARG H 183 12.95 8.17 36.00
N ALA H 184 11.79 7.79 36.54
CA ALA H 184 11.74 6.64 37.43
C ALA H 184 12.19 5.37 36.75
N VAL H 185 11.80 5.23 35.48
CA VAL H 185 12.19 4.07 34.74
C VAL H 185 13.67 4.07 34.55
N TYR H 186 14.23 5.21 34.15
CA TYR H 186 15.66 5.30 33.96
C TYR H 186 16.41 4.91 35.19
N GLU H 187 16.07 5.52 36.32
CA GLU H 187 16.83 5.24 37.51
C GLU H 187 16.79 3.76 37.88
N CYS H 188 15.63 3.13 37.82
CA CYS H 188 15.52 1.73 38.20
C CYS H 188 16.30 0.80 37.27
N LEU H 189 16.22 1.05 35.95
CA LEU H 189 16.94 0.18 35.03
C LEU H 189 18.42 0.40 35.18
N ARG H 190 18.82 1.66 35.29
CA ARG H 190 20.20 2.05 35.42
C ARG H 190 20.79 1.41 36.66
N GLY H 191 20.00 1.40 37.73
CA GLY H 191 20.34 0.84 39.02
C GLY H 191 20.60 -0.67 39.04
N GLY H 192 20.23 -1.41 38.00
CA GLY H 192 20.50 -2.85 38.00
C GLY H 192 19.37 -3.83 37.65
N LEU H 193 18.14 -3.37 37.42
CA LEU H 193 17.09 -4.32 37.06
C LEU H 193 17.17 -4.62 35.59
N ASP H 194 16.66 -5.76 35.15
CA ASP H 194 16.67 -6.09 33.73
C ASP H 194 15.44 -5.49 33.06
N PHE H 195 14.33 -5.51 33.79
CA PHE H 195 13.09 -4.99 33.24
C PHE H 195 12.30 -4.13 34.18
N THR H 196 11.62 -3.17 33.59
CA THR H 196 10.68 -2.34 34.32
C THR H 196 9.29 -2.47 33.71
N LYS H 197 8.26 -2.59 34.55
CA LYS H 197 6.91 -2.76 34.02
C LYS H 197 5.92 -1.61 34.19
N ASP H 198 5.11 -1.38 33.14
CA ASP H 198 3.98 -0.43 33.20
C ASP H 198 2.88 -0.99 34.08
N ASP H 199 2.16 -0.15 34.80
CA ASP H 199 1.02 -0.68 35.52
C ASP H 199 0.08 -1.32 34.48
N GLU H 200 -0.46 -2.50 34.77
CA GLU H 200 -1.32 -3.17 33.83
C GLU H 200 -2.61 -2.44 33.51
N ASN H 201 -3.01 -1.47 34.34
CA ASN H 201 -4.24 -0.75 34.10
C ASN H 201 -4.07 0.57 33.38
N ILE H 202 -2.86 0.90 32.95
CA ILE H 202 -2.71 2.18 32.29
C ILE H 202 -2.40 2.01 30.84
N ASN H 203 -3.38 2.28 30.00
CA ASN H 203 -3.14 2.14 28.57
C ASN H 203 -2.89 3.51 27.99
N SER H 204 -3.91 4.34 28.10
CA SER H 204 -3.93 5.71 27.62
C SER H 204 -4.99 6.44 28.39
N GLN H 205 -4.61 7.47 29.11
CA GLN H 205 -5.55 8.17 29.97
C GLN H 205 -5.38 9.67 29.86
N PRO H 206 -6.37 10.48 30.17
CA PRO H 206 -6.27 11.93 30.13
C PRO H 206 -5.02 12.49 30.79
N PHE H 207 -4.54 11.88 31.86
CA PHE H 207 -3.35 12.39 32.52
C PHE H 207 -2.04 11.89 31.96
N GLN H 208 -2.10 10.93 31.07
CA GLN H 208 -0.91 10.36 30.47
C GLN H 208 -1.30 9.64 29.20
N ARG H 209 -0.79 10.07 28.05
CA ARG H 209 -1.16 9.43 26.81
C ARG H 209 -0.03 8.56 26.37
N TRP H 210 -0.37 7.37 25.89
CA TRP H 210 0.61 6.39 25.51
C TRP H 210 1.69 6.89 24.60
N ARG H 211 1.38 7.76 23.67
CA ARG H 211 2.46 8.12 22.78
C ARG H 211 3.60 8.77 23.53
N ASP H 212 3.31 9.53 24.60
CA ASP H 212 4.40 10.20 25.29
C ASP H 212 5.03 9.24 26.25
N ARG H 213 4.24 8.37 26.85
CA ARG H 213 4.89 7.42 27.74
C ARG H 213 5.92 6.66 26.94
N PHE H 214 5.55 6.24 25.74
CA PHE H 214 6.46 5.48 24.93
C PHE H 214 7.72 6.27 24.61
N LEU H 215 7.60 7.55 24.25
CA LEU H 215 8.81 8.32 23.98
C LEU H 215 9.73 8.50 25.16
N PHE H 216 9.16 8.79 26.32
CA PHE H 216 9.98 9.06 27.47
C PHE H 216 10.59 7.81 28.04
N VAL H 217 9.86 6.70 27.99
CA VAL H 217 10.40 5.44 28.43
C VAL H 217 11.51 5.02 27.53
N ALA H 218 11.30 5.13 26.22
CA ALA H 218 12.35 4.73 25.32
C ALA H 218 13.60 5.50 25.59
N ASP H 219 13.50 6.79 25.86
CA ASP H 219 14.69 7.54 26.18
C ASP H 219 15.36 6.96 27.42
N ALA H 220 14.56 6.69 28.45
CA ALA H 220 15.13 6.13 29.68
C ALA H 220 15.89 4.85 29.43
N ILE H 221 15.34 4.01 28.58
CA ILE H 221 16.01 2.78 28.26
C ILE H 221 17.28 3.05 27.53
N HIS H 222 17.23 3.88 26.52
CA HIS H 222 18.41 4.08 25.74
C HIS H 222 19.54 4.67 26.56
N LYS H 223 19.23 5.60 27.46
CA LYS H 223 20.30 6.14 28.28
C LYS H 223 20.89 5.08 29.19
N SER H 224 20.02 4.28 29.80
CA SER H 224 20.48 3.22 30.70
C SER H 224 21.36 2.21 30.00
N GLN H 225 20.96 1.80 28.80
CA GLN H 225 21.74 0.83 28.09
C GLN H 225 23.08 1.42 27.74
N ALA H 226 23.09 2.65 27.25
CA ALA H 226 24.34 3.26 26.87
C ALA H 226 25.32 3.36 28.02
N GLU H 227 24.79 3.68 29.19
CA GLU H 227 25.57 3.86 30.40
C GLU H 227 26.07 2.56 31.02
N THR H 228 25.21 1.56 31.10
CA THR H 228 25.59 0.33 31.78
C THR H 228 26.19 -0.74 30.88
N GLY H 229 25.95 -0.66 29.57
CA GLY H 229 26.49 -1.64 28.65
C GLY H 229 25.64 -2.90 28.53
N GLU H 230 24.53 -2.95 29.26
CA GLU H 230 23.68 -4.12 29.25
C GLU H 230 22.43 -3.88 28.43
N ILE H 231 21.64 -4.93 28.28
CA ILE H 231 20.39 -4.82 27.57
C ILE H 231 19.26 -4.69 28.57
N LYS H 232 18.50 -3.64 28.43
CA LYS H 232 17.42 -3.34 29.33
C LYS H 232 16.16 -3.12 28.58
N GLY H 233 15.03 -3.49 29.18
CA GLY H 233 13.78 -3.23 28.51
C GLY H 233 12.71 -2.69 29.43
N HIS H 234 11.53 -2.59 28.89
CA HIS H 234 10.41 -2.09 29.62
C HIS H 234 9.19 -2.69 29.01
N TYR H 235 8.33 -3.17 29.84
CA TYR H 235 7.16 -3.82 29.37
C TYR H 235 6.08 -2.85 29.02
N LEU H 236 6.21 -2.22 27.87
CA LEU H 236 5.23 -1.24 27.43
C LEU H 236 3.91 -1.90 27.20
N ASN H 237 2.85 -1.34 27.75
CA ASN H 237 1.53 -1.93 27.58
C ASN H 237 0.92 -1.57 26.24
N VAL H 238 0.68 -2.55 25.36
CA VAL H 238 0.11 -2.22 24.06
C VAL H 238 -1.31 -2.71 23.97
N THR H 239 -1.90 -3.02 25.10
CA THR H 239 -3.28 -3.46 25.15
C THR H 239 -4.07 -2.32 24.57
N ALA H 240 -5.05 -2.62 23.75
CA ALA H 240 -5.84 -1.55 23.15
C ALA H 240 -7.26 -1.98 22.88
N PRO H 241 -8.22 -1.03 22.79
CA PRO H 241 -9.59 -1.27 22.43
C PRO H 241 -9.83 -1.86 21.07
N THR H 242 -8.95 -1.66 20.12
CA THR H 242 -9.16 -2.24 18.81
C THR H 242 -7.90 -2.84 18.30
N CYS H 243 -8.01 -3.69 17.32
CA CYS H 243 -6.83 -4.28 16.76
C CYS H 243 -5.94 -3.27 16.10
N GLU H 244 -6.52 -2.30 15.40
CA GLU H 244 -5.69 -1.34 14.71
C GLU H 244 -4.90 -0.53 15.70
N GLU H 245 -5.52 -0.15 16.81
CA GLU H 245 -4.83 0.63 17.79
C GLU H 245 -3.74 -0.20 18.43
N MET H 246 -4.00 -1.49 18.65
CA MET H 246 -3.01 -2.38 19.23
C MET H 246 -1.79 -2.42 18.34
N MET H 247 -2.01 -2.57 17.03
CA MET H 247 -0.88 -2.56 16.14
C MET H 247 -0.17 -1.23 16.16
N LYS H 248 -0.89 -0.11 16.17
CA LYS H 248 -0.16 1.14 16.17
C LYS H 248 0.76 1.26 17.37
N ARG H 249 0.28 0.84 18.52
CA ARG H 249 1.11 0.92 19.70
C ARG H 249 2.31 0.01 19.56
N ALA H 250 2.10 -1.21 19.08
CA ALA H 250 3.19 -2.13 18.88
C ALA H 250 4.20 -1.64 17.86
N GLU H 251 3.73 -1.04 16.77
CA GLU H 251 4.61 -0.54 15.73
C GLU H 251 5.46 0.58 16.24
N PHE H 252 4.89 1.44 17.07
CA PHE H 252 5.66 2.54 17.60
C PHE H 252 6.71 1.99 18.54
N ALA H 253 6.34 1.02 19.38
CA ALA H 253 7.35 0.47 20.26
C ALA H 253 8.50 -0.09 19.44
N LYS H 254 8.21 -0.73 18.31
CA LYS H 254 9.30 -1.21 17.48
C LYS H 254 10.12 -0.07 16.92
N GLU H 255 9.46 0.98 16.43
CA GLU H 255 10.17 2.13 15.86
C GLU H 255 11.17 2.70 16.83
N LEU H 256 10.82 2.71 18.10
CA LEU H 256 11.66 3.25 19.14
C LEU H 256 12.75 2.27 19.62
N GLY H 257 12.79 1.07 19.06
CA GLY H 257 13.77 0.06 19.42
C GLY H 257 13.48 -0.71 20.69
N MET H 258 12.22 -0.86 21.06
CA MET H 258 11.90 -1.55 22.29
C MET H 258 11.92 -3.05 22.09
N PRO H 259 12.70 -3.81 22.87
CA PRO H 259 12.83 -5.23 22.74
C PRO H 259 11.64 -6.04 23.19
N ILE H 260 10.77 -5.47 24.01
CA ILE H 260 9.68 -6.25 24.55
C ILE H 260 8.41 -5.44 24.72
N ILE H 261 7.25 -6.06 24.53
CA ILE H 261 5.97 -5.41 24.79
C ILE H 261 5.07 -6.27 25.66
N MET H 262 4.07 -5.66 26.29
CA MET H 262 3.08 -6.32 27.15
C MET H 262 1.65 -6.33 26.65
N HIS H 263 0.94 -7.42 26.95
CA HIS H 263 -0.47 -7.57 26.59
C HIS H 263 -1.25 -8.45 27.57
N ASP H 264 -2.50 -8.08 27.82
CA ASP H 264 -3.45 -8.85 28.65
C ASP H 264 -4.29 -9.83 27.86
N PHE H 265 -3.87 -11.08 27.80
CA PHE H 265 -4.51 -12.09 26.96
C PHE H 265 -5.92 -12.46 27.35
N LEU H 266 -6.33 -12.19 28.58
CA LEU H 266 -7.68 -12.60 28.96
C LEU H 266 -8.68 -11.52 28.71
N THR H 267 -8.32 -10.29 29.00
CA THR H 267 -9.29 -9.23 28.80
C THR H 267 -9.45 -8.94 27.32
N ALA H 268 -8.30 -8.74 26.65
CA ALA H 268 -8.26 -8.44 25.23
C ALA H 268 -8.74 -9.64 24.44
N GLY H 269 -8.42 -10.83 24.94
CA GLY H 269 -8.77 -12.14 24.42
C GLY H 269 -7.79 -12.75 23.45
N PHE H 270 -8.07 -13.99 23.08
CA PHE H 270 -7.19 -14.77 22.24
C PHE H 270 -7.10 -14.37 20.79
N THR H 271 -8.15 -13.81 20.19
CA THR H 271 -7.99 -13.43 18.80
C THR H 271 -6.93 -12.34 18.75
N ALA H 272 -7.07 -11.35 19.62
CA ALA H 272 -6.13 -10.28 19.67
C ALA H 272 -4.74 -10.75 20.11
N ASN H 273 -4.67 -11.65 21.09
CA ASN H 273 -3.37 -12.12 21.56
C ASN H 273 -2.62 -12.82 20.48
N THR H 274 -3.30 -13.69 19.75
CA THR H 274 -2.66 -14.48 18.73
C THR H 274 -2.13 -13.56 17.66
N THR H 275 -2.93 -12.56 17.29
CA THR H 275 -2.56 -11.59 16.28
C THR H 275 -1.28 -10.89 16.67
N LEU H 276 -1.21 -10.44 17.91
CA LEU H 276 -0.03 -9.75 18.36
C LEU H 276 1.17 -10.68 18.38
N ALA H 277 0.99 -11.93 18.81
CA ALA H 277 2.09 -12.86 18.83
C ALA H 277 2.65 -13.07 17.45
N LYS H 278 1.80 -13.15 16.43
CA LYS H 278 2.29 -13.32 15.08
C LYS H 278 3.10 -12.12 14.68
N TRP H 279 2.60 -10.93 15.01
CA TRP H 279 3.31 -9.72 14.69
C TRP H 279 4.67 -9.75 15.34
N CYS H 280 4.73 -10.14 16.59
CA CYS H 280 5.98 -10.16 17.32
C CYS H 280 7.00 -11.07 16.69
N ARG H 281 6.58 -12.26 16.28
CA ARG H 281 7.52 -13.17 15.68
C ARG H 281 8.06 -12.61 14.40
N ASP H 282 7.19 -12.01 13.58
CA ASP H 282 7.65 -11.43 12.33
C ASP H 282 8.60 -10.28 12.56
N ASN H 283 8.34 -9.49 13.61
CA ASN H 283 9.15 -8.32 13.87
C ASN H 283 10.26 -8.39 14.92
N GLY H 284 10.46 -9.52 15.57
CA GLY H 284 11.57 -9.66 16.51
C GLY H 284 11.38 -9.04 17.88
N VAL H 285 10.15 -8.86 18.30
CA VAL H 285 9.86 -8.24 19.59
C VAL H 285 9.39 -9.31 20.56
N LEU H 286 9.87 -9.31 21.78
CA LEU H 286 9.43 -10.31 22.75
C LEU H 286 8.06 -9.94 23.30
N LEU H 287 7.25 -10.94 23.64
CA LEU H 287 5.92 -10.65 24.18
C LEU H 287 5.68 -11.13 25.62
N HIS H 288 5.30 -10.19 26.47
CA HIS H 288 5.03 -10.43 27.88
C HIS H 288 3.57 -10.50 28.16
N ILE H 289 3.11 -11.60 28.71
CA ILE H 289 1.70 -11.74 28.97
C ILE H 289 1.33 -11.69 30.42
N HIS H 290 0.44 -10.77 30.69
CA HIS H 290 -0.08 -10.49 32.00
C HIS H 290 -1.32 -11.34 32.19
N ARG H 291 -1.63 -11.77 33.41
CA ARG H 291 -2.82 -12.61 33.59
C ARG H 291 -4.00 -11.94 34.29
N ALA H 292 -4.14 -10.64 34.18
CA ALA H 292 -5.25 -9.95 34.80
C ALA H 292 -6.57 -10.61 34.43
N MET H 293 -7.46 -10.66 35.42
CA MET H 293 -8.80 -11.24 35.42
C MET H 293 -8.83 -12.77 35.48
N HIS H 294 -7.69 -13.44 35.65
CA HIS H 294 -7.76 -14.89 35.77
C HIS H 294 -8.56 -15.35 36.98
N ALA H 295 -8.56 -14.56 38.04
CA ALA H 295 -9.28 -14.93 39.25
C ALA H 295 -10.76 -15.10 39.01
N VAL H 296 -11.31 -14.33 38.06
CA VAL H 296 -12.70 -14.39 37.72
C VAL H 296 -13.07 -15.77 37.22
N ILE H 297 -12.15 -16.39 36.51
CA ILE H 297 -12.29 -17.68 35.86
C ILE H 297 -11.90 -18.85 36.75
N ASP H 298 -10.81 -18.76 37.53
CA ASP H 298 -10.40 -19.96 38.25
C ASP H 298 -10.22 -19.93 39.76
N ARG H 299 -10.52 -18.84 40.45
CA ARG H 299 -10.26 -18.86 41.88
C ARG H 299 -11.00 -19.90 42.68
N GLN H 300 -12.25 -20.16 42.35
CA GLN H 300 -13.00 -21.10 43.16
C GLN H 300 -12.67 -22.50 42.71
N ARG H 301 -12.28 -23.33 43.66
CA ARG H 301 -11.82 -24.68 43.41
C ARG H 301 -12.83 -25.64 42.82
N ASN H 302 -14.10 -25.28 42.82
CA ASN H 302 -15.09 -26.16 42.28
C ASN H 302 -15.85 -25.65 41.07
N HIS H 303 -15.37 -24.61 40.41
CA HIS H 303 -16.08 -24.17 39.20
C HIS H 303 -15.20 -23.32 38.29
N GLY H 304 -15.35 -23.50 36.99
CA GLY H 304 -14.59 -22.67 36.03
C GLY H 304 -13.41 -23.38 35.41
N ILE H 305 -12.38 -22.64 35.03
CA ILE H 305 -11.27 -23.25 34.29
C ILE H 305 -9.95 -23.08 35.01
N HIS H 306 -9.29 -24.17 35.35
CA HIS H 306 -8.04 -24.08 36.08
C HIS H 306 -6.99 -23.34 35.25
N PHE H 307 -6.18 -22.50 35.89
CA PHE H 307 -5.19 -21.75 35.14
C PHE H 307 -4.21 -22.62 34.37
N ARG H 308 -3.95 -23.87 34.77
CA ARG H 308 -3.00 -24.66 33.99
C ARG H 308 -3.50 -24.89 32.58
N VAL H 309 -4.82 -24.83 32.37
CA VAL H 309 -5.40 -25.02 31.08
C VAL H 309 -5.16 -23.78 30.30
N LEU H 310 -5.42 -22.66 30.93
CA LEU H 310 -5.21 -21.40 30.26
C LEU H 310 -3.73 -21.24 29.92
N ALA H 311 -2.85 -21.69 30.80
CA ALA H 311 -1.41 -21.59 30.56
C ALA H 311 -1.02 -22.40 29.33
N LYS H 312 -1.56 -23.61 29.17
CA LYS H 312 -1.26 -24.37 27.97
C LYS H 312 -1.81 -23.68 26.75
N CYS H 313 -3.01 -23.14 26.85
CA CYS H 313 -3.62 -22.49 25.71
C CYS H 313 -2.78 -21.32 25.28
N LEU H 314 -2.26 -20.59 26.25
CA LEU H 314 -1.43 -19.48 25.92
C LEU H 314 -0.15 -19.94 25.28
N ARG H 315 0.51 -20.99 25.79
CA ARG H 315 1.73 -21.42 25.15
C ARG H 315 1.48 -21.67 23.68
N LEU H 316 0.35 -22.29 23.33
CA LEU H 316 0.06 -22.49 21.92
C LEU H 316 -0.21 -21.18 21.14
N SER H 317 -0.96 -20.24 21.75
CA SER H 317 -1.27 -18.96 21.09
C SER H 317 -0.08 -18.06 20.86
N GLY H 318 0.72 -17.86 21.91
CA GLY H 318 1.89 -17.00 21.86
C GLY H 318 2.31 -16.52 23.23
N GLY H 319 3.34 -15.69 23.29
CA GLY H 319 3.85 -15.17 24.54
C GLY H 319 5.17 -15.81 24.89
N ASP H 320 6.15 -14.99 25.25
CA ASP H 320 7.46 -15.44 25.64
C ASP H 320 7.56 -15.50 27.14
N HIS H 321 6.86 -14.57 27.81
CA HIS H 321 6.86 -14.52 29.28
C HIS H 321 5.44 -14.67 29.78
N LEU H 322 5.24 -15.33 30.91
CA LEU H 322 3.89 -15.41 31.49
C LEU H 322 3.85 -15.33 33.00
N HIS H 323 3.01 -14.47 33.51
CA HIS H 323 2.82 -14.41 34.95
C HIS H 323 2.18 -15.66 35.45
N SER H 324 2.83 -16.28 36.43
CA SER H 324 2.32 -17.50 37.02
C SER H 324 2.08 -17.22 38.49
N GLY H 325 2.79 -16.23 39.00
CA GLY H 325 2.67 -15.83 40.40
C GLY H 325 3.54 -16.66 41.31
N THR H 326 3.82 -16.14 42.49
CA THR H 326 4.65 -16.89 43.40
C THR H 326 3.88 -17.70 44.41
N VAL H 327 4.65 -18.40 45.23
CA VAL H 327 4.15 -19.20 46.33
C VAL H 327 4.76 -18.77 47.64
N VAL H 328 5.62 -17.75 47.61
CA VAL H 328 6.24 -17.23 48.82
C VAL H 328 5.97 -15.74 48.99
N ASP H 334 -1.29 -23.24 46.18
CA ASP H 334 -0.75 -24.59 46.21
C ASP H 334 0.59 -24.73 45.51
N LYS H 335 1.55 -25.18 46.28
CA LYS H 335 2.88 -25.42 45.80
C LYS H 335 2.90 -26.50 44.73
N ALA H 336 2.16 -27.60 44.96
CA ALA H 336 2.25 -28.69 44.01
C ALA H 336 1.71 -28.29 42.66
N SER H 337 0.56 -27.63 42.65
CA SER H 337 -0.04 -27.18 41.43
C SER H 337 0.86 -26.20 40.71
N THR H 338 1.51 -25.29 41.47
CA THR H 338 2.41 -24.30 40.89
C THR H 338 3.55 -24.98 40.17
N LEU H 339 4.14 -25.97 40.81
CA LEU H 339 5.24 -26.66 40.18
C LEU H 339 4.75 -27.33 38.90
N GLY H 340 3.54 -27.86 38.94
CA GLY H 340 2.93 -28.48 37.77
C GLY H 340 2.95 -27.50 36.60
N PHE H 341 2.43 -26.29 36.81
CA PHE H 341 2.40 -25.26 35.75
C PHE H 341 3.70 -24.98 35.15
N VAL H 342 4.67 -24.81 36.01
CA VAL H 342 5.95 -24.44 35.56
C VAL H 342 6.51 -25.49 34.65
N ASP H 343 6.42 -26.77 35.00
CA ASP H 343 6.92 -27.75 34.03
C ASP H 343 6.09 -27.74 32.76
N LEU H 344 4.78 -27.61 32.87
CA LEU H 344 3.93 -27.67 31.69
C LEU H 344 4.25 -26.60 30.69
N MET H 345 4.64 -25.43 31.15
CA MET H 345 4.93 -24.37 30.22
C MET H 345 6.40 -24.30 29.83
N ARG H 346 7.27 -25.17 30.36
CA ARG H 346 8.69 -25.05 30.03
C ARG H 346 9.31 -26.28 29.40
N GLU H 347 8.88 -27.45 29.82
CA GLU H 347 9.49 -28.70 29.40
C GLU H 347 8.98 -29.17 28.05
N ASP H 348 9.77 -30.02 27.41
CA ASP H 348 9.36 -30.61 26.14
C ASP H 348 8.39 -31.75 26.37
N HIS H 349 8.54 -32.41 27.50
CA HIS H 349 7.69 -33.54 27.82
C HIS H 349 7.45 -33.69 29.31
N ILE H 350 6.17 -33.72 29.66
CA ILE H 350 5.74 -33.83 31.04
C ILE H 350 4.96 -35.10 31.29
N GLU H 351 5.46 -35.93 32.20
CA GLU H 351 4.76 -37.16 32.53
C GLU H 351 3.57 -36.90 33.42
N ALA H 352 2.47 -37.62 33.20
CA ALA H 352 1.32 -37.42 34.07
C ALA H 352 1.68 -37.72 35.50
N ASP H 353 1.15 -36.93 36.42
CA ASP H 353 1.35 -37.08 37.84
C ASP H 353 0.28 -36.32 38.57
N ARG H 354 -0.70 -37.05 39.05
CA ARG H 354 -1.87 -36.43 39.64
C ARG H 354 -1.53 -35.62 40.89
N SER H 355 -0.43 -35.93 41.55
CA SER H 355 -0.09 -35.23 42.79
C SER H 355 0.42 -33.84 42.53
N ARG H 356 0.70 -33.54 41.26
CA ARG H 356 1.22 -32.26 40.87
C ARG H 356 0.22 -31.55 39.98
N GLY H 357 -0.99 -32.12 39.90
CA GLY H 357 -2.03 -31.54 39.08
C GLY H 357 -1.90 -31.83 37.59
N VAL H 358 -1.14 -32.83 37.18
CA VAL H 358 -1.02 -33.10 35.75
C VAL H 358 -1.77 -34.37 35.46
N PHE H 359 -2.82 -34.27 34.66
CA PHE H 359 -3.64 -35.44 34.42
C PHE H 359 -3.18 -36.24 33.24
N PHE H 360 -2.62 -35.58 32.25
CA PHE H 360 -2.24 -36.29 31.08
C PHE H 360 -0.81 -36.04 30.72
N THR H 361 -0.14 -37.06 30.22
CA THR H 361 1.21 -36.86 29.72
C THR H 361 1.14 -35.93 28.54
N GLN H 362 1.98 -34.90 28.53
CA GLN H 362 1.95 -33.94 27.44
C GLN H 362 3.27 -33.81 26.72
N ASP H 363 3.26 -34.13 25.45
CA ASP H 363 4.41 -34.03 24.57
C ASP H 363 4.28 -32.77 23.74
N TRP H 364 5.20 -31.82 23.90
CA TRP H 364 5.09 -30.55 23.20
C TRP H 364 5.71 -30.54 21.81
N ALA H 365 6.24 -31.66 21.37
CA ALA H 365 6.80 -31.79 20.03
C ALA H 365 7.76 -30.69 19.62
N SER H 366 8.68 -30.40 20.50
CA SER H 366 9.74 -29.41 20.32
C SER H 366 9.29 -27.96 20.22
N MET H 367 8.05 -27.67 20.52
CA MET H 367 7.63 -26.29 20.58
C MET H 367 8.35 -25.71 21.80
N PRO H 368 8.91 -24.51 21.74
CA PRO H 368 9.60 -23.87 22.83
C PRO H 368 8.67 -23.51 23.96
N GLY H 369 9.24 -23.36 25.15
CA GLY H 369 8.49 -22.98 26.33
C GLY H 369 8.30 -21.50 26.50
N VAL H 370 7.63 -21.15 27.60
CA VAL H 370 7.27 -19.82 28.04
C VAL H 370 7.97 -19.57 29.35
N LEU H 371 8.61 -18.45 29.48
CA LEU H 371 9.36 -18.17 30.68
C LEU H 371 8.39 -17.67 31.77
N PRO H 372 8.24 -18.35 32.91
CA PRO H 372 7.31 -17.97 33.96
C PRO H 372 7.77 -16.74 34.68
N VAL H 373 6.83 -15.94 35.14
CA VAL H 373 7.15 -14.77 35.90
C VAL H 373 6.53 -14.86 37.29
N ALA H 374 7.39 -14.79 38.30
CA ALA H 374 6.94 -14.86 39.68
C ALA H 374 6.64 -13.46 40.16
N SER H 375 5.60 -13.31 40.94
CA SER H 375 5.23 -12.02 41.44
C SER H 375 4.26 -12.09 42.59
N GLY H 376 4.15 -11.00 43.32
CA GLY H 376 3.16 -10.84 44.38
C GLY H 376 3.74 -11.09 45.75
N GLY H 377 3.85 -10.04 46.56
CA GLY H 377 4.38 -10.24 47.90
C GLY H 377 5.87 -10.53 47.93
N ILE H 378 6.63 -10.10 46.93
CA ILE H 378 8.04 -10.44 46.99
C ILE H 378 8.97 -9.24 47.07
N HIS H 379 10.02 -9.51 47.84
CA HIS H 379 11.15 -8.64 48.20
C HIS H 379 12.36 -9.55 48.48
N VAL H 380 13.53 -8.97 48.78
CA VAL H 380 14.77 -9.75 48.91
C VAL H 380 14.75 -10.90 49.92
N TRP H 381 13.95 -10.82 50.97
CA TRP H 381 13.92 -11.94 51.92
C TRP H 381 13.47 -13.25 51.30
N HIS H 382 12.75 -13.17 50.20
CA HIS H 382 12.24 -14.36 49.54
C HIS H 382 13.13 -14.76 48.38
N MET H 383 14.23 -14.04 48.20
CA MET H 383 15.06 -14.32 47.05
C MET H 383 15.57 -15.75 47.04
N PRO H 384 16.06 -16.33 48.16
CA PRO H 384 16.57 -17.69 48.21
C PRO H 384 15.54 -18.67 47.67
N ALA H 385 14.34 -18.62 48.25
CA ALA H 385 13.29 -19.51 47.85
C ALA H 385 12.94 -19.33 46.38
N LEU H 386 12.84 -18.10 45.92
CA LEU H 386 12.44 -17.93 44.55
C LEU H 386 13.45 -18.55 43.60
N VAL H 387 14.74 -18.40 43.91
CA VAL H 387 15.75 -18.99 43.03
C VAL H 387 15.66 -20.50 43.05
N GLU H 388 15.53 -21.11 44.21
CA GLU H 388 15.47 -22.58 44.26
C GLU H 388 14.18 -23.15 43.65
N ILE H 389 13.05 -22.49 43.87
CA ILE H 389 11.76 -22.95 43.37
C ILE H 389 11.68 -22.92 41.87
N PHE H 390 12.09 -21.81 41.26
CA PHE H 390 11.94 -21.69 39.83
C PHE H 390 13.21 -22.00 39.01
N GLY H 391 14.38 -22.09 39.63
CA GLY H 391 15.57 -22.36 38.85
C GLY H 391 15.96 -21.14 38.07
N ASP H 392 16.68 -21.30 36.97
CA ASP H 392 17.19 -20.15 36.26
C ASP H 392 16.24 -19.62 35.22
N ASP H 393 15.40 -20.46 34.68
CA ASP H 393 14.53 -20.02 33.60
C ASP H 393 13.29 -19.36 34.12
N SER H 394 13.45 -18.15 34.63
CA SER H 394 12.37 -17.38 35.20
C SER H 394 12.64 -15.90 35.32
N VAL H 395 11.59 -15.13 35.56
CA VAL H 395 11.69 -13.71 35.82
C VAL H 395 11.04 -13.39 37.16
N LEU H 396 11.71 -12.61 38.00
CA LEU H 396 11.14 -12.24 39.27
C LEU H 396 10.76 -10.75 39.27
N GLN H 397 9.46 -10.46 39.42
CA GLN H 397 8.94 -9.08 39.41
C GLN H 397 8.59 -8.57 40.78
N PHE H 398 9.47 -7.74 41.31
CA PHE H 398 9.40 -7.24 42.66
C PHE H 398 8.52 -6.04 42.87
N GLY H 399 7.99 -5.92 44.07
CA GLY H 399 7.17 -4.76 44.39
C GLY H 399 7.84 -3.49 43.88
N GLY H 404 9.82 0.53 47.29
CA GLY H 404 9.47 0.64 48.71
C GLY H 404 10.73 0.61 49.54
N HIS H 405 11.85 0.64 48.84
CA HIS H 405 13.16 0.64 49.47
C HIS H 405 13.30 1.96 50.22
N PRO H 406 13.87 2.00 51.45
CA PRO H 406 14.05 3.18 52.26
C PRO H 406 14.93 4.27 51.64
N TRP H 407 15.78 3.95 50.68
CA TRP H 407 16.62 4.98 50.12
C TRP H 407 16.00 5.47 48.81
N ASN H 409 14.77 4.09 44.51
CA ASN H 409 14.77 3.49 43.19
C ASN H 409 16.06 2.74 42.88
N ALA H 410 17.15 3.43 42.54
CA ALA H 410 18.36 2.68 42.21
C ALA H 410 18.84 1.80 43.37
N PRO H 411 18.78 2.20 44.66
CA PRO H 411 19.13 1.38 45.78
C PRO H 411 18.26 0.14 45.90
N GLY H 412 17.07 0.18 45.31
CA GLY H 412 16.15 -0.92 45.33
C GLY H 412 16.67 -1.91 44.34
N ALA H 413 16.95 -1.41 43.14
CA ALA H 413 17.47 -2.23 42.08
C ALA H 413 18.76 -2.88 42.54
N THR H 414 19.57 -2.12 43.25
CA THR H 414 20.82 -2.61 43.74
C THR H 414 20.58 -3.74 44.72
N ALA H 415 19.70 -3.53 45.69
CA ALA H 415 19.48 -4.56 46.69
C ALA H 415 19.01 -5.86 46.06
N ASN H 416 18.14 -5.78 45.04
CA ASN H 416 17.67 -7.03 44.46
C ASN H 416 18.71 -7.65 43.57
N ARG H 417 19.49 -6.85 42.85
CA ARG H 417 20.49 -7.41 41.97
C ARG H 417 21.52 -8.17 42.78
N VAL H 418 21.91 -7.61 43.92
CA VAL H 418 22.88 -8.25 44.76
C VAL H 418 22.30 -9.50 45.38
N ALA H 419 21.09 -9.40 45.92
CA ALA H 419 20.50 -10.55 46.57
C ALA H 419 20.37 -11.71 45.60
N LEU H 420 20.01 -11.43 44.34
CA LEU H 420 19.86 -12.53 43.40
C LEU H 420 21.18 -13.15 43.08
N GLU H 421 22.19 -12.34 42.75
CA GLU H 421 23.46 -12.93 42.37
C GLU H 421 24.01 -13.75 43.52
N ALA H 422 23.86 -13.26 44.75
CA ALA H 422 24.36 -13.99 45.89
C ALA H 422 23.66 -15.34 46.01
N CYS H 423 22.34 -15.36 45.78
CA CYS H 423 21.61 -16.61 45.88
C CYS H 423 21.98 -17.60 44.80
N VAL H 424 22.14 -17.13 43.58
CA VAL H 424 22.50 -18.02 42.48
C VAL H 424 23.86 -18.62 42.69
N GLN H 425 24.82 -17.78 43.09
CA GLN H 425 26.15 -18.29 43.32
C GLN H 425 26.13 -19.30 44.44
N ALA H 426 25.38 -19.03 45.51
CA ALA H 426 25.31 -19.95 46.61
C ALA H 426 24.75 -21.29 46.18
N ARG H 427 23.72 -21.25 45.32
CA ARG H 427 23.12 -22.48 44.83
C ARG H 427 24.11 -23.29 44.04
N ASN H 428 24.87 -22.65 43.16
CA ASN H 428 25.84 -23.37 42.35
C ASN H 428 26.94 -23.99 43.20
N GLU H 429 27.36 -23.29 44.25
CA GLU H 429 28.37 -23.79 45.17
C GLU H 429 27.88 -25.01 45.93
N GLY H 430 26.59 -25.05 46.22
CA GLY H 430 26.03 -26.19 46.94
C GLY H 430 25.33 -25.86 48.25
N ARG H 431 25.06 -24.58 48.53
CA ARG H 431 24.36 -24.25 49.75
C ARG H 431 22.88 -24.57 49.57
N ASP H 432 22.17 -24.83 50.66
CA ASP H 432 20.74 -25.08 50.58
C ASP H 432 19.94 -23.82 50.83
N LEU H 433 19.44 -23.20 49.78
CA LEU H 433 18.77 -21.91 49.88
C LEU H 433 17.53 -21.92 50.76
N TYR H 434 16.92 -23.08 51.03
CA TYR H 434 15.73 -23.07 51.86
C TYR H 434 16.08 -23.03 53.35
N ARG H 435 17.35 -23.18 53.69
CA ARG H 435 17.78 -23.19 55.07
C ARG H 435 18.85 -22.13 55.34
N GLU H 436 19.80 -22.01 54.41
CA GLU H 436 20.92 -21.10 54.57
C GLU H 436 20.59 -19.73 54.02
N GLY H 437 19.41 -19.59 53.43
CA GLY H 437 19.02 -18.37 52.77
C GLY H 437 19.15 -17.16 53.70
N GLY H 438 18.86 -17.34 54.97
CA GLY H 438 18.99 -16.25 55.92
C GLY H 438 20.41 -15.75 56.03
N ASP H 439 21.39 -16.66 55.96
CA ASP H 439 22.78 -16.29 56.15
C ASP H 439 23.35 -15.79 54.87
N ILE H 440 22.88 -16.30 53.77
CA ILE H 440 23.37 -15.89 52.47
C ILE H 440 23.01 -14.43 52.31
N LEU H 441 21.75 -14.08 52.61
CA LEU H 441 21.36 -12.69 52.54
C LEU H 441 22.07 -11.82 53.57
N ARG H 442 22.21 -12.29 54.82
CA ARG H 442 22.90 -11.46 55.81
C ARG H 442 24.33 -11.17 55.42
N GLU H 443 25.06 -12.17 54.88
CA GLU H 443 26.42 -11.91 54.44
C GLU H 443 26.41 -10.96 53.27
N ALA H 444 25.52 -11.18 52.30
CA ALA H 444 25.46 -10.33 51.13
C ALA H 444 25.17 -8.89 51.50
N GLY H 445 24.37 -8.73 52.54
CA GLY H 445 23.98 -7.44 53.07
C GLY H 445 25.16 -6.63 53.56
N LYS H 446 26.30 -7.27 53.80
CA LYS H 446 27.47 -6.56 54.26
C LYS H 446 28.34 -6.09 53.09
N TRP H 447 28.03 -6.57 51.88
CA TRP H 447 28.82 -6.19 50.73
C TRP H 447 28.28 -4.88 50.21
N SER H 448 26.95 -4.78 50.22
CA SER H 448 26.29 -3.59 49.72
C SER H 448 25.28 -3.09 50.75
N PRO H 449 25.43 -1.86 51.28
CA PRO H 449 24.57 -1.28 52.30
C PRO H 449 23.14 -1.11 51.81
N GLU H 450 22.94 -1.11 50.49
CA GLU H 450 21.63 -1.00 49.90
C GLU H 450 20.84 -2.24 50.29
N LEU H 451 21.52 -3.38 50.29
CA LEU H 451 20.91 -4.63 50.63
C LEU H 451 20.73 -4.65 52.11
N ALA H 452 21.72 -4.19 52.87
CA ALA H 452 21.49 -4.19 54.30
C ALA H 452 20.26 -3.37 54.62
N ALA H 453 20.11 -2.22 53.98
CA ALA H 453 18.96 -1.39 54.27
C ALA H 453 17.67 -2.13 54.00
N ALA H 454 17.61 -2.90 52.92
CA ALA H 454 16.44 -3.70 52.65
C ALA H 454 16.22 -4.80 53.70
N LEU H 455 17.31 -5.47 54.08
CA LEU H 455 17.22 -6.59 55.03
C LEU H 455 16.82 -6.12 56.41
N ASP H 456 17.24 -4.91 56.76
CA ASP H 456 16.94 -4.27 58.03
C ASP H 456 15.45 -4.03 58.24
N LEU H 457 14.64 -4.13 57.19
CA LEU H 457 13.21 -3.93 57.31
C LEU H 457 12.48 -5.24 57.03
N SER I 1 -28.23 -62.32 -10.98
CA SER I 1 -27.91 -62.29 -9.56
C SER I 1 -28.91 -63.14 -8.79
N PRO I 2 -28.50 -63.70 -7.66
CA PRO I 2 -29.41 -64.54 -6.86
C PRO I 2 -30.45 -63.69 -6.14
N ILE I 3 -31.69 -64.19 -6.12
CA ILE I 3 -32.79 -63.52 -5.45
C ILE I 3 -33.17 -64.34 -4.22
N PRO I 4 -33.66 -63.72 -3.13
CA PRO I 4 -34.15 -64.51 -2.00
C PRO I 4 -35.28 -65.44 -2.41
N THR I 5 -35.58 -66.39 -1.52
CA THR I 5 -36.59 -67.41 -1.81
C THR I 5 -38.01 -66.86 -1.79
N GLN I 6 -38.23 -65.64 -1.30
CA GLN I 6 -39.56 -65.10 -1.17
C GLN I 6 -39.99 -64.31 -2.41
N PHE I 7 -39.09 -63.47 -2.93
CA PHE I 7 -39.40 -62.59 -4.06
C PHE I 7 -38.99 -63.18 -5.40
N ARG I 8 -38.97 -64.51 -5.54
CA ARG I 8 -38.50 -65.10 -6.79
C ARG I 8 -39.42 -64.82 -7.97
N SER I 9 -40.68 -64.45 -7.73
CA SER I 9 -41.65 -64.32 -8.80
C SER I 9 -42.25 -62.93 -8.87
N LEU I 10 -41.45 -61.89 -8.63
CA LEU I 10 -41.88 -60.52 -8.79
C LEU I 10 -41.24 -59.91 -10.04
N ASP I 11 -41.83 -58.82 -10.50
CA ASP I 11 -41.29 -58.10 -11.64
C ASP I 11 -40.39 -56.97 -11.16
N SER I 12 -40.01 -56.06 -12.05
CA SER I 12 -39.16 -54.95 -11.64
C SER I 12 -39.92 -53.95 -10.79
N ALA I 13 -41.18 -53.68 -11.14
CA ALA I 13 -41.97 -52.71 -10.37
C ALA I 13 -42.28 -53.22 -8.97
N GLY I 14 -42.44 -54.53 -8.79
CA GLY I 14 -42.59 -55.06 -7.45
C GLY I 14 -41.35 -54.81 -6.60
N LYS I 15 -40.17 -55.03 -7.18
CA LYS I 15 -38.93 -54.70 -6.49
C LYS I 15 -38.88 -53.22 -6.14
N ILE I 16 -39.24 -52.36 -7.11
CA ILE I 16 -39.22 -50.92 -6.86
C ILE I 16 -40.13 -50.56 -5.70
N GLU I 17 -41.33 -51.14 -5.65
CA GLU I 17 -42.28 -50.78 -4.61
C GLU I 17 -41.82 -51.29 -3.24
N ILE I 18 -41.27 -52.50 -3.18
CA ILE I 18 -40.83 -53.01 -1.89
C ILE I 18 -39.58 -52.27 -1.42
N LEU I 19 -38.76 -51.76 -2.35
CA LEU I 19 -37.63 -50.94 -1.94
C LEU I 19 -38.10 -49.59 -1.42
N ALA I 20 -39.00 -48.93 -2.16
CA ALA I 20 -39.46 -47.60 -1.76
C ALA I 20 -40.30 -47.64 -0.50
N GLY I 21 -40.90 -48.77 -0.18
CA GLY I 21 -41.67 -48.88 1.04
C GLY I 21 -40.93 -49.40 2.24
N ARG I 22 -39.65 -49.75 2.10
CA ARG I 22 -38.86 -50.35 3.18
C ARG I 22 -39.53 -51.60 3.73
N MET I 23 -40.33 -52.28 2.91
CA MET I 23 -41.22 -53.32 3.42
C MET I 23 -40.48 -54.63 3.62
N ALA I 24 -39.36 -54.57 4.34
CA ALA I 24 -38.60 -55.74 4.76
C ALA I 24 -37.48 -55.23 5.66
N LEU I 25 -36.58 -56.13 6.03
CA LEU I 25 -35.34 -55.75 6.71
C LEU I 25 -34.22 -55.65 5.69
N TRP I 26 -33.15 -54.94 6.07
CA TRP I 26 -32.12 -54.57 5.10
C TRP I 26 -31.52 -55.78 4.40
N PHE I 27 -31.26 -56.85 5.15
CA PHE I 27 -30.70 -58.05 4.54
C PHE I 27 -31.70 -58.81 3.70
N GLU I 28 -32.95 -58.36 3.64
CA GLU I 28 -33.95 -58.96 2.76
C GLU I 28 -34.11 -58.23 1.44
N TYR I 29 -33.83 -56.93 1.42
CA TYR I 29 -33.93 -56.16 0.17
C TYR I 29 -32.59 -55.71 -0.42
N ALA I 30 -31.50 -55.91 0.31
CA ALA I 30 -30.18 -55.62 -0.28
C ALA I 30 -29.86 -56.49 -1.49
N PRO I 31 -30.19 -57.81 -1.46
CA PRO I 31 -30.00 -58.58 -2.69
C PRO I 31 -30.89 -58.04 -3.79
N LEU I 32 -32.08 -57.57 -3.44
CA LEU I 32 -33.03 -57.09 -4.43
C LEU I 32 -32.53 -55.91 -5.24
N ILE I 33 -31.87 -54.94 -4.62
CA ILE I 33 -31.33 -53.85 -5.41
C ILE I 33 -30.42 -54.43 -6.49
N SER I 34 -29.58 -55.40 -6.14
CA SER I 34 -28.66 -56.00 -7.09
C SER I 34 -29.37 -56.64 -8.27
N SER I 35 -30.43 -57.40 -8.02
CA SER I 35 -31.22 -57.98 -9.11
C SER I 35 -31.95 -56.92 -9.89
N LEU I 36 -32.47 -55.91 -9.20
CA LEU I 36 -33.19 -54.82 -9.84
C LEU I 36 -32.28 -54.07 -10.78
N TYR I 37 -31.02 -53.93 -10.41
CA TYR I 37 -30.09 -53.19 -11.22
C TYR I 37 -30.02 -53.84 -12.58
N THR I 38 -29.96 -55.17 -12.63
CA THR I 38 -29.78 -55.84 -13.91
C THR I 38 -30.90 -55.49 -14.87
N ASP I 39 -32.12 -55.37 -14.36
CA ASP I 39 -33.20 -54.93 -15.22
C ASP I 39 -33.24 -53.41 -15.32
N GLY I 40 -32.31 -52.81 -16.05
CA GLY I 40 -32.30 -51.37 -16.26
C GLY I 40 -32.26 -50.34 -15.15
N PHE I 41 -31.42 -50.50 -14.13
CA PHE I 41 -31.46 -49.51 -13.07
C PHE I 41 -30.17 -48.81 -12.65
N THR I 42 -30.27 -47.49 -12.47
CA THR I 42 -29.11 -46.69 -12.12
C THR I 42 -29.31 -46.12 -10.76
N PRO I 43 -28.31 -46.19 -9.88
CA PRO I 43 -28.41 -45.56 -8.56
C PRO I 43 -28.68 -44.05 -8.51
N PRO I 44 -28.06 -43.22 -9.39
CA PRO I 44 -28.48 -41.81 -9.32
C PRO I 44 -29.96 -41.67 -9.65
N THR I 45 -30.42 -42.40 -10.66
CA THR I 45 -31.85 -42.40 -11.00
C THR I 45 -32.65 -43.00 -9.84
N ILE I 46 -32.11 -44.03 -9.19
CA ILE I 46 -32.80 -44.70 -8.10
C ILE I 46 -32.96 -43.77 -6.90
N GLU I 47 -32.08 -42.78 -6.74
CA GLU I 47 -32.24 -41.81 -5.67
C GLU I 47 -33.56 -41.07 -5.98
N GLU I 48 -33.80 -40.72 -7.23
CA GLU I 48 -35.10 -40.16 -7.59
C GLU I 48 -36.20 -41.24 -7.46
N LEU I 49 -35.89 -42.48 -7.86
CA LEU I 49 -36.87 -43.58 -7.81
C LEU I 49 -37.07 -44.14 -6.41
N THR I 50 -36.22 -45.07 -5.94
CA THR I 50 -36.44 -45.48 -4.56
C THR I 50 -36.12 -44.36 -3.58
N GLY I 51 -34.87 -43.90 -3.57
CA GLY I 51 -34.50 -42.82 -2.67
C GLY I 51 -33.41 -43.16 -1.69
N ILE I 52 -32.47 -44.00 -2.08
CA ILE I 52 -31.29 -44.30 -1.28
C ILE I 52 -30.05 -43.98 -2.11
N SER I 53 -29.16 -43.18 -1.54
CA SER I 53 -27.99 -42.72 -2.26
C SER I 53 -27.02 -43.87 -2.52
N SER I 54 -26.08 -43.63 -3.44
CA SER I 54 -25.27 -44.72 -3.96
C SER I 54 -24.37 -45.31 -2.88
N ILE I 55 -23.86 -44.46 -1.98
CA ILE I 55 -23.00 -44.95 -0.92
C ILE I 55 -23.76 -45.90 0.00
N GLU I 56 -25.02 -45.57 0.30
CA GLU I 56 -25.83 -46.45 1.12
C GLU I 56 -26.14 -47.76 0.41
N GLN I 57 -26.39 -47.71 -0.90
CA GLN I 57 -26.63 -48.92 -1.65
C GLN I 57 -25.43 -49.86 -1.59
N ASN I 58 -24.24 -49.32 -1.84
CA ASN I 58 -23.05 -50.14 -1.80
C ASN I 58 -22.83 -50.72 -0.40
N ARG I 59 -23.01 -49.89 0.62
CA ARG I 59 -22.83 -50.37 1.99
C ARG I 59 -23.82 -51.50 2.31
N LEU I 60 -25.06 -51.36 1.87
CA LEU I 60 -26.07 -52.38 2.13
C LEU I 60 -25.71 -53.70 1.45
N ILE I 61 -25.33 -53.64 0.17
CA ILE I 61 -24.99 -54.86 -0.54
C ILE I 61 -23.82 -55.58 0.13
N VAL I 62 -22.76 -54.83 0.41
CA VAL I 62 -21.57 -55.46 1.00
C VAL I 62 -21.89 -55.99 2.40
N GLY I 63 -22.70 -55.27 3.18
CA GLY I 63 -23.03 -55.72 4.51
C GLY I 63 -23.86 -56.99 4.50
N ALA I 64 -24.84 -57.07 3.60
CA ALA I 64 -25.63 -58.29 3.49
C ALA I 64 -24.76 -59.46 3.07
N GLN I 65 -23.81 -59.23 2.16
CA GLN I 65 -22.92 -60.32 1.76
C GLN I 65 -22.07 -60.80 2.93
N VAL I 66 -21.54 -59.86 3.72
CA VAL I 66 -20.72 -60.24 4.87
C VAL I 66 -21.58 -60.99 5.90
N ARG I 67 -22.82 -60.55 6.09
CA ARG I 67 -23.70 -61.23 7.04
C ARG I 67 -24.01 -62.65 6.60
N ASP I 68 -24.21 -62.85 5.29
CA ASP I 68 -24.43 -64.20 4.80
C ASP I 68 -23.20 -65.07 5.01
N SER I 69 -22.01 -64.53 4.72
CA SER I 69 -20.79 -65.28 4.93
C SER I 69 -20.58 -65.63 6.40
N ILE I 70 -21.09 -64.80 7.30
CA ILE I 70 -21.03 -65.12 8.72
C ILE I 70 -22.02 -66.22 9.07
N LEU I 71 -23.28 -66.04 8.69
CA LEU I 71 -24.32 -66.95 9.15
C LEU I 71 -24.19 -68.33 8.54
N GLN I 72 -23.55 -68.45 7.38
CA GLN I 72 -23.41 -69.77 6.77
C GLN I 72 -22.34 -70.64 7.45
N SER I 73 -21.79 -70.20 8.58
CA SER I 73 -20.74 -70.98 9.23
C SER I 73 -20.97 -71.13 10.73
N ILE I 74 -19.97 -71.65 11.45
CA ILE I 74 -20.10 -71.91 12.87
C ILE I 74 -20.38 -70.60 13.61
N HIS I 75 -21.39 -70.62 14.47
CA HIS I 75 -21.80 -69.43 15.20
C HIS I 75 -22.87 -69.81 16.22
N GLU I 76 -23.36 -68.80 16.93
CA GLU I 76 -24.55 -68.89 17.76
C GLU I 76 -25.55 -67.84 17.30
N PRO I 77 -26.86 -68.12 17.34
CA PRO I 77 -27.84 -67.24 16.67
C PRO I 77 -28.02 -65.88 17.32
N GLU I 78 -27.32 -65.57 18.42
CA GLU I 78 -27.58 -64.31 19.10
C GLU I 78 -27.10 -63.11 18.29
N LEU I 79 -25.96 -63.21 17.61
CA LEU I 79 -25.47 -62.04 16.90
C LEU I 79 -26.25 -61.80 15.62
N ILE I 80 -26.70 -62.87 14.94
CA ILE I 80 -27.59 -62.65 13.80
C ILE I 80 -28.94 -62.15 14.29
N SER I 81 -29.33 -62.50 15.51
CA SER I 81 -30.49 -61.86 16.11
C SER I 81 -30.20 -60.44 16.57
N ALA I 82 -28.92 -60.03 16.56
CA ALA I 82 -28.55 -58.66 16.87
C ALA I 82 -28.27 -57.81 15.64
N PHE I 83 -27.90 -58.45 14.51
CA PHE I 83 -27.67 -57.73 13.26
C PHE I 83 -28.96 -57.63 12.45
N ASP I 84 -29.97 -57.00 13.05
CA ASP I 84 -31.27 -56.84 12.43
C ASP I 84 -31.71 -55.41 12.22
N THR I 85 -31.18 -54.46 12.98
CA THR I 85 -31.53 -53.05 12.82
C THR I 85 -30.25 -52.23 13.02
N GLY I 86 -29.56 -51.94 11.92
CA GLY I 86 -28.39 -51.08 11.97
C GLY I 86 -27.09 -51.81 12.21
N GLY I 87 -26.83 -52.85 11.42
CA GLY I 87 -25.57 -53.56 11.53
C GLY I 87 -24.74 -53.44 10.28
N ALA I 88 -25.22 -52.65 9.32
CA ALA I 88 -24.56 -52.60 8.02
C ALA I 88 -23.23 -51.87 8.11
N GLU I 89 -23.20 -50.71 8.76
CA GLU I 89 -21.97 -49.94 8.80
C GLU I 89 -20.86 -50.68 9.54
N LEU I 90 -21.18 -51.48 10.55
CA LEU I 90 -20.17 -52.26 11.24
C LEU I 90 -19.73 -53.49 10.45
N LEU I 91 -20.65 -54.13 9.73
CA LEU I 91 -20.28 -55.24 8.86
C LEU I 91 -19.50 -54.76 7.65
N TYR I 92 -19.51 -53.46 7.37
CA TYR I 92 -18.79 -52.97 6.20
C TYR I 92 -17.29 -52.85 6.42
N GLU I 93 -16.82 -52.84 7.66
CA GLU I 93 -15.38 -52.72 7.87
C GLU I 93 -14.67 -54.05 8.03
N ILE I 94 -15.38 -55.14 8.32
CA ILE I 94 -14.74 -56.44 8.46
C ILE I 94 -14.75 -57.21 7.16
N ARG I 95 -15.19 -56.59 6.07
CA ARG I 95 -15.17 -57.24 4.76
C ARG I 95 -13.77 -57.56 4.29
N LEU I 96 -12.74 -57.03 4.95
CA LEU I 96 -11.37 -57.29 4.57
C LEU I 96 -10.90 -58.69 4.95
N LEU I 97 -11.60 -59.34 5.87
CA LEU I 97 -11.18 -60.60 6.45
C LEU I 97 -11.83 -61.76 5.71
N SER I 98 -11.10 -62.87 5.63
CA SER I 98 -11.65 -64.08 5.03
C SER I 98 -12.70 -64.69 5.96
N THR I 99 -13.48 -65.63 5.41
CA THR I 99 -14.64 -66.14 6.12
C THR I 99 -14.27 -66.81 7.44
N THR I 100 -13.06 -67.30 7.59
CA THR I 100 -12.68 -68.01 8.81
C THR I 100 -12.62 -67.04 9.99
N GLN I 101 -11.80 -66.01 9.88
CA GLN I 101 -11.58 -65.03 10.95
C GLN I 101 -12.68 -63.99 11.05
N ARG I 102 -13.66 -64.02 10.13
CA ARG I 102 -14.77 -63.07 10.17
C ARG I 102 -15.64 -63.29 11.40
N VAL I 103 -16.06 -64.53 11.63
CA VAL I 103 -16.93 -64.83 12.76
C VAL I 103 -16.21 -64.60 14.08
N ALA I 104 -14.88 -64.74 14.09
CA ALA I 104 -14.11 -64.43 15.29
C ALA I 104 -14.05 -62.93 15.53
N ALA I 105 -13.91 -62.13 14.47
CA ALA I 105 -13.85 -60.68 14.65
C ALA I 105 -15.18 -60.09 15.06
N ALA I 106 -16.29 -60.68 14.59
CA ALA I 106 -17.61 -60.14 14.90
C ALA I 106 -17.88 -60.17 16.41
N THR I 107 -17.49 -61.27 17.07
CA THR I 107 -17.71 -61.37 18.52
C THR I 107 -17.02 -60.23 19.24
N PHE I 108 -15.72 -60.04 18.96
CA PHE I 108 -14.98 -58.94 19.58
C PHE I 108 -15.70 -57.60 19.35
N ILE I 109 -16.03 -57.31 18.09
CA ILE I 109 -16.50 -55.96 17.79
C ILE I 109 -17.87 -55.70 18.40
N ILE I 110 -18.70 -56.72 18.56
CA ILE I 110 -20.02 -56.46 19.15
C ILE I 110 -20.01 -56.61 20.68
N ASP I 111 -19.02 -57.28 21.26
CA ASP I 111 -18.94 -57.35 22.71
C ASP I 111 -18.32 -56.09 23.29
N ARG I 112 -17.24 -55.60 22.70
CA ARG I 112 -16.63 -54.39 23.24
C ARG I 112 -17.40 -53.13 22.84
N ASN I 113 -18.43 -53.25 22.01
CA ASN I 113 -19.25 -52.10 21.57
C ASN I 113 -18.38 -51.04 20.90
N ILE I 114 -17.84 -51.41 19.73
CA ILE I 114 -16.89 -50.57 19.02
C ILE I 114 -17.60 -49.97 17.81
N ASP I 115 -17.10 -48.82 17.36
CA ASP I 115 -17.61 -48.12 16.19
C ASP I 115 -16.71 -48.34 14.99
N SER I 116 -16.98 -47.60 13.91
CA SER I 116 -16.31 -47.85 12.63
C SER I 116 -14.80 -47.67 12.72
N LYS I 117 -14.34 -46.70 13.50
CA LYS I 117 -12.89 -46.46 13.58
C LYS I 117 -12.17 -47.64 14.22
N GLY I 118 -12.67 -48.10 15.36
CA GLY I 118 -12.04 -49.23 16.02
C GLY I 118 -12.10 -50.49 15.17
N ALA I 119 -13.21 -50.69 14.45
CA ALA I 119 -13.32 -51.85 13.58
C ALA I 119 -12.32 -51.79 12.43
N GLN I 120 -12.15 -50.61 11.83
CA GLN I 120 -11.16 -50.47 10.77
C GLN I 120 -9.76 -50.76 11.28
N ASP I 121 -9.40 -50.18 12.43
CA ASP I 121 -8.06 -50.41 12.94
C ASP I 121 -7.86 -51.86 13.37
N LEU I 122 -8.89 -52.51 13.92
CA LEU I 122 -8.74 -53.89 14.43
C LEU I 122 -8.53 -54.90 13.31
N ALA I 123 -9.37 -54.83 12.27
CA ALA I 123 -9.22 -55.75 11.14
C ALA I 123 -7.82 -55.55 10.63
N ARG I 124 -7.29 -54.35 10.79
CA ARG I 124 -5.95 -54.04 10.30
C ARG I 124 -4.86 -54.67 11.12
N ALA I 125 -5.05 -54.76 12.44
CA ALA I 125 -4.08 -55.43 13.28
C ALA I 125 -4.02 -56.88 12.84
N ILE I 126 -5.15 -57.44 12.44
CA ILE I 126 -5.19 -58.82 11.95
C ILE I 126 -4.54 -58.95 10.56
N LYS I 127 -4.77 -58.00 9.67
CA LYS I 127 -4.24 -58.08 8.31
C LYS I 127 -2.75 -57.81 8.25
N ASP I 128 -2.25 -56.97 9.15
CA ASP I 128 -0.83 -56.67 9.23
C ASP I 128 -0.05 -57.72 10.01
N TYR I 129 -0.73 -58.47 10.88
CA TYR I 129 -0.06 -59.47 11.71
C TYR I 129 0.77 -60.50 10.94
N PRO I 130 0.28 -61.09 9.85
CA PRO I 130 1.03 -62.20 9.24
C PRO I 130 2.41 -61.84 8.71
N ASN I 131 2.61 -60.64 8.18
CA ASN I 131 3.88 -60.29 7.55
C ASN I 131 4.87 -59.68 8.52
N ARG I 132 4.78 -60.04 9.81
CA ARG I 132 5.79 -59.66 10.79
C ARG I 132 6.46 -60.92 11.32
N ARG I 133 6.78 -61.84 10.40
CA ARG I 133 7.22 -63.19 10.77
C ARG I 133 8.35 -63.18 11.80
N GLY I 134 9.27 -62.24 11.68
CA GLY I 134 10.37 -62.14 12.61
C GLY I 134 10.36 -60.85 13.39
N ASP I 135 10.22 -60.93 14.70
CA ASP I 135 10.09 -59.73 15.52
C ASP I 135 10.46 -60.08 16.96
N VAL I 136 10.17 -59.17 17.88
CA VAL I 136 10.40 -59.40 19.31
C VAL I 136 9.11 -59.92 19.92
N GLY I 137 9.13 -61.18 20.37
CA GLY I 137 7.96 -61.76 21.00
C GLY I 137 6.77 -61.91 20.10
N TRP I 138 6.97 -62.42 18.88
CA TRP I 138 5.87 -62.53 17.92
C TRP I 138 5.03 -63.77 18.18
N LEU I 139 5.65 -64.91 18.42
CA LEU I 139 4.92 -66.16 18.59
C LEU I 139 4.27 -66.29 19.96
N ASP I 140 4.39 -65.29 20.83
CA ASP I 140 3.67 -65.30 22.10
C ASP I 140 2.26 -64.75 21.98
N PHE I 141 1.92 -64.13 20.85
CA PHE I 141 0.55 -63.70 20.57
C PHE I 141 -0.01 -64.63 19.51
N ASP I 142 -1.12 -65.30 19.83
CA ASP I 142 -1.69 -66.24 18.88
C ASP I 142 -2.39 -65.50 17.74
N TYR I 143 -2.75 -66.25 16.70
CA TYR I 143 -3.32 -65.68 15.50
C TYR I 143 -4.83 -65.80 15.41
N ASN I 144 -5.42 -66.81 16.03
CA ASN I 144 -6.84 -67.11 15.88
C ASN I 144 -7.70 -66.33 16.86
N LEU I 145 -7.17 -65.30 17.51
CA LEU I 145 -7.92 -64.45 18.42
C LEU I 145 -7.68 -63.00 18.05
N PRO I 146 -8.73 -62.20 17.86
CA PRO I 146 -8.52 -60.81 17.43
C PRO I 146 -7.87 -59.94 18.48
N GLY I 147 -8.25 -60.15 19.75
CA GLY I 147 -7.68 -59.34 20.81
C GLY I 147 -6.16 -59.45 20.88
N ASP I 148 -5.63 -60.64 20.59
CA ASP I 148 -4.18 -60.80 20.64
C ASP I 148 -3.49 -60.16 19.46
N CYS I 149 -4.12 -60.13 18.28
CA CYS I 149 -3.55 -59.38 17.16
C CYS I 149 -3.48 -57.90 17.48
N LEU I 150 -4.57 -57.34 18.02
CA LEU I 150 -4.57 -55.93 18.39
C LEU I 150 -3.55 -55.65 19.48
N SER I 151 -3.44 -56.56 20.45
CA SER I 151 -2.46 -56.40 21.52
C SER I 151 -1.04 -56.44 20.98
N PHE I 152 -0.78 -57.29 20.00
CA PHE I 152 0.55 -57.31 19.40
C PHE I 152 0.84 -56.01 18.69
N LEU I 153 -0.15 -55.45 17.99
CA LEU I 153 0.05 -54.15 17.36
C LEU I 153 0.46 -53.11 18.39
N TYR I 154 -0.32 -53.00 19.46
CA TYR I 154 -0.01 -52.00 20.48
C TYR I 154 1.35 -52.24 21.11
N TYR I 155 1.68 -53.49 21.37
CA TYR I 155 2.95 -53.81 22.04
C TYR I 155 4.14 -53.45 21.15
N ARG I 156 4.06 -53.78 19.87
CA ARG I 156 5.14 -53.45 18.95
C ARG I 156 5.25 -51.94 18.74
N GLN I 157 4.12 -51.22 18.75
CA GLN I 157 4.19 -49.78 18.60
C GLN I 157 4.80 -49.14 19.84
N SER I 158 4.70 -49.77 21.00
CA SER I 158 5.40 -49.22 22.18
C SER I 158 6.70 -49.94 22.51
N ARG I 159 7.06 -50.96 21.73
CA ARG I 159 8.24 -51.77 22.08
C ARG I 159 9.64 -51.15 22.10
N GLU I 160 10.04 -50.44 21.05
CA GLU I 160 11.34 -49.76 21.10
C GLU I 160 11.13 -48.27 21.26
N ASN I 161 10.03 -47.88 21.90
CA ASN I 161 9.79 -46.47 22.20
C ASN I 161 10.64 -45.81 23.28
N LYS I 162 10.31 -44.58 23.60
CA LYS I 162 11.09 -43.84 24.58
C LYS I 162 11.01 -44.53 25.92
N ASN I 163 12.04 -44.36 26.75
CA ASN I 163 12.07 -45.04 28.04
C ASN I 163 10.78 -44.62 28.69
N PRO I 164 10.01 -45.58 29.33
CA PRO I 164 8.68 -45.20 29.82
C PRO I 164 8.06 -43.89 29.35
N SER I 165 8.15 -42.84 30.16
CA SER I 165 7.62 -41.50 29.81
C SER I 165 6.12 -41.49 29.79
N ASP I 166 5.48 -42.54 30.31
CA ASP I 166 4.02 -42.66 30.33
C ASP I 166 3.48 -42.53 28.92
N GLN I 167 4.24 -42.98 27.93
CA GLN I 167 3.78 -42.95 26.56
C GLN I 167 3.91 -44.38 26.13
N ARG I 168 5.06 -44.97 26.44
CA ARG I 168 5.28 -46.37 26.11
C ARG I 168 4.40 -47.11 27.08
N THR I 169 4.42 -46.72 28.35
CA THR I 169 3.57 -47.35 29.35
C THR I 169 2.09 -47.20 29.02
N SER I 170 1.70 -46.04 28.52
CA SER I 170 0.31 -45.83 28.14
C SER I 170 -0.12 -46.78 27.03
N MET I 171 0.75 -47.00 26.04
CA MET I 171 0.42 -47.94 24.98
C MET I 171 0.46 -49.35 25.52
N LEU I 172 1.37 -49.62 26.46
CA LEU I 172 1.37 -50.93 27.12
C LEU I 172 0.07 -51.17 27.87
N LEU I 173 -0.44 -50.15 28.56
CA LEU I 173 -1.70 -50.33 29.29
C LEU I 173 -2.87 -50.47 28.33
N GLN I 174 -2.80 -49.82 27.16
CA GLN I 174 -3.81 -50.07 26.14
C GLN I 174 -3.75 -51.51 25.64
N ALA I 175 -2.55 -52.04 25.44
CA ALA I 175 -2.40 -53.41 24.96
C ALA I 175 -2.89 -54.40 25.99
N LEU I 176 -2.66 -54.13 27.26
CA LEU I 176 -3.10 -55.05 28.31
C LEU I 176 -4.61 -55.05 28.47
N GLY I 177 -5.28 -53.96 28.12
CA GLY I 177 -6.71 -53.88 28.24
C GLY I 177 -7.51 -54.54 27.15
N VAL I 178 -6.84 -55.11 26.14
CA VAL I 178 -7.55 -55.78 25.05
C VAL I 178 -7.11 -57.23 24.84
N ALA I 179 -5.92 -57.63 25.28
CA ALA I 179 -5.48 -59.00 25.09
C ALA I 179 -6.38 -59.95 25.85
N GLU I 180 -6.42 -61.21 25.38
CA GLU I 180 -7.33 -62.17 25.96
C GLU I 180 -6.76 -63.59 26.04
N SER I 181 -5.47 -63.77 25.76
CA SER I 181 -4.79 -65.01 26.05
C SER I 181 -4.10 -64.90 27.41
N GLU I 182 -3.24 -65.87 27.74
CA GLU I 182 -2.50 -65.84 29.00
C GLU I 182 -1.01 -65.63 28.81
N LYS I 183 -0.40 -66.19 27.77
CA LYS I 183 0.98 -65.85 27.46
C LYS I 183 1.12 -64.37 27.13
N ALA I 184 0.16 -63.83 26.38
CA ALA I 184 0.16 -62.39 26.14
C ALA I 184 0.13 -61.62 27.46
N LYS I 185 -0.69 -62.06 28.40
CA LYS I 185 -0.82 -61.34 29.66
C LYS I 185 0.46 -61.41 30.48
N ASN I 186 1.05 -62.60 30.63
CA ASN I 186 2.25 -62.66 31.47
C ASN I 186 3.45 -62.03 30.77
N ARG I 187 3.48 -62.00 29.43
CA ARG I 187 4.55 -61.28 28.74
C ARG I 187 4.40 -59.77 28.91
N LEU I 188 3.19 -59.23 28.73
CA LEU I 188 2.99 -57.80 28.94
C LEU I 188 3.18 -57.40 30.39
N ASN I 189 2.95 -58.33 31.33
CA ASN I 189 3.25 -58.05 32.73
C ASN I 189 4.76 -58.06 32.98
N THR I 190 5.47 -59.00 32.37
CA THR I 190 6.93 -58.97 32.42
C THR I 190 7.46 -57.64 31.89
N GLU I 191 6.83 -57.12 30.85
CA GLU I 191 7.30 -55.88 30.25
C GLU I 191 6.96 -54.67 31.12
N LEU I 192 5.68 -54.47 31.40
CA LEU I 192 5.25 -53.24 32.06
C LEU I 192 5.65 -53.18 33.52
N TYR I 193 5.68 -54.32 34.21
CA TYR I 193 5.88 -54.36 35.66
C TYR I 193 6.95 -55.37 36.03
N GLY I 194 8.19 -54.91 36.18
CA GLY I 194 9.24 -55.70 36.79
C GLY I 194 9.87 -56.72 35.87
N ASP I 195 11.20 -56.74 35.83
CA ASP I 195 11.92 -57.68 34.99
C ASP I 195 11.91 -59.08 35.59
N ILE J 197 -51.67 54.12 -16.23
CA ILE J 197 -52.79 54.86 -15.65
C ILE J 197 -53.96 53.91 -15.38
N PRO J 198 -53.94 53.13 -14.24
CA PRO J 198 -55.07 52.18 -14.14
C PRO J 198 -56.38 52.64 -13.51
N VAL J 199 -57.48 52.00 -13.89
CA VAL J 199 -58.78 52.34 -13.30
C VAL J 199 -59.02 51.36 -12.18
N VAL J 200 -59.23 51.86 -10.96
CA VAL J 200 -59.37 50.97 -9.82
C VAL J 200 -60.59 51.22 -8.95
N ARG J 201 -61.30 50.17 -8.57
CA ARG J 201 -62.43 50.30 -7.68
C ARG J 201 -61.86 50.57 -6.32
N LEU J 202 -62.60 51.26 -5.47
CA LEU J 202 -62.09 51.41 -4.12
C LEU J 202 -62.49 50.06 -3.59
N LYS J 203 -61.52 49.20 -3.36
CA LYS J 203 -61.82 47.85 -2.94
C LYS J 203 -60.81 47.48 -1.90
N PHE J 204 -61.25 46.77 -0.87
CA PHE J 204 -60.35 46.48 0.23
C PHE J 204 -59.50 45.22 0.12
N GLY J 205 -58.21 45.36 0.36
CA GLY J 205 -57.32 44.21 0.36
C GLY J 205 -57.25 43.35 -0.89
N GLU J 206 -57.27 43.95 -2.07
CA GLU J 206 -57.12 43.16 -3.29
C GLU J 206 -55.69 42.64 -3.35
N VAL J 207 -54.70 43.54 -3.27
CA VAL J 207 -53.33 43.07 -3.22
C VAL J 207 -52.96 43.12 -1.75
N ALA J 208 -52.22 42.12 -1.26
CA ALA J 208 -51.92 42.05 0.16
C ALA J 208 -50.62 42.71 0.57
N GLU J 209 -49.97 43.41 -0.34
CA GLU J 209 -48.66 43.97 -0.03
C GLU J 209 -48.68 45.31 0.70
N ALA J 210 -49.03 45.32 1.99
CA ALA J 210 -49.04 46.53 2.86
C ALA J 210 -50.19 47.50 3.13
N THR J 211 -49.97 48.50 3.99
CA THR J 211 -51.05 49.34 4.42
C THR J 211 -50.50 50.65 5.07
N SER J 212 -50.49 51.79 4.36
CA SER J 212 -50.03 53.08 4.97
C SER J 212 -50.48 54.46 4.45
N VAL J 213 -50.08 55.52 5.16
CA VAL J 213 -50.47 56.91 4.82
C VAL J 213 -50.12 57.56 3.48
N VAL J 214 -51.12 58.15 2.79
CA VAL J 214 -50.88 58.91 1.54
C VAL J 214 -52.01 59.94 1.51
N VAL J 215 -51.76 61.18 1.07
CA VAL J 215 -52.84 62.19 0.97
C VAL J 215 -52.79 63.11 -0.25
N LEU J 216 -53.97 63.48 -0.78
CA LEU J 216 -54.02 64.43 -1.89
C LEU J 216 -55.02 65.54 -1.62
N PRO J 217 -54.65 66.80 -1.88
CA PRO J 217 -55.63 67.87 -1.74
C PRO J 217 -56.65 67.72 -2.86
N VAL J 218 -57.93 67.97 -2.59
CA VAL J 218 -58.92 67.70 -3.63
C VAL J 218 -59.34 69.02 -4.28
N CYS J 219 -59.54 69.01 -5.60
CA CYS J 219 -60.17 70.13 -6.29
C CYS J 219 -61.42 69.71 -7.03
N LYS J 220 -62.33 70.65 -7.27
CA LYS J 220 -63.48 70.31 -8.08
C LYS J 220 -63.12 70.71 -9.51
N ALA J 221 -63.74 70.08 -10.50
CA ALA J 221 -63.50 70.49 -11.88
C ALA J 221 -63.98 71.91 -12.04
N GLU J 222 -65.16 72.21 -11.53
CA GLU J 222 -65.75 73.54 -11.71
C GLU J 222 -64.80 74.64 -11.25
N GLU J 223 -63.96 74.33 -10.28
CA GLU J 223 -63.01 75.32 -9.77
C GLU J 223 -61.98 75.79 -10.77
N GLY J 224 -61.47 74.89 -11.60
CA GLY J 224 -60.53 75.28 -12.61
C GLY J 224 -59.07 75.28 -12.21
N GLU J 225 -58.22 75.80 -13.10
CA GLU J 225 -56.78 75.78 -12.86
C GLU J 225 -56.36 76.48 -11.59
N LYS J 226 -57.13 77.49 -11.17
CA LYS J 226 -56.70 78.27 -10.01
C LYS J 226 -56.61 77.40 -8.77
N LYS J 227 -57.57 76.53 -8.57
CA LYS J 227 -57.53 75.63 -7.43
C LYS J 227 -56.35 74.68 -7.50
N ILE J 228 -56.09 74.15 -8.69
CA ILE J 228 -54.95 73.25 -8.87
C ILE J 228 -53.65 73.99 -8.61
N LEU J 229 -53.54 75.22 -9.09
CA LEU J 229 -52.30 75.96 -8.94
C LEU J 229 -52.07 76.35 -7.49
N GLU J 230 -53.10 76.18 -6.64
CA GLU J 230 -53.00 76.60 -5.24
C GLU J 230 -52.96 75.48 -4.21
N ALA J 231 -53.28 74.25 -4.61
CA ALA J 231 -53.32 73.14 -3.66
C ALA J 231 -51.92 72.84 -3.11
N PRO J 232 -51.83 72.40 -1.84
CA PRO J 232 -50.48 72.22 -1.31
C PRO J 232 -49.70 71.04 -1.92
N MET J 233 -48.53 71.33 -2.48
CA MET J 233 -47.68 70.28 -3.06
C MET J 233 -47.02 69.30 -2.10
N GLU J 234 -46.50 69.78 -0.98
CA GLU J 234 -45.74 68.90 -0.08
C GLU J 234 -46.53 68.39 1.12
N ILE J 235 -46.90 67.11 1.09
CA ILE J 235 -47.67 66.55 2.18
C ILE J 235 -46.85 65.47 2.85
N ILE J 236 -46.36 65.80 4.04
CA ILE J 236 -45.27 65.06 4.66
C ILE J 236 -45.70 64.35 5.95
N ALA J 237 -45.73 63.02 5.90
CA ALA J 237 -46.08 62.19 7.03
C ALA J 237 -44.85 61.97 7.89
N GLY J 238 -44.95 62.28 9.17
CA GLY J 238 -43.77 62.21 10.01
C GLY J 238 -43.95 62.26 11.50
N GLY J 239 -42.94 62.76 12.21
CA GLY J 239 -42.99 62.73 13.65
C GLY J 239 -43.09 61.25 13.95
N ASP J 240 -44.05 60.87 14.79
CA ASP J 240 -44.27 59.46 15.08
C ASP J 240 -45.77 59.39 15.17
N PHE J 241 -46.39 60.53 15.40
CA PHE J 241 -47.85 60.59 15.42
C PHE J 241 -48.32 60.22 14.03
N LYS J 242 -47.58 60.65 13.00
CA LYS J 242 -47.91 60.36 11.59
C LYS J 242 -49.07 61.19 11.08
N VAL J 243 -49.44 62.23 11.83
CA VAL J 243 -50.47 63.13 11.35
C VAL J 243 -49.79 63.84 10.20
N VAL J 244 -50.48 63.93 9.06
CA VAL J 244 -49.84 64.50 7.90
C VAL J 244 -49.66 66.02 7.99
N GLU J 245 -48.56 66.52 7.44
CA GLU J 245 -48.30 67.94 7.49
C GLU J 245 -48.31 68.53 6.09
N ALA J 246 -49.09 69.58 5.89
CA ALA J 246 -49.16 70.22 4.58
C ALA J 246 -48.55 71.61 4.69
N GLU J 247 -47.81 72.02 3.67
CA GLU J 247 -47.22 73.36 3.68
C GLU J 247 -48.31 74.42 3.81
N LYS J 248 -49.51 74.13 3.29
CA LYS J 248 -50.62 75.06 3.45
C LYS J 248 -51.93 74.31 3.68
N GLY J 249 -52.88 74.95 4.38
CA GLY J 249 -54.15 74.30 4.64
C GLY J 249 -55.04 74.17 3.42
N TRP J 250 -55.72 73.04 3.30
CA TRP J 250 -56.66 72.87 2.19
C TRP J 250 -58.04 72.47 2.68
N LYS J 251 -59.08 73.00 2.06
CA LYS J 251 -60.45 72.69 2.45
C LYS J 251 -60.82 71.22 2.36
N ARG J 252 -60.61 70.60 1.20
CA ARG J 252 -61.03 69.21 1.03
C ARG J 252 -59.89 68.23 0.94
N TRP J 253 -59.97 67.16 1.73
CA TRP J 253 -58.88 66.19 1.78
C TRP J 253 -59.32 64.79 1.44
N VAL J 254 -58.69 64.19 0.44
CA VAL J 254 -58.98 62.80 0.16
C VAL J 254 -57.66 62.10 0.04
N VAL J 255 -57.69 60.81 0.26
CA VAL J 255 -56.48 60.06 0.23
C VAL J 255 -56.68 59.09 -0.87
N LEU J 256 -55.60 58.67 -1.50
CA LEU J 256 -55.78 57.62 -2.46
C LEU J 256 -54.90 56.56 -1.89
N PRO J 257 -55.47 55.37 -1.63
CA PRO J 257 -54.70 54.24 -1.10
C PRO J 257 -53.38 54.10 -1.82
N SER J 258 -52.30 53.72 -1.14
CA SER J 258 -50.99 53.72 -1.75
C SER J 258 -50.78 52.70 -2.81
N TRP J 259 -51.52 52.80 -3.91
CA TRP J 259 -51.29 51.92 -5.04
C TRP J 259 -49.99 52.42 -5.65
N ASN J 260 -49.42 51.68 -6.58
CA ASN J 260 -48.12 52.10 -7.11
C ASN J 260 -48.06 53.49 -7.78
N PRO J 261 -49.05 53.86 -8.62
CA PRO J 261 -48.95 55.22 -9.16
C PRO J 261 -49.05 56.29 -8.09
N VAL J 262 -49.95 56.13 -7.12
CA VAL J 262 -50.11 57.12 -6.06
C VAL J 262 -48.84 57.28 -5.25
N ALA J 263 -48.20 56.16 -4.92
CA ALA J 263 -46.97 56.21 -4.15
C ALA J 263 -45.89 56.93 -4.93
N ALA J 264 -45.85 56.71 -6.25
CA ALA J 264 -44.84 57.34 -7.11
C ALA J 264 -44.89 58.86 -7.15
N ILE J 265 -46.08 59.45 -7.08
CA ILE J 265 -46.22 60.90 -7.20
C ILE J 265 -45.38 61.72 -6.24
N GLY J 266 -45.55 61.50 -4.94
CA GLY J 266 -44.85 62.32 -3.97
C GLY J 266 -45.33 63.76 -4.12
N LYS J 267 -44.41 64.68 -4.37
CA LYS J 267 -44.77 66.09 -4.50
C LYS J 267 -45.68 66.36 -5.71
N GLY J 268 -46.57 67.34 -5.59
CA GLY J 268 -47.45 67.69 -6.69
C GLY J 268 -48.72 66.89 -6.73
N GLY J 269 -48.95 66.08 -5.70
CA GLY J 269 -50.14 65.26 -5.68
C GLY J 269 -51.41 66.06 -5.64
N VAL J 270 -52.40 65.70 -6.46
CA VAL J 270 -53.68 66.38 -6.45
C VAL J 270 -54.80 65.40 -6.81
N ALA J 271 -56.01 65.66 -6.36
CA ALA J 271 -57.15 64.82 -6.70
C ALA J 271 -58.25 65.68 -7.28
N VAL J 272 -58.75 65.37 -8.48
CA VAL J 272 -59.73 66.27 -9.11
C VAL J 272 -61.11 65.69 -9.29
N SER J 273 -62.06 66.11 -8.46
CA SER J 273 -63.43 65.64 -8.60
C SER J 273 -64.01 66.08 -9.93
N PHE J 274 -64.73 65.19 -10.59
CA PHE J 274 -65.37 65.52 -11.86
C PHE J 274 -66.81 65.07 -11.71
N ARG J 275 -67.71 65.72 -12.42
CA ARG J 275 -69.11 65.35 -12.33
C ARG J 275 -69.81 65.37 -13.68
N ASP J 276 -70.50 64.30 -14.02
CA ASP J 276 -71.24 64.26 -15.27
C ASP J 276 -72.55 65.00 -15.08
N ARG J 278 -74.29 64.69 -17.31
CA ARG J 278 -74.09 64.59 -18.75
C ARG J 278 -74.89 63.44 -19.33
N LYS J 279 -76.13 63.29 -18.89
CA LYS J 279 -76.97 62.26 -19.44
C LYS J 279 -78.04 62.89 -20.30
N VAL J 280 -78.12 62.47 -21.55
CA VAL J 280 -79.16 62.99 -22.44
C VAL J 280 -80.52 62.59 -21.90
N LEU J 281 -80.62 61.34 -21.43
CA LEU J 281 -81.87 60.87 -20.89
C LEU J 281 -81.69 60.58 -19.41
N PRO J 282 -82.59 61.13 -18.59
CA PRO J 282 -82.50 60.93 -17.13
C PRO J 282 -82.66 59.46 -16.77
N TRP J 283 -83.57 58.78 -17.45
CA TRP J 283 -83.79 57.36 -17.20
C TRP J 283 -82.55 56.54 -17.52
N ASP J 284 -81.81 56.93 -18.54
CA ASP J 284 -80.54 56.26 -18.84
C ASP J 284 -79.64 56.52 -17.65
N GLY J 285 -78.97 55.48 -17.15
CA GLY J 285 -78.20 55.65 -15.94
C GLY J 285 -77.09 56.68 -16.04
N LYS J 286 -77.02 57.55 -15.03
CA LYS J 286 -76.00 58.59 -15.02
C LYS J 286 -74.63 58.02 -14.78
N GLU J 287 -73.62 58.60 -15.41
CA GLU J 287 -72.26 58.15 -15.16
C GLU J 287 -71.82 58.58 -13.77
N GLU J 288 -70.98 57.76 -13.15
CA GLU J 288 -70.56 58.01 -11.77
C GLU J 288 -69.73 59.27 -11.59
N PRO J 289 -69.66 59.78 -10.34
CA PRO J 289 -68.83 60.96 -10.06
C PRO J 289 -67.39 60.58 -10.25
N LEU J 290 -66.46 61.46 -10.52
CA LEU J 290 -65.09 61.03 -10.83
C LEU J 290 -64.04 61.73 -9.99
N LEU J 291 -62.83 61.22 -9.97
CA LEU J 291 -61.72 61.84 -9.25
C LEU J 291 -60.43 61.59 -10.04
N VAL J 292 -59.57 62.59 -10.19
CA VAL J 292 -58.38 62.37 -10.99
C VAL J 292 -57.12 62.57 -10.15
N VAL J 293 -56.31 61.52 -10.04
CA VAL J 293 -55.07 61.68 -9.30
C VAL J 293 -54.04 62.19 -10.27
N ALA J 294 -53.56 63.41 -10.05
CA ALA J 294 -52.64 63.98 -11.02
C ALA J 294 -51.33 64.46 -10.42
N ASP J 295 -50.25 64.26 -11.15
CA ASP J 295 -48.96 64.75 -10.67
C ASP J 295 -48.73 66.12 -11.26
N ARG J 296 -48.89 67.16 -10.45
CA ARG J 296 -48.64 68.52 -10.91
C ARG J 296 -47.16 68.74 -11.14
N VAL J 297 -46.33 67.94 -10.47
CA VAL J 297 -44.89 68.03 -10.69
C VAL J 297 -44.60 67.67 -12.15
N ARG J 298 -45.29 66.66 -12.68
CA ARG J 298 -45.12 66.33 -14.09
C ARG J 298 -46.05 67.15 -14.96
N ASN J 299 -45.96 68.47 -14.86
CA ASN J 299 -46.78 69.37 -15.68
C ASN J 299 -46.45 69.29 -17.17
N VAL J 300 -45.17 69.18 -17.50
CA VAL J 300 -44.76 69.18 -18.89
C VAL J 300 -45.28 67.99 -19.68
N VAL J 301 -45.73 68.24 -20.90
CA VAL J 301 -46.29 67.18 -21.76
C VAL J 301 -45.20 66.47 -22.54
N GLU J 302 -44.85 65.26 -22.13
CA GLU J 302 -43.80 64.51 -22.80
C GLU J 302 -44.28 63.19 -23.38
N ALA J 303 -45.33 62.62 -22.81
CA ALA J 303 -45.79 61.31 -23.28
C ALA J 303 -47.08 61.40 -24.06
N ASP J 304 -47.05 60.93 -25.31
CA ASP J 304 -48.24 60.96 -26.14
C ASP J 304 -49.35 60.10 -25.57
N ASP J 305 -48.99 58.91 -25.10
CA ASP J 305 -49.98 58.01 -24.50
C ASP J 305 -50.56 58.60 -23.23
N GLY J 306 -49.71 59.20 -22.40
CA GLY J 306 -50.16 59.73 -21.13
C GLY J 306 -51.18 60.84 -21.22
N TYR J 307 -52.25 60.72 -20.44
CA TYR J 307 -53.24 61.78 -20.41
C TYR J 307 -52.76 62.91 -19.52
N TYR J 308 -53.18 64.14 -19.83
CA TYR J 308 -52.75 65.29 -19.07
C TYR J 308 -53.93 66.16 -18.72
N LEU J 309 -53.83 66.93 -17.65
CA LEU J 309 -54.96 67.74 -17.21
C LEU J 309 -54.86 69.15 -17.76
N VAL J 310 -55.84 69.56 -18.54
CA VAL J 310 -55.86 70.92 -19.06
C VAL J 310 -57.19 71.52 -18.66
N VAL J 311 -57.54 72.65 -19.26
CA VAL J 311 -58.78 73.31 -18.87
C VAL J 311 -59.81 73.29 -19.99
N ALA J 312 -61.00 72.79 -19.69
CA ALA J 312 -62.08 72.81 -20.68
C ALA J 312 -62.72 74.19 -20.65
N GLU J 313 -63.59 74.48 -21.62
CA GLU J 313 -64.29 75.76 -21.64
C GLU J 313 -64.94 75.95 -20.29
N ASN J 314 -65.63 74.92 -19.82
CA ASN J 314 -66.21 74.98 -18.49
C ASN J 314 -65.62 73.81 -17.72
N GLY J 315 -65.09 74.08 -16.54
CA GLY J 315 -64.45 73.01 -15.78
C GLY J 315 -63.09 72.64 -16.32
N LEU J 316 -62.63 71.42 -16.01
CA LEU J 316 -61.33 70.97 -16.48
C LEU J 316 -61.53 69.81 -17.45
N LYS J 317 -60.46 69.41 -18.15
CA LYS J 317 -60.54 68.29 -19.07
C LYS J 317 -59.28 67.45 -19.11
N LEU J 318 -59.41 66.22 -19.58
CA LEU J 318 -58.23 65.36 -19.71
C LEU J 318 -57.97 65.17 -21.19
N GLU J 319 -56.74 65.44 -21.63
CA GLU J 319 -56.41 65.32 -23.04
C GLU J 319 -55.17 64.50 -23.28
N LYS J 320 -55.17 63.71 -24.35
CA LYS J 320 -54.00 62.89 -24.68
C LYS J 320 -52.79 63.77 -24.90
N GLY J 321 -51.61 63.25 -24.58
CA GLY J 321 -50.40 64.03 -24.76
C GLY J 321 -50.18 64.37 -26.21
N SER J 322 -50.46 63.43 -27.10
CA SER J 322 -50.32 63.69 -28.54
C SER J 322 -51.25 64.80 -28.99
N ASP J 323 -52.48 64.77 -28.49
CA ASP J 323 -53.45 65.81 -28.86
C ASP J 323 -52.97 67.16 -28.39
N LEU J 324 -52.44 67.22 -27.17
CA LEU J 324 -51.92 68.47 -26.64
C LEU J 324 -50.74 68.97 -27.45
N LYS J 325 -49.87 68.06 -27.88
CA LYS J 325 -48.73 68.46 -28.72
C LYS J 325 -49.22 68.89 -30.09
N ALA J 326 -50.28 68.28 -30.60
CA ALA J 326 -50.86 68.70 -31.88
C ALA J 326 -51.40 70.10 -31.73
N ARG J 327 -51.97 70.41 -30.56
CA ARG J 327 -52.52 71.74 -30.31
C ARG J 327 -51.40 72.68 -29.89
N GLU J 328 -50.16 72.19 -29.86
CA GLU J 328 -48.98 73.00 -29.51
C GLU J 328 -48.88 73.42 -28.06
N VAL J 329 -49.54 72.69 -27.17
CA VAL J 329 -49.39 72.97 -25.75
C VAL J 329 -48.39 71.97 -25.22
N LYS J 330 -47.22 72.45 -24.82
CA LYS J 330 -46.20 71.57 -24.26
C LYS J 330 -46.34 71.55 -22.76
N GLU J 331 -47.40 72.16 -22.25
CA GLU J 331 -47.62 72.22 -20.81
C GLU J 331 -49.03 71.84 -20.42
N SER J 332 -49.17 71.25 -19.23
CA SER J 332 -50.50 70.89 -18.73
C SER J 332 -50.46 71.16 -17.25
N LEU J 333 -51.60 71.17 -16.58
CA LEU J 333 -51.61 71.34 -15.14
C LEU J 333 -51.04 70.13 -14.42
N GLY J 334 -51.58 68.96 -14.70
CA GLY J 334 -51.14 67.74 -14.03
C GLY J 334 -51.07 66.56 -14.97
N MET J 335 -50.35 65.52 -14.60
CA MET J 335 -50.32 64.32 -15.42
C MET J 335 -51.17 63.27 -14.73
N VAL J 336 -52.17 62.74 -15.42
CA VAL J 336 -53.06 61.79 -14.76
C VAL J 336 -52.32 60.48 -14.58
N VAL J 337 -52.27 59.98 -13.35
CA VAL J 337 -51.59 58.70 -13.09
C VAL J 337 -52.51 57.50 -12.85
N LEU J 338 -53.82 57.71 -12.74
CA LEU J 338 -54.76 56.62 -12.42
C LEU J 338 -56.21 57.03 -12.86
N VAL J 339 -57.22 56.15 -12.85
CA VAL J 339 -58.67 56.47 -13.17
C VAL J 339 -59.61 55.96 -12.05
N VAL J 340 -60.84 56.50 -11.90
CA VAL J 340 -61.67 56.25 -10.69
C VAL J 340 -62.63 55.18 -10.14
N ARG J 341 -63.80 54.91 -10.75
CA ARG J 341 -64.71 53.81 -10.32
C ARG J 341 -65.17 53.62 -8.82
N PRO J 342 -66.43 53.96 -8.44
CA PRO J 342 -67.00 53.81 -7.06
C PRO J 342 -67.03 52.45 -6.26
N PRO J 343 -66.67 52.39 -4.91
CA PRO J 343 -66.67 51.06 -4.28
C PRO J 343 -67.86 50.18 -4.63
N ARG J 344 -67.61 49.10 -5.37
CA ARG J 344 -68.70 48.23 -5.75
C ARG J 344 -68.60 46.96 -4.97
N GLU J 345 -69.67 46.62 -4.26
CA GLU J 345 -69.68 45.38 -3.49
C GLU J 345 -70.35 44.29 -4.28
N ASP J 346 -70.83 44.63 -5.47
CA ASP J 346 -71.50 43.65 -6.33
C ASP J 346 -70.93 43.70 -7.74
N ILE K 197 59.35 -30.87 -20.48
CA ILE K 197 60.42 -31.44 -19.65
C ILE K 197 60.31 -30.91 -18.21
N PRO K 198 59.45 -31.54 -17.40
CA PRO K 198 59.24 -31.04 -16.03
C PRO K 198 60.31 -31.38 -15.01
N VAL K 199 60.46 -30.55 -13.99
CA VAL K 199 61.40 -30.84 -12.91
C VAL K 199 60.55 -31.15 -11.70
N VAL K 200 60.62 -32.39 -11.22
CA VAL K 200 59.73 -32.79 -10.13
C VAL K 200 60.41 -33.34 -8.90
N ARG K 201 59.94 -32.92 -7.73
CA ARG K 201 60.48 -33.44 -6.49
C ARG K 201 59.97 -34.86 -6.38
N LEU K 202 60.71 -35.72 -5.71
CA LEU K 202 60.15 -37.05 -5.50
C LEU K 202 59.23 -36.73 -4.38
N LYS K 203 57.93 -36.67 -4.67
CA LYS K 203 56.96 -36.31 -3.65
C LYS K 203 55.79 -37.26 -3.77
N PHE K 204 55.25 -37.69 -2.64
CA PHE K 204 54.20 -38.70 -2.67
C PHE K 204 52.77 -38.21 -2.84
N GLY K 205 52.05 -38.80 -3.78
CA GLY K 205 50.65 -38.45 -3.98
C GLY K 205 50.28 -37.01 -4.26
N GLU K 206 51.08 -36.31 -5.06
CA GLU K 206 50.72 -34.96 -5.44
C GLU K 206 49.51 -35.00 -6.34
N VAL K 207 49.58 -35.76 -7.44
CA VAL K 207 48.40 -35.91 -8.28
C VAL K 207 47.81 -37.25 -7.87
N ALA K 208 46.50 -37.36 -7.79
CA ALA K 208 45.87 -38.59 -7.30
C ALA K 208 45.50 -39.58 -8.38
N GLU K 209 45.89 -39.31 -9.62
CA GLU K 209 45.47 -40.18 -10.72
C GLU K 209 46.30 -41.44 -10.92
N ALA K 210 45.95 -42.52 -10.21
CA ALA K 210 46.53 -43.87 -10.45
C ALA K 210 48.00 -44.22 -10.37
N THR K 211 48.33 -45.28 -9.63
CA THR K 211 49.74 -45.61 -9.42
C THR K 211 50.21 -47.03 -9.84
N SER K 212 51.32 -47.15 -10.61
CA SER K 212 51.87 -48.49 -11.02
C SER K 212 53.33 -48.64 -11.51
N VAL K 213 53.72 -49.82 -12.04
CA VAL K 213 55.09 -50.12 -12.48
C VAL K 213 55.74 -49.40 -13.67
N VAL K 214 56.95 -48.86 -13.50
CA VAL K 214 57.74 -48.25 -14.59
C VAL K 214 59.19 -48.45 -14.18
N VAL K 215 60.11 -48.75 -15.10
CA VAL K 215 61.54 -48.89 -14.75
C VAL K 215 62.54 -48.34 -15.75
N LEU K 216 63.65 -47.78 -15.28
CA LEU K 216 64.72 -47.31 -16.16
C LEU K 216 66.09 -47.84 -15.73
N PRO K 217 66.89 -48.32 -16.68
CA PRO K 217 68.26 -48.73 -16.31
C PRO K 217 69.03 -47.46 -16.00
N VAL K 218 69.91 -47.47 -15.00
CA VAL K 218 70.56 -46.23 -14.62
C VAL K 218 71.98 -46.24 -15.17
N CYS K 219 72.46 -45.08 -15.64
CA CYS K 219 73.87 -44.89 -15.97
C CYS K 219 74.49 -43.75 -15.18
N LYS K 220 75.80 -43.79 -15.00
CA LYS K 220 76.44 -42.65 -14.36
C LYS K 220 76.92 -41.75 -15.48
N ALA K 221 77.07 -40.46 -15.23
CA ALA K 221 77.61 -39.56 -16.24
C ALA K 221 79.02 -40.01 -16.56
N GLU K 222 79.81 -40.28 -15.52
CA GLU K 222 81.22 -40.63 -15.73
C GLU K 222 81.37 -41.79 -16.70
N GLU K 223 80.37 -42.67 -16.75
CA GLU K 223 80.43 -43.81 -17.64
C GLU K 223 80.45 -43.47 -19.12
N GLY K 224 79.69 -42.47 -19.53
CA GLY K 224 79.71 -42.04 -20.91
C GLY K 224 78.74 -42.73 -21.83
N GLU K 225 78.87 -42.47 -23.14
CA GLU K 225 77.95 -43.02 -24.12
C GLU K 225 77.90 -44.53 -24.13
N LYS K 226 79.00 -45.19 -23.76
CA LYS K 226 79.03 -46.64 -23.87
C LYS K 226 77.98 -47.27 -22.98
N LYS K 227 77.83 -46.77 -21.76
CA LYS K 227 76.81 -47.30 -20.87
C LYS K 227 75.41 -47.06 -21.41
N ILE K 228 75.17 -45.88 -21.95
CA ILE K 228 73.87 -45.57 -22.53
C ILE K 228 73.59 -46.48 -23.72
N LEU K 229 74.59 -46.71 -24.57
CA LEU K 229 74.39 -47.51 -25.75
C LEU K 229 74.15 -48.97 -25.40
N GLU K 230 74.40 -49.33 -24.13
CA GLU K 230 74.28 -50.74 -23.72
C GLU K 230 73.12 -51.05 -22.78
N ALA K 231 72.50 -50.04 -22.20
CA ALA K 231 71.42 -50.28 -21.25
C ALA K 231 70.22 -50.94 -21.93
N PRO K 232 69.49 -51.81 -21.20
CA PRO K 232 68.40 -52.49 -21.91
C PRO K 232 67.21 -51.62 -22.30
N MET K 233 66.90 -51.58 -23.59
CA MET K 233 65.75 -50.80 -24.07
C MET K 233 64.35 -51.28 -23.70
N GLU K 234 64.12 -52.58 -23.77
CA GLU K 234 62.76 -53.09 -23.55
C GLU K 234 62.50 -53.65 -22.16
N ILE K 235 61.76 -52.90 -21.34
CA ILE K 235 61.50 -53.34 -20.00
C ILE K 235 60.01 -53.58 -19.84
N ILE K 236 59.65 -54.86 -19.79
CA ILE K 236 58.28 -55.29 -20.02
C ILE K 236 57.64 -55.90 -18.76
N ALA K 237 56.66 -55.20 -18.21
CA ALA K 237 55.92 -55.65 -17.04
C ALA K 237 54.81 -56.57 -17.48
N GLY K 238 54.75 -57.77 -16.92
CA GLY K 238 53.78 -58.73 -17.40
C GLY K 238 53.52 -59.95 -16.57
N GLY K 239 53.11 -61.04 -17.21
CA GLY K 239 52.72 -62.23 -16.46
C GLY K 239 51.57 -61.73 -15.61
N ASP K 240 51.61 -61.99 -14.32
CA ASP K 240 50.60 -61.49 -13.42
C ASP K 240 51.40 -61.15 -12.19
N PHE K 241 52.58 -61.75 -12.08
CA PHE K 241 53.48 -61.44 -10.98
C PHE K 241 53.85 -59.97 -11.13
N LYS K 242 54.02 -59.51 -12.37
CA LYS K 242 54.38 -58.12 -12.67
C LYS K 242 55.83 -57.80 -12.37
N VAL K 243 56.63 -58.84 -12.18
CA VAL K 243 58.06 -58.63 -11.99
C VAL K 243 58.51 -58.17 -13.36
N VAL K 244 59.29 -57.09 -13.42
CA VAL K 244 59.66 -56.56 -14.71
C VAL K 244 60.69 -57.43 -15.44
N GLU K 245 60.58 -57.49 -16.77
CA GLU K 245 61.49 -58.29 -17.55
C GLU K 245 62.32 -57.41 -18.46
N ALA K 246 63.64 -57.57 -18.41
CA ALA K 246 64.52 -56.78 -19.24
C ALA K 246 65.18 -57.69 -20.25
N GLU K 247 65.34 -57.23 -21.49
CA GLU K 247 66.00 -58.05 -22.51
C GLU K 247 67.43 -58.39 -22.06
N LYS K 248 68.04 -57.52 -21.26
CA LYS K 248 69.37 -57.83 -20.72
C LYS K 248 69.51 -57.34 -19.28
N GLY K 249 70.35 -57.99 -18.50
CA GLY K 249 70.55 -57.58 -17.12
C GLY K 249 71.29 -56.26 -16.96
N TRP K 250 70.87 -55.43 -16.02
CA TRP K 250 71.60 -54.19 -15.75
C TRP K 250 71.96 -54.05 -14.29
N LYS K 251 73.16 -53.54 -14.01
CA LYS K 251 73.62 -53.37 -12.64
C LYS K 251 72.74 -52.48 -11.78
N ARG K 252 72.46 -51.27 -12.24
CA ARG K 252 71.70 -50.33 -11.40
C ARG K 252 70.30 -50.06 -11.91
N TRP K 253 69.32 -50.18 -11.01
CA TRP K 253 67.94 -50.02 -11.42
C TRP K 253 67.22 -48.94 -10.65
N VAL K 254 66.66 -47.97 -11.36
CA VAL K 254 65.84 -46.98 -10.69
C VAL K 254 64.57 -46.87 -11.45
N VAL K 255 63.53 -46.41 -10.77
CA VAL K 255 62.26 -46.32 -11.42
C VAL K 255 61.94 -44.88 -11.37
N LEU K 256 61.16 -44.41 -12.32
CA LEU K 256 60.72 -43.06 -12.21
C LEU K 256 59.25 -43.24 -12.15
N PRO K 257 58.60 -42.73 -11.08
CA PRO K 257 57.14 -42.80 -10.95
C PRO K 257 56.45 -42.46 -12.25
N SER K 258 55.34 -43.13 -12.59
CA SER K 258 54.74 -42.94 -13.89
C SER K 258 54.12 -41.61 -14.12
N TRP K 259 54.93 -40.55 -14.12
CA TRP K 259 54.43 -39.24 -14.47
C TRP K 259 54.22 -39.29 -15.97
N ASN K 260 53.56 -38.30 -16.55
CA ASN K 260 53.27 -38.39 -17.98
C ASN K 260 54.46 -38.53 -18.93
N PRO K 261 55.55 -37.76 -18.73
CA PRO K 261 56.68 -38.00 -19.64
C PRO K 261 57.27 -39.40 -19.51
N VAL K 262 57.41 -39.90 -18.29
CA VAL K 262 57.98 -41.23 -18.07
C VAL K 262 57.13 -42.29 -18.73
N ALA K 263 55.82 -42.19 -18.57
CA ALA K 263 54.91 -43.16 -19.18
C ALA K 263 55.03 -43.13 -20.70
N ALA K 264 55.20 -41.94 -21.26
CA ALA K 264 55.31 -41.78 -22.71
C ALA K 264 56.51 -42.48 -23.34
N ILE K 265 57.65 -42.53 -22.64
CA ILE K 265 58.88 -43.11 -23.20
C ILE K 265 58.73 -44.52 -23.74
N GLY K 266 58.31 -45.45 -22.88
CA GLY K 266 58.27 -46.84 -23.32
C GLY K 266 59.69 -47.30 -23.62
N LYS K 267 59.91 -47.77 -24.84
CA LYS K 267 61.24 -48.26 -25.23
C LYS K 267 62.30 -47.16 -25.22
N GLY K 268 63.54 -47.52 -24.89
CA GLY K 268 64.63 -46.56 -24.90
C GLY K 268 64.77 -45.80 -23.60
N GLY K 269 64.02 -46.21 -22.59
CA GLY K 269 64.08 -45.52 -21.32
C GLY K 269 65.44 -45.64 -20.67
N VAL K 270 65.95 -44.53 -20.15
CA VAL K 270 67.23 -44.54 -19.44
C VAL K 270 67.24 -43.48 -18.34
N ALA K 271 68.04 -43.68 -17.30
CA ALA K 271 68.15 -42.70 -16.23
C ALA K 271 69.62 -42.37 -16.03
N VAL K 272 69.98 -41.09 -16.00
CA VAL K 272 71.41 -40.73 -15.90
C VAL K 272 71.82 -39.97 -14.66
N SER K 273 72.58 -40.60 -13.77
CA SER K 273 73.07 -39.90 -12.61
C SER K 273 74.05 -38.80 -13.00
N PHE K 274 73.88 -37.61 -12.44
CA PHE K 274 74.81 -36.52 -12.72
C PHE K 274 75.28 -35.96 -11.38
N ARG K 275 76.58 -35.75 -11.24
CA ARG K 275 77.10 -35.26 -9.98
C ARG K 275 77.89 -33.96 -10.12
N ASP K 276 77.60 -32.99 -9.27
CA ASP K 276 78.34 -31.74 -9.28
C ASP K 276 79.62 -31.94 -8.50
N ARG K 278 81.01 -29.48 -8.09
CA ARG K 278 81.21 -28.29 -8.90
C ARG K 278 80.96 -27.04 -8.08
N LYS K 279 81.47 -27.02 -6.85
CA LYS K 279 81.33 -25.84 -6.02
C LYS K 279 82.67 -25.17 -5.88
N VAL K 280 82.74 -23.89 -6.24
CA VAL K 280 83.98 -23.14 -6.09
C VAL K 280 84.33 -23.05 -4.63
N LEU K 281 83.32 -22.82 -3.80
CA LEU K 281 83.54 -22.72 -2.36
C LEU K 281 82.82 -23.86 -1.67
N PRO K 282 83.54 -24.60 -0.82
CA PRO K 282 82.94 -25.73 -0.11
C PRO K 282 81.83 -25.28 0.81
N TRP K 283 82.02 -24.14 1.48
CA TRP K 283 81.00 -23.61 2.37
C TRP K 283 79.73 -23.25 1.61
N ASP K 284 79.88 -22.77 0.38
CA ASP K 284 78.69 -22.51 -0.44
C ASP K 284 78.03 -23.85 -0.68
N GLY K 285 76.72 -23.93 -0.52
CA GLY K 285 76.06 -25.21 -0.61
C GLY K 285 76.23 -25.92 -1.94
N LYS K 286 76.57 -27.20 -1.88
CA LYS K 286 76.77 -27.98 -3.10
C LYS K 286 75.46 -28.25 -3.79
N GLU K 287 75.48 -28.25 -5.12
CA GLU K 287 74.26 -28.59 -5.85
C GLU K 287 73.95 -30.06 -5.71
N GLU K 288 72.67 -30.39 -5.71
CA GLU K 288 72.24 -31.76 -5.47
C GLU K 288 72.66 -32.75 -6.56
N PRO K 289 72.68 -34.06 -6.22
CA PRO K 289 73.00 -35.09 -7.23
C PRO K 289 71.92 -35.09 -8.27
N LEU K 290 72.12 -35.53 -9.49
CA LEU K 290 71.06 -35.41 -10.51
C LEU K 290 70.75 -36.72 -11.20
N LEU K 291 69.64 -36.78 -11.91
CA LEU K 291 69.26 -37.97 -12.68
C LEU K 291 68.53 -37.51 -13.94
N VAL K 292 68.83 -38.09 -15.10
CA VAL K 292 68.17 -37.61 -16.31
C VAL K 292 67.36 -38.72 -16.96
N VAL K 293 66.06 -38.51 -17.08
CA VAL K 293 65.23 -39.50 -17.74
C VAL K 293 65.28 -39.21 -19.22
N ALA K 294 65.87 -40.11 -20.00
CA ALA K 294 66.03 -39.81 -21.41
C ALA K 294 65.46 -40.87 -22.33
N ASP K 295 64.87 -40.45 -23.44
CA ASP K 295 64.35 -41.40 -24.39
C ASP K 295 65.42 -41.65 -25.44
N ARG K 296 66.08 -42.80 -25.37
CA ARG K 296 67.10 -43.14 -26.36
C ARG K 296 66.46 -43.43 -27.69
N VAL K 297 65.18 -43.80 -27.68
CA VAL K 297 64.47 -44.02 -28.93
C VAL K 297 64.40 -42.70 -29.69
N ARG K 298 64.18 -41.59 -28.99
CA ARG K 298 64.21 -40.28 -29.66
C ARG K 298 65.63 -39.73 -29.71
N ASN K 299 66.56 -40.49 -30.29
CA ASN K 299 67.93 -40.03 -30.43
C ASN K 299 68.09 -38.84 -31.37
N VAL K 300 67.33 -38.83 -32.47
CA VAL K 300 67.47 -37.77 -33.45
C VAL K 300 67.08 -36.40 -32.91
N VAL K 301 67.87 -35.38 -33.26
CA VAL K 301 67.62 -34.01 -32.79
C VAL K 301 66.66 -33.28 -33.71
N GLU K 302 65.42 -33.12 -33.26
CA GLU K 302 64.41 -32.46 -34.08
C GLU K 302 63.85 -31.20 -33.42
N ALA K 303 63.87 -31.14 -32.10
CA ALA K 303 63.27 -30.00 -31.42
C ALA K 303 64.32 -29.06 -30.85
N ASP K 304 64.27 -27.80 -31.26
CA ASP K 304 65.22 -26.81 -30.76
C ASP K 304 65.06 -26.59 -29.27
N ASP K 305 63.82 -26.49 -28.82
CA ASP K 305 63.56 -26.31 -27.39
C ASP K 305 64.00 -27.50 -26.58
N GLY K 306 63.73 -28.70 -27.09
CA GLY K 306 64.06 -29.92 -26.36
C GLY K 306 65.52 -30.12 -26.09
N TYR K 307 65.86 -30.45 -24.84
CA TYR K 307 67.25 -30.74 -24.52
C TYR K 307 67.58 -32.17 -24.96
N TYR K 308 68.85 -32.40 -25.28
CA TYR K 308 69.26 -33.71 -25.75
C TYR K 308 70.56 -34.12 -25.10
N LEU K 309 70.67 -35.39 -24.70
CA LEU K 309 71.87 -35.88 -24.06
C LEU K 309 73.01 -36.08 -25.04
N VAL K 310 74.18 -35.53 -24.73
CA VAL K 310 75.34 -35.64 -25.61
C VAL K 310 76.55 -35.83 -24.70
N VAL K 311 77.73 -36.09 -25.26
CA VAL K 311 78.89 -36.35 -24.43
C VAL K 311 79.78 -35.13 -24.16
N ALA K 312 80.01 -34.80 -22.89
CA ALA K 312 80.92 -33.72 -22.54
C ALA K 312 82.34 -34.26 -22.62
N GLU K 313 83.33 -33.37 -22.53
CA GLU K 313 84.73 -33.80 -22.54
C GLU K 313 84.89 -34.86 -21.49
N ASN K 314 84.39 -34.58 -20.29
CA ASN K 314 84.42 -35.57 -19.23
C ASN K 314 82.97 -35.79 -18.82
N GLY K 315 82.54 -37.03 -18.78
CA GLY K 315 81.16 -37.31 -18.46
C GLY K 315 80.21 -37.01 -19.60
N LEU K 316 78.93 -36.80 -19.28
CA LEU K 316 77.94 -36.50 -20.32
C LEU K 316 77.43 -35.08 -20.15
N LYS K 317 76.70 -34.57 -21.13
CA LYS K 317 76.14 -33.22 -21.02
C LYS K 317 74.77 -33.10 -21.66
N LEU K 318 74.02 -32.07 -21.27
CA LEU K 318 72.72 -31.83 -21.88
C LEU K 318 72.82 -30.57 -22.71
N GLU K 319 72.42 -30.65 -23.97
CA GLU K 319 72.52 -29.50 -24.85
C GLU K 319 71.22 -29.20 -25.57
N LYS K 320 70.91 -27.92 -25.75
CA LYS K 320 69.69 -27.55 -26.45
C LYS K 320 69.70 -28.08 -27.87
N GLY K 321 68.53 -28.39 -28.40
CA GLY K 321 68.45 -28.93 -29.74
C GLY K 321 68.99 -27.94 -30.76
N SER K 322 68.68 -26.66 -30.56
CA SER K 322 69.17 -25.64 -31.47
C SER K 322 70.68 -25.57 -31.44
N ASP K 323 71.26 -25.66 -30.26
CA ASP K 323 72.71 -25.62 -30.13
C ASP K 323 73.34 -26.80 -30.83
N LEU K 324 72.74 -27.97 -30.69
CA LEU K 324 73.24 -29.15 -31.36
C LEU K 324 73.15 -29.02 -32.87
N LYS K 325 72.05 -28.44 -33.36
CA LYS K 325 71.92 -28.21 -34.79
C LYS K 325 72.90 -27.16 -35.27
N ALA K 326 73.20 -26.17 -34.44
CA ALA K 326 74.21 -25.17 -34.78
C ALA K 326 75.56 -25.83 -34.88
N ARG K 327 75.80 -26.81 -34.03
CA ARG K 327 77.07 -27.55 -34.05
C ARG K 327 77.02 -28.63 -35.10
N GLU K 328 75.91 -28.74 -35.83
CA GLU K 328 75.74 -29.72 -36.92
C GLU K 328 75.60 -31.16 -36.48
N VAL K 329 75.19 -31.37 -35.23
CA VAL K 329 74.94 -32.74 -34.78
C VAL K 329 73.44 -32.93 -34.88
N LYS K 330 73.02 -33.81 -35.79
CA LYS K 330 71.59 -34.09 -35.93
C LYS K 330 71.25 -35.30 -35.09
N GLU K 331 72.21 -35.76 -34.29
CA GLU K 331 71.99 -36.94 -33.46
C GLU K 331 72.43 -36.73 -32.03
N SER K 332 71.75 -37.39 -31.09
CA SER K 332 72.10 -37.30 -29.69
C SER K 332 71.89 -38.68 -29.12
N LEU K 333 72.40 -38.95 -27.92
CA LEU K 333 72.14 -40.24 -27.29
C LEU K 333 70.69 -40.39 -26.88
N GLY K 334 70.20 -39.44 -26.10
CA GLY K 334 68.82 -39.53 -25.60
C GLY K 334 68.14 -38.18 -25.60
N MET K 335 66.81 -38.16 -25.54
CA MET K 335 66.11 -36.89 -25.45
C MET K 335 65.62 -36.74 -24.02
N VAL K 336 65.99 -35.66 -23.34
CA VAL K 336 65.61 -35.51 -21.95
C VAL K 336 64.13 -35.21 -21.88
N VAL K 337 63.38 -36.00 -21.12
CA VAL K 337 61.95 -35.76 -20.98
C VAL K 337 61.50 -35.14 -19.65
N LEU K 338 62.41 -35.01 -18.68
CA LEU K 338 62.05 -34.51 -17.33
C LEU K 338 63.33 -33.98 -16.60
N VAL K 339 63.26 -33.29 -15.45
CA VAL K 339 64.45 -32.84 -14.63
C VAL K 339 64.31 -33.29 -13.16
N VAL K 340 65.37 -33.28 -12.37
CA VAL K 340 65.34 -33.84 -11.01
C VAL K 340 64.84 -33.12 -9.76
N ARG K 341 65.68 -33.00 -8.70
CA ARG K 341 65.35 -32.37 -7.38
C ARG K 341 65.02 -33.38 -6.28
N PRO K 342 65.91 -33.54 -5.28
CA PRO K 342 65.72 -34.49 -4.15
C PRO K 342 64.55 -34.22 -3.23
N PRO K 343 63.87 -35.28 -2.74
CA PRO K 343 62.66 -35.00 -1.97
C PRO K 343 62.87 -34.03 -0.83
N ARG K 344 62.01 -33.03 -0.77
CA ARG K 344 62.16 -32.02 0.26
C ARG K 344 60.93 -32.02 1.13
N GLU K 345 61.01 -32.68 2.27
CA GLU K 345 59.87 -32.72 3.18
C GLU K 345 59.65 -31.35 3.78
N ASP K 346 60.50 -30.41 3.42
CA ASP K 346 60.38 -29.05 3.95
C ASP K 346 60.47 -28.04 2.81
N ILE L 197 30.87 55.94 -57.81
CA ILE L 197 30.60 55.53 -59.18
C ILE L 197 31.88 55.68 -60.03
N PRO L 198 32.74 54.66 -59.99
CA PRO L 198 34.02 54.74 -60.72
C PRO L 198 33.97 54.50 -62.21
N VAL L 199 34.90 55.09 -62.94
CA VAL L 199 34.99 54.85 -64.38
C VAL L 199 36.25 54.04 -64.59
N VAL L 200 36.10 52.80 -65.04
CA VAL L 200 37.27 51.93 -65.14
C VAL L 200 37.53 51.34 -66.50
N ARG L 201 38.78 51.31 -66.91
CA ARG L 201 39.15 50.71 -68.18
C ARG L 201 39.01 49.22 -67.97
N LEU L 202 38.73 48.48 -69.03
CA LEU L 202 38.72 47.04 -68.85
C LEU L 202 40.20 46.81 -68.90
N LYS L 203 40.78 46.47 -67.76
CA LYS L 203 42.22 46.33 -67.70
C LYS L 203 42.49 45.14 -66.82
N PHE L 204 43.48 44.35 -67.19
CA PHE L 204 43.73 43.11 -66.46
C PHE L 204 44.65 43.19 -65.25
N GLY L 205 44.21 42.64 -64.13
CA GLY L 205 45.05 42.60 -62.94
C GLY L 205 45.59 43.89 -62.39
N GLU L 206 44.80 44.95 -62.38
CA GLU L 206 45.25 46.20 -61.77
C GLU L 206 45.32 46.01 -60.27
N VAL L 207 44.23 45.57 -59.64
CA VAL L 207 44.30 45.27 -58.21
C VAL L 207 44.44 43.76 -58.16
N ALA L 208 45.27 43.26 -57.24
CA ALA L 208 45.54 41.82 -57.20
C ALA L 208 44.64 41.04 -56.26
N GLU L 209 43.61 41.68 -55.71
CA GLU L 209 42.78 41.00 -54.72
C GLU L 209 41.68 40.12 -55.30
N ALA L 210 42.01 38.96 -55.86
CA ALA L 210 41.05 37.96 -56.41
C ALA L 210 40.50 37.83 -57.83
N THR L 211 39.71 36.81 -58.10
CA THR L 211 39.31 36.51 -59.44
C THR L 211 38.07 35.56 -59.42
N SER L 212 36.85 36.07 -59.69
CA SER L 212 35.62 35.22 -59.71
C SER L 212 34.34 35.61 -60.49
N VAL L 213 33.36 34.70 -60.56
CA VAL L 213 32.10 34.93 -61.31
C VAL L 213 31.15 36.07 -60.97
N VAL L 214 30.69 36.85 -61.98
CA VAL L 214 29.71 37.95 -61.80
C VAL L 214 29.02 38.32 -63.13
N VAL L 215 27.69 38.20 -63.23
CA VAL L 215 26.99 38.48 -64.50
C VAL L 215 25.82 39.47 -64.49
N LEU L 216 25.77 40.37 -65.47
CA LEU L 216 24.63 41.29 -65.59
C LEU L 216 23.99 41.24 -66.98
N PRO L 217 22.66 41.10 -67.06
CA PRO L 217 21.99 41.08 -68.36
C PRO L 217 22.13 42.40 -69.08
N VAL L 218 22.31 42.38 -70.39
CA VAL L 218 22.55 43.62 -71.10
C VAL L 218 21.38 44.20 -71.85
N CYS L 219 21.17 45.51 -71.73
CA CYS L 219 20.16 46.17 -72.54
C CYS L 219 20.76 47.23 -73.45
N LYS L 220 20.08 47.54 -74.54
CA LYS L 220 20.55 48.65 -75.36
C LYS L 220 19.80 49.87 -74.90
N ALA L 221 20.36 51.05 -75.10
CA ALA L 221 19.64 52.27 -74.75
C ALA L 221 18.41 52.35 -75.62
N GLU L 222 18.56 52.10 -76.91
CA GLU L 222 17.43 52.22 -77.84
C GLU L 222 16.22 51.41 -77.39
N GLU L 223 16.47 50.32 -76.68
CA GLU L 223 15.39 49.47 -76.20
C GLU L 223 14.45 50.14 -75.21
N GLY L 224 15.00 50.95 -74.30
CA GLY L 224 14.16 51.65 -73.36
C GLY L 224 13.85 50.93 -72.06
N GLU L 225 12.94 51.51 -71.28
CA GLU L 225 12.60 50.95 -69.98
C GLU L 225 12.08 49.55 -70.04
N LYS L 226 11.43 49.17 -71.13
CA LYS L 226 10.81 47.86 -71.19
C LYS L 226 11.84 46.75 -71.05
N LYS L 227 12.98 46.90 -71.73
CA LYS L 227 14.03 45.91 -71.61
C LYS L 227 14.58 45.84 -70.19
N ILE L 228 14.77 47.00 -69.57
CA ILE L 228 15.27 47.03 -68.20
C ILE L 228 14.25 46.38 -67.25
N LEU L 229 12.98 46.65 -67.46
CA LEU L 229 11.97 46.11 -66.56
C LEU L 229 11.82 44.61 -66.73
N GLU L 230 12.44 44.05 -67.78
CA GLU L 230 12.29 42.62 -68.08
C GLU L 230 13.54 41.77 -67.87
N ALA L 231 14.70 42.40 -67.71
CA ALA L 231 15.94 41.64 -67.58
C ALA L 231 15.95 40.83 -66.28
N PRO L 232 16.58 39.64 -66.28
CA PRO L 232 16.49 38.85 -65.06
C PRO L 232 17.25 39.40 -63.86
N MET L 233 16.55 39.64 -62.75
CA MET L 233 17.18 40.14 -61.53
C MET L 233 18.11 39.20 -60.78
N GLU L 234 17.74 37.94 -60.64
CA GLU L 234 18.53 37.01 -59.83
C GLU L 234 19.47 36.10 -60.61
N ILE L 235 20.76 36.40 -60.56
CA ILE L 235 21.72 35.60 -61.29
C ILE L 235 22.64 34.91 -60.31
N ILE L 236 22.43 33.60 -60.17
CA ILE L 236 22.94 32.86 -59.03
C ILE L 236 23.98 31.81 -59.45
N ALA L 237 25.24 32.05 -59.04
CA ALA L 237 26.34 31.15 -59.31
C ALA L 237 26.38 30.07 -58.25
N GLY L 238 26.37 28.81 -58.68
CA GLY L 238 26.27 27.74 -57.70
C GLY L 238 26.56 26.34 -58.15
N GLY L 239 25.96 25.35 -57.49
CA GLY L 239 26.29 23.98 -57.79
C GLY L 239 27.77 23.91 -57.47
N ASP L 240 28.56 23.38 -58.40
CA ASP L 240 30.00 23.34 -58.21
C ASP L 240 30.51 23.60 -59.60
N PHE L 241 29.64 23.38 -60.59
CA PHE L 241 29.99 23.68 -61.96
C PHE L 241 30.20 25.18 -62.04
N LYS L 242 29.38 25.95 -61.31
CA LYS L 242 29.47 27.42 -61.27
C LYS L 242 28.91 28.06 -62.52
N VAL L 243 28.18 27.29 -63.32
CA VAL L 243 27.53 27.86 -64.47
C VAL L 243 26.46 28.74 -63.86
N VAL L 244 26.34 29.96 -64.33
CA VAL L 244 25.38 30.87 -63.70
C VAL L 244 23.93 30.53 -64.03
N GLU L 245 23.05 30.75 -63.05
CA GLU L 245 21.64 30.45 -63.27
C GLU L 245 20.81 31.72 -63.22
N ALA L 246 20.00 31.95 -64.23
CA ALA L 246 19.16 33.13 -64.27
C ALA L 246 17.72 32.70 -64.15
N GLU L 247 16.91 33.46 -63.41
CA GLU L 247 15.50 33.13 -63.28
C GLU L 247 14.82 33.13 -64.65
N LYS L 248 15.33 33.93 -65.58
CA LYS L 248 14.80 33.91 -66.95
C LYS L 248 15.91 34.09 -67.97
N GLY L 249 15.72 33.55 -69.17
CA GLY L 249 16.73 33.68 -70.21
C GLY L 249 16.87 35.08 -70.77
N TRP L 250 18.08 35.52 -71.03
CA TRP L 250 18.28 36.82 -71.66
C TRP L 250 19.15 36.72 -72.91
N LYS L 251 18.82 37.48 -73.94
CA LYS L 251 19.57 37.47 -75.19
C LYS L 251 21.03 37.84 -75.04
N ARG L 252 21.32 38.98 -74.45
CA ARG L 252 22.71 39.44 -74.38
C ARG L 252 23.30 39.39 -72.99
N TRP L 253 24.48 38.80 -72.87
CA TRP L 253 25.09 38.63 -71.55
C TRP L 253 26.47 39.24 -71.46
N VAL L 254 26.65 40.15 -70.51
CA VAL L 254 28.00 40.67 -70.29
C VAL L 254 28.27 40.58 -68.83
N VAL L 255 29.53 40.53 -68.49
CA VAL L 255 29.88 40.39 -67.11
C VAL L 255 30.64 41.63 -66.79
N LEU L 256 30.61 42.04 -65.55
CA LEU L 256 31.45 43.15 -65.20
C LEU L 256 32.32 42.54 -64.17
N PRO L 257 33.64 42.58 -64.36
CA PRO L 257 34.60 42.05 -63.39
C PRO L 257 34.22 42.46 -61.98
N SER L 258 34.41 41.59 -60.98
CA SER L 258 33.92 41.88 -59.65
C SER L 258 34.62 43.00 -58.95
N TRP L 259 34.51 44.21 -59.47
CA TRP L 259 35.05 45.36 -58.77
C TRP L 259 34.09 45.59 -57.61
N ASN L 260 34.45 46.45 -56.67
CA ASN L 260 33.59 46.60 -55.50
C ASN L 260 32.13 47.05 -55.76
N PRO L 261 31.90 48.03 -56.65
CA PRO L 261 30.47 48.35 -56.88
C PRO L 261 29.71 47.19 -57.51
N VAL L 262 30.30 46.49 -58.46
CA VAL L 262 29.63 45.38 -59.13
C VAL L 262 29.29 44.29 -58.13
N ALA L 263 30.23 43.96 -57.25
CA ALA L 263 29.99 42.93 -56.25
C ALA L 263 28.86 43.35 -55.32
N ALA L 264 28.80 44.62 -54.98
CA ALA L 264 27.76 45.13 -54.09
C ALA L 264 26.33 44.98 -54.61
N ILE L 265 26.13 45.12 -55.91
CA ILE L 265 24.77 45.06 -56.49
C ILE L 265 23.96 43.83 -56.12
N GLY L 266 24.48 42.65 -56.45
CA GLY L 266 23.69 41.45 -56.23
C GLY L 266 22.46 41.50 -57.10
N LYS L 267 21.28 41.40 -56.49
CA LYS L 267 20.02 41.43 -57.25
C LYS L 267 19.78 42.76 -57.95
N GLY L 268 19.13 42.71 -59.11
CA GLY L 268 18.82 43.94 -59.85
C GLY L 268 19.93 44.38 -60.77
N GLY L 269 20.95 43.55 -60.92
CA GLY L 269 22.07 43.92 -61.77
C GLY L 269 21.68 44.07 -63.22
N VAL L 270 22.12 45.14 -63.86
CA VAL L 270 21.84 45.33 -65.29
C VAL L 270 23.01 46.07 -65.95
N ALA L 271 23.18 45.87 -67.25
CA ALA L 271 24.23 46.58 -67.99
C ALA L 271 23.61 47.28 -69.18
N VAL L 272 23.88 48.56 -69.38
CA VAL L 272 23.21 49.28 -70.47
C VAL L 272 24.12 49.85 -71.55
N SER L 273 24.05 49.27 -72.75
CA SER L 273 24.84 49.80 -73.86
C SER L 273 24.37 51.20 -74.23
N PHE L 274 25.30 52.12 -74.41
CA PHE L 274 24.95 53.48 -74.82
C PHE L 274 25.80 53.83 -76.03
N ARG L 275 25.19 54.37 -77.07
CA ARG L 275 25.95 54.70 -78.27
C ARG L 275 25.85 56.17 -78.66
N ASP L 276 26.98 56.79 -78.95
CA ASP L 276 26.98 58.18 -79.40
C ASP L 276 26.69 58.19 -80.89
N ARG L 278 27.02 60.79 -82.01
CA ARG L 278 26.77 62.14 -81.54
C ARG L 278 27.95 63.04 -81.81
N LYS L 279 28.53 62.92 -83.00
CA LYS L 279 29.63 63.79 -83.38
C LYS L 279 29.16 64.77 -84.42
N VAL L 280 29.32 66.07 -84.14
CA VAL L 280 28.95 67.08 -85.10
C VAL L 280 29.81 66.94 -86.33
N LEU L 281 31.10 66.67 -86.12
CA LEU L 281 32.01 66.50 -87.24
C LEU L 281 32.52 65.08 -87.25
N PRO L 282 32.41 64.41 -88.40
CA PRO L 282 32.87 63.02 -88.52
C PRO L 282 34.36 62.91 -88.28
N TRP L 283 35.13 63.86 -88.78
CA TRP L 283 36.58 63.86 -88.59
C TRP L 283 36.93 63.99 -87.12
N ASP L 284 36.15 64.76 -86.37
CA ASP L 284 36.38 64.84 -84.93
C ASP L 284 36.13 63.45 -84.38
N GLY L 285 37.00 62.96 -83.52
CA GLY L 285 36.86 61.59 -83.06
C GLY L 285 35.58 61.28 -82.35
N LYS L 286 34.94 60.18 -82.73
CA LYS L 286 33.68 59.80 -82.12
C LYS L 286 33.88 59.32 -80.69
N GLU L 287 32.93 59.63 -79.82
CA GLU L 287 33.02 59.12 -78.46
C GLU L 287 32.78 57.62 -78.43
N GLU L 288 33.43 56.95 -77.50
CA GLU L 288 33.35 55.49 -77.43
C GLU L 288 31.98 54.94 -77.09
N PRO L 289 31.72 53.65 -77.42
CA PRO L 289 30.44 53.04 -77.06
C PRO L 289 30.36 52.94 -75.57
N LEU L 290 29.21 52.87 -74.92
CA LEU L 290 29.17 52.91 -73.46
C LEU L 290 28.40 51.75 -72.85
N LEU L 291 28.55 51.53 -71.55
CA LEU L 291 27.80 50.50 -70.85
C LEU L 291 27.51 51.00 -69.43
N VAL L 292 26.30 50.80 -68.92
CA VAL L 292 26.02 51.33 -67.59
C VAL L 292 25.65 50.20 -66.63
N VAL L 293 26.43 50.04 -65.57
CA VAL L 293 26.09 49.03 -64.59
C VAL L 293 25.13 49.66 -63.61
N ALA L 294 23.90 49.18 -63.60
CA ALA L 294 22.90 49.82 -62.75
C ALA L 294 22.22 48.87 -61.78
N ASP L 295 21.94 49.35 -60.58
CA ASP L 295 21.22 48.52 -59.62
C ASP L 295 19.76 48.85 -59.72
N ARG L 296 18.99 47.96 -60.34
CA ARG L 296 17.54 48.17 -60.46
C ARG L 296 16.89 48.01 -59.10
N VAL L 297 17.53 47.29 -58.21
CA VAL L 297 17.00 47.15 -56.85
C VAL L 297 16.98 48.54 -56.20
N ARG L 298 18.02 49.35 -56.43
CA ARG L 298 18.00 50.72 -55.92
C ARG L 298 17.31 51.66 -56.89
N ASN L 299 16.06 51.37 -57.24
CA ASN L 299 15.29 52.22 -58.13
C ASN L 299 14.98 53.59 -57.53
N VAL L 300 14.65 53.62 -56.24
CA VAL L 300 14.26 54.87 -55.62
C VAL L 300 15.38 55.91 -55.58
N VAL L 301 15.03 57.17 -55.86
CA VAL L 301 16.01 58.26 -55.89
C VAL L 301 16.20 58.86 -54.51
N GLU L 302 17.34 58.54 -53.89
CA GLU L 302 17.61 59.05 -52.54
C GLU L 302 18.87 59.90 -52.48
N ALA L 303 19.81 59.67 -53.38
CA ALA L 303 21.08 60.39 -53.31
C ALA L 303 21.19 61.44 -54.41
N ASP L 304 21.38 62.69 -54.01
CA ASP L 304 21.52 63.78 -54.98
C ASP L 304 22.76 63.60 -55.83
N ASP L 305 23.86 63.22 -55.21
CA ASP L 305 25.09 62.99 -55.95
C ASP L 305 24.96 61.82 -56.92
N GLY L 306 24.33 60.74 -56.46
CA GLY L 306 24.21 59.54 -57.28
C GLY L 306 23.43 59.73 -58.56
N TYR L 307 23.99 59.24 -59.66
CA TYR L 307 23.27 59.29 -60.92
C TYR L 307 22.25 58.18 -60.99
N TYR L 308 21.16 58.41 -61.71
CA TYR L 308 20.11 57.41 -61.80
C TYR L 308 19.69 57.24 -63.25
N LEU L 309 19.16 56.07 -63.59
CA LEU L 309 18.79 55.81 -64.98
C LEU L 309 17.34 56.12 -65.22
N VAL L 310 17.06 57.04 -66.13
CA VAL L 310 15.69 57.38 -66.48
C VAL L 310 15.57 57.21 -67.97
N VAL L 311 14.49 57.71 -68.56
CA VAL L 311 14.29 57.54 -69.98
C VAL L 311 14.38 58.86 -70.73
N ALA L 312 15.24 58.92 -71.74
CA ALA L 312 15.31 60.11 -72.58
C ALA L 312 14.21 60.05 -73.61
N GLU L 313 13.99 61.14 -74.34
CA GLU L 313 12.97 61.16 -75.40
C GLU L 313 13.24 59.98 -76.30
N ASN L 314 14.50 59.83 -76.71
CA ASN L 314 14.87 58.67 -77.50
C ASN L 314 15.95 57.95 -76.73
N GLY L 315 15.79 56.65 -76.53
CA GLY L 315 16.75 55.92 -75.73
C GLY L 315 16.63 56.17 -74.25
N LEU L 316 17.70 55.92 -73.50
CA LEU L 316 17.68 56.15 -72.05
C LEU L 316 18.63 57.28 -71.70
N LYS L 317 18.56 57.76 -70.46
CA LYS L 317 19.46 58.82 -70.02
C LYS L 317 19.89 58.68 -68.57
N LEU L 318 20.99 59.33 -68.21
CA LEU L 318 21.44 59.30 -66.83
C LEU L 318 21.24 60.69 -66.25
N GLU L 319 20.57 60.78 -65.12
CA GLU L 319 20.31 62.09 -64.52
C GLU L 319 20.70 62.14 -63.06
N LYS L 320 21.23 63.27 -62.62
CA LYS L 320 21.60 63.43 -61.21
C LYS L 320 20.39 63.25 -60.32
N GLY L 321 20.62 62.74 -59.11
CA GLY L 321 19.51 62.53 -58.19
C GLY L 321 18.84 63.83 -57.85
N SER L 322 19.62 64.89 -57.64
CA SER L 322 19.06 66.18 -57.33
C SER L 322 18.19 66.69 -58.47
N ASP L 323 18.65 66.50 -59.70
CA ASP L 323 17.88 66.94 -60.85
C ASP L 323 16.57 66.19 -60.93
N LEU L 324 16.61 64.89 -60.67
CA LEU L 324 15.39 64.09 -60.67
C LEU L 324 14.43 64.54 -59.59
N LYS L 325 14.95 64.86 -58.40
CA LYS L 325 14.11 65.36 -57.32
C LYS L 325 13.56 66.73 -57.66
N ALA L 326 14.33 67.55 -58.37
CA ALA L 326 13.84 68.85 -58.81
C ALA L 326 12.70 68.65 -59.79
N ARG L 327 12.80 67.62 -60.62
CA ARG L 327 11.75 67.31 -61.59
C ARG L 327 10.64 66.54 -60.93
N GLU L 328 10.76 66.28 -59.62
CA GLU L 328 9.74 65.57 -58.84
C GLU L 328 9.61 64.08 -59.14
N VAL L 329 10.66 63.48 -59.68
CA VAL L 329 10.63 62.05 -59.89
C VAL L 329 11.40 61.44 -58.74
N LYS L 330 10.70 60.72 -57.87
CA LYS L 330 11.36 60.07 -56.74
C LYS L 330 11.71 58.64 -57.13
N GLU L 331 11.54 58.32 -58.41
CA GLU L 331 11.83 56.97 -58.88
C GLU L 331 12.64 56.97 -60.15
N SER L 332 13.48 55.95 -60.32
CA SER L 332 14.29 55.82 -61.52
C SER L 332 14.32 54.35 -61.84
N LEU L 333 14.76 53.97 -63.03
CA LEU L 333 14.88 52.55 -63.36
C LEU L 333 16.00 51.89 -62.58
N GLY L 334 17.21 52.45 -62.67
CA GLY L 334 18.35 51.86 -61.99
C GLY L 334 19.26 52.91 -61.38
N MET L 335 20.11 52.52 -60.44
CA MET L 335 21.07 53.47 -59.90
C MET L 335 22.43 53.14 -60.49
N VAL L 336 23.08 54.11 -61.13
CA VAL L 336 24.34 53.80 -61.77
C VAL L 336 25.40 53.64 -60.70
N VAL L 337 26.10 52.51 -60.71
CA VAL L 337 27.17 52.27 -59.72
C VAL L 337 28.60 52.43 -60.25
N LEU L 338 28.78 52.59 -61.57
CA LEU L 338 30.14 52.64 -62.16
C LEU L 338 30.07 53.35 -63.56
N VAL L 339 31.18 53.69 -64.23
CA VAL L 339 31.20 54.29 -65.62
C VAL L 339 32.17 53.50 -66.54
N VAL L 340 32.04 53.57 -67.88
CA VAL L 340 32.76 52.62 -68.78
C VAL L 340 34.14 52.47 -69.46
N ARG L 341 34.58 53.35 -70.34
CA ARG L 341 35.96 53.29 -70.93
C ARG L 341 36.56 51.99 -71.56
N PRO L 342 36.67 51.86 -72.91
CA PRO L 342 37.23 50.68 -73.65
C PRO L 342 38.68 50.11 -73.39
N PRO L 343 38.92 48.74 -73.27
CA PRO L 343 40.29 48.30 -72.98
C PRO L 343 41.37 49.04 -73.75
N ARG L 344 42.17 49.83 -73.05
CA ARG L 344 43.22 50.58 -73.71
C ARG L 344 44.55 49.97 -73.36
N GLU L 345 45.30 49.58 -74.38
CA GLU L 345 46.62 49.00 -74.14
C GLU L 345 47.67 50.07 -74.28
N ASP L 346 47.25 51.29 -74.62
CA ASP L 346 48.19 52.39 -74.78
C ASP L 346 47.71 53.61 -74.01
N ARG M 196 -56.96 42.71 25.96
CA ARG M 196 -57.13 44.09 26.42
C ARG M 196 -57.49 45.01 25.28
N ILE M 197 -56.60 45.93 24.91
CA ILE M 197 -56.85 46.81 23.78
C ILE M 197 -56.21 46.24 22.54
N PRO M 198 -56.97 46.16 21.44
CA PRO M 198 -56.33 45.69 20.21
C PRO M 198 -55.30 46.70 19.75
N VAL M 199 -54.07 46.25 19.51
CA VAL M 199 -53.01 47.16 19.11
C VAL M 199 -52.37 46.72 17.80
N VAL M 200 -52.56 47.48 16.72
CA VAL M 200 -51.88 47.18 15.47
C VAL M 200 -50.90 48.31 15.20
N ARG M 201 -49.63 47.98 15.01
CA ARG M 201 -48.61 49.01 14.86
C ARG M 201 -48.30 49.35 13.41
N LEU M 202 -48.34 50.64 13.06
CA LEU M 202 -47.97 51.07 11.71
C LEU M 202 -46.48 50.82 11.56
N LYS M 203 -46.05 50.36 10.38
CA LYS M 203 -44.64 50.01 10.21
C LYS M 203 -43.98 50.68 9.03
N PHE M 204 -42.66 50.78 9.06
CA PHE M 204 -41.92 51.39 7.96
C PHE M 204 -42.00 50.54 6.70
N GLY M 205 -42.07 51.20 5.54
CA GLY M 205 -42.12 50.47 4.27
C GLY M 205 -43.51 50.01 3.90
N GLU M 206 -44.50 50.35 4.72
CA GLU M 206 -45.87 49.91 4.45
C GLU M 206 -46.52 50.77 3.37
N VAL M 207 -45.74 51.68 2.79
CA VAL M 207 -46.27 52.58 1.77
C VAL M 207 -46.19 51.99 0.37
N ALA M 208 -45.59 50.80 0.25
CA ALA M 208 -45.38 50.22 -1.08
C ALA M 208 -46.65 49.95 -1.89
N GLU M 209 -47.66 49.35 -1.26
CA GLU M 209 -48.91 49.05 -1.97
C GLU M 209 -50.16 48.87 -1.11
N ALA M 210 -50.66 49.95 -0.53
CA ALA M 210 -51.91 49.81 0.22
C ALA M 210 -53.06 49.81 -0.78
N THR M 211 -53.86 48.75 -0.77
CA THR M 211 -54.99 48.66 -1.68
C THR M 211 -56.17 49.49 -1.20
N SER M 212 -56.40 49.50 0.11
CA SER M 212 -57.47 50.34 0.64
C SER M 212 -56.99 51.13 1.84
N VAL M 213 -57.48 52.35 1.98
CA VAL M 213 -57.04 53.20 3.08
C VAL M 213 -58.25 54.02 3.57
N VAL M 214 -58.29 54.41 4.86
CA VAL M 214 -59.40 55.19 5.41
C VAL M 214 -58.91 56.49 6.07
N VAL M 215 -59.77 57.50 6.17
CA VAL M 215 -59.38 58.78 6.75
C VAL M 215 -60.11 59.12 8.05
N LEU M 216 -59.36 59.53 9.06
CA LEU M 216 -59.98 59.91 10.33
C LEU M 216 -59.58 61.33 10.80
N PRO M 217 -60.53 62.14 11.40
CA PRO M 217 -60.03 63.42 11.91
C PRO M 217 -59.09 63.24 13.09
N VAL M 218 -58.27 64.23 13.37
CA VAL M 218 -57.29 64.09 14.45
C VAL M 218 -57.57 65.03 15.61
N CYS M 219 -57.55 64.50 16.82
CA CYS M 219 -57.74 65.32 18.00
C CYS M 219 -56.53 65.01 18.86
N LYS M 220 -56.18 65.88 19.79
CA LYS M 220 -54.96 65.66 20.57
C LYS M 220 -55.23 65.72 22.06
N ALA M 221 -54.30 65.18 22.85
CA ALA M 221 -54.44 65.22 24.31
C ALA M 221 -54.52 66.66 24.77
N GLU M 222 -53.65 67.50 24.23
CA GLU M 222 -53.67 68.93 24.57
C GLU M 222 -54.97 69.59 24.13
N GLU M 223 -55.47 69.21 22.95
CA GLU M 223 -56.71 69.78 22.45
C GLU M 223 -57.86 69.41 23.37
N GLY M 224 -57.88 68.20 23.90
CA GLY M 224 -58.89 67.83 24.87
C GLY M 224 -60.22 67.28 24.41
N GLU M 225 -61.11 67.04 25.37
CA GLU M 225 -62.43 66.45 25.05
C GLU M 225 -63.22 67.31 24.10
N LYS M 226 -63.06 68.62 24.17
CA LYS M 226 -63.85 69.51 23.35
C LYS M 226 -63.58 69.25 21.88
N LYS M 227 -62.33 69.04 21.53
CA LYS M 227 -61.98 68.78 20.15
C LYS M 227 -62.63 67.51 19.64
N ILE M 228 -62.67 66.48 20.46
CA ILE M 228 -63.31 65.22 20.07
C ILE M 228 -64.80 65.41 19.83
N LEU M 229 -65.46 66.24 20.62
CA LEU M 229 -66.88 66.53 20.36
C LEU M 229 -66.99 67.32 19.05
N GLU M 230 -66.07 68.26 18.84
CA GLU M 230 -66.09 69.09 17.63
C GLU M 230 -65.84 68.35 16.32
N ALA M 231 -65.06 67.28 16.35
CA ALA M 231 -64.69 66.56 15.12
C ALA M 231 -65.89 66.04 14.34
N PRO M 232 -65.83 66.11 12.99
CA PRO M 232 -66.94 65.64 12.16
C PRO M 232 -67.17 64.15 12.27
N MET M 233 -68.40 63.75 12.57
CA MET M 233 -68.67 62.33 12.79
C MET M 233 -68.99 61.65 11.48
N GLU M 234 -69.75 62.32 10.64
CA GLU M 234 -70.16 61.68 9.41
C GLU M 234 -69.27 62.10 8.28
N ILE M 235 -68.57 61.14 7.70
CA ILE M 235 -67.76 61.46 6.55
C ILE M 235 -68.53 60.84 5.40
N ILE M 236 -68.98 61.69 4.49
CA ILE M 236 -69.84 61.22 3.42
C ILE M 236 -69.04 60.59 2.32
N ALA M 237 -69.31 59.32 2.08
CA ALA M 237 -68.58 58.64 1.03
C ALA M 237 -69.33 58.78 -0.27
N GLY M 238 -68.84 59.65 -1.14
CA GLY M 238 -69.42 59.80 -2.46
C GLY M 238 -68.27 59.25 -3.26
N GLY M 239 -67.42 58.47 -2.61
CA GLY M 239 -66.20 58.00 -3.22
C GLY M 239 -66.20 57.17 -4.45
N ASP M 240 -65.19 57.38 -5.27
CA ASP M 240 -65.05 56.55 -6.43
C ASP M 240 -63.89 55.68 -6.02
N PHE M 241 -62.67 56.18 -6.09
CA PHE M 241 -61.60 55.36 -5.52
C PHE M 241 -61.30 55.91 -4.14
N LYS M 242 -62.15 56.82 -3.61
CA LYS M 242 -62.05 57.42 -2.24
C LYS M 242 -62.68 58.81 -2.05
N VAL M 243 -63.11 59.51 -3.11
CA VAL M 243 -63.54 60.93 -2.90
C VAL M 243 -64.49 61.15 -1.72
N VAL M 244 -64.12 62.07 -0.85
CA VAL M 244 -64.89 62.22 0.38
C VAL M 244 -65.13 63.66 0.81
N GLU M 245 -66.22 63.89 1.54
CA GLU M 245 -66.52 65.23 2.04
C GLU M 245 -66.88 65.07 3.51
N ALA M 246 -66.70 66.12 4.32
CA ALA M 246 -66.98 66.00 5.74
C ALA M 246 -68.04 67.00 6.16
N GLU M 247 -68.89 66.60 7.10
CA GLU M 247 -69.98 67.49 7.54
C GLU M 247 -69.43 68.78 8.12
N LYS M 248 -68.23 68.73 8.70
CA LYS M 248 -67.60 69.93 9.26
C LYS M 248 -66.17 70.05 8.76
N GLY M 249 -65.67 71.28 8.63
CA GLY M 249 -64.28 71.46 8.22
C GLY M 249 -63.35 71.13 9.37
N TRP M 250 -62.31 70.35 9.07
CA TRP M 250 -61.35 69.94 10.10
C TRP M 250 -59.90 70.14 9.71
N LYS M 251 -59.14 70.79 10.58
CA LYS M 251 -57.72 71.05 10.30
C LYS M 251 -56.80 69.85 10.19
N ARG M 252 -56.96 68.85 11.06
CA ARG M 252 -56.00 67.74 11.06
C ARG M 252 -56.57 66.38 10.67
N TRP M 253 -55.90 65.70 9.75
CA TRP M 253 -56.39 64.41 9.27
C TRP M 253 -55.30 63.36 9.29
N VAL M 254 -55.64 62.16 9.76
CA VAL M 254 -54.67 61.07 9.70
C VAL M 254 -55.14 60.08 8.66
N VAL M 255 -54.19 59.56 7.91
CA VAL M 255 -54.54 58.60 6.89
C VAL M 255 -54.16 57.26 7.46
N LEU M 256 -55.13 56.37 7.55
CA LEU M 256 -54.88 55.09 8.16
C LEU M 256 -55.18 54.02 7.15
N PRO M 257 -54.44 52.92 7.18
CA PRO M 257 -54.75 51.81 6.29
C PRO M 257 -56.08 51.18 6.67
N SER M 258 -56.73 50.54 5.71
CA SER M 258 -58.02 49.91 5.97
C SER M 258 -57.88 48.64 6.77
N TRP M 259 -57.35 48.77 7.98
CA TRP M 259 -57.27 47.62 8.86
C TRP M 259 -58.71 47.33 9.17
N ASN M 260 -59.07 46.08 9.36
CA ASN M 260 -60.49 45.74 9.52
C ASN M 260 -61.20 46.43 10.69
N PRO M 261 -60.55 46.53 11.88
CA PRO M 261 -61.29 47.28 12.91
C PRO M 261 -61.55 48.73 12.54
N VAL M 262 -60.56 49.42 11.97
CA VAL M 262 -60.75 50.81 11.54
C VAL M 262 -61.79 50.93 10.44
N ALA M 263 -61.75 50.01 9.48
CA ALA M 263 -62.71 50.03 8.38
C ALA M 263 -64.13 49.85 8.88
N ALA M 264 -64.30 48.99 9.88
CA ALA M 264 -65.63 48.70 10.42
C ALA M 264 -66.36 49.90 11.00
N ILE M 265 -65.61 50.81 11.63
CA ILE M 265 -66.23 51.98 12.27
C ILE M 265 -67.09 52.82 11.35
N GLY M 266 -66.52 53.26 10.23
CA GLY M 266 -67.25 54.17 9.38
C GLY M 266 -67.52 55.46 10.14
N LYS M 267 -68.77 55.85 10.25
CA LYS M 267 -69.12 57.09 10.95
C LYS M 267 -68.79 57.03 12.44
N GLY M 268 -68.38 58.16 13.00
CA GLY M 268 -68.04 58.22 14.42
C GLY M 268 -66.61 57.79 14.68
N GLY M 269 -65.75 57.89 13.67
CA GLY M 269 -64.38 57.47 13.83
C GLY M 269 -63.44 58.63 14.05
N VAL M 270 -62.64 58.56 15.12
CA VAL M 270 -61.71 59.64 15.44
C VAL M 270 -60.35 59.09 15.85
N ALA M 271 -59.29 59.88 15.70
CA ALA M 271 -57.97 59.46 16.14
C ALA M 271 -57.45 60.46 17.17
N VAL M 272 -56.99 59.96 18.32
CA VAL M 272 -56.49 60.85 19.37
C VAL M 272 -54.99 60.72 19.54
N SER M 273 -54.27 61.84 19.45
CA SER M 273 -52.82 61.81 19.57
C SER M 273 -52.37 61.98 20.99
N PHE M 274 -51.49 61.10 21.44
CA PHE M 274 -50.96 61.18 22.79
C PHE M 274 -49.46 61.28 22.73
N ARG M 275 -48.88 62.22 23.47
CA ARG M 275 -47.43 62.40 23.46
C ARG M 275 -46.75 61.17 24.03
N ASP M 276 -47.27 60.65 25.14
CA ASP M 276 -46.70 59.45 25.71
C ASP M 276 -47.68 58.32 25.92
N ASP M 277 -47.30 57.13 25.50
CA ASP M 277 -48.14 55.95 25.68
C ASP M 277 -48.42 55.52 27.10
N ARG M 278 -47.45 55.65 28.00
CA ARG M 278 -47.63 55.13 29.35
C ARG M 278 -48.81 55.70 30.12
N LYS M 279 -49.02 57.00 30.05
CA LYS M 279 -50.10 57.58 30.84
C LYS M 279 -51.45 57.04 30.43
N VAL M 280 -51.71 57.01 29.13
CA VAL M 280 -52.97 56.44 28.66
C VAL M 280 -53.13 54.94 28.81
N LEU M 281 -52.08 54.18 28.51
CA LEU M 281 -52.19 52.73 28.55
C LEU M 281 -52.22 52.18 29.95
N PRO M 282 -53.27 51.35 30.32
CA PRO M 282 -53.17 50.87 31.71
C PRO M 282 -51.93 50.01 31.89
N TRP M 283 -51.50 49.34 30.83
CA TRP M 283 -50.34 48.46 30.90
C TRP M 283 -49.01 49.11 30.52
N ASP M 284 -48.01 48.28 30.23
CA ASP M 284 -46.67 48.80 29.92
C ASP M 284 -46.58 49.66 28.67
N GLY M 285 -45.65 50.60 28.66
CA GLY M 285 -45.46 51.46 27.50
C GLY M 285 -44.04 51.53 27.00
N LYS M 286 -43.86 51.97 25.76
CA LYS M 286 -42.52 52.08 25.15
C LYS M 286 -42.01 53.51 25.07
N GLU M 287 -42.61 54.43 25.82
CA GLU M 287 -42.23 55.85 25.78
C GLU M 287 -42.33 56.45 24.37
N GLU M 288 -43.43 56.15 23.67
CA GLU M 288 -43.59 56.63 22.30
C GLU M 288 -44.95 57.31 22.09
N PRO M 289 -45.06 58.15 21.06
CA PRO M 289 -46.37 58.75 20.78
C PRO M 289 -47.43 57.73 20.45
N LEU M 290 -48.65 57.94 20.97
CA LEU M 290 -49.72 56.98 20.77
C LEU M 290 -50.87 57.52 19.95
N LEU M 291 -51.39 56.71 19.05
CA LEU M 291 -52.55 57.12 18.27
C LEU M 291 -53.67 56.20 18.70
N VAL M 292 -54.80 56.76 19.12
CA VAL M 292 -55.89 55.93 19.61
C VAL M 292 -57.13 56.15 18.73
N VAL M 293 -57.69 55.08 18.21
CA VAL M 293 -58.86 55.22 17.35
C VAL M 293 -60.10 54.96 18.18
N ALA M 294 -61.01 55.93 18.21
CA ALA M 294 -62.22 55.79 19.05
C ALA M 294 -63.54 55.92 18.30
N ASP M 295 -64.51 55.08 18.67
CA ASP M 295 -65.83 55.14 18.07
C ASP M 295 -66.83 55.73 19.06
N ARG M 296 -67.26 56.96 18.81
CA ARG M 296 -68.22 57.62 19.71
C ARG M 296 -69.61 56.99 19.66
N VAL M 297 -69.91 56.24 18.60
CA VAL M 297 -71.20 55.57 18.49
C VAL M 297 -71.41 54.57 19.64
N ARG M 298 -70.35 53.85 20.02
CA ARG M 298 -70.47 52.85 21.08
C ARG M 298 -70.01 53.38 22.42
N ASN M 299 -70.04 54.69 22.59
CA ASN M 299 -69.56 55.32 23.84
C ASN M 299 -70.23 54.82 25.11
N VAL M 300 -71.43 54.28 24.98
CA VAL M 300 -72.11 53.74 26.15
C VAL M 300 -71.30 52.58 26.66
N VAL M 301 -71.15 52.47 27.98
CA VAL M 301 -70.29 51.43 28.51
C VAL M 301 -71.10 50.15 28.67
N GLU M 302 -70.94 49.24 27.72
CA GLU M 302 -71.63 47.96 27.80
C GLU M 302 -70.64 46.81 27.83
N ALA M 303 -69.44 47.05 27.31
CA ALA M 303 -68.43 46.01 27.27
C ALA M 303 -67.55 46.11 28.49
N ASP M 304 -67.59 45.10 29.34
CA ASP M 304 -66.81 45.11 30.57
C ASP M 304 -65.32 45.15 30.26
N ASP M 305 -64.89 44.37 29.28
CA ASP M 305 -63.48 44.37 28.90
C ASP M 305 -63.16 45.46 27.89
N GLY M 306 -64.19 46.09 27.34
CA GLY M 306 -63.99 47.13 26.36
C GLY M 306 -63.35 48.36 26.96
N TYR M 307 -62.52 49.04 26.18
CA TYR M 307 -61.83 50.22 26.69
C TYR M 307 -62.51 51.47 26.19
N TYR M 308 -62.73 52.42 27.09
CA TYR M 308 -63.46 53.62 26.72
C TYR M 308 -62.64 54.86 27.03
N LEU M 309 -62.49 55.74 26.04
CA LEU M 309 -61.79 56.98 26.29
C LEU M 309 -62.66 57.86 27.17
N VAL M 310 -62.08 58.44 28.22
CA VAL M 310 -62.83 59.28 29.14
C VAL M 310 -62.00 60.49 29.50
N VAL M 311 -62.66 61.52 30.04
CA VAL M 311 -61.91 62.68 30.48
C VAL M 311 -61.39 62.44 31.88
N ALA M 312 -60.07 62.33 32.01
CA ALA M 312 -59.45 62.15 33.31
C ALA M 312 -59.12 63.51 33.86
N GLU M 313 -58.81 63.59 35.15
CA GLU M 313 -58.46 64.86 35.74
C GLU M 313 -57.20 65.41 35.10
N ASN M 314 -56.20 64.55 34.92
CA ASN M 314 -54.97 64.99 34.25
C ASN M 314 -55.20 65.33 32.79
N GLY M 315 -55.97 64.52 32.07
CA GLY M 315 -56.26 64.79 30.67
C GLY M 315 -57.23 63.83 30.04
N LEU M 316 -56.73 62.95 29.19
CA LEU M 316 -57.58 61.95 28.55
C LEU M 316 -57.01 60.58 28.84
N LYS M 317 -57.86 59.63 29.23
CA LYS M 317 -57.39 58.29 29.58
C LYS M 317 -58.25 57.19 28.99
N LEU M 318 -57.69 56.00 28.84
CA LEU M 318 -58.49 54.88 28.34
C LEU M 318 -58.86 54.04 29.54
N GLU M 319 -60.15 53.81 29.75
CA GLU M 319 -60.58 53.08 30.95
C GLU M 319 -61.40 51.83 30.65
N LYS M 320 -61.15 50.77 31.39
CA LYS M 320 -61.91 49.54 31.20
C LYS M 320 -63.36 49.74 31.55
N GLY M 321 -64.24 49.08 30.83
CA GLY M 321 -65.67 49.26 31.05
C GLY M 321 -66.12 48.87 32.44
N SER M 322 -65.59 47.75 32.93
CA SER M 322 -65.97 47.28 34.27
C SER M 322 -65.62 48.32 35.30
N ASP M 323 -64.47 48.97 35.14
CA ASP M 323 -64.05 50.00 36.07
C ASP M 323 -65.02 51.18 36.03
N LEU M 324 -65.44 51.57 34.83
CA LEU M 324 -66.42 52.65 34.70
C LEU M 324 -67.74 52.25 35.32
N LYS M 325 -68.14 50.99 35.15
CA LYS M 325 -69.37 50.49 35.76
C LYS M 325 -69.28 50.53 37.28
N ALA M 326 -68.09 50.30 37.83
CA ALA M 326 -67.90 50.38 39.27
C ALA M 326 -68.12 51.80 39.76
N ARG M 327 -67.82 52.78 38.90
CA ARG M 327 -68.05 54.18 39.25
C ARG M 327 -69.37 54.66 38.69
N GLU M 328 -70.15 53.75 38.11
CA GLU M 328 -71.45 54.08 37.50
C GLU M 328 -71.37 55.15 36.41
N VAL M 329 -70.35 55.08 35.57
CA VAL M 329 -70.27 56.01 34.46
C VAL M 329 -70.91 55.36 33.25
N LYS M 330 -72.12 55.80 32.90
CA LYS M 330 -72.84 55.17 31.79
C LYS M 330 -72.31 55.53 30.41
N GLU M 331 -71.69 56.70 30.28
CA GLU M 331 -71.26 57.16 28.96
C GLU M 331 -69.79 57.57 28.92
N SER M 332 -69.19 57.53 27.72
CA SER M 332 -67.77 57.86 27.59
C SER M 332 -67.56 58.74 26.37
N LEU M 333 -66.36 59.25 26.15
CA LEU M 333 -66.09 60.03 24.95
C LEU M 333 -66.25 59.14 23.73
N GLY M 334 -65.45 58.09 23.67
CA GLY M 334 -65.53 57.16 22.56
C GLY M 334 -65.10 55.79 23.03
N MET M 335 -65.45 54.75 22.29
CA MET M 335 -64.99 53.41 22.65
C MET M 335 -63.75 53.13 21.83
N VAL M 336 -62.64 52.83 22.48
CA VAL M 336 -61.41 52.61 21.76
C VAL M 336 -61.55 51.34 20.93
N VAL M 337 -61.28 51.45 19.63
CA VAL M 337 -61.35 50.29 18.76
C VAL M 337 -59.94 49.76 18.52
N LEU M 338 -59.00 50.67 18.23
CA LEU M 338 -57.64 50.25 17.94
C LEU M 338 -56.59 51.22 18.48
N VAL M 339 -55.42 50.69 18.83
CA VAL M 339 -54.34 51.54 19.28
C VAL M 339 -53.26 51.42 18.20
N VAL M 340 -52.80 52.54 17.67
CA VAL M 340 -51.78 52.51 16.62
C VAL M 340 -50.43 52.91 17.20
N ARG M 341 -49.39 52.15 16.88
CA ARG M 341 -48.06 52.43 17.39
C ARG M 341 -47.15 52.90 16.26
N PRO M 342 -46.29 53.89 16.54
CA PRO M 342 -45.44 54.48 15.48
C PRO M 342 -44.34 53.63 14.88
N PRO M 343 -44.03 53.86 13.60
CA PRO M 343 -42.90 53.14 13.01
C PRO M 343 -41.58 53.76 13.42
N ARG M 344 -40.65 52.97 13.94
CA ARG M 344 -39.32 53.51 14.26
C ARG M 344 -38.24 52.59 13.68
N GLU M 345 -37.03 53.11 13.50
CA GLU M 345 -35.93 52.32 12.94
C GLU M 345 -34.69 52.38 13.82
N ARG N 196 42.38 -59.19 8.66
CA ARG N 196 43.41 -60.20 8.43
C ARG N 196 44.63 -59.60 7.76
N ILE N 197 44.90 -59.97 6.52
CA ILE N 197 46.03 -59.40 5.80
C ILE N 197 45.55 -58.25 4.95
N PRO N 198 46.23 -57.10 5.04
CA PRO N 198 45.83 -56.01 4.15
C PRO N 198 46.12 -56.38 2.71
N VAL N 199 45.11 -56.26 1.85
CA VAL N 199 45.29 -56.63 0.45
C VAL N 199 44.93 -55.49 -0.48
N VAL N 200 45.92 -54.92 -1.18
CA VAL N 200 45.63 -53.89 -2.17
C VAL N 200 45.98 -54.47 -3.53
N ARG N 201 45.04 -54.46 -4.46
CA ARG N 201 45.27 -55.09 -5.75
C ARG N 201 45.73 -54.13 -6.83
N LEU N 202 46.83 -54.46 -7.51
CA LEU N 202 47.30 -53.64 -8.62
C LEU N 202 46.28 -53.76 -9.74
N LYS N 203 45.98 -52.67 -10.44
CA LYS N 203 44.94 -52.70 -11.45
C LYS N 203 45.38 -52.20 -12.81
N PHE N 204 44.67 -52.62 -13.85
CA PHE N 204 44.99 -52.18 -15.20
C PHE N 204 44.73 -50.69 -15.40
N GLY N 205 45.58 -50.02 -16.17
CA GLY N 205 45.41 -48.61 -16.43
C GLY N 205 45.97 -47.71 -15.35
N GLU N 206 46.59 -48.30 -14.34
CA GLU N 206 47.15 -47.53 -13.24
C GLU N 206 48.47 -46.89 -13.61
N VAL N 207 48.87 -47.05 -14.87
CA VAL N 207 50.14 -46.51 -15.33
C VAL N 207 50.01 -45.06 -15.82
N ALA N 208 48.79 -44.53 -15.83
CA ALA N 208 48.59 -43.20 -16.39
C ALA N 208 49.34 -42.07 -15.69
N GLU N 209 49.32 -42.05 -14.35
CA GLU N 209 50.01 -40.99 -13.61
C GLU N 209 50.37 -41.30 -12.16
N ALA N 210 51.34 -42.19 -11.95
CA ALA N 210 51.77 -42.43 -10.58
C ALA N 210 52.72 -41.32 -10.16
N THR N 211 52.37 -40.60 -9.10
CA THR N 211 53.23 -39.51 -8.63
C THR N 211 54.41 -40.03 -7.84
N SER N 212 54.20 -41.06 -7.04
CA SER N 212 55.34 -41.66 -6.33
C SER N 212 55.32 -43.17 -6.45
N VAL N 213 56.50 -43.76 -6.53
CA VAL N 213 56.60 -45.20 -6.70
C VAL N 213 57.81 -45.71 -5.87
N VAL N 214 57.77 -46.95 -5.40
CA VAL N 214 58.88 -47.53 -4.62
C VAL N 214 59.40 -48.84 -5.23
N VAL N 215 60.65 -49.20 -4.94
CA VAL N 215 61.24 -50.41 -5.51
C VAL N 215 61.57 -51.48 -4.48
N LEU N 216 61.17 -52.72 -4.74
CA LEU N 216 61.48 -53.81 -3.81
C LEU N 216 62.20 -54.99 -4.49
N PRO N 217 63.21 -55.64 -3.82
CA PRO N 217 63.75 -56.83 -4.51
C PRO N 217 62.74 -57.96 -4.58
N VAL N 218 62.94 -58.89 -5.51
CA VAL N 218 61.97 -59.96 -5.68
C VAL N 218 62.53 -61.33 -5.30
N CYS N 219 61.79 -62.08 -4.51
CA CYS N 219 62.21 -63.42 -4.14
C CYS N 219 61.03 -64.29 -4.53
N LYS N 220 61.23 -65.58 -4.72
CA LYS N 220 60.14 -66.44 -5.19
C LYS N 220 59.94 -67.64 -4.31
N ALA N 221 58.77 -68.26 -4.41
CA ALA N 221 58.49 -69.46 -3.62
C ALA N 221 59.51 -70.54 -3.94
N GLU N 222 59.79 -70.72 -5.23
CA GLU N 222 60.78 -71.70 -5.65
C GLU N 222 62.17 -71.33 -5.14
N GLU N 223 62.50 -70.03 -5.17
CA GLU N 223 63.79 -69.58 -4.69
C GLU N 223 63.96 -69.88 -3.20
N GLY N 224 62.89 -69.72 -2.43
CA GLY N 224 62.95 -70.10 -1.02
C GLY N 224 63.43 -69.12 0.00
N GLU N 225 63.52 -69.56 1.25
CA GLU N 225 63.93 -68.70 2.36
C GLU N 225 65.31 -68.11 2.15
N LYS N 226 66.19 -68.86 1.50
CA LYS N 226 67.55 -68.41 1.34
C LYS N 226 67.60 -67.13 0.54
N LYS N 227 66.79 -67.04 -0.51
CA LYS N 227 66.76 -65.85 -1.32
C LYS N 227 66.32 -64.63 -0.53
N ILE N 228 65.33 -64.81 0.34
CA ILE N 228 64.86 -63.70 1.17
C ILE N 228 65.95 -63.22 2.11
N LEU N 229 66.75 -64.13 2.66
CA LEU N 229 67.88 -63.69 3.49
C LEU N 229 68.89 -62.96 2.61
N GLU N 230 69.13 -63.48 1.42
CA GLU N 230 70.10 -62.87 0.49
C GLU N 230 69.74 -61.47 -0.01
N ALA N 231 68.46 -61.17 -0.14
CA ALA N 231 68.03 -59.89 -0.71
C ALA N 231 68.55 -58.67 0.06
N PRO N 232 68.93 -57.60 -0.67
CA PRO N 232 69.46 -56.39 -0.01
C PRO N 232 68.42 -55.70 0.84
N MET N 233 68.75 -55.44 2.11
CA MET N 233 67.77 -54.86 3.01
C MET N 233 67.79 -53.36 2.93
N GLU N 234 68.99 -52.79 2.82
CA GLU N 234 69.07 -51.35 2.83
C GLU N 234 69.18 -50.84 1.42
N ILE N 235 68.19 -50.05 1.01
CA ILE N 235 68.26 -49.45 -0.30
C ILE N 235 68.56 -48.00 0.00
N ILE N 236 69.71 -47.55 -0.45
CA ILE N 236 70.16 -46.21 -0.11
C ILE N 236 69.50 -45.18 -0.99
N ALA N 237 68.75 -44.28 -0.36
CA ALA N 237 68.09 -43.26 -1.12
C ALA N 237 68.98 -42.06 -1.22
N GLY N 238 69.60 -41.88 -2.39
CA GLY N 238 70.41 -40.70 -2.65
C GLY N 238 69.54 -40.07 -3.68
N GLY N 239 68.26 -40.44 -3.69
CA GLY N 239 67.35 -39.99 -4.72
C GLY N 239 67.06 -38.56 -4.95
N ASP N 240 66.84 -38.24 -6.22
CA ASP N 240 66.44 -36.90 -6.53
C ASP N 240 64.98 -37.09 -6.86
N PHE N 241 64.66 -37.59 -8.03
CA PHE N 241 63.26 -37.94 -8.23
C PHE N 241 63.12 -39.44 -8.04
N LYS N 242 64.18 -40.11 -7.52
CA LYS N 242 64.20 -41.57 -7.19
C LYS N 242 65.58 -42.25 -7.20
N VAL N 243 66.66 -41.61 -7.68
CA VAL N 243 67.93 -42.36 -7.85
C VAL N 243 68.34 -43.22 -6.64
N VAL N 244 68.58 -44.50 -6.91
CA VAL N 244 68.81 -45.41 -5.78
C VAL N 244 69.94 -46.40 -6.00
N GLU N 245 70.56 -46.86 -4.92
CA GLU N 245 71.62 -47.85 -5.03
C GLU N 245 71.32 -48.91 -3.96
N ALA N 246 71.79 -50.14 -4.17
CA ALA N 246 71.49 -51.20 -3.21
C ALA N 246 72.76 -51.77 -2.62
N GLU N 247 72.71 -52.16 -1.34
CA GLU N 247 73.90 -52.68 -0.68
C GLU N 247 74.40 -53.94 -1.37
N LYS N 248 73.50 -54.70 -1.99
CA LYS N 248 73.89 -55.91 -2.71
C LYS N 248 73.28 -55.90 -4.11
N GLY N 249 73.95 -56.53 -5.08
CA GLY N 249 73.39 -56.63 -6.41
C GLY N 249 72.27 -57.66 -6.44
N TRP N 250 71.14 -57.29 -7.05
CA TRP N 250 69.99 -58.19 -7.11
C TRP N 250 69.39 -58.33 -8.50
N LYS N 251 69.20 -59.56 -8.95
CA LYS N 251 68.64 -59.80 -10.28
C LYS N 251 67.21 -59.36 -10.54
N ARG N 252 66.31 -59.55 -9.57
CA ARG N 252 64.90 -59.25 -9.83
C ARG N 252 64.31 -58.11 -9.01
N TRP N 253 63.64 -57.18 -9.67
CA TRP N 253 63.08 -56.03 -8.99
C TRP N 253 61.63 -55.79 -9.37
N VAL N 254 60.79 -55.51 -8.37
CA VAL N 254 59.41 -55.18 -8.68
C VAL N 254 59.22 -53.71 -8.39
N VAL N 255 58.46 -53.07 -9.26
CA VAL N 255 58.21 -51.65 -9.09
C VAL N 255 56.81 -51.57 -8.54
N LEU N 256 56.68 -50.97 -7.37
CA LEU N 256 55.39 -50.91 -6.72
C LEU N 256 55.04 -49.47 -6.53
N PRO N 257 53.75 -49.14 -6.62
CA PRO N 257 53.33 -47.78 -6.33
C PRO N 257 53.52 -47.45 -4.86
N SER N 258 53.68 -46.17 -4.55
CA SER N 258 53.88 -45.75 -3.17
C SER N 258 52.63 -45.85 -2.35
N TRP N 259 52.08 -47.04 -2.24
CA TRP N 259 50.93 -47.24 -1.39
C TRP N 259 51.47 -46.99 -0.01
N ASN N 260 50.67 -46.44 0.89
CA ASN N 260 51.20 -46.06 2.20
C ASN N 260 51.84 -47.21 3.01
N PRO N 261 51.21 -48.40 3.04
CA PRO N 261 51.93 -49.44 3.79
C PRO N 261 53.29 -49.78 3.19
N VAL N 262 53.39 -49.89 1.88
CA VAL N 262 54.67 -50.16 1.23
C VAL N 262 55.68 -49.04 1.44
N ALA N 263 55.22 -47.81 1.34
CA ALA N 263 56.10 -46.65 1.54
C ALA N 263 56.65 -46.62 2.95
N ALA N 264 55.84 -46.99 3.93
CA ALA N 264 56.24 -46.97 5.34
C ALA N 264 57.43 -47.86 5.66
N ILE N 265 57.52 -49.01 5.01
CA ILE N 265 58.60 -49.97 5.29
C ILE N 265 60.00 -49.40 5.14
N GLY N 266 60.29 -48.83 3.99
CA GLY N 266 61.66 -48.37 3.75
C GLY N 266 62.58 -49.58 3.78
N LYS N 267 63.59 -49.54 4.63
CA LYS N 267 64.55 -50.65 4.71
C LYS N 267 63.90 -51.94 5.19
N GLY N 268 64.37 -53.08 4.67
CA GLY N 268 63.84 -54.36 5.06
C GLY N 268 62.60 -54.74 4.26
N GLY N 269 62.44 -54.15 3.09
CA GLY N 269 61.27 -54.42 2.28
C GLY N 269 61.54 -55.42 1.17
N VAL N 270 60.72 -56.47 1.10
CA VAL N 270 60.91 -57.50 0.08
C VAL N 270 59.58 -57.92 -0.53
N ALA N 271 59.60 -58.44 -1.76
CA ALA N 271 58.39 -58.94 -2.37
C ALA N 271 58.56 -60.42 -2.70
N VAL N 272 57.60 -61.25 -2.30
CA VAL N 272 57.71 -62.68 -2.55
C VAL N 272 56.67 -63.14 -3.56
N SER N 273 57.12 -63.79 -4.63
CA SER N 273 56.22 -64.25 -5.68
C SER N 273 55.69 -65.63 -5.42
N PHE N 274 54.38 -65.80 -5.51
CA PHE N 274 53.78 -67.10 -5.29
C PHE N 274 52.98 -67.46 -6.53
N ARG N 275 53.15 -68.69 -7.02
CA ARG N 275 52.44 -69.14 -8.21
C ARG N 275 50.95 -69.18 -7.94
N ASP N 276 50.57 -69.72 -6.79
CA ASP N 276 49.15 -69.75 -6.44
C ASP N 276 48.81 -69.12 -5.11
N ASP N 277 47.79 -68.29 -5.10
CA ASP N 277 47.35 -67.64 -3.86
C ASP N 277 46.81 -68.55 -2.79
N ARG N 278 46.09 -69.61 -3.15
CA ARG N 278 45.43 -70.44 -2.15
C ARG N 278 46.34 -71.06 -1.12
N LYS N 279 47.49 -71.59 -1.54
CA LYS N 279 48.34 -72.27 -0.58
C LYS N 279 48.85 -71.32 0.50
N VAL N 280 49.33 -70.15 0.10
CA VAL N 280 49.76 -69.16 1.07
C VAL N 280 48.66 -68.52 1.91
N LEU N 281 47.55 -68.16 1.27
CA LEU N 281 46.50 -67.45 2.00
C LEU N 281 45.72 -68.34 2.92
N PRO N 282 45.61 -67.99 4.25
CA PRO N 282 44.81 -68.93 5.04
C PRO N 282 43.37 -68.97 4.54
N TRP N 283 42.90 -67.86 3.98
CA TRP N 283 41.52 -67.79 3.50
C TRP N 283 41.34 -68.12 2.03
N ASP N 284 40.20 -67.73 1.47
CA ASP N 284 39.89 -68.05 0.07
C ASP N 284 40.82 -67.44 -0.96
N GLY N 285 41.00 -68.14 -2.08
CA GLY N 285 41.86 -67.64 -3.15
C GLY N 285 41.20 -67.61 -4.51
N LYS N 286 41.77 -66.83 -5.43
CA LYS N 286 41.23 -66.72 -6.78
C LYS N 286 42.04 -67.47 -7.83
N GLU N 287 42.89 -68.41 -7.40
CA GLU N 287 43.76 -69.16 -8.32
C GLU N 287 44.66 -68.25 -9.16
N GLU N 288 45.26 -67.25 -8.53
CA GLU N 288 46.10 -66.31 -9.27
C GLU N 288 47.46 -66.12 -8.61
N PRO N 289 48.46 -65.64 -9.38
CA PRO N 289 49.76 -65.37 -8.77
C PRO N 289 49.70 -64.33 -7.67
N LEU N 290 50.44 -64.57 -6.58
CA LEU N 290 50.38 -63.66 -5.44
C LEU N 290 51.70 -62.95 -5.18
N LEU N 291 51.62 -61.67 -4.86
CA LEU N 291 52.83 -60.93 -4.52
C LEU N 291 52.68 -60.56 -3.07
N VAL N 292 53.66 -60.90 -2.23
CA VAL N 292 53.54 -60.62 -0.81
C VAL N 292 54.68 -59.70 -0.38
N VAL N 293 54.33 -58.59 0.26
CA VAL N 293 55.35 -57.65 0.69
C VAL N 293 55.66 -57.90 2.14
N ALA N 294 56.93 -58.17 2.46
CA ALA N 294 57.30 -58.50 3.84
C ALA N 294 58.38 -57.62 4.44
N ASP N 295 58.22 -57.26 5.71
CA ASP N 295 59.21 -56.46 6.42
C ASP N 295 59.96 -57.33 7.41
N ARG N 296 61.22 -57.62 7.10
CA ARG N 296 62.05 -58.44 7.99
C ARG N 296 62.40 -57.74 9.30
N VAL N 297 62.29 -56.42 9.35
CA VAL N 297 62.58 -55.68 10.57
C VAL N 297 61.63 -56.09 11.70
N ARG N 298 60.36 -56.32 11.38
CA ARG N 298 59.37 -56.69 12.40
C ARG N 298 59.14 -58.18 12.47
N ASN N 299 60.12 -58.97 12.02
CA ASN N 299 59.99 -60.43 11.97
C ASN N 299 59.64 -61.08 13.31
N VAL N 300 59.97 -60.41 14.41
CA VAL N 300 59.66 -60.95 15.71
C VAL N 300 58.15 -61.01 15.83
N VAL N 301 57.64 -62.10 16.39
CA VAL N 301 56.19 -62.24 16.43
C VAL N 301 55.64 -61.55 17.67
N GLU N 302 55.11 -60.34 17.48
CA GLU N 302 54.52 -59.61 18.59
C GLU N 302 53.05 -59.33 18.33
N ALA N 303 52.68 -59.31 17.05
CA ALA N 303 51.29 -59.02 16.70
C ALA N 303 50.53 -60.31 16.57
N ASP N 304 49.54 -60.51 17.44
CA ASP N 304 48.76 -61.74 17.41
C ASP N 304 48.00 -61.88 16.12
N ASP N 305 47.42 -60.78 15.63
CA ASP N 305 46.69 -60.81 14.37
C ASP N 305 47.60 -60.58 13.18
N GLY N 306 48.84 -60.17 13.44
CA GLY N 306 49.79 -59.92 12.38
C GLY N 306 50.18 -61.19 11.66
N TYR N 307 50.42 -61.07 10.35
CA TYR N 307 50.78 -62.25 9.57
C TYR N 307 52.25 -62.28 9.32
N TYR N 308 52.87 -63.43 9.52
CA TYR N 308 54.30 -63.53 9.38
C TYR N 308 54.68 -64.60 8.38
N LEU N 309 55.54 -64.25 7.43
CA LEU N 309 56.00 -65.24 6.48
C LEU N 309 56.94 -66.19 7.19
N VAL N 310 56.76 -67.49 7.00
CA VAL N 310 57.59 -68.49 7.67
C VAL N 310 57.94 -69.58 6.69
N VAL N 311 58.96 -70.37 7.01
CA VAL N 311 59.29 -71.50 6.16
C VAL N 311 58.43 -72.69 6.52
N ALA N 312 57.52 -73.06 5.63
CA ALA N 312 56.67 -74.22 5.87
C ALA N 312 57.36 -75.44 5.29
N GLU N 313 56.89 -76.62 5.65
CA GLU N 313 57.49 -77.83 5.11
C GLU N 313 57.34 -77.88 3.60
N ASN N 314 56.15 -77.56 3.11
CA ASN N 314 55.94 -77.52 1.67
C ASN N 314 56.73 -76.41 0.99
N GLY N 315 56.75 -75.22 1.59
CA GLY N 315 57.51 -74.11 1.02
C GLY N 315 57.53 -72.86 1.87
N LEU N 316 56.78 -71.85 1.45
CA LEU N 316 56.69 -70.61 2.22
C LEU N 316 55.23 -70.33 2.51
N LYS N 317 54.92 -69.98 3.75
CA LYS N 317 53.52 -69.75 4.13
C LYS N 317 53.35 -68.49 4.96
N LEU N 318 52.15 -67.91 4.96
CA LEU N 318 51.90 -66.75 5.81
C LEU N 318 51.15 -67.25 7.03
N GLU N 319 51.68 -66.98 8.22
CA GLU N 319 51.06 -67.51 9.43
C GLU N 319 50.68 -66.45 10.45
N LYS N 320 49.52 -66.62 11.07
CA LYS N 320 49.08 -65.67 12.08
C LYS N 320 50.00 -65.70 13.28
N GLY N 321 50.21 -64.54 13.89
CA GLY N 321 51.12 -64.46 15.01
C GLY N 321 50.71 -65.31 16.19
N SER N 322 49.42 -65.32 16.51
CA SER N 322 48.92 -66.10 17.62
C SER N 322 49.23 -67.56 17.41
N ASP N 323 49.09 -68.03 16.17
CA ASP N 323 49.39 -69.42 15.86
C ASP N 323 50.86 -69.71 16.09
N LEU N 324 51.73 -68.80 15.67
CA LEU N 324 53.16 -68.98 15.90
C LEU N 324 53.46 -68.97 17.39
N LYS N 325 52.79 -68.11 18.14
CA LYS N 325 52.97 -68.07 19.60
C LYS N 325 52.54 -69.38 20.23
N ALA N 326 51.52 -70.01 19.68
CA ALA N 326 51.07 -71.31 20.19
C ALA N 326 52.15 -72.35 20.00
N ARG N 327 52.95 -72.20 18.94
CA ARG N 327 54.06 -73.12 18.69
C ARG N 327 55.35 -72.55 19.23
N GLU N 328 55.27 -71.43 19.94
CA GLU N 328 56.46 -70.76 20.50
C GLU N 328 57.52 -70.39 19.48
N VAL N 329 57.09 -69.91 18.31
CA VAL N 329 58.05 -69.46 17.32
C VAL N 329 58.27 -67.97 17.51
N LYS N 330 59.40 -67.59 18.08
CA LYS N 330 59.65 -66.18 18.37
C LYS N 330 59.99 -65.34 17.15
N GLU N 331 60.55 -65.95 16.12
CA GLU N 331 60.99 -65.18 14.95
C GLU N 331 60.46 -65.72 13.63
N SER N 332 60.39 -64.86 12.62
CA SER N 332 59.85 -65.26 11.33
C SER N 332 60.73 -64.73 10.20
N LEU N 333 60.46 -65.09 8.96
CA LEU N 333 61.23 -64.53 7.84
C LEU N 333 60.97 -63.05 7.76
N GLY N 334 59.70 -62.68 7.56
CA GLY N 334 59.35 -61.27 7.48
C GLY N 334 57.93 -61.10 7.97
N MET N 335 57.54 -59.88 8.32
CA MET N 335 56.16 -59.65 8.70
C MET N 335 55.43 -59.13 7.47
N VAL N 336 54.37 -59.82 7.07
CA VAL N 336 53.67 -59.41 5.87
C VAL N 336 53.02 -58.06 6.11
N VAL N 337 53.29 -57.10 5.23
CA VAL N 337 52.68 -55.79 5.36
C VAL N 337 51.52 -55.68 4.39
N LEU N 338 51.74 -56.11 3.16
CA LEU N 338 50.69 -56.01 2.13
C LEU N 338 50.66 -57.19 1.18
N VAL N 339 49.47 -57.53 0.68
CA VAL N 339 49.38 -58.59 -0.31
C VAL N 339 48.93 -57.90 -1.59
N VAL N 340 49.63 -58.15 -2.69
CA VAL N 340 49.30 -57.49 -3.95
C VAL N 340 48.69 -58.49 -4.92
N ARG N 341 47.57 -58.12 -5.53
CA ARG N 341 46.88 -59.02 -6.45
C ARG N 341 46.98 -58.51 -7.88
N PRO N 342 47.13 -59.42 -8.86
CA PRO N 342 47.33 -59.02 -10.26
C PRO N 342 46.19 -58.32 -11.00
N PRO N 343 46.53 -57.43 -11.94
CA PRO N 343 45.50 -56.77 -12.75
C PRO N 343 44.75 -57.77 -13.62
N ARG N 344 43.43 -57.58 -13.78
CA ARG N 344 42.64 -58.53 -14.56
C ARG N 344 41.50 -57.85 -15.32
N GLU N 345 40.76 -58.62 -16.11
CA GLU N 345 39.62 -58.09 -16.85
C GLU N 345 38.30 -58.43 -16.17
N ARG O 196 51.43 18.05 -66.75
CA ARG O 196 50.27 17.46 -67.41
C ARG O 196 49.28 18.53 -67.84
N ILE O 197 48.09 18.53 -67.23
CA ILE O 197 47.12 19.57 -67.54
C ILE O 197 47.22 20.69 -66.54
N PRO O 198 47.30 21.94 -67.02
CA PRO O 198 47.31 23.04 -66.05
C PRO O 198 45.98 23.10 -65.33
N VAL O 199 46.02 23.13 -64.00
CA VAL O 199 44.79 23.14 -63.22
C VAL O 199 44.77 24.31 -62.25
N VAL O 200 43.88 25.28 -62.48
CA VAL O 200 43.73 26.38 -61.52
C VAL O 200 42.35 26.25 -60.92
N ARG O 201 42.26 26.20 -59.60
CA ARG O 201 40.98 25.96 -58.94
C ARG O 201 40.29 27.25 -58.50
N LEU O 202 39.02 27.41 -58.88
CA LEU O 202 38.25 28.57 -58.42
C LEU O 202 38.03 28.41 -56.93
N LYS O 203 38.12 29.50 -56.17
CA LYS O 203 38.03 29.38 -54.72
C LYS O 203 36.97 30.28 -54.10
N PHE O 204 36.51 29.93 -52.91
CA PHE O 204 35.52 30.74 -52.21
C PHE O 204 36.09 32.09 -51.79
N GLY O 205 35.27 33.13 -51.85
CA GLY O 205 35.71 34.46 -51.44
C GLY O 205 36.46 35.21 -52.53
N GLU O 206 36.58 34.61 -53.71
CA GLU O 206 37.31 35.25 -54.80
C GLU O 206 36.47 36.31 -55.48
N VAL O 207 35.28 36.56 -54.94
CA VAL O 207 34.38 37.55 -55.54
C VAL O 207 34.64 38.96 -55.01
N ALA O 208 35.57 39.09 -54.06
CA ALA O 208 35.79 40.40 -53.44
C ALA O 208 36.24 41.52 -54.40
N GLU O 209 37.20 41.22 -55.27
CA GLU O 209 37.70 42.24 -56.20
C GLU O 209 38.39 41.72 -57.46
N ALA O 210 37.62 41.14 -58.38
CA ALA O 210 38.25 40.74 -59.64
C ALA O 210 38.37 41.95 -60.53
N THR O 211 39.59 42.27 -60.94
CA THR O 211 39.81 43.43 -61.81
C THR O 211 39.46 43.11 -63.25
N SER O 212 39.78 41.91 -63.71
CA SER O 212 39.37 41.53 -65.05
C SER O 212 38.75 40.16 -65.08
N VAL O 213 37.76 39.97 -65.94
CA VAL O 213 37.06 38.70 -66.00
C VAL O 213 36.72 38.39 -67.48
N VAL O 214 36.62 37.11 -67.86
CA VAL O 214 36.29 36.74 -69.24
C VAL O 214 35.08 35.81 -69.31
N VAL O 215 34.39 35.78 -70.45
CA VAL O 215 33.19 34.96 -70.59
C VAL O 215 33.33 33.83 -71.60
N LEU O 216 32.93 32.61 -71.22
CA LEU O 216 33.00 31.48 -72.15
C LEU O 216 31.65 30.75 -72.31
N PRO O 217 31.28 30.29 -73.55
CA PRO O 217 30.04 29.51 -73.58
C PRO O 217 30.18 28.17 -72.87
N VAL O 218 29.07 27.58 -72.45
CA VAL O 218 29.14 26.34 -71.69
C VAL O 218 28.57 25.15 -72.46
N CYS O 219 29.30 24.06 -72.49
CA CYS O 219 28.82 22.84 -73.14
C CYS O 219 28.95 21.79 -72.07
N LYS O 220 28.21 20.69 -72.17
CA LYS O 220 28.23 19.68 -71.11
C LYS O 220 28.55 18.31 -71.65
N ALA O 221 28.95 17.41 -70.76
CA ALA O 221 29.24 16.03 -71.17
C ALA O 221 28.00 15.41 -71.77
N GLU O 222 26.85 15.62 -71.13
CA GLU O 222 25.60 15.09 -71.66
C GLU O 222 25.25 15.73 -73.00
N GLU O 223 25.52 17.03 -73.13
CA GLU O 223 25.23 17.72 -74.38
C GLU O 223 26.07 17.15 -75.51
N GLY O 224 27.32 16.81 -75.23
CA GLY O 224 28.14 16.16 -76.24
C GLY O 224 28.94 16.99 -77.22
N GLU O 225 29.60 16.31 -78.15
CA GLU O 225 30.45 16.99 -79.13
C GLU O 225 29.69 17.98 -79.97
N LYS O 226 28.43 17.68 -80.25
CA LYS O 226 27.64 18.55 -81.12
C LYS O 226 27.52 19.93 -80.52
N LYS O 227 27.30 20.01 -79.21
CA LYS O 227 27.17 21.29 -78.56
C LYS O 227 28.44 22.11 -78.69
N ILE O 228 29.60 21.46 -78.54
CA ILE O 228 30.87 22.16 -78.68
C ILE O 228 31.06 22.71 -80.07
N LEU O 229 30.63 21.98 -81.10
CA LEU O 229 30.69 22.53 -82.46
C LEU O 229 29.73 23.71 -82.57
N GLU O 230 28.54 23.58 -81.98
CA GLU O 230 27.52 24.63 -82.04
C GLU O 230 27.89 25.93 -81.33
N ALA O 231 28.69 25.87 -80.27
CA ALA O 231 29.01 27.06 -79.49
C ALA O 231 29.69 28.17 -80.30
N PRO O 232 29.34 29.44 -80.03
CA PRO O 232 29.91 30.56 -80.77
C PRO O 232 31.41 30.71 -80.53
N MET O 233 32.19 30.76 -81.60
CA MET O 233 33.64 30.81 -81.45
C MET O 233 34.11 32.23 -81.30
N GLU O 234 33.52 33.13 -82.07
CA GLU O 234 34.00 34.49 -82.03
C GLU O 234 33.13 35.32 -81.12
N ILE O 235 33.72 35.84 -80.07
CA ILE O 235 32.97 36.72 -79.21
C ILE O 235 33.54 38.09 -79.52
N ILE O 236 32.68 38.96 -80.04
CA ILE O 236 33.14 40.26 -80.50
C ILE O 236 33.30 41.21 -79.36
N ALA O 237 34.52 41.68 -79.16
CA ALA O 237 34.76 42.61 -78.10
C ALA O 237 34.58 44.02 -78.59
N GLY O 238 33.45 44.63 -78.27
CA GLY O 238 33.21 46.02 -78.61
C GLY O 238 33.24 46.59 -77.23
N GLY O 239 33.86 45.86 -76.30
CA GLY O 239 33.84 46.24 -74.91
C GLY O 239 34.38 47.54 -74.43
N ASP O 240 33.74 48.06 -73.40
CA ASP O 240 34.26 49.26 -72.80
C ASP O 240 34.82 48.72 -71.52
N PHE O 241 34.00 48.44 -70.53
CA PHE O 241 34.59 47.74 -69.38
C PHE O 241 34.26 46.27 -69.52
N LYS O 242 33.75 45.83 -70.70
CA LYS O 242 33.43 44.42 -71.04
C LYS O 242 32.34 44.19 -72.10
N VAL O 243 31.59 45.21 -72.53
CA VAL O 243 30.41 44.92 -73.41
C VAL O 243 30.71 43.98 -74.57
N VAL O 244 29.91 42.92 -74.68
CA VAL O 244 30.23 41.89 -75.66
C VAL O 244 29.03 41.35 -76.42
N GLU O 245 29.26 40.86 -77.63
CA GLU O 245 28.18 40.27 -78.41
C GLU O 245 28.73 38.97 -78.97
N ALA O 246 27.85 38.00 -79.27
CA ALA O 246 28.32 36.71 -79.77
C ALA O 246 27.77 36.42 -81.14
N GLU O 247 28.55 35.76 -81.98
CA GLU O 247 28.12 35.47 -83.35
C GLU O 247 26.85 34.61 -83.34
N LYS O 248 26.69 33.78 -82.31
CA LYS O 248 25.50 32.93 -82.21
C LYS O 248 24.89 33.08 -80.82
N GLY O 249 23.57 32.92 -80.72
CA GLY O 249 22.94 32.96 -79.41
C GLY O 249 23.21 31.69 -78.64
N TRP O 250 23.59 31.83 -77.37
CA TRP O 250 23.91 30.68 -76.54
C TRP O 250 23.25 30.69 -75.17
N LYS O 251 22.60 29.59 -74.81
CA LYS O 251 21.90 29.49 -73.53
C LYS O 251 22.75 29.55 -72.28
N ARG O 252 23.90 28.89 -72.27
CA ARG O 252 24.69 28.81 -71.03
C ARG O 252 26.04 29.50 -71.07
N TRP O 253 26.31 30.32 -70.05
CA TRP O 253 27.57 31.07 -70.03
C TRP O 253 28.27 30.95 -68.68
N VAL O 254 29.57 30.73 -68.71
CA VAL O 254 30.31 30.71 -67.45
C VAL O 254 31.17 31.96 -67.39
N VAL O 255 31.24 32.53 -66.21
CA VAL O 255 32.04 33.72 -66.05
C VAL O 255 33.31 33.27 -65.37
N LEU O 256 34.42 33.52 -66.02
CA LEU O 256 35.69 33.04 -65.48
C LEU O 256 36.57 34.24 -65.26
N PRO O 257 37.40 34.17 -64.22
CA PRO O 257 38.37 35.26 -64.01
C PRO O 257 39.40 35.29 -65.11
N SER O 258 39.99 36.45 -65.35
CA SER O 258 40.99 36.59 -66.40
C SER O 258 42.30 35.95 -66.01
N TRP O 259 42.28 34.64 -65.78
CA TRP O 259 43.51 33.93 -65.50
C TRP O 259 44.24 34.01 -66.81
N ASN O 260 45.56 34.08 -66.77
CA ASN O 260 46.30 34.29 -68.02
C ASN O 260 46.08 33.23 -69.11
N PRO O 261 46.05 31.93 -68.76
CA PRO O 261 45.76 31.00 -69.87
C PRO O 261 44.38 31.23 -70.49
N VAL O 262 43.35 31.45 -69.69
CA VAL O 262 42.01 31.72 -70.22
C VAL O 262 41.97 33.01 -71.03
N ALA O 263 42.63 34.05 -70.54
CA ALA O 263 42.66 35.33 -71.24
C ALA O 263 43.33 35.20 -72.59
N ALA O 264 44.38 34.39 -72.67
CA ALA O 264 45.14 34.23 -73.91
C ALA O 264 44.32 33.66 -75.07
N ILE O 265 43.38 32.77 -74.78
CA ILE O 265 42.58 32.13 -75.84
C ILE O 265 41.84 33.10 -76.73
N GLY O 266 41.06 34.00 -76.14
CA GLY O 266 40.23 34.87 -76.95
C GLY O 266 39.25 34.01 -77.74
N LYS O 267 39.25 34.15 -79.06
CA LYS O 267 38.32 33.38 -79.90
C LYS O 267 38.58 31.88 -79.83
N GLY O 268 37.51 31.10 -79.90
CA GLY O 268 37.65 29.65 -79.87
C GLY O 268 37.70 29.12 -78.45
N GLY O 269 37.17 29.88 -77.50
CA GLY O 269 37.22 29.47 -76.11
C GLY O 269 35.91 28.87 -75.64
N VAL O 270 35.97 27.68 -75.06
CA VAL O 270 34.76 27.00 -74.59
C VAL O 270 34.97 26.36 -73.22
N ALA O 271 33.90 26.16 -72.46
CA ALA O 271 34.02 25.49 -71.17
C ALA O 271 33.15 24.24 -71.19
N VAL O 272 33.71 23.09 -70.81
CA VAL O 272 32.94 21.84 -70.82
C VAL O 272 32.69 21.35 -69.42
N SER O 273 31.42 21.12 -69.08
CA SER O 273 31.05 20.67 -67.74
C SER O 273 31.06 19.17 -67.62
N PHE O 274 31.72 18.65 -66.60
CA PHE O 274 31.77 17.22 -66.39
C PHE O 274 31.24 16.92 -65.00
N ARG O 275 30.35 15.95 -64.89
CA ARG O 275 29.78 15.59 -63.60
C ARG O 275 30.85 15.06 -62.67
N ASP O 276 31.71 14.18 -63.20
CA ASP O 276 32.79 13.65 -62.39
C ASP O 276 34.16 13.83 -62.99
N ASP O 277 35.10 14.31 -62.18
CA ASP O 277 36.48 14.50 -62.63
C ASP O 277 37.24 13.25 -63.03
N ARG O 278 37.02 12.14 -62.32
CA ARG O 278 37.83 10.95 -62.56
C ARG O 278 37.78 10.40 -63.97
N LYS O 279 36.60 10.35 -64.57
CA LYS O 279 36.51 9.75 -65.89
C LYS O 279 37.31 10.53 -66.92
N VAL O 280 37.17 11.85 -66.91
CA VAL O 280 37.95 12.68 -67.82
C VAL O 280 39.43 12.76 -67.53
N LEU O 281 39.79 12.91 -66.25
CA LEU O 281 41.20 13.10 -65.92
C LEU O 281 42.00 11.83 -66.02
N PRO O 282 43.14 11.83 -66.80
CA PRO O 282 43.84 10.53 -66.80
C PRO O 282 44.34 10.19 -65.42
N TRP O 283 44.64 11.20 -64.61
CA TRP O 283 45.16 10.98 -63.27
C TRP O 283 44.11 10.95 -62.17
N ASP O 284 44.55 11.12 -60.92
CA ASP O 284 43.63 11.04 -59.78
C ASP O 284 42.55 12.11 -59.73
N GLY O 285 41.39 11.76 -59.16
CA GLY O 285 40.31 12.73 -59.05
C GLY O 285 39.75 12.88 -57.66
N LYS O 286 39.05 13.96 -57.40
CA LYS O 286 38.45 14.22 -56.08
C LYS O 286 36.95 13.99 -56.04
N GLU O 287 36.39 13.28 -57.03
CA GLU O 287 34.94 13.05 -57.10
C GLU O 287 34.14 14.35 -57.14
N GLU O 288 34.58 15.31 -57.93
CA GLU O 288 33.90 16.60 -58.00
C GLU O 288 33.60 17.03 -59.43
N PRO O 289 32.64 17.94 -59.62
CA PRO O 289 32.37 18.43 -60.98
C PRO O 289 33.57 19.13 -61.60
N LEU O 290 33.80 18.88 -62.87
CA LEU O 290 34.97 19.44 -63.54
C LEU O 290 34.62 20.43 -64.63
N LEU O 291 35.36 21.53 -64.71
CA LEU O 291 35.14 22.50 -65.77
C LEU O 291 36.40 22.46 -66.61
N VAL O 292 36.27 22.24 -67.92
CA VAL O 292 37.44 22.14 -68.76
C VAL O 292 37.40 23.23 -69.82
N VAL O 293 38.47 24.02 -69.92
CA VAL O 293 38.49 25.10 -70.90
C VAL O 293 39.24 24.62 -72.12
N ALA O 294 38.61 24.67 -73.29
CA ALA O 294 39.23 24.17 -74.50
C ALA O 294 39.33 25.16 -75.64
N ASP O 295 40.46 25.15 -76.35
CA ASP O 295 40.65 26.03 -77.50
C ASP O 295 40.57 25.23 -78.79
N ARG O 296 39.49 25.39 -79.53
CA ARG O 296 39.31 24.67 -80.79
C ARG O 296 40.28 25.12 -81.89
N VAL O 297 40.86 26.31 -81.74
CA VAL O 297 41.83 26.81 -82.72
C VAL O 297 43.06 25.88 -82.80
N ARG O 298 43.51 25.38 -81.66
CA ARG O 298 44.70 24.51 -81.64
C ARG O 298 44.34 23.04 -81.62
N ASN O 299 43.13 22.70 -82.09
CA ASN O 299 42.66 21.31 -82.07
C ASN O 299 43.58 20.31 -82.75
N VAL O 300 44.40 20.78 -83.68
CA VAL O 300 45.31 19.89 -84.37
C VAL O 300 46.29 19.35 -83.34
N VAL O 301 46.60 18.07 -83.41
CA VAL O 301 47.45 17.50 -82.38
C VAL O 301 48.91 17.70 -82.75
N GLU O 302 49.54 18.71 -82.14
CA GLU O 302 50.95 18.96 -82.40
C GLU O 302 51.75 18.85 -81.12
N ALA O 303 51.09 19.05 -79.99
CA ALA O 303 51.78 19.00 -78.71
C ALA O 303 51.68 17.60 -78.13
N ASP O 304 52.82 16.93 -78.01
CA ASP O 304 52.83 15.56 -77.50
C ASP O 304 52.32 15.51 -76.07
N ASP O 305 52.73 16.46 -75.25
CA ASP O 305 52.26 16.50 -73.87
C ASP O 305 50.95 17.25 -73.73
N GLY O 306 50.54 17.93 -74.79
CA GLY O 306 49.31 18.69 -74.76
C GLY O 306 48.09 17.79 -74.66
N TYR O 307 47.07 18.27 -73.95
CA TYR O 307 45.87 17.46 -73.78
C TYR O 307 44.79 17.93 -74.71
N TYR O 308 44.14 16.99 -75.38
CA TYR O 308 43.13 17.36 -76.36
C TYR O 308 41.81 16.70 -76.04
N LEU O 309 40.74 17.49 -76.00
CA LEU O 309 39.42 16.93 -75.79
C LEU O 309 39.02 16.15 -77.03
N VAL O 310 38.52 14.94 -76.85
CA VAL O 310 38.12 14.11 -77.99
C VAL O 310 36.82 13.41 -77.66
N VAL O 311 36.15 12.91 -78.69
CA VAL O 311 34.93 12.14 -78.44
C VAL O 311 35.28 10.71 -78.13
N ALA O 312 35.06 10.30 -76.89
CA ALA O 312 35.32 8.92 -76.50
C ALA O 312 34.04 8.12 -76.71
N GLU O 313 34.14 6.81 -76.68
CA GLU O 313 32.96 5.99 -76.86
C GLU O 313 31.97 6.23 -75.74
N ASN O 314 32.46 6.30 -74.50
CA ASN O 314 31.58 6.60 -73.38
C ASN O 314 31.02 8.02 -73.43
N GLY O 315 31.87 8.99 -73.77
CA GLY O 315 31.41 10.37 -73.87
C GLY O 315 32.47 11.34 -74.36
N LEU O 316 32.98 12.16 -73.46
CA LEU O 316 34.04 13.11 -73.83
C LEU O 316 35.23 12.88 -72.92
N LYS O 317 36.42 12.82 -73.49
CA LYS O 317 37.62 12.55 -72.69
C LYS O 317 38.77 13.47 -73.04
N LEU O 318 39.71 13.65 -72.11
CA LEU O 318 40.89 14.46 -72.41
C LEU O 318 42.02 13.51 -72.71
N GLU O 319 42.64 13.64 -73.88
CA GLU O 319 43.68 12.69 -74.27
C GLU O 319 45.02 13.33 -74.59
N LYS O 320 46.10 12.69 -74.16
CA LYS O 320 47.42 13.22 -74.44
C LYS O 320 47.71 13.19 -75.93
N GLY O 321 48.44 14.19 -76.41
CA GLY O 321 48.71 14.27 -77.83
C GLY O 321 49.48 13.10 -78.37
N SER O 322 50.48 12.64 -77.63
CA SER O 322 51.29 11.52 -78.06
C SER O 322 50.42 10.30 -78.26
N ASP O 323 49.45 10.10 -77.36
CA ASP O 323 48.55 8.97 -77.47
C ASP O 323 47.71 9.08 -78.72
N LEU O 324 47.22 10.27 -79.03
CA LEU O 324 46.46 10.47 -80.26
C LEU O 324 47.33 10.23 -81.47
N LYS O 325 48.58 10.67 -81.42
CA LYS O 325 49.51 10.43 -82.52
C LYS O 325 49.74 8.94 -82.72
N ALA O 326 49.74 8.17 -81.64
CA ALA O 326 49.90 6.71 -81.75
C ALA O 326 48.72 6.12 -82.49
N ARG O 327 47.56 6.74 -82.36
CA ARG O 327 46.36 6.26 -83.07
C ARG O 327 46.18 7.05 -84.35
N GLU O 328 47.13 7.91 -84.70
CA GLU O 328 47.06 8.75 -85.91
C GLU O 328 45.83 9.64 -85.97
N VAL O 329 45.44 10.22 -84.84
CA VAL O 329 44.32 11.15 -84.85
C VAL O 329 44.86 12.55 -85.03
N LYS O 330 44.72 13.10 -86.23
CA LYS O 330 45.30 14.43 -86.51
C LYS O 330 44.53 15.58 -85.88
N GLU O 331 43.23 15.41 -85.65
CA GLU O 331 42.42 16.53 -85.14
C GLU O 331 41.62 16.17 -83.90
N SER O 332 41.26 17.17 -83.12
CA SER O 332 40.52 16.94 -81.87
C SER O 332 39.39 17.94 -81.74
N LEU O 333 38.54 17.81 -80.73
CA LEU O 333 37.49 18.80 -80.51
C LEU O 333 38.14 20.13 -80.16
N GLY O 334 38.88 20.14 -79.06
CA GLY O 334 39.56 21.36 -78.65
C GLY O 334 40.82 21.00 -77.91
N MET O 335 41.75 21.93 -77.78
CA MET O 335 42.95 21.66 -77.00
C MET O 335 42.71 22.20 -75.60
N VAL O 336 42.81 21.34 -74.59
CA VAL O 336 42.54 21.79 -73.24
C VAL O 336 43.59 22.79 -72.82
N VAL O 337 43.16 23.97 -72.37
CA VAL O 337 44.10 24.98 -71.91
C VAL O 337 44.15 24.96 -70.40
N LEU O 338 42.99 24.90 -69.77
CA LEU O 338 42.93 24.91 -68.30
C LEU O 338 41.85 24.03 -67.72
N VAL O 339 42.08 23.48 -66.53
CA VAL O 339 41.07 22.69 -65.87
C VAL O 339 40.68 23.49 -64.63
N VAL O 340 39.39 23.71 -64.44
CA VAL O 340 38.93 24.51 -63.31
C VAL O 340 38.25 23.63 -62.28
N ARG O 341 38.64 23.76 -61.02
CA ARG O 341 38.04 22.97 -59.95
C ARG O 341 37.11 23.83 -59.10
N PRO O 342 36.05 23.24 -58.45
CA PRO O 342 35.13 24.14 -57.74
C PRO O 342 35.65 24.84 -56.48
N PRO O 343 34.94 25.88 -56.03
CA PRO O 343 35.32 26.56 -54.79
C PRO O 343 35.27 25.63 -53.61
N ARG O 344 36.25 25.72 -52.72
CA ARG O 344 36.30 24.83 -51.58
C ARG O 344 36.25 25.55 -50.25
N GLU O 345 35.40 25.08 -49.35
CA GLU O 345 35.29 25.69 -48.03
C GLU O 345 36.35 25.13 -47.09
N ILE P 197 -30.21 -4.71 65.68
CA ILE P 197 -30.43 -5.67 66.75
C ILE P 197 -30.67 -7.07 66.14
N PRO P 198 -29.58 -7.78 65.84
CA PRO P 198 -29.71 -9.10 65.20
C PRO P 198 -30.09 -10.26 66.10
N VAL P 199 -30.75 -11.28 65.53
CA VAL P 199 -31.09 -12.47 66.29
C VAL P 199 -30.20 -13.57 65.73
N VAL P 200 -29.29 -14.09 66.55
CA VAL P 200 -28.33 -15.06 66.03
C VAL P 200 -28.29 -16.38 66.76
N ARG P 201 -28.22 -17.48 66.01
CA ARG P 201 -28.10 -18.79 66.60
C ARG P 201 -26.70 -18.86 67.16
N LEU P 202 -26.50 -19.65 68.21
CA LEU P 202 -25.12 -19.86 68.67
C LEU P 202 -24.60 -20.86 67.67
N LYS P 203 -24.10 -20.36 66.55
CA LYS P 203 -23.67 -21.26 65.50
C LYS P 203 -22.19 -21.15 65.26
N PHE P 204 -21.54 -22.30 65.20
CA PHE P 204 -20.11 -22.30 65.02
C PHE P 204 -19.83 -22.66 63.57
N GLY P 205 -19.19 -21.75 62.85
CA GLY P 205 -18.87 -22.01 61.46
C GLY P 205 -19.94 -21.63 60.45
N GLU P 206 -21.11 -21.22 60.89
CA GLU P 206 -22.12 -20.76 59.93
C GLU P 206 -21.61 -19.50 59.24
N VAL P 207 -21.37 -18.45 60.01
CA VAL P 207 -20.73 -17.27 59.43
C VAL P 207 -19.58 -17.85 60.17
N ALA P 208 -18.49 -18.18 59.52
CA ALA P 208 -17.44 -18.69 60.34
C ALA P 208 -16.85 -17.62 61.31
N GLU P 209 -16.77 -16.32 60.95
CA GLU P 209 -16.14 -15.18 61.76
C GLU P 209 -15.11 -15.51 62.91
N ALA P 210 -15.38 -16.39 63.88
CA ALA P 210 -14.36 -16.97 64.83
C ALA P 210 -13.75 -16.60 66.20
N THR P 211 -12.74 -15.75 66.25
CA THR P 211 -11.94 -15.59 67.50
C THR P 211 -11.78 -14.51 68.59
N SER P 212 -12.55 -14.48 69.69
CA SER P 212 -12.35 -13.38 70.67
C SER P 212 -12.58 -13.52 72.18
N VAL P 213 -12.09 -12.56 72.97
CA VAL P 213 -12.37 -12.56 74.41
C VAL P 213 -13.40 -11.46 74.69
N VAL P 214 -14.59 -11.81 75.17
CA VAL P 214 -15.67 -10.83 75.47
C VAL P 214 -16.60 -11.41 76.52
N VAL P 215 -17.01 -10.61 77.52
CA VAL P 215 -17.84 -11.15 78.62
C VAL P 215 -18.98 -10.26 79.11
N LEU P 216 -20.10 -10.87 79.51
CA LEU P 216 -21.22 -10.11 80.08
C LEU P 216 -21.70 -10.73 81.38
N PRO P 217 -21.93 -9.92 82.41
CA PRO P 217 -22.51 -10.47 83.64
C PRO P 217 -23.96 -10.85 83.34
N VAL P 218 -24.46 -11.95 83.89
CA VAL P 218 -25.79 -12.38 83.49
C VAL P 218 -26.76 -12.03 84.61
N CYS P 219 -27.97 -11.58 84.24
CA CYS P 219 -29.07 -11.44 85.19
C CYS P 219 -30.28 -12.27 84.80
N LYS P 220 -31.12 -12.62 85.76
CA LYS P 220 -32.34 -13.31 85.41
C LYS P 220 -33.40 -12.23 85.29
N ALA P 221 -34.45 -12.48 84.51
CA ALA P 221 -35.54 -11.51 84.43
C ALA P 221 -36.16 -11.41 85.81
N GLU P 222 -36.42 -12.53 86.46
CA GLU P 222 -37.10 -12.53 87.75
C GLU P 222 -36.41 -11.62 88.75
N GLU P 223 -35.10 -11.46 88.60
CA GLU P 223 -34.34 -10.61 89.51
C GLU P 223 -34.72 -9.14 89.47
N GLY P 224 -34.98 -8.62 88.28
CA GLY P 224 -35.40 -7.23 88.18
C GLY P 224 -34.30 -6.20 88.02
N GLU P 225 -34.68 -4.92 88.09
CA GLU P 225 -33.72 -3.85 87.90
C GLU P 225 -32.57 -3.87 88.86
N LYS P 226 -32.78 -4.39 90.07
CA LYS P 226 -31.72 -4.34 91.07
C LYS P 226 -30.49 -5.09 90.61
N LYS P 227 -30.69 -6.26 90.03
CA LYS P 227 -29.55 -7.03 89.53
C LYS P 227 -28.84 -6.30 88.40
N ILE P 228 -29.61 -5.70 87.49
CA ILE P 228 -29.01 -4.95 86.40
C ILE P 228 -28.23 -3.76 86.93
N LEU P 229 -28.78 -3.07 87.93
CA LEU P 229 -28.12 -1.88 88.44
C LEU P 229 -26.85 -2.24 89.21
N GLU P 230 -26.67 -3.54 89.48
CA GLU P 230 -25.51 -3.97 90.28
C GLU P 230 -24.44 -4.76 89.53
N ALA P 231 -24.74 -5.22 88.32
CA ALA P 231 -23.79 -6.04 87.58
C ALA P 231 -22.54 -5.22 87.20
N PRO P 232 -21.36 -5.87 87.17
CA PRO P 232 -20.18 -5.04 86.90
C PRO P 232 -20.07 -4.48 85.49
N MET P 233 -19.97 -3.15 85.38
CA MET P 233 -19.84 -2.50 84.07
C MET P 233 -18.53 -2.70 83.31
N GLU P 234 -17.40 -2.64 84.01
CA GLU P 234 -16.10 -2.69 83.33
C GLU P 234 -15.43 -4.06 83.35
N ILE P 235 -15.44 -4.75 82.21
CA ILE P 235 -14.84 -6.06 82.15
C ILE P 235 -13.67 -6.03 81.20
N ILE P 236 -12.47 -6.07 81.78
CA ILE P 236 -11.26 -5.67 81.07
C ILE P 236 -10.29 -6.84 80.88
N ALA P 237 -10.13 -7.24 79.62
CA ALA P 237 -9.22 -8.32 79.24
C ALA P 237 -7.83 -7.77 79.07
N GLY P 238 -6.87 -8.35 79.78
CA GLY P 238 -5.54 -7.77 79.75
C GLY P 238 -4.39 -8.59 80.29
N GLY P 239 -3.35 -7.93 80.77
CA GLY P 239 -2.16 -8.65 81.18
C GLY P 239 -1.72 -9.33 79.91
N ASP P 240 -1.46 -10.62 79.98
CA ASP P 240 -1.09 -11.37 78.79
C ASP P 240 -1.80 -12.69 79.02
N PHE P 241 -2.13 -12.96 80.27
CA PHE P 241 -2.89 -14.16 80.60
C PHE P 241 -4.23 -14.02 79.92
N LYS P 242 -4.78 -12.81 79.88
CA LYS P 242 -6.08 -12.52 79.24
C LYS P 242 -7.25 -13.00 80.07
N VAL P 243 -6.99 -13.32 81.34
CA VAL P 243 -8.08 -13.68 82.21
C VAL P 243 -8.82 -12.37 82.40
N VAL P 244 -10.13 -12.39 82.27
CA VAL P 244 -10.87 -11.14 82.34
C VAL P 244 -10.95 -10.57 83.76
N GLU P 245 -10.92 -9.24 83.87
CA GLU P 245 -10.98 -8.61 85.17
C GLU P 245 -12.25 -7.79 85.30
N ALA P 246 -13.00 -8.02 86.37
CA ALA P 246 -14.23 -7.29 86.59
C ALA P 246 -14.05 -6.40 87.80
N GLU P 247 -14.59 -5.19 87.75
CA GLU P 247 -14.49 -4.29 88.90
C GLU P 247 -15.14 -4.92 90.13
N LYS P 248 -16.15 -5.77 89.91
CA LYS P 248 -16.77 -6.48 91.04
C LYS P 248 -17.13 -7.91 90.64
N GLY P 249 -17.14 -8.82 91.61
CA GLY P 249 -17.49 -10.20 91.31
C GLY P 249 -18.96 -10.42 90.98
N TRP P 250 -19.23 -11.28 90.01
CA TRP P 250 -20.63 -11.60 89.69
C TRP P 250 -20.87 -13.10 89.69
N LYS P 251 -22.02 -13.51 90.21
CA LYS P 251 -22.36 -14.93 90.27
C LYS P 251 -22.38 -15.64 88.93
N ARG P 252 -23.13 -15.12 87.97
CA ARG P 252 -23.27 -15.82 86.69
C ARG P 252 -22.57 -15.14 85.54
N TRP P 253 -21.78 -15.90 84.79
CA TRP P 253 -21.01 -15.31 83.70
C TRP P 253 -21.29 -15.95 82.37
N VAL P 254 -21.68 -15.15 81.40
CA VAL P 254 -21.84 -15.68 80.06
C VAL P 254 -21.13 -14.75 79.12
N VAL P 255 -20.74 -15.28 77.99
CA VAL P 255 -20.01 -14.48 77.06
C VAL P 255 -20.87 -14.44 75.85
N LEU P 256 -20.75 -13.39 75.09
CA LEU P 256 -21.47 -13.40 73.84
C LEU P 256 -20.35 -13.27 72.86
N PRO P 257 -20.24 -14.23 71.93
CA PRO P 257 -19.21 -14.18 70.89
C PRO P 257 -19.09 -12.79 70.30
N SER P 258 -17.88 -12.32 69.97
CA SER P 258 -17.71 -10.96 69.55
C SER P 258 -18.31 -10.62 68.23
N TRP P 259 -19.64 -10.68 68.13
CA TRP P 259 -20.31 -10.24 66.91
C TRP P 259 -20.22 -8.72 66.97
N ASN P 260 -20.57 -8.04 65.89
CA ASN P 260 -20.39 -6.59 65.90
C ASN P 260 -21.15 -5.80 66.98
N PRO P 261 -22.44 -6.13 67.26
CA PRO P 261 -23.07 -5.37 68.35
C PRO P 261 -22.40 -5.62 69.70
N VAL P 262 -22.04 -6.86 69.99
CA VAL P 262 -21.41 -7.19 71.28
C VAL P 262 -20.10 -6.46 71.44
N ALA P 263 -19.30 -6.42 70.38
CA ALA P 263 -18.01 -5.73 70.43
C ALA P 263 -18.23 -4.25 70.68
N ALA P 264 -19.26 -3.68 70.06
CA ALA P 264 -19.54 -2.26 70.21
C ALA P 264 -19.86 -1.80 71.64
N ILE P 265 -20.54 -2.64 72.42
CA ILE P 265 -20.96 -2.27 73.78
C ILE P 265 -19.84 -1.76 74.68
N GLY P 266 -18.81 -2.57 74.89
CA GLY P 266 -17.78 -2.17 75.83
C GLY P 266 -18.40 -2.06 77.21
N LYS P 267 -18.28 -0.90 77.84
CA LYS P 267 -18.81 -0.70 79.18
C LYS P 267 -20.33 -0.82 79.24
N GLY P 268 -20.87 -1.31 80.35
CA GLY P 268 -22.31 -1.42 80.51
C GLY P 268 -22.88 -2.72 79.96
N GLY P 269 -22.01 -3.64 79.57
CA GLY P 269 -22.48 -4.89 79.01
C GLY P 269 -23.25 -5.71 80.01
N VAL P 270 -24.39 -6.26 79.59
CA VAL P 270 -25.17 -7.12 80.47
C VAL P 270 -25.89 -8.19 79.64
N ALA P 271 -26.20 -9.33 80.25
CA ALA P 271 -26.93 -10.38 79.54
C ALA P 271 -28.15 -10.76 80.38
N VAL P 272 -29.34 -10.81 79.79
CA VAL P 272 -30.54 -11.08 80.60
C VAL P 272 -31.31 -12.33 80.25
N SER P 273 -31.26 -13.33 81.13
CA SER P 273 -32.04 -14.54 80.90
C SER P 273 -33.53 -14.24 80.93
N PHE P 274 -34.27 -14.75 79.96
CA PHE P 274 -35.71 -14.57 79.94
C PHE P 274 -36.36 -15.93 79.76
N ARG P 275 -37.36 -16.24 80.57
CA ARG P 275 -38.00 -17.54 80.48
C ARG P 275 -39.49 -17.47 80.21
N ASP P 276 -39.97 -18.26 79.25
CA ASP P 276 -41.40 -18.31 78.96
C ASP P 276 -42.05 -19.26 79.95
N ARG P 278 -44.77 -19.78 79.29
CA ARG P 278 -45.85 -18.96 78.74
C ARG P 278 -46.56 -19.72 77.63
N LYS P 279 -46.83 -21.00 77.85
CA LYS P 279 -47.55 -21.77 76.87
C LYS P 279 -48.94 -22.07 77.39
N VAL P 280 -49.95 -21.68 76.63
CA VAL P 280 -51.33 -21.97 77.04
C VAL P 280 -51.52 -23.47 77.06
N LEU P 281 -50.97 -24.15 76.07
CA LEU P 281 -51.10 -25.59 76.00
C LEU P 281 -49.73 -26.22 76.15
N PRO P 282 -49.59 -27.18 77.08
CA PRO P 282 -48.31 -27.84 77.30
C PRO P 282 -47.85 -28.59 76.08
N TRP P 283 -48.77 -29.24 75.39
CA TRP P 283 -48.44 -29.98 74.17
C TRP P 283 -47.91 -29.05 73.09
N ASP P 284 -48.45 -27.84 73.02
CA ASP P 284 -47.92 -26.87 72.07
C ASP P 284 -46.49 -26.59 72.51
N GLY P 285 -45.56 -26.57 71.56
CA GLY P 285 -44.16 -26.42 71.95
C GLY P 285 -43.84 -25.16 72.70
N LYS P 286 -43.11 -25.30 73.79
CA LYS P 286 -42.74 -24.14 74.59
C LYS P 286 -41.72 -23.27 73.89
N GLU P 287 -41.82 -21.96 74.06
CA GLU P 287 -40.82 -21.09 73.47
C GLU P 287 -39.49 -21.23 74.20
N GLU P 288 -38.40 -21.07 73.48
CA GLU P 288 -37.07 -21.28 74.05
C GLU P 288 -36.69 -20.29 75.13
N PRO P 289 -35.70 -20.66 75.98
CA PRO P 289 -35.22 -19.73 77.02
C PRO P 289 -34.58 -18.56 76.35
N LEU P 290 -34.45 -17.37 76.93
CA LEU P 290 -33.92 -16.24 76.18
C LEU P 290 -32.78 -15.55 76.91
N LEU P 291 -32.04 -14.69 76.21
CA LEU P 291 -30.96 -13.92 76.81
C LEU P 291 -30.91 -12.55 76.11
N VAL P 292 -30.75 -11.47 76.85
CA VAL P 292 -30.75 -10.17 76.18
C VAL P 292 -29.43 -9.45 76.40
N VAL P 293 -28.73 -9.16 75.31
CA VAL P 293 -27.48 -8.41 75.45
C VAL P 293 -27.84 -6.95 75.45
N ALA P 294 -27.61 -6.28 76.57
CA ALA P 294 -28.04 -4.89 76.66
C ALA P 294 -26.92 -3.93 77.04
N ASP P 295 -26.92 -2.75 76.45
CA ASP P 295 -25.93 -1.75 76.83
C ASP P 295 -26.53 -0.87 77.89
N ARG P 296 -26.11 -1.06 79.14
CA ARG P 296 -26.60 -0.21 80.22
C ARG P 296 -26.04 1.18 80.09
N VAL P 297 -24.92 1.33 79.40
CA VAL P 297 -24.37 2.65 79.16
C VAL P 297 -25.36 3.46 78.33
N ARG P 298 -25.99 2.81 77.35
CA ARG P 298 -27.03 3.51 76.58
C ARG P 298 -28.38 3.39 77.27
N ASN P 299 -28.48 3.83 78.50
CA ASN P 299 -29.75 3.80 79.24
C ASN P 299 -30.79 4.73 78.66
N VAL P 300 -30.37 5.92 78.24
CA VAL P 300 -31.33 6.90 77.74
C VAL P 300 -32.06 6.45 76.48
N VAL P 301 -33.36 6.73 76.43
CA VAL P 301 -34.18 6.34 75.28
C VAL P 301 -34.14 7.39 74.19
N GLU P 302 -33.41 7.11 73.11
CA GLU P 302 -33.29 8.07 72.02
C GLU P 302 -33.82 7.53 70.69
N ALA P 303 -33.80 6.21 70.52
CA ALA P 303 -34.20 5.65 69.24
C ALA P 303 -35.56 4.97 69.32
N ASP P 304 -36.49 5.42 68.49
CA ASP P 304 -37.82 4.83 68.48
C ASP P 304 -37.79 3.38 68.04
N ASP P 305 -37.00 3.09 67.01
CA ASP P 305 -36.87 1.72 66.53
C ASP P 305 -36.21 0.83 67.56
N GLY P 306 -35.17 1.33 68.22
CA GLY P 306 -34.43 0.54 69.19
C GLY P 306 -35.24 0.07 70.37
N TYR P 307 -35.14 -1.21 70.69
CA TYR P 307 -35.80 -1.72 71.88
C TYR P 307 -35.00 -1.38 73.12
N TYR P 308 -35.69 -1.22 74.25
CA TYR P 308 -35.01 -0.85 75.48
C TYR P 308 -35.49 -1.74 76.61
N LEU P 309 -34.68 -1.92 77.64
CA LEU P 309 -35.04 -2.80 78.73
C LEU P 309 -35.68 -2.03 79.86
N VAL P 310 -36.92 -2.35 80.20
CA VAL P 310 -37.60 -1.71 81.30
C VAL P 310 -38.05 -2.82 82.22
N VAL P 311 -38.93 -2.49 83.17
CA VAL P 311 -39.37 -3.50 84.13
C VAL P 311 -40.83 -3.84 83.95
N ALA P 312 -41.14 -5.12 83.78
CA ALA P 312 -42.52 -5.56 83.71
C ALA P 312 -43.07 -5.68 85.12
N GLU P 313 -44.38 -5.87 85.25
CA GLU P 313 -44.99 -6.05 86.57
C GLU P 313 -44.24 -7.15 87.27
N ASN P 314 -44.03 -8.26 86.57
CA ASN P 314 -43.24 -9.34 87.14
C ASN P 314 -42.10 -9.56 86.17
N GLY P 315 -40.87 -9.58 86.68
CA GLY P 315 -39.73 -9.73 85.80
C GLY P 315 -39.39 -8.46 85.04
N LEU P 316 -38.68 -8.60 83.92
CA LEU P 316 -38.32 -7.44 83.10
C LEU P 316 -39.04 -7.51 81.77
N LYS P 317 -39.00 -6.42 81.00
CA LYS P 317 -39.63 -6.41 79.68
C LYS P 317 -38.85 -5.61 78.66
N LEU P 318 -39.10 -5.86 77.38
CA LEU P 318 -38.45 -5.10 76.33
C LEU P 318 -39.51 -4.25 75.66
N GLU P 319 -39.27 -2.95 75.57
CA GLU P 319 -40.26 -2.06 74.97
C GLU P 319 -39.67 -1.17 73.90
N LYS P 320 -40.43 -0.92 72.84
CA LYS P 320 -39.94 -0.05 71.77
C LYS P 320 -39.65 1.34 72.30
N GLY P 321 -38.67 2.02 71.70
CA GLY P 321 -38.32 3.34 72.15
C GLY P 321 -39.47 4.30 72.01
N SER P 322 -40.21 4.18 70.91
CA SER P 322 -41.37 5.04 70.69
C SER P 322 -42.42 4.82 71.76
N ASP P 323 -42.65 3.57 72.10
CA ASP P 323 -43.64 3.25 73.13
C ASP P 323 -43.22 3.84 74.46
N LEU P 324 -41.93 3.74 74.78
CA LEU P 324 -41.43 4.32 76.02
C LEU P 324 -41.58 5.82 76.04
N LYS P 325 -41.31 6.47 74.90
CA LYS P 325 -41.48 7.91 74.81
C LYS P 325 -42.96 8.29 74.90
N ALA P 326 -43.83 7.44 74.35
CA ALA P 326 -45.28 7.68 74.47
C ALA P 326 -45.69 7.59 75.93
N ARG P 327 -45.05 6.68 76.66
CA ARG P 327 -45.34 6.51 78.09
C ARG P 327 -44.58 7.55 78.90
N GLU P 328 -43.81 8.41 78.22
CA GLU P 328 -43.04 9.48 78.88
C GLU P 328 -41.84 9.02 79.69
N VAL P 329 -41.33 7.83 79.38
CA VAL P 329 -40.12 7.39 80.06
C VAL P 329 -38.98 7.67 79.09
N LYS P 330 -38.11 8.60 79.46
CA LYS P 330 -36.96 8.92 78.62
C LYS P 330 -35.78 8.11 79.08
N GLU P 331 -36.02 7.17 80.00
CA GLU P 331 -34.94 6.35 80.52
C GLU P 331 -35.28 4.88 80.54
N SER P 332 -34.28 4.03 80.36
CA SER P 332 -34.49 2.59 80.41
C SER P 332 -33.28 2.01 81.11
N LEU P 333 -33.34 0.76 81.52
CA LEU P 333 -32.16 0.14 82.13
C LEU P 333 -31.06 -0.10 81.11
N GLY P 334 -31.38 -0.78 80.02
CA GLY P 334 -30.38 -1.09 79.01
C GLY P 334 -30.93 -0.97 77.61
N MET P 335 -30.06 -0.85 76.61
CA MET P 335 -30.53 -0.83 75.23
C MET P 335 -30.23 -2.18 74.61
N VAL P 336 -31.24 -2.86 74.08
CA VAL P 336 -31.00 -4.19 73.56
C VAL P 336 -30.24 -4.05 72.25
N VAL P 337 -29.10 -4.73 72.13
CA VAL P 337 -28.32 -4.68 70.89
C VAL P 337 -28.40 -5.92 70.01
N LEU P 338 -29.04 -7.01 70.48
CA LEU P 338 -29.07 -8.27 69.72
C LEU P 338 -30.27 -9.15 70.23
N VAL P 339 -30.65 -10.27 69.59
CA VAL P 339 -31.72 -11.22 70.06
C VAL P 339 -31.20 -12.68 70.09
N VAL P 340 -31.81 -13.59 70.85
CA VAL P 340 -31.19 -14.93 71.12
C VAL P 340 -31.08 -16.31 70.47
N ARG P 341 -32.15 -17.08 70.25
CA ARG P 341 -32.08 -18.37 69.50
C ARG P 341 -31.04 -19.50 69.85
N PRO P 342 -31.44 -20.63 70.52
CA PRO P 342 -30.56 -21.78 70.91
C PRO P 342 -29.68 -22.59 69.87
N PRO P 343 -28.36 -22.95 70.15
CA PRO P 343 -27.61 -23.65 69.10
C PRO P 343 -28.38 -24.74 68.39
N ARG P 344 -28.68 -24.53 67.11
CA ARG P 344 -29.44 -25.53 66.37
C ARG P 344 -28.51 -26.20 65.39
N GLU P 345 -28.43 -27.52 65.48
CA GLU P 345 -27.58 -28.27 64.57
C GLU P 345 -28.41 -28.80 63.42
N ASP P 346 -29.72 -28.53 63.46
CA ASP P 346 -30.61 -29.00 62.41
C ASP P 346 -31.49 -27.86 61.92
N ARG Q 196 4.11 -32.11 68.67
CA ARG Q 196 4.18 -32.05 70.11
C ARG Q 196 2.88 -31.53 70.70
N ILE Q 197 2.89 -30.34 71.29
CA ILE Q 197 1.67 -29.77 71.82
C ILE Q 197 1.06 -28.83 70.80
N PRO Q 198 -0.24 -28.98 70.52
CA PRO Q 198 -0.84 -28.02 69.60
C PRO Q 198 -0.86 -26.64 70.23
N VAL Q 199 -0.35 -25.64 69.51
CA VAL Q 199 -0.27 -24.29 70.04
C VAL Q 199 -0.95 -23.29 69.13
N VAL Q 200 -2.08 -22.72 69.56
CA VAL Q 200 -2.72 -21.66 68.77
C VAL Q 200 -2.60 -20.39 69.58
N ARG Q 201 -2.05 -19.34 68.98
CA ARG Q 201 -1.81 -18.10 69.72
C ARG Q 201 -2.92 -17.07 69.54
N LEU Q 202 -3.45 -16.54 70.65
CA LEU Q 202 -4.45 -15.48 70.58
C LEU Q 202 -3.76 -14.24 70.03
N LYS Q 203 -4.42 -13.50 69.18
CA LYS Q 203 -3.77 -12.35 68.53
C LYS Q 203 -4.52 -11.05 68.69
N PHE Q 204 -3.82 -9.93 68.57
CA PHE Q 204 -4.45 -8.62 68.66
C PHE Q 204 -5.40 -8.36 67.50
N GLY Q 205 -6.51 -7.68 67.77
CA GLY Q 205 -7.47 -7.37 66.73
C GLY Q 205 -8.44 -8.48 66.43
N GLU Q 206 -8.35 -9.59 67.17
CA GLU Q 206 -9.22 -10.74 66.93
C GLU Q 206 -10.59 -10.51 67.52
N VAL Q 207 -10.83 -9.32 68.06
CA VAL Q 207 -12.10 -9.02 68.70
C VAL Q 207 -13.12 -8.48 67.70
N ALA Q 208 -12.71 -8.29 66.44
CA ALA Q 208 -13.61 -7.68 65.47
C ALA Q 208 -14.91 -8.45 65.19
N GLU Q 209 -14.82 -9.77 65.01
CA GLU Q 209 -16.01 -10.56 64.73
C GLU Q 209 -15.92 -12.05 65.04
N ALA Q 210 -15.88 -12.41 66.32
CA ALA Q 210 -15.90 -13.84 66.64
C ALA Q 210 -17.32 -14.34 66.55
N THR Q 211 -17.57 -15.33 65.70
CA THR Q 211 -18.90 -15.87 65.54
C THR Q 211 -19.26 -16.83 66.68
N SER Q 212 -18.29 -17.62 67.12
CA SER Q 212 -18.55 -18.48 68.26
C SER Q 212 -17.43 -18.41 69.27
N VAL Q 213 -17.77 -18.50 70.55
CA VAL Q 213 -16.77 -18.39 71.60
C VAL Q 213 -17.14 -19.37 72.73
N VAL Q 214 -16.15 -19.87 73.48
CA VAL Q 214 -16.40 -20.81 74.59
C VAL Q 214 -15.81 -20.31 75.91
N VAL Q 215 -16.36 -20.76 77.04
CA VAL Q 215 -15.88 -20.30 78.35
C VAL Q 215 -15.24 -21.40 79.19
N LEU Q 216 -14.06 -21.13 79.75
CA LEU Q 216 -13.39 -22.11 80.60
C LEU Q 216 -13.03 -21.56 82.00
N PRO Q 217 -13.17 -22.38 83.09
CA PRO Q 217 -12.69 -21.80 84.37
C PRO Q 217 -11.18 -21.63 84.38
N VAL Q 218 -10.69 -20.76 85.25
CA VAL Q 218 -9.25 -20.49 85.27
C VAL Q 218 -8.59 -20.97 86.55
N CYS Q 219 -7.48 -21.68 86.41
CA CYS Q 219 -6.73 -22.13 87.57
C CYS Q 219 -5.33 -21.61 87.31
N LYS Q 220 -4.52 -21.49 88.36
CA LYS Q 220 -3.19 -20.90 88.17
C LYS Q 220 -2.09 -21.80 88.72
N ALA Q 221 -0.85 -21.56 88.29
CA ALA Q 221 0.27 -22.33 88.78
C ALA Q 221 0.37 -22.16 90.29
N GLU Q 222 0.24 -20.92 90.76
CA GLU Q 222 0.28 -20.67 92.20
C GLU Q 222 -0.88 -21.34 92.91
N GLU Q 223 -2.06 -21.33 92.30
CA GLU Q 223 -3.22 -21.96 92.90
C GLU Q 223 -3.00 -23.46 93.05
N GLY Q 224 -2.37 -24.08 92.07
CA GLY Q 224 -2.02 -25.49 92.20
C GLY Q 224 -3.02 -26.55 91.78
N GLU Q 225 -2.65 -27.82 92.00
CA GLU Q 225 -3.50 -28.93 91.61
C GLU Q 225 -4.86 -28.89 92.25
N LYS Q 226 -4.93 -28.38 93.47
CA LYS Q 226 -6.18 -28.40 94.20
C LYS Q 226 -7.23 -27.57 93.47
N LYS Q 227 -6.82 -26.43 92.94
CA LYS Q 227 -7.75 -25.57 92.22
C LYS Q 227 -8.31 -26.28 90.99
N ILE Q 228 -7.45 -27.01 90.27
CA ILE Q 228 -7.91 -27.75 89.10
C ILE Q 228 -8.94 -28.81 89.47
N LEU Q 229 -8.76 -29.48 90.60
CA LEU Q 229 -9.77 -30.44 91.05
C LEU Q 229 -11.04 -29.69 91.42
N GLU Q 230 -10.91 -28.54 92.07
CA GLU Q 230 -12.06 -27.73 92.49
C GLU Q 230 -12.90 -27.15 91.35
N ALA Q 231 -12.27 -26.85 90.21
CA ALA Q 231 -12.99 -26.19 89.12
C ALA Q 231 -14.19 -26.99 88.60
N PRO Q 232 -15.29 -26.30 88.25
CA PRO Q 232 -16.49 -26.98 87.76
C PRO Q 232 -16.27 -27.68 86.43
N MET Q 233 -16.60 -28.97 86.37
CA MET Q 233 -16.32 -29.72 85.16
C MET Q 233 -17.45 -29.60 84.17
N GLU Q 234 -18.68 -29.64 84.69
CA GLU Q 234 -19.81 -29.61 83.79
C GLU Q 234 -20.36 -28.21 83.69
N ILE Q 235 -20.31 -27.66 82.49
CA ILE Q 235 -20.91 -26.35 82.30
C ILE Q 235 -22.15 -26.66 81.51
N ILE Q 236 -23.29 -26.36 82.11
CA ILE Q 236 -24.56 -26.71 81.51
C ILE Q 236 -24.96 -25.73 80.44
N ALA Q 237 -25.08 -26.23 79.22
CA ALA Q 237 -25.46 -25.36 78.14
C ALA Q 237 -26.96 -25.34 78.01
N GLY Q 238 -27.58 -24.26 78.48
CA GLY Q 238 -29.00 -24.09 78.32
C GLY Q 238 -28.98 -22.92 77.37
N GLY Q 239 -27.85 -22.76 76.69
CA GLY Q 239 -27.65 -21.61 75.84
C GLY Q 239 -28.53 -21.31 74.69
N ASP Q 240 -28.72 -20.01 74.46
CA ASP Q 240 -29.48 -19.62 73.30
C ASP Q 240 -28.38 -19.11 72.40
N PHE Q 241 -27.89 -17.91 72.63
CA PHE Q 241 -26.70 -17.54 71.85
C PHE Q 241 -25.48 -17.76 72.72
N LYS Q 242 -25.64 -18.42 73.89
CA LYS Q 242 -24.55 -18.79 74.84
C LYS Q 242 -24.96 -18.98 76.31
N VAL Q 243 -26.18 -18.63 76.74
CA VAL Q 243 -26.47 -18.64 78.20
C VAL Q 243 -26.02 -19.91 78.93
N VAL Q 244 -25.25 -19.73 79.99
CA VAL Q 244 -24.65 -20.89 80.64
C VAL Q 244 -24.68 -20.84 82.16
N GLU Q 245 -24.67 -22.01 82.79
CA GLU Q 245 -24.64 -22.08 84.24
C GLU Q 245 -23.58 -23.11 84.61
N ALA Q 246 -22.99 -23.01 85.79
CA ALA Q 246 -21.93 -23.94 86.16
C ALA Q 246 -22.31 -24.71 87.42
N GLU Q 247 -21.90 -25.98 87.49
CA GLU Q 247 -22.25 -26.80 88.64
C GLU Q 247 -21.69 -26.21 89.93
N LYS Q 248 -20.57 -25.51 89.84
CA LYS Q 248 -19.98 -24.87 91.01
C LYS Q 248 -19.67 -23.41 90.73
N GLY Q 249 -19.72 -22.56 91.75
CA GLY Q 249 -19.36 -21.16 91.54
C GLY Q 249 -17.86 -21.01 91.41
N TRP Q 250 -17.43 -20.25 90.41
CA TRP Q 250 -15.99 -20.06 90.17
C TRP Q 250 -15.59 -18.61 89.97
N LYS Q 251 -14.57 -18.17 90.70
CA LYS Q 251 -14.10 -16.79 90.61
C LYS Q 251 -13.51 -16.34 89.29
N ARG Q 252 -12.70 -17.18 88.65
CA ARG Q 252 -12.01 -16.73 87.44
C ARG Q 252 -12.41 -17.44 86.14
N TRP Q 253 -12.70 -16.67 85.11
CA TRP Q 253 -13.14 -17.25 83.84
C TRP Q 253 -12.39 -16.68 82.67
N VAL Q 254 -11.97 -17.54 81.75
CA VAL Q 254 -11.34 -17.05 80.54
C VAL Q 254 -12.27 -17.27 79.39
N VAL Q 255 -12.31 -16.29 78.50
CA VAL Q 255 -13.18 -16.40 77.36
C VAL Q 255 -12.29 -16.76 76.21
N LEU Q 256 -12.56 -17.88 75.58
CA LEU Q 256 -11.72 -18.35 74.51
C LEU Q 256 -12.54 -18.46 73.26
N PRO Q 257 -11.93 -18.20 72.11
CA PRO Q 257 -12.66 -18.39 70.85
C PRO Q 257 -12.93 -19.86 70.62
N SER Q 258 -13.97 -20.15 69.84
CA SER Q 258 -14.33 -21.54 69.56
C SER Q 258 -13.37 -22.19 68.60
N TRP Q 259 -12.11 -22.27 68.98
CA TRP Q 259 -11.13 -22.95 68.17
C TRP Q 259 -11.59 -24.39 68.24
N ASN Q 260 -11.40 -25.16 67.17
CA ASN Q 260 -11.96 -26.52 67.17
C ASN Q 260 -11.47 -27.43 68.30
N PRO Q 261 -10.16 -27.42 68.63
CA PRO Q 261 -9.80 -28.29 69.77
C PRO Q 261 -10.50 -27.88 71.08
N VAL Q 262 -10.57 -26.58 71.37
CA VAL Q 262 -11.26 -26.11 72.58
C VAL Q 262 -12.75 -26.43 72.54
N ALA Q 263 -13.38 -26.24 71.39
CA ALA Q 263 -14.81 -26.52 71.25
C ALA Q 263 -15.10 -28.00 71.47
N ALA Q 264 -14.21 -28.87 71.01
CA ALA Q 264 -14.41 -30.31 71.13
C ALA Q 264 -14.51 -30.81 72.57
N ILE Q 265 -13.74 -30.20 73.47
CA ILE Q 265 -13.73 -30.65 74.87
C ILE Q 265 -15.09 -30.68 75.54
N GLY Q 266 -15.80 -29.55 75.51
CA GLY Q 266 -17.05 -29.49 76.23
C GLY Q 266 -16.77 -29.66 77.71
N LYS Q 267 -17.41 -30.64 78.35
CA LYS Q 267 -17.21 -30.88 79.77
C LYS Q 267 -15.78 -31.30 80.10
N GLY Q 268 -15.29 -30.87 81.27
CA GLY Q 268 -13.95 -31.22 81.69
C GLY Q 268 -12.90 -30.29 81.11
N GLY Q 269 -13.31 -29.07 80.75
CA GLY Q 269 -12.39 -28.14 80.15
C GLY Q 269 -11.90 -27.11 81.14
N VAL Q 270 -10.57 -26.95 81.24
CA VAL Q 270 -10.00 -25.99 82.19
C VAL Q 270 -8.85 -25.22 81.56
N ALA Q 271 -8.56 -24.02 82.07
CA ALA Q 271 -7.42 -23.26 81.57
C ALA Q 271 -6.45 -23.00 82.72
N VAL Q 272 -5.17 -23.30 82.51
CA VAL Q 272 -4.19 -23.11 83.58
C VAL Q 272 -3.23 -21.97 83.23
N SER Q 273 -3.12 -20.99 84.12
CA SER Q 273 -2.25 -19.85 83.88
C SER Q 273 -0.84 -20.07 84.38
N PHE Q 274 0.14 -19.82 83.53
CA PHE Q 274 1.52 -19.98 83.94
C PHE Q 274 2.25 -18.66 83.73
N ARG Q 275 3.00 -18.24 84.73
CA ARG Q 275 3.74 -16.98 84.64
C ARG Q 275 4.76 -17.05 83.53
N ASP Q 276 5.50 -18.15 83.48
CA ASP Q 276 6.50 -18.32 82.42
C ASP Q 276 6.34 -19.58 81.60
N ASP Q 277 6.39 -19.44 80.29
CA ASP Q 277 6.28 -20.57 79.39
C ASP Q 277 7.39 -21.60 79.47
N ARG Q 278 8.63 -21.17 79.70
CA ARG Q 278 9.76 -22.10 79.64
C ARG Q 278 9.69 -23.26 80.62
N LYS Q 279 9.29 -23.00 81.86
CA LYS Q 279 9.30 -24.08 82.83
C LYS Q 279 8.34 -25.19 82.44
N VAL Q 280 7.12 -24.82 82.06
CA VAL Q 280 6.15 -25.83 81.61
C VAL Q 280 6.46 -26.49 80.28
N LEU Q 281 6.89 -25.71 79.30
CA LEU Q 281 7.10 -26.27 77.97
C LEU Q 281 8.34 -27.11 77.88
N PRO Q 282 8.23 -28.40 77.41
CA PRO Q 282 9.53 -29.10 77.36
C PRO Q 282 10.48 -28.43 76.38
N TRP Q 283 9.93 -27.78 75.36
CA TRP Q 283 10.75 -27.12 74.34
C TRP Q 283 11.03 -25.65 74.60
N ASP Q 284 11.44 -24.93 73.56
CA ASP Q 284 11.80 -23.52 73.71
C ASP Q 284 10.66 -22.60 74.12
N GLY Q 285 10.99 -21.52 74.83
CA GLY Q 285 9.97 -20.57 75.25
C GLY Q 285 10.29 -19.14 74.91
N LYS Q 286 9.28 -18.28 74.92
CA LYS Q 286 9.46 -16.86 74.59
C LYS Q 286 9.41 -15.96 75.82
N GLU Q 287 9.58 -16.51 77.02
CA GLU Q 287 9.50 -15.74 78.27
C GLU Q 287 8.17 -14.99 78.42
N GLU Q 288 7.07 -15.67 78.13
CA GLU Q 288 5.76 -15.03 78.19
C GLU Q 288 4.75 -15.84 79.01
N PRO Q 289 3.69 -15.20 79.51
CA PRO Q 289 2.67 -15.97 80.22
C PRO Q 289 2.00 -17.03 79.36
N LEU Q 290 1.76 -18.20 79.93
CA LEU Q 290 1.20 -19.30 79.16
C LEU Q 290 -0.18 -19.72 79.62
N LEU Q 291 -1.07 -19.98 78.68
CA LEU Q 291 -2.40 -20.46 79.04
C LEU Q 291 -2.47 -21.88 78.52
N VAL Q 292 -2.82 -22.84 79.37
CA VAL Q 292 -2.84 -24.23 78.93
C VAL Q 292 -4.26 -24.78 79.10
N VAL Q 293 -4.82 -25.33 78.04
CA VAL Q 293 -6.16 -25.87 78.11
C VAL Q 293 -6.08 -27.37 78.35
N ALA Q 294 -6.70 -27.85 79.42
CA ALA Q 294 -6.60 -29.27 79.76
C ALA Q 294 -7.95 -29.99 79.90
N ASP Q 295 -8.01 -31.21 79.39
CA ASP Q 295 -9.22 -32.03 79.51
C ASP Q 295 -9.01 -33.12 80.53
N ARG Q 296 -9.64 -32.99 81.69
CA ARG Q 296 -9.52 -34.00 82.75
C ARG Q 296 -10.19 -35.34 82.39
N VAL Q 297 -11.10 -35.33 81.42
CA VAL Q 297 -11.76 -36.56 81.00
C VAL Q 297 -10.74 -37.56 80.44
N ARG Q 298 -9.75 -37.09 79.70
CA ARG Q 298 -8.76 -37.98 79.09
C ARG Q 298 -7.49 -38.05 79.91
N ASN Q 299 -7.57 -37.75 81.21
CA ASN Q 299 -6.40 -37.73 82.09
C ASN Q 299 -5.60 -39.03 82.11
N VAL Q 300 -6.25 -40.14 81.79
CA VAL Q 300 -5.55 -41.41 81.76
C VAL Q 300 -4.49 -41.33 80.68
N VAL Q 301 -3.31 -41.86 80.95
CA VAL Q 301 -2.24 -41.70 79.98
C VAL Q 301 -2.31 -42.84 78.97
N GLU Q 302 -2.86 -42.55 77.80
CA GLU Q 302 -2.94 -43.56 76.75
C GLU Q 302 -2.20 -43.09 75.51
N ALA Q 303 -2.06 -41.78 75.37
CA ALA Q 303 -1.38 -41.25 74.19
C ALA Q 303 0.09 -41.05 74.50
N ASP Q 304 0.95 -41.80 73.81
CA ASP Q 304 2.38 -41.69 74.05
C ASP Q 304 2.90 -40.31 73.74
N ASP Q 305 2.44 -39.73 72.63
CA ASP Q 305 2.86 -38.39 72.26
C ASP Q 305 2.00 -37.32 72.92
N GLY Q 306 0.90 -37.73 73.54
CA GLY Q 306 0.01 -36.78 74.18
C GLY Q 306 0.65 -36.15 75.39
N TYR Q 307 0.31 -34.90 75.65
CA TYR Q 307 0.89 -34.20 76.79
C TYR Q 307 -0.08 -34.14 77.93
N TYR Q 308 0.39 -34.45 79.12
CA TYR Q 308 -0.50 -34.51 80.26
C TYR Q 308 -0.02 -33.60 81.37
N LEU Q 309 -0.91 -32.75 81.87
CA LEU Q 309 -0.54 -31.90 82.99
C LEU Q 309 -0.42 -32.75 84.23
N VAL Q 310 0.66 -32.57 84.97
CA VAL Q 310 0.89 -33.36 86.19
C VAL Q 310 1.43 -32.47 87.27
N VAL Q 311 1.36 -32.95 88.52
CA VAL Q 311 1.93 -32.17 89.61
C VAL Q 311 3.40 -32.46 89.72
N ALA Q 312 4.23 -31.46 89.41
CA ALA Q 312 5.67 -31.61 89.52
C ALA Q 312 6.08 -31.16 90.92
N GLU Q 313 7.31 -31.48 91.31
CA GLU Q 313 7.77 -31.07 92.62
C GLU Q 313 7.81 -29.55 92.71
N ASN Q 314 8.32 -28.90 91.68
CA ASN Q 314 8.33 -27.43 91.66
C ASN Q 314 6.93 -26.84 91.59
N GLY Q 315 6.07 -27.40 90.75
CA GLY Q 315 4.71 -26.92 90.63
C GLY Q 315 3.82 -27.73 89.71
N LEU Q 316 3.52 -27.19 88.54
CA LEU Q 316 2.72 -27.90 87.57
C LEU Q 316 3.50 -28.00 86.26
N LYS Q 317 3.53 -29.17 85.66
CA LYS Q 317 4.29 -29.36 84.42
C LYS Q 317 3.54 -30.13 83.37
N LEU Q 318 3.90 -29.96 82.10
CA LEU Q 318 3.26 -30.73 81.04
C LEU Q 318 4.20 -31.86 80.69
N GLU Q 319 3.74 -33.11 80.76
CA GLU Q 319 4.63 -34.24 80.51
C GLU Q 319 4.16 -35.17 79.41
N LYS Q 320 5.09 -35.64 78.60
CA LYS Q 320 4.74 -36.56 77.52
C LYS Q 320 4.23 -37.86 78.08
N GLY Q 321 3.28 -38.47 77.39
CA GLY Q 321 2.69 -39.69 77.88
C GLY Q 321 3.67 -40.83 78.01
N SER Q 322 4.55 -40.97 77.03
CA SER Q 322 5.54 -42.03 77.05
C SER Q 322 6.41 -41.90 78.29
N ASP Q 323 6.77 -40.67 78.62
CA ASP Q 323 7.59 -40.44 79.81
C ASP Q 323 6.85 -40.86 81.07
N LEU Q 324 5.57 -40.54 81.15
CA LEU Q 324 4.76 -40.97 82.29
C LEU Q 324 4.66 -42.47 82.34
N LYS Q 325 4.51 -43.11 81.19
CA LYS Q 325 4.46 -44.57 81.12
C LYS Q 325 5.77 -45.19 81.60
N ALA Q 326 6.88 -44.52 81.33
CA ALA Q 326 8.18 -45.01 81.81
C ALA Q 326 8.22 -44.98 83.33
N ARG Q 327 7.51 -44.03 83.93
CA ARG Q 327 7.44 -43.95 85.39
C ARG Q 327 6.20 -44.64 85.91
N GLU Q 328 5.46 -45.31 85.02
CA GLU Q 328 4.22 -46.00 85.39
C GLU Q 328 3.17 -45.11 86.04
N VAL Q 329 3.01 -43.89 85.53
CA VAL Q 329 1.98 -43.02 86.05
C VAL Q 329 0.74 -43.19 85.20
N LYS Q 330 -0.26 -43.91 85.71
CA LYS Q 330 -1.47 -44.19 84.92
C LYS Q 330 -2.39 -42.99 84.75
N GLU Q 331 -2.38 -42.06 85.70
CA GLU Q 331 -3.32 -40.94 85.65
C GLU Q 331 -2.66 -39.58 85.76
N SER Q 332 -3.33 -38.54 85.26
CA SER Q 332 -2.75 -37.20 85.27
C SER Q 332 -3.81 -36.20 85.70
N LEU Q 333 -3.44 -34.93 85.88
CA LEU Q 333 -4.43 -33.90 86.20
C LEU Q 333 -5.38 -33.76 85.03
N GLY Q 334 -4.84 -33.38 83.88
CA GLY Q 334 -5.65 -33.22 82.69
C GLY Q 334 -4.81 -33.51 81.48
N MET Q 335 -5.43 -33.78 80.34
CA MET Q 335 -4.66 -33.97 79.12
C MET Q 335 -4.66 -32.64 78.39
N VAL Q 336 -3.47 -32.12 78.10
CA VAL Q 336 -3.38 -30.83 77.45
C VAL Q 336 -3.95 -30.95 76.05
N VAL Q 337 -4.91 -30.09 75.71
CA VAL Q 337 -5.47 -30.10 74.37
C VAL Q 337 -4.84 -28.98 73.56
N LEU Q 338 -4.74 -27.80 74.15
CA LEU Q 338 -4.19 -26.65 73.43
C LEU Q 338 -3.37 -25.73 74.29
N VAL Q 339 -2.37 -25.09 73.71
CA VAL Q 339 -1.57 -24.13 74.45
C VAL Q 339 -1.87 -22.78 73.81
N VAL Q 340 -2.23 -21.79 74.62
CA VAL Q 340 -2.58 -20.48 74.09
C VAL Q 340 -1.50 -19.47 74.41
N ARG Q 341 -1.07 -18.71 73.41
CA ARG Q 341 -0.01 -17.73 73.60
C ARG Q 341 -0.55 -16.30 73.51
N PRO Q 342 -0.03 -15.38 74.33
CA PRO Q 342 -0.56 -14.00 74.37
C PRO Q 342 -0.39 -13.11 73.15
N PRO Q 343 -1.33 -12.19 72.92
CA PRO Q 343 -1.19 -11.24 71.81
C PRO Q 343 -0.01 -10.30 72.02
N ARG Q 344 0.71 -9.98 70.94
CA ARG Q 344 1.89 -9.13 71.07
C ARG Q 344 2.09 -8.20 69.88
N GLU Q 345 3.10 -7.34 69.93
CA GLU Q 345 3.41 -6.44 68.82
C GLU Q 345 4.58 -6.95 68.00
#